data_6PF7
#
_entry.id   6PF7
#
_cell.length_a   214.774
_cell.length_b   115.789
_cell.length_c   220.142
_cell.angle_alpha   90.00
_cell.angle_beta   94.68
_cell.angle_gamma   90.00
#
_symmetry.space_group_name_H-M   'C 1 2 1'
#
loop_
_entity.id
_entity.type
_entity.pdbx_description
1 polymer 'Bifunctional dihydrofolate reductase-thymidylate synthase'
2 non-polymer 'NADPH DIHYDRO-NICOTINAMIDE-ADENINE-DINUCLEOTIDE PHOSPHATE'
3 non-polymer "5-FLUORO-2'-DEOXYURIDINE-5'-MONOPHOSPHATE"
4 non-polymer '2-({4-[(2-amino-4-oxo-4,7-dihydro-1H-pyrrolo[2,3-d]pyrimidin-5-yl)methyl]benzene-1-carbonyl}amino)benzoic acid'
5 non-polymer METHOTREXATE
6 non-polymer 'SULFATE ION'
7 water water
#
_entity_poly.entity_id   1
_entity_poly.type   'polypeptide(L)'
_entity_poly.pdbx_seq_one_letter_code
;MSEKNVSIVVAASVLSSGIGINGQLPWSISEDLKFFSKITNNKCDSNKKNALIMGRKTWDSIGRRPLKNRIIVVISSSLP
QDEADPNVVVFRNLEDSIENLMNDDSIENIFVCGGESIYRDALKDNFVDRIYLTRVALEDIEFDTYFPEIPETFLPVYMS
QTFCTKNISYDFMIFEKQEKKTLQNCDPARGQLKSIDDTVDLLGEIFGIRKMGNRHKFPKEEIYNTPSIRFGREHYEFQY
LDLLSRVLENGAYRENRTGISTYSIFGQMMRFDMRESFPLLTTKKVAIRSIFEELIWFIKGDTNGNHLIEKKVYIWSGNG
SKEYLERIGLGHREENDLGPIYGFQWRHYNGEYKTMHDDYTGVGVDQLAKLIETLKNNPKDRRHILTAWNPSALSQMALP
PCHVLSQYYVTNDNCLSCNLYQRSCDLGLGSPFNIASYAILTMMLAQVCGYEPGELAIFIGDAHIYENHLTQLKEQLSRT
PRPFPQLKFKRKVENIEDFKWEDIELIGYYPYPTIKMDMAV
;
_entity_poly.pdbx_strand_id   A,B,C,D,E
#
loop_
_chem_comp.id
_chem_comp.type
_chem_comp.name
_chem_comp.formula
MTX non-polymer METHOTREXATE 'C20 H22 N8 O5'
NDP non-polymer 'NADPH DIHYDRO-NICOTINAMIDE-ADENINE-DINUCLEOTIDE PHOSPHATE' 'C21 H30 N7 O17 P3'
OG7 non-polymer '2-({4-[(2-amino-4-oxo-4,7-dihydro-1H-pyrrolo[2,3-d]pyrimidin-5-yl)methyl]benzene-1-carbonyl}amino)benzoic acid' 'C21 H17 N5 O4'
SO4 non-polymer 'SULFATE ION' 'O4 S -2'
UFP DNA linking 5-FLUORO-2'-DEOXYURIDINE-5'-MONOPHOSPHATE 'C9 H12 F N2 O8 P'
#
# COMPACT_ATOMS: atom_id res chain seq x y z
N GLU A 3 32.40 23.18 20.34
CA GLU A 3 31.98 24.05 19.24
C GLU A 3 31.63 23.24 18.00
N LYS A 4 30.36 22.84 17.89
CA LYS A 4 29.86 22.10 16.75
C LYS A 4 29.22 23.06 15.75
N ASN A 5 28.79 22.52 14.63
CA ASN A 5 28.22 23.30 13.55
C ASN A 5 26.70 23.43 13.74
N VAL A 6 26.17 24.60 13.44
CA VAL A 6 24.74 24.87 13.53
C VAL A 6 24.29 25.43 12.19
N SER A 7 23.55 24.64 11.43
CA SER A 7 23.11 25.02 10.10
C SER A 7 21.59 25.16 10.06
N ILE A 8 21.13 26.08 9.24
CA ILE A 8 19.70 26.29 9.00
C ILE A 8 19.32 25.57 7.71
N VAL A 9 18.25 24.77 7.78
CA VAL A 9 17.65 24.16 6.60
C VAL A 9 16.27 24.77 6.43
N VAL A 10 15.99 25.28 5.23
CA VAL A 10 14.73 25.98 4.98
C VAL A 10 14.41 25.93 3.50
N ALA A 11 13.12 25.91 3.18
CA ALA A 11 12.63 26.04 1.81
C ALA A 11 11.70 27.25 1.78
N ALA A 12 12.17 28.33 1.16
CA ALA A 12 11.42 29.59 1.13
C ALA A 12 11.14 30.01 -0.30
N SER A 13 10.12 30.85 -0.45
CA SER A 13 9.77 31.40 -1.74
C SER A 13 10.87 32.32 -2.26
N VAL A 14 10.92 32.48 -3.58
CA VAL A 14 12.08 33.14 -4.19
C VAL A 14 12.06 34.64 -3.95
N LEU A 15 10.88 35.26 -3.93
CA LEU A 15 10.76 36.72 -3.78
C LEU A 15 10.39 37.12 -2.35
N SER A 16 9.24 36.65 -1.88
CA SER A 16 8.73 37.03 -0.57
C SER A 16 9.23 36.13 0.56
N SER A 17 9.87 35.01 0.24
CA SER A 17 10.43 34.09 1.23
C SER A 17 9.34 33.48 2.12
N GLY A 18 8.23 33.09 1.50
CA GLY A 18 7.19 32.39 2.24
C GLY A 18 7.54 30.92 2.42
N ILE A 19 7.25 30.40 3.62
CA ILE A 19 7.64 29.03 3.94
C ILE A 19 6.45 28.21 4.42
N GLY A 20 5.34 28.87 4.73
CA GLY A 20 4.19 28.13 5.26
C GLY A 20 2.90 28.88 5.11
N ILE A 21 1.80 28.13 5.24
CA ILE A 21 0.45 28.68 5.19
C ILE A 21 -0.49 27.76 5.94
N ASN A 22 -1.22 28.32 6.91
CA ASN A 22 -2.24 27.60 7.67
C ASN A 22 -1.70 26.30 8.28
N GLY A 23 -0.49 26.38 8.83
CA GLY A 23 0.11 25.25 9.51
C GLY A 23 0.67 24.17 8.62
N GLN A 24 0.96 24.47 7.34
CA GLN A 24 1.56 23.48 6.45
C GLN A 24 2.31 24.23 5.35
N LEU A 25 2.94 23.46 4.44
CA LEU A 25 3.74 24.03 3.38
C LEU A 25 2.87 24.57 2.25
N PRO A 26 3.35 25.60 1.54
CA PRO A 26 2.60 26.11 0.38
C PRO A 26 2.77 25.28 -0.87
N TRP A 27 3.47 24.15 -0.79
CA TRP A 27 3.79 23.34 -1.95
C TRP A 27 4.09 21.93 -1.48
N SER A 28 4.19 21.01 -2.45
CA SER A 28 4.57 19.62 -2.18
C SER A 28 5.63 19.22 -3.20
N ILE A 29 6.89 19.38 -2.83
CA ILE A 29 8.02 19.02 -3.68
C ILE A 29 8.74 17.83 -3.04
N SER A 30 8.62 16.67 -3.68
CA SER A 30 9.17 15.44 -3.09
C SER A 30 10.69 15.50 -2.97
N GLU A 31 11.38 15.96 -4.02
CA GLU A 31 12.83 15.96 -4.01
C GLU A 31 13.40 16.85 -2.90
N ASP A 32 12.67 17.90 -2.52
CA ASP A 32 13.15 18.78 -1.46
C ASP A 32 13.13 18.09 -0.10
N LEU A 33 12.15 17.22 0.13
CA LEU A 33 12.13 16.46 1.37
C LEU A 33 13.29 15.47 1.43
N LYS A 34 13.58 14.80 0.31
CA LYS A 34 14.75 13.93 0.26
C LYS A 34 16.03 14.71 0.48
N PHE A 35 16.08 15.97 0.04
CA PHE A 35 17.22 16.82 0.34
C PHE A 35 17.32 17.12 1.83
N PHE A 36 16.19 17.47 2.45
CA PHE A 36 16.17 17.69 3.89
C PHE A 36 16.62 16.45 4.63
N SER A 37 16.19 15.27 4.18
CA SER A 37 16.55 14.05 4.88
C SER A 37 18.04 13.74 4.73
N LYS A 38 18.58 13.88 3.52
CA LYS A 38 19.98 13.54 3.30
C LYS A 38 20.93 14.53 3.97
N ILE A 39 20.54 15.81 4.06
CA ILE A 39 21.42 16.79 4.66
C ILE A 39 21.43 16.66 6.18
N THR A 40 20.28 16.37 6.79
CA THR A 40 20.21 16.27 8.25
C THR A 40 20.71 14.93 8.78
N ASN A 41 20.83 13.91 7.91
CA ASN A 41 21.41 12.63 8.29
C ASN A 41 22.90 12.55 8.01
N ASN A 42 23.46 13.49 7.25
CA ASN A 42 24.87 13.46 6.89
C ASN A 42 25.74 13.64 8.12
N LYS A 43 26.45 12.60 8.52
CA LYS A 43 27.29 12.62 9.71
C LYS A 43 28.56 11.83 9.43
N CYS A 44 29.56 12.01 10.31
CA CYS A 44 30.85 11.36 10.19
C CYS A 44 31.02 10.19 11.15
N ASP A 45 30.52 10.32 12.39
CA ASP A 45 30.66 9.28 13.39
C ASP A 45 29.46 8.34 13.34
N SER A 46 29.72 7.03 13.38
CA SER A 46 28.63 6.06 13.36
C SER A 46 27.84 6.10 14.67
N ASN A 47 28.54 6.25 15.79
CA ASN A 47 27.90 6.26 17.12
C ASN A 47 27.52 7.66 17.56
N LYS A 48 27.06 8.50 16.63
CA LYS A 48 26.58 9.84 16.96
C LYS A 48 25.35 10.14 16.11
N LYS A 49 24.59 11.14 16.55
CA LYS A 49 23.37 11.55 15.87
C LYS A 49 23.36 13.07 15.72
N ASN A 50 22.51 13.54 14.81
CA ASN A 50 22.31 14.96 14.60
C ASN A 50 21.04 15.42 15.31
N ALA A 51 21.04 16.67 15.76
CA ALA A 51 19.91 17.26 16.47
C ALA A 51 19.17 18.21 15.55
N LEU A 52 17.85 18.07 15.46
CA LEU A 52 17.02 18.90 14.62
C LEU A 52 16.11 19.74 15.51
N ILE A 53 16.36 21.05 15.54
CA ILE A 53 15.58 21.98 16.35
C ILE A 53 14.41 22.49 15.53
N MET A 54 13.23 22.53 16.16
CA MET A 54 12.04 23.03 15.49
C MET A 54 11.07 23.58 16.53
N GLY A 55 10.23 24.52 16.09
CA GLY A 55 9.21 25.05 16.96
C GLY A 55 8.07 24.06 17.18
N ARG A 56 7.17 24.43 18.10
CA ARG A 56 6.06 23.53 18.43
C ARG A 56 5.10 23.39 17.26
N LYS A 57 4.73 24.51 16.62
CA LYS A 57 3.81 24.45 15.50
C LYS A 57 4.38 23.62 14.36
N THR A 58 5.70 23.72 14.13
CA THR A 58 6.34 22.85 13.15
C THR A 58 6.29 21.39 13.61
N TRP A 59 6.50 21.15 14.90
CA TRP A 59 6.37 19.81 15.45
C TRP A 59 4.94 19.27 15.26
N ASP A 60 3.96 20.17 15.27
CA ASP A 60 2.58 19.75 14.98
C ASP A 60 2.40 19.43 13.51
N SER A 61 3.02 20.23 12.62
CA SER A 61 2.78 20.10 11.19
C SER A 61 3.34 18.80 10.61
N ILE A 62 4.32 18.18 11.27
CA ILE A 62 4.89 16.93 10.80
C ILE A 62 4.23 15.73 11.50
N GLY A 63 3.09 15.94 12.15
CA GLY A 63 2.35 14.85 12.74
C GLY A 63 2.79 14.41 14.12
N ARG A 64 3.74 15.11 14.74
CA ARG A 64 4.25 14.76 16.07
C ARG A 64 4.77 13.32 16.08
N ARG A 65 5.58 13.00 15.08
CA ARG A 65 6.19 11.68 14.96
C ARG A 65 7.68 11.84 14.68
N PRO A 66 8.50 10.92 15.18
CA PRO A 66 9.95 11.13 15.12
C PRO A 66 10.51 10.93 13.72
N LEU A 67 11.73 11.43 13.53
CA LEU A 67 12.48 11.26 12.29
C LEU A 67 13.59 10.25 12.54
N LYS A 68 13.70 9.26 11.65
CA LYS A 68 14.61 8.14 11.88
C LYS A 68 16.06 8.61 11.95
N ASN A 69 16.83 7.96 12.81
CA ASN A 69 18.26 8.18 13.00
C ASN A 69 18.60 9.57 13.50
N ARG A 70 17.62 10.36 13.94
CA ARG A 70 17.87 11.72 14.38
C ARG A 70 17.11 12.00 15.66
N ILE A 71 17.54 13.04 16.36
CA ILE A 71 16.92 13.48 17.61
C ILE A 71 16.27 14.84 17.36
N ILE A 72 14.95 14.90 17.54
CA ILE A 72 14.20 16.13 17.31
C ILE A 72 14.16 16.93 18.61
N VAL A 73 14.45 18.22 18.52
CA VAL A 73 14.42 19.13 19.65
C VAL A 73 13.29 20.12 19.42
N VAL A 74 12.30 20.11 20.30
CA VAL A 74 11.13 20.96 20.18
C VAL A 74 11.24 22.10 21.18
N ILE A 75 11.08 23.33 20.69
CA ILE A 75 11.02 24.52 21.54
C ILE A 75 9.56 24.79 21.85
N SER A 76 9.20 24.74 23.13
CA SER A 76 7.82 24.99 23.53
C SER A 76 7.79 25.44 24.97
N SER A 77 6.86 26.34 25.28
CA SER A 77 6.66 26.81 26.64
C SER A 77 5.66 25.96 27.41
N SER A 78 4.97 25.03 26.74
CA SER A 78 3.91 24.26 27.39
C SER A 78 3.98 22.77 27.08
N LEU A 79 5.07 22.27 26.51
CA LEU A 79 5.01 20.83 26.32
C LEU A 79 5.66 20.10 27.49
N PRO A 80 5.13 18.94 27.86
CA PRO A 80 5.72 18.19 28.98
C PRO A 80 7.09 17.66 28.61
N GLN A 81 8.05 17.83 29.51
CA GLN A 81 9.41 17.33 29.32
C GLN A 81 9.51 15.90 29.86
N ASP A 82 8.81 15.00 29.17
CA ASP A 82 8.79 13.59 29.56
C ASP A 82 9.98 12.86 28.96
N GLU A 83 10.61 12.02 29.77
CA GLU A 83 11.74 11.21 29.34
C GLU A 83 11.28 9.91 28.64
N ALA A 84 10.01 9.84 28.25
CA ALA A 84 9.50 8.62 27.62
C ALA A 84 10.11 8.40 26.25
N ASP A 85 10.01 9.41 25.37
CA ASP A 85 10.53 9.28 24.01
C ASP A 85 11.99 9.70 23.99
N PRO A 86 12.93 8.79 23.68
CA PRO A 86 14.34 9.18 23.61
C PRO A 86 14.71 9.92 22.34
N ASN A 87 13.85 9.92 21.32
CA ASN A 87 14.12 10.58 20.06
C ASN A 87 13.53 11.98 19.98
N VAL A 88 12.83 12.43 21.01
CA VAL A 88 12.23 13.76 21.05
C VAL A 88 12.47 14.36 22.43
N VAL A 89 13.03 15.56 22.48
CA VAL A 89 13.28 16.27 23.73
C VAL A 89 12.71 17.68 23.59
N VAL A 90 12.29 18.25 24.72
CA VAL A 90 11.63 19.55 24.75
C VAL A 90 12.47 20.50 25.60
N PHE A 91 12.59 21.75 25.12
CA PHE A 91 13.28 22.80 25.85
C PHE A 91 12.40 24.04 25.91
N ARG A 92 12.60 24.85 26.94
CA ARG A 92 11.74 26.00 27.20
C ARG A 92 12.11 27.22 26.37
N ASN A 93 13.36 27.32 25.93
CA ASN A 93 13.76 28.42 25.06
C ASN A 93 14.88 27.93 24.14
N LEU A 94 15.18 28.74 23.12
CA LEU A 94 16.14 28.32 22.12
C LEU A 94 17.56 28.25 22.70
N GLU A 95 17.93 29.21 23.54
CA GLU A 95 19.29 29.25 24.07
C GLU A 95 19.60 28.01 24.91
N ASP A 96 18.67 27.62 25.79
CA ASP A 96 18.89 26.42 26.61
C ASP A 96 19.09 25.19 25.74
N SER A 97 18.40 25.12 24.60
CA SER A 97 18.52 23.95 23.74
C SER A 97 19.86 23.87 23.04
N ILE A 98 20.66 24.93 23.07
CA ILE A 98 21.99 24.91 22.46
C ILE A 98 22.97 24.32 23.47
N GLU A 99 22.42 23.64 24.48
CA GLU A 99 23.25 22.86 25.39
C GLU A 99 23.87 21.66 24.68
N ASN A 100 23.37 21.29 23.49
CA ASN A 100 23.95 20.18 22.75
C ASN A 100 25.44 20.37 22.54
N LEU A 101 25.87 21.62 22.43
CA LEU A 101 27.30 21.93 22.29
C LEU A 101 28.07 21.45 23.53
N MET A 102 27.73 22.00 24.70
CA MET A 102 28.54 21.80 25.89
C MET A 102 28.37 20.42 26.51
N ASN A 103 27.14 19.93 26.61
CA ASN A 103 26.86 18.72 27.41
C ASN A 103 26.91 17.47 26.54
N ASP A 104 25.93 17.33 25.65
CA ASP A 104 25.76 16.08 24.90
C ASP A 104 26.87 15.98 23.87
N ASP A 105 27.86 15.11 24.15
CA ASP A 105 28.90 14.80 23.18
C ASP A 105 28.45 13.73 22.20
N SER A 106 27.25 13.21 22.38
CA SER A 106 26.64 12.24 21.48
C SER A 106 25.99 12.90 20.27
N ILE A 107 26.02 14.22 20.19
CA ILE A 107 25.47 14.98 19.07
C ILE A 107 26.62 15.51 18.23
N GLU A 108 26.63 15.19 16.94
CA GLU A 108 27.70 15.65 16.07
C GLU A 108 27.43 17.05 15.51
N ASN A 109 26.31 17.20 14.79
CA ASN A 109 25.95 18.46 14.18
C ASN A 109 24.55 18.88 14.62
N ILE A 110 24.25 20.16 14.42
CA ILE A 110 22.99 20.75 14.84
C ILE A 110 22.34 21.42 13.63
N PHE A 111 21.03 21.20 13.48
CA PHE A 111 20.27 21.78 12.38
C PHE A 111 19.07 22.53 12.94
N VAL A 112 18.91 23.78 12.52
CA VAL A 112 17.75 24.60 12.84
C VAL A 112 16.85 24.61 11.61
N CYS A 113 15.58 24.26 11.81
CA CYS A 113 14.70 24.09 10.65
C CYS A 113 13.22 24.18 11.01
N GLY A 114 12.88 25.03 11.97
CA GLY A 114 11.54 24.96 12.54
C GLY A 114 10.75 26.24 12.69
N GLY A 115 10.32 26.82 11.57
CA GLY A 115 9.37 27.91 11.59
C GLY A 115 10.00 29.27 11.75
N GLU A 116 9.19 30.30 11.47
CA GLU A 116 9.68 31.68 11.46
C GLU A 116 10.21 32.09 12.82
N SER A 117 9.52 31.69 13.89
CA SER A 117 9.91 32.12 15.23
C SER A 117 11.31 31.60 15.60
N ILE A 118 11.62 30.37 15.23
CA ILE A 118 12.91 29.79 15.57
C ILE A 118 14.01 30.33 14.66
N TYR A 119 13.70 30.53 13.37
CA TYR A 119 14.68 31.09 12.45
C TYR A 119 15.11 32.49 12.90
N ARG A 120 14.13 33.35 13.22
CA ARG A 120 14.43 34.73 13.55
C ARG A 120 15.23 34.83 14.85
N ASP A 121 14.91 34.00 15.83
CA ASP A 121 15.68 34.02 17.08
C ASP A 121 17.08 33.43 16.88
N ALA A 122 17.21 32.43 16.00
CA ALA A 122 18.51 31.82 15.79
C ALA A 122 19.45 32.75 15.04
N LEU A 123 18.91 33.67 14.24
CA LEU A 123 19.73 34.64 13.52
C LEU A 123 20.02 35.87 14.36
N LYS A 124 19.02 36.36 15.11
CA LYS A 124 19.23 37.57 15.93
C LYS A 124 20.21 37.31 17.06
N ASP A 125 20.33 36.06 17.51
CA ASP A 125 21.26 35.70 18.57
C ASP A 125 22.57 35.15 18.05
N ASN A 126 22.76 35.13 16.72
CA ASN A 126 24.04 34.76 16.10
C ASN A 126 24.46 33.34 16.48
N PHE A 127 23.54 32.40 16.31
CA PHE A 127 23.78 30.99 16.57
C PHE A 127 24.07 30.19 15.30
N VAL A 128 23.80 30.74 14.13
CA VAL A 128 23.82 30.00 12.87
C VAL A 128 25.15 30.19 12.18
N ASP A 129 25.76 29.08 11.77
CA ASP A 129 27.01 29.10 11.00
C ASP A 129 26.79 28.99 9.49
N ARG A 130 25.71 28.34 9.06
CA ARG A 130 25.51 28.03 7.65
C ARG A 130 24.02 27.94 7.38
N ILE A 131 23.62 28.30 6.16
CA ILE A 131 22.22 28.28 5.74
C ILE A 131 22.09 27.42 4.50
N TYR A 132 21.19 26.45 4.54
CA TYR A 132 20.81 25.65 3.38
C TYR A 132 19.45 26.16 2.92
N LEU A 133 19.45 26.95 1.84
CA LEU A 133 18.24 27.57 1.33
C LEU A 133 17.78 26.87 0.06
N THR A 134 16.52 26.49 0.02
CA THR A 134 15.89 25.95 -1.18
C THR A 134 14.92 27.03 -1.68
N ARG A 135 15.33 27.73 -2.73
CA ARG A 135 14.50 28.80 -3.28
C ARG A 135 13.45 28.20 -4.21
N VAL A 136 12.18 28.47 -3.92
CA VAL A 136 11.06 27.93 -4.69
C VAL A 136 10.41 29.07 -5.47
N ALA A 137 10.07 28.80 -6.73
CA ALA A 137 9.51 29.81 -7.63
C ALA A 137 7.98 29.75 -7.63
N LEU A 138 7.40 30.22 -6.53
CA LEU A 138 5.95 30.33 -6.37
C LEU A 138 5.67 31.61 -5.59
N GLU A 139 5.00 32.57 -6.21
CA GLU A 139 4.83 33.87 -5.57
C GLU A 139 3.43 34.47 -5.63
N ASP A 140 2.59 34.07 -6.57
CA ASP A 140 1.24 34.62 -6.62
C ASP A 140 0.26 33.80 -5.82
N ILE A 141 0.70 33.31 -4.65
CA ILE A 141 -0.11 32.52 -3.75
C ILE A 141 -0.05 33.16 -2.37
N GLU A 142 -0.71 32.53 -1.40
CA GLU A 142 -0.87 33.09 -0.07
C GLU A 142 0.10 32.46 0.92
N PHE A 143 0.73 33.30 1.73
CA PHE A 143 1.63 32.87 2.80
C PHE A 143 1.21 33.53 4.11
N ASP A 144 1.55 32.88 5.22
CA ASP A 144 1.41 33.50 6.53
C ASP A 144 2.64 33.30 7.42
N THR A 145 3.63 32.54 6.95
CA THR A 145 4.87 32.31 7.68
C THR A 145 6.04 32.49 6.73
N TYR A 146 6.99 33.34 7.10
CA TYR A 146 8.08 33.74 6.22
C TYR A 146 9.43 33.38 6.83
N PHE A 147 10.47 33.37 5.96
CA PHE A 147 11.86 33.18 6.38
C PHE A 147 12.52 34.55 6.50
N PRO A 148 13.18 34.83 7.63
CA PRO A 148 13.75 36.17 7.84
C PRO A 148 14.79 36.53 6.79
N GLU A 149 15.01 37.84 6.64
CA GLU A 149 16.05 38.33 5.76
C GLU A 149 17.41 37.86 6.26
N ILE A 150 18.23 37.36 5.34
CA ILE A 150 19.54 36.83 5.72
C ILE A 150 20.47 37.99 6.10
N PRO A 151 21.11 37.94 7.26
CA PRO A 151 21.99 39.05 7.67
C PRO A 151 23.18 39.20 6.74
N GLU A 152 23.76 40.40 6.76
CA GLU A 152 24.91 40.70 5.90
C GLU A 152 26.15 39.89 6.29
N THR A 153 26.17 39.30 7.49
CA THR A 153 27.30 38.48 7.89
C THR A 153 27.39 37.17 7.11
N PHE A 154 26.36 36.82 6.35
CA PHE A 154 26.35 35.62 5.53
C PHE A 154 26.67 35.97 4.08
N LEU A 155 27.37 35.06 3.40
CA LEU A 155 27.65 35.21 1.98
C LEU A 155 27.34 33.91 1.26
N PRO A 156 26.74 34.00 0.07
CA PRO A 156 26.46 32.79 -0.69
C PRO A 156 27.73 32.18 -1.25
N VAL A 157 27.81 30.85 -1.18
CA VAL A 157 28.95 30.12 -1.71
C VAL A 157 28.55 29.05 -2.72
N TYR A 158 27.26 28.83 -2.94
CA TYR A 158 26.81 27.80 -3.87
C TYR A 158 25.39 28.11 -4.33
N MET A 159 25.14 27.90 -5.62
CA MET A 159 23.81 28.04 -6.20
C MET A 159 23.68 26.97 -7.27
N SER A 160 22.83 25.97 -7.01
CA SER A 160 22.72 24.84 -7.90
C SER A 160 22.02 25.24 -9.21
N GLN A 161 21.96 24.29 -10.13
CA GLN A 161 21.12 24.45 -11.31
C GLN A 161 19.66 24.45 -10.90
N THR A 162 18.80 24.89 -11.81
CA THR A 162 17.37 24.89 -11.57
C THR A 162 16.80 23.49 -11.80
N PHE A 163 16.01 23.02 -10.84
CA PHE A 163 15.31 21.74 -10.94
C PHE A 163 13.82 21.98 -11.10
N CYS A 164 13.09 20.91 -11.44
CA CYS A 164 11.67 21.02 -11.73
C CYS A 164 10.90 19.85 -11.14
N THR A 165 9.84 20.17 -10.41
CA THR A 165 8.91 19.15 -9.90
C THR A 165 7.50 19.69 -10.04
N LYS A 166 6.67 18.99 -10.81
CA LYS A 166 5.29 19.39 -11.07
C LYS A 166 5.22 20.81 -11.60
N ASN A 167 6.10 21.10 -12.57
CA ASN A 167 6.22 22.40 -13.23
C ASN A 167 6.62 23.53 -12.28
N ILE A 168 7.27 23.21 -11.16
CA ILE A 168 7.74 24.21 -10.21
C ILE A 168 9.26 24.24 -10.23
N SER A 169 9.83 25.42 -10.45
CA SER A 169 11.28 25.60 -10.49
C SER A 169 11.82 25.88 -9.10
N TYR A 170 13.00 25.34 -8.81
CA TYR A 170 13.61 25.60 -7.50
C TYR A 170 15.11 25.43 -7.58
N ASP A 171 15.79 26.11 -6.64
CA ASP A 171 17.25 26.14 -6.52
C ASP A 171 17.67 25.50 -5.20
N PHE A 172 18.98 25.37 -5.04
CA PHE A 172 19.59 24.96 -3.77
C PHE A 172 20.82 25.84 -3.55
N MET A 173 20.81 26.60 -2.46
CA MET A 173 21.91 27.51 -2.17
C MET A 173 22.49 27.22 -0.79
N ILE A 174 23.74 27.65 -0.61
CA ILE A 174 24.44 27.55 0.66
C ILE A 174 25.00 28.93 1.00
N PHE A 175 24.82 29.35 2.25
CA PHE A 175 25.35 30.61 2.75
C PHE A 175 26.29 30.31 3.90
N GLU A 176 27.50 30.86 3.86
CA GLU A 176 28.46 30.73 4.93
C GLU A 176 28.57 32.06 5.68
N LYS A 177 28.82 31.96 6.99
CA LYS A 177 29.02 33.13 7.83
C LYS A 177 30.50 33.51 7.83
N GLN A 178 30.76 34.82 7.77
CA GLN A 178 32.13 35.30 7.66
C GLN A 178 32.83 35.27 9.03
N GLU A 179 34.13 35.01 8.99
CA GLU A 179 34.95 34.97 10.18
C GLU A 179 35.76 36.25 10.34
N LYS A 180 36.98 36.14 10.84
CA LYS A 180 37.83 37.31 11.05
C LYS A 180 39.05 37.30 10.13
N LEU A 193 48.72 23.98 -3.59
CA LEU A 193 48.07 24.96 -4.44
C LEU A 193 48.53 26.37 -4.07
N LYS A 194 49.58 26.43 -3.26
CA LYS A 194 50.14 27.71 -2.83
C LYS A 194 51.27 28.18 -3.74
N SER A 195 52.13 27.26 -4.16
CA SER A 195 53.26 27.58 -5.02
C SER A 195 52.89 27.58 -6.50
N ILE A 196 51.81 26.91 -6.88
CA ILE A 196 51.41 26.91 -8.29
C ILE A 196 50.96 28.29 -8.71
N ASP A 197 50.12 28.92 -7.88
CA ASP A 197 49.66 30.27 -8.19
C ASP A 197 50.81 31.26 -8.22
N ASP A 198 51.82 31.06 -7.37
CA ASP A 198 52.98 31.94 -7.39
C ASP A 198 53.80 31.73 -8.66
N THR A 199 54.00 30.48 -9.07
CA THR A 199 54.76 30.21 -10.29
C THR A 199 54.05 30.77 -11.51
N VAL A 200 52.73 30.61 -11.60
CA VAL A 200 51.99 31.12 -12.75
C VAL A 200 52.03 32.65 -12.77
N ASP A 201 51.99 33.28 -11.61
CA ASP A 201 52.08 34.74 -11.56
C ASP A 201 53.44 35.22 -12.05
N LEU A 202 54.52 34.53 -11.67
CA LEU A 202 55.86 34.91 -12.12
C LEU A 202 56.01 34.69 -13.62
N LEU A 203 55.50 33.58 -14.15
CA LEU A 203 55.55 33.37 -15.59
C LEU A 203 54.75 34.43 -16.34
N GLY A 204 53.69 34.95 -15.71
CA GLY A 204 52.93 36.03 -16.32
C GLY A 204 53.65 37.37 -16.29
N GLU A 205 54.65 37.53 -15.42
CA GLU A 205 55.42 38.75 -15.40
C GLU A 205 56.52 38.74 -16.47
N ILE A 206 57.16 37.59 -16.65
CA ILE A 206 58.20 37.41 -17.65
C ILE A 206 57.62 37.60 -19.04
N PHE A 207 56.76 36.68 -19.46
CA PHE A 207 56.06 36.81 -20.73
C PHE A 207 54.88 37.75 -20.56
N GLY A 208 54.72 38.69 -21.48
CA GLY A 208 53.62 39.60 -21.38
C GLY A 208 52.33 38.96 -21.85
N ILE A 209 51.86 39.37 -23.04
CA ILE A 209 50.72 38.73 -23.65
C ILE A 209 51.21 37.53 -24.44
N ARG A 210 52.48 37.16 -24.22
CA ARG A 210 53.00 35.94 -24.80
C ARG A 210 52.45 34.70 -24.09
N LYS A 211 52.17 34.81 -22.79
CA LYS A 211 51.52 33.75 -22.05
C LYS A 211 50.00 33.85 -22.25
N MET A 212 49.41 32.78 -22.78
CA MET A 212 47.99 32.82 -23.16
C MET A 212 47.08 33.09 -21.97
N GLY A 213 47.50 32.71 -20.76
CA GLY A 213 46.71 33.03 -19.59
C GLY A 213 46.49 34.51 -19.41
N ASN A 214 47.49 35.33 -19.73
CA ASN A 214 47.36 36.78 -19.62
C ASN A 214 46.40 37.35 -20.66
N ARG A 215 46.13 36.64 -21.75
CA ARG A 215 45.10 37.06 -22.68
C ARG A 215 43.72 36.64 -22.25
N HIS A 216 43.60 35.79 -21.22
CA HIS A 216 42.32 35.34 -20.68
C HIS A 216 42.33 35.52 -19.16
N LYS A 217 42.53 36.76 -18.72
CA LYS A 217 42.63 37.03 -17.29
C LYS A 217 41.29 36.79 -16.59
N PHE A 218 41.36 36.26 -15.38
CA PHE A 218 40.16 36.05 -14.59
C PHE A 218 39.53 37.40 -14.24
N PRO A 219 38.20 37.53 -14.36
CA PRO A 219 37.57 38.83 -14.12
C PRO A 219 37.78 39.30 -12.68
N LYS A 220 37.94 40.60 -12.51
CA LYS A 220 38.07 41.19 -11.20
C LYS A 220 36.74 41.10 -10.44
N GLU A 221 36.85 41.16 -9.11
CA GLU A 221 35.66 41.01 -8.27
C GLU A 221 34.62 42.09 -8.54
N GLU A 222 35.05 43.29 -8.93
CA GLU A 222 34.09 44.38 -9.14
C GLU A 222 33.22 44.16 -10.37
N ILE A 223 33.53 43.18 -11.22
CA ILE A 223 32.71 42.91 -12.39
C ILE A 223 32.32 41.45 -12.41
N TYR A 224 32.45 40.77 -11.27
CA TYR A 224 32.09 39.38 -11.13
C TYR A 224 30.77 39.28 -10.37
N ASN A 225 29.75 38.72 -11.03
CA ASN A 225 28.43 38.62 -10.42
C ASN A 225 28.48 37.66 -9.23
N THR A 226 28.02 38.16 -8.07
CA THR A 226 28.00 37.40 -6.82
C THR A 226 29.35 36.74 -6.60
N PRO A 227 30.41 37.54 -6.38
CA PRO A 227 31.76 36.98 -6.37
C PRO A 227 32.03 36.05 -5.21
N SER A 228 31.19 36.04 -4.17
CA SER A 228 31.40 35.14 -3.05
C SER A 228 31.17 33.69 -3.43
N ILE A 229 30.44 33.43 -4.51
CA ILE A 229 30.22 32.06 -4.99
C ILE A 229 31.41 31.75 -5.92
N ARG A 230 32.43 31.11 -5.35
CA ARG A 230 33.65 30.81 -6.08
C ARG A 230 33.60 29.44 -6.75
N PHE A 231 33.31 28.40 -5.97
CA PHE A 231 33.35 27.04 -6.47
C PHE A 231 31.97 26.44 -6.71
N GLY A 232 30.91 27.20 -6.50
CA GLY A 232 29.57 26.67 -6.64
C GLY A 232 28.71 27.40 -7.65
N ARG A 233 29.29 27.84 -8.75
CA ARG A 233 28.55 28.58 -9.78
C ARG A 233 27.87 27.60 -10.74
N GLU A 234 26.92 26.85 -10.19
CA GLU A 234 26.26 25.78 -10.93
C GLU A 234 25.08 26.26 -11.75
N HIS A 235 24.37 27.28 -11.27
CA HIS A 235 23.26 27.85 -12.03
C HIS A 235 23.76 28.31 -13.38
N TYR A 236 23.17 27.78 -14.45
CA TYR A 236 23.70 27.99 -15.79
C TYR A 236 23.46 29.39 -16.31
N GLU A 237 22.79 30.27 -15.57
CA GLU A 237 22.81 31.67 -15.93
C GLU A 237 24.19 32.28 -15.71
N PHE A 238 25.01 31.67 -14.85
CA PHE A 238 26.39 32.11 -14.71
C PHE A 238 27.20 31.88 -15.98
N GLN A 239 26.75 30.96 -16.85
CA GLN A 239 27.42 30.77 -18.13
C GLN A 239 27.31 32.01 -19.01
N TYR A 240 26.25 32.79 -18.84
CA TYR A 240 26.09 34.05 -19.56
C TYR A 240 26.68 35.22 -18.78
N LEU A 241 26.45 35.26 -17.46
CA LEU A 241 26.94 36.38 -16.67
C LEU A 241 28.46 36.41 -16.62
N ASP A 242 29.10 35.24 -16.52
CA ASP A 242 30.55 35.22 -16.49
C ASP A 242 31.16 35.58 -17.83
N LEU A 243 30.44 35.33 -18.93
CA LEU A 243 30.90 35.80 -20.23
C LEU A 243 30.90 37.32 -20.30
N LEU A 244 29.89 37.96 -19.70
CA LEU A 244 29.91 39.41 -19.57
C LEU A 244 31.12 39.86 -18.77
N SER A 245 31.39 39.18 -17.65
CA SER A 245 32.54 39.52 -16.83
C SER A 245 33.85 39.30 -17.60
N ARG A 246 33.90 38.24 -18.40
CA ARG A 246 35.10 37.94 -19.15
C ARG A 246 35.37 38.99 -20.22
N VAL A 247 34.32 39.57 -20.79
CA VAL A 247 34.50 40.60 -21.81
C VAL A 247 34.89 41.93 -21.17
N LEU A 248 34.27 42.28 -20.05
CA LEU A 248 34.64 43.52 -19.36
C LEU A 248 36.09 43.49 -18.90
N GLU A 249 36.65 42.31 -18.68
CA GLU A 249 38.03 42.19 -18.22
C GLU A 249 39.03 42.18 -19.36
N ASN A 250 38.74 41.44 -20.44
CA ASN A 250 39.70 41.21 -21.51
C ASN A 250 39.32 41.85 -22.83
N GLY A 251 38.21 42.57 -22.89
CA GLY A 251 37.68 43.05 -24.16
C GLY A 251 38.58 44.11 -24.79
N ALA A 252 38.87 43.94 -26.07
CA ALA A 252 39.62 44.92 -26.84
C ALA A 252 38.68 45.95 -27.43
N TYR A 253 38.99 47.22 -27.24
CA TYR A 253 38.18 48.31 -27.81
C TYR A 253 38.37 48.33 -29.32
N ARG A 254 37.30 48.07 -30.06
CA ARG A 254 37.37 47.93 -31.50
C ARG A 254 36.20 48.65 -32.16
N GLU A 255 36.45 49.24 -33.31
CA GLU A 255 35.39 49.85 -34.11
C GLU A 255 34.74 48.80 -35.01
N ASN A 256 33.61 49.16 -35.61
CA ASN A 256 32.89 48.25 -36.50
C ASN A 256 32.05 49.09 -37.47
N ARG A 257 31.22 48.41 -38.26
CA ARG A 257 30.42 49.06 -39.29
C ARG A 257 29.48 50.12 -38.73
N THR A 258 29.09 50.01 -37.47
CA THR A 258 28.26 51.04 -36.84
C THR A 258 29.15 52.08 -36.17
N GLY A 259 28.52 53.16 -35.71
CA GLY A 259 29.27 54.18 -35.00
C GLY A 259 29.57 53.87 -33.56
N ILE A 260 29.08 52.74 -33.04
CA ILE A 260 29.21 52.37 -31.65
C ILE A 260 30.29 51.29 -31.55
N SER A 261 31.40 51.63 -30.91
CA SER A 261 32.49 50.67 -30.72
C SER A 261 32.13 49.65 -29.64
N THR A 262 32.86 48.54 -29.64
CA THR A 262 32.62 47.45 -28.70
C THR A 262 33.92 47.07 -28.01
N TYR A 263 33.78 46.27 -26.96
CA TYR A 263 34.87 45.56 -26.33
C TYR A 263 34.71 44.09 -26.67
N SER A 264 35.67 43.53 -27.42
CA SER A 264 35.49 42.26 -28.11
C SER A 264 36.56 41.25 -27.72
N ILE A 265 36.12 40.02 -27.49
CA ILE A 265 37.02 38.86 -27.41
C ILE A 265 36.52 37.82 -28.41
N PHE A 266 37.37 36.82 -28.68
CA PHE A 266 37.11 35.85 -29.73
C PHE A 266 37.17 34.44 -29.16
N GLY A 267 36.16 33.63 -29.46
CA GLY A 267 36.14 32.23 -29.07
C GLY A 267 35.64 31.96 -27.67
N GLN A 268 34.32 31.95 -27.49
CA GLN A 268 33.71 31.70 -26.19
C GLN A 268 32.55 30.73 -26.35
N MET A 269 32.12 30.14 -25.24
CA MET A 269 31.00 29.20 -25.26
C MET A 269 30.15 29.35 -24.01
N MET A 270 28.87 29.01 -24.16
CA MET A 270 27.92 28.94 -23.06
C MET A 270 27.19 27.61 -23.13
N ARG A 271 26.84 27.08 -21.97
CA ARG A 271 26.18 25.78 -21.88
C ARG A 271 24.96 25.90 -20.98
N PHE A 272 23.83 25.35 -21.43
CA PHE A 272 22.58 25.49 -20.71
C PHE A 272 21.86 24.15 -20.67
N ASP A 273 21.14 23.94 -19.58
CA ASP A 273 20.26 22.79 -19.43
C ASP A 273 18.88 23.14 -19.95
N MET A 274 18.20 22.14 -20.52
CA MET A 274 16.81 22.29 -20.93
C MET A 274 15.92 21.17 -20.42
N ARG A 275 16.46 20.18 -19.71
CA ARG A 275 15.63 19.11 -19.17
C ARG A 275 14.77 19.60 -18.00
N GLU A 276 15.39 20.29 -17.05
CA GLU A 276 14.72 20.67 -15.80
C GLU A 276 14.38 22.15 -15.73
N SER A 277 14.67 22.95 -16.76
CA SER A 277 14.40 24.38 -16.73
C SER A 277 14.49 24.92 -18.15
N PHE A 278 14.22 26.22 -18.28
CA PHE A 278 14.27 26.94 -19.55
C PHE A 278 15.22 28.13 -19.43
N PRO A 279 16.25 28.24 -20.28
CA PRO A 279 17.28 29.27 -20.07
C PRO A 279 16.83 30.68 -20.41
N LEU A 280 15.87 31.21 -19.67
CA LEU A 280 15.43 32.59 -19.82
C LEU A 280 16.02 33.39 -18.67
N LEU A 281 16.79 34.42 -18.99
CA LEU A 281 17.56 35.13 -17.98
C LEU A 281 16.66 35.76 -16.93
N THR A 282 17.05 35.63 -15.66
CA THR A 282 16.32 36.21 -14.55
C THR A 282 16.88 37.54 -14.08
N THR A 283 18.13 37.85 -14.39
CA THR A 283 18.74 39.11 -14.00
C THR A 283 18.21 40.29 -14.79
N LYS A 284 17.34 40.05 -15.77
CA LYS A 284 16.71 41.11 -16.55
C LYS A 284 15.42 40.56 -17.14
N LYS A 285 14.38 41.36 -17.14
CA LYS A 285 13.10 40.96 -17.72
C LYS A 285 13.25 40.88 -19.23
N VAL A 286 13.24 39.66 -19.78
CA VAL A 286 13.44 39.44 -21.20
C VAL A 286 12.09 39.37 -21.90
N ALA A 287 11.95 40.10 -23.01
CA ALA A 287 10.73 40.09 -23.79
C ALA A 287 10.54 38.75 -24.49
N ILE A 288 9.93 37.78 -23.80
CA ILE A 288 9.84 36.44 -24.35
C ILE A 288 8.88 36.38 -25.52
N ARG A 289 7.85 37.21 -25.54
CA ARG A 289 6.89 37.16 -26.64
C ARG A 289 7.53 37.57 -27.95
N SER A 290 8.37 38.61 -27.92
CA SER A 290 9.06 39.04 -29.14
C SER A 290 10.01 37.96 -29.63
N ILE A 291 10.66 37.26 -28.71
CA ILE A 291 11.58 36.17 -29.10
C ILE A 291 10.82 35.10 -29.85
N PHE A 292 9.67 34.67 -29.31
CA PHE A 292 8.88 33.64 -29.96
C PHE A 292 8.37 34.10 -31.32
N GLU A 293 7.79 35.30 -31.37
CA GLU A 293 7.21 35.79 -32.61
C GLU A 293 8.25 35.92 -33.71
N GLU A 294 9.52 36.14 -33.33
CA GLU A 294 10.60 36.12 -34.31
C GLU A 294 10.95 34.70 -34.74
N LEU A 295 10.87 33.75 -33.80
CA LEU A 295 11.25 32.37 -34.13
C LEU A 295 10.23 31.73 -35.06
N ILE A 296 8.93 31.89 -34.76
CA ILE A 296 7.92 31.36 -35.65
C ILE A 296 7.97 32.11 -36.98
N TRP A 297 8.41 33.36 -36.96
CA TRP A 297 8.63 34.12 -38.19
C TRP A 297 9.71 33.45 -39.04
N PHE A 298 10.78 32.96 -38.40
CA PHE A 298 11.80 32.20 -39.11
C PHE A 298 11.24 30.90 -39.63
N ILE A 299 10.51 30.16 -38.78
CA ILE A 299 10.04 28.83 -39.15
C ILE A 299 9.12 28.88 -40.36
N LYS A 300 8.20 29.85 -40.38
CA LYS A 300 7.29 30.01 -41.51
C LYS A 300 8.00 30.41 -42.79
N GLY A 301 9.30 30.70 -42.73
CA GLY A 301 10.02 31.13 -43.91
C GLY A 301 9.87 32.59 -44.25
N ASP A 302 9.36 33.41 -43.34
CA ASP A 302 8.97 34.77 -43.64
C ASP A 302 10.15 35.73 -43.49
N THR A 303 10.32 36.61 -44.47
CA THR A 303 11.30 37.69 -44.41
C THR A 303 10.64 39.07 -44.52
N ASN A 304 9.32 39.13 -44.42
CA ASN A 304 8.59 40.40 -44.44
C ASN A 304 8.64 41.02 -43.05
N GLY A 305 9.42 42.08 -42.89
CA GLY A 305 9.56 42.71 -41.58
C GLY A 305 8.30 43.38 -41.07
N ASN A 306 7.33 43.64 -41.96
CA ASN A 306 6.08 44.24 -41.53
C ASN A 306 5.27 43.26 -40.67
N HIS A 307 5.38 41.97 -40.95
CA HIS A 307 4.59 40.99 -40.21
C HIS A 307 4.98 40.96 -38.73
N LEU A 308 6.22 41.34 -38.41
CA LEU A 308 6.61 41.47 -37.01
C LEU A 308 6.14 42.81 -36.43
N ILE A 309 6.21 43.88 -37.23
CA ILE A 309 5.75 45.18 -36.76
C ILE A 309 4.25 45.18 -36.54
N GLU A 310 3.50 44.44 -37.35
CA GLU A 310 2.05 44.36 -37.18
C GLU A 310 1.68 43.68 -35.86
N LYS A 311 2.55 42.81 -35.35
CA LYS A 311 2.35 42.17 -34.06
C LYS A 311 3.10 42.89 -32.93
N LYS A 312 3.45 44.16 -33.14
CA LYS A 312 4.10 45.00 -32.14
C LYS A 312 5.44 44.41 -31.68
N VAL A 313 6.24 43.97 -32.66
CA VAL A 313 7.59 43.48 -32.43
C VAL A 313 8.51 44.26 -33.38
N TYR A 314 9.37 45.10 -32.82
CA TYR A 314 10.15 46.06 -33.60
C TYR A 314 11.66 45.78 -33.57
N ILE A 315 12.06 44.53 -33.33
CA ILE A 315 13.50 44.26 -33.22
C ILE A 315 14.19 44.34 -34.57
N TRP A 316 13.46 44.11 -35.67
CA TRP A 316 14.03 44.18 -37.01
C TRP A 316 13.69 45.47 -37.73
N SER A 317 13.10 46.44 -37.05
CA SER A 317 12.78 47.71 -37.71
C SER A 317 14.04 48.53 -37.97
N GLY A 318 15.06 48.39 -37.13
CA GLY A 318 16.26 49.19 -37.30
C GLY A 318 17.01 48.86 -38.59
N ASN A 319 17.19 47.57 -38.86
CA ASN A 319 17.87 47.12 -40.06
C ASN A 319 16.92 47.00 -41.25
N GLY A 320 15.73 47.58 -41.16
CA GLY A 320 14.76 47.53 -42.24
C GLY A 320 14.10 48.87 -42.48
N SER A 321 14.86 49.94 -42.30
CA SER A 321 14.37 51.28 -42.60
C SER A 321 14.84 51.69 -43.99
N LYS A 322 14.07 52.60 -44.61
CA LYS A 322 14.44 53.08 -45.94
C LYS A 322 15.81 53.75 -45.92
N GLU A 323 16.14 54.42 -44.82
CA GLU A 323 17.43 55.09 -44.73
C GLU A 323 18.57 54.08 -44.58
N TYR A 324 18.34 53.02 -43.81
CA TYR A 324 19.39 52.02 -43.61
C TYR A 324 19.59 51.18 -44.88
N LEU A 325 18.49 50.82 -45.55
CA LEU A 325 18.59 49.97 -46.73
C LEU A 325 19.29 50.69 -47.87
N GLU A 326 18.96 51.96 -48.09
CA GLU A 326 19.66 52.73 -49.11
C GLU A 326 21.10 53.00 -48.72
N ARG A 327 21.40 53.01 -47.43
CA ARG A 327 22.77 53.28 -46.98
C ARG A 327 23.69 52.11 -47.29
N ILE A 328 23.18 50.88 -47.22
CA ILE A 328 24.00 49.70 -47.46
C ILE A 328 23.89 49.21 -48.90
N GLY A 329 23.24 49.98 -49.77
CA GLY A 329 23.16 49.63 -51.18
C GLY A 329 21.95 48.82 -51.59
N LEU A 330 20.84 48.95 -50.86
CA LEU A 330 19.61 48.24 -51.19
C LEU A 330 18.44 49.22 -51.28
N GLY A 331 18.68 50.38 -51.90
CA GLY A 331 17.62 51.37 -52.05
C GLY A 331 16.48 50.92 -52.93
N HIS A 332 16.73 49.97 -53.83
CA HIS A 332 15.69 49.38 -54.66
C HIS A 332 14.70 48.57 -53.85
N ARG A 333 15.02 48.26 -52.60
CA ARG A 333 14.22 47.37 -51.79
C ARG A 333 13.07 48.11 -51.13
N GLU A 334 11.97 47.39 -50.88
CA GLU A 334 10.85 48.01 -50.20
C GLU A 334 11.23 48.30 -48.74
N GLU A 335 10.33 49.01 -48.04
CA GLU A 335 10.65 49.54 -46.72
C GLU A 335 11.23 48.46 -45.80
N ASN A 336 10.46 47.41 -45.52
CA ASN A 336 10.87 46.39 -44.57
C ASN A 336 11.17 45.04 -45.23
N ASP A 337 11.60 45.06 -46.49
CA ASP A 337 11.98 43.84 -47.19
C ASP A 337 13.43 43.50 -46.81
N LEU A 338 13.59 42.60 -45.85
CA LEU A 338 14.92 42.29 -45.32
C LEU A 338 15.75 41.40 -46.24
N GLY A 339 15.13 40.75 -47.22
CA GLY A 339 15.86 39.92 -48.14
C GLY A 339 16.01 38.50 -47.66
N PRO A 340 16.78 37.68 -48.39
CA PRO A 340 16.91 36.27 -48.01
C PRO A 340 17.70 36.09 -46.73
N ILE A 341 17.03 35.84 -45.60
CA ILE A 341 17.70 35.81 -44.32
C ILE A 341 17.23 34.56 -43.59
N TYR A 342 17.40 34.54 -42.26
CA TYR A 342 16.85 33.45 -41.47
C TYR A 342 15.42 33.16 -41.90
N GLY A 343 15.12 31.89 -42.08
CA GLY A 343 13.83 31.46 -42.58
C GLY A 343 13.70 31.48 -44.08
N PHE A 344 14.63 32.08 -44.80
CA PHE A 344 14.64 31.87 -46.23
C PHE A 344 15.73 30.90 -46.64
N GLN A 345 16.85 30.88 -45.90
CA GLN A 345 17.80 29.80 -46.01
C GLN A 345 17.34 28.56 -45.24
N TRP A 346 16.43 28.73 -44.27
CA TRP A 346 15.90 27.57 -43.56
C TRP A 346 14.95 26.78 -44.45
N ARG A 347 14.09 27.47 -45.20
CA ARG A 347 13.05 26.82 -45.96
C ARG A 347 13.29 26.80 -47.46
N HIS A 348 14.07 27.74 -48.00
CA HIS A 348 14.29 27.85 -49.43
C HIS A 348 15.78 28.15 -49.70
N TYR A 349 16.64 27.23 -49.29
CA TYR A 349 18.08 27.44 -49.45
C TYR A 349 18.45 27.49 -50.92
N ASN A 350 19.34 28.43 -51.26
CA ASN A 350 19.82 28.66 -52.62
C ASN A 350 18.71 29.09 -53.58
N GLY A 351 17.59 29.61 -53.07
CA GLY A 351 16.53 30.08 -53.96
C GLY A 351 16.79 31.52 -54.40
N GLU A 352 16.50 31.78 -55.68
CA GLU A 352 16.65 33.13 -56.22
C GLU A 352 15.58 34.04 -55.62
N TYR A 353 16.02 35.02 -54.83
CA TYR A 353 15.13 35.91 -54.10
C TYR A 353 14.74 37.10 -54.97
N LYS A 354 13.43 37.33 -55.09
CA LYS A 354 12.94 38.52 -55.79
C LYS A 354 12.56 39.58 -54.77
N THR A 355 11.31 39.53 -54.29
CA THR A 355 10.82 40.43 -53.25
C THR A 355 10.20 39.60 -52.13
N MET A 356 9.70 40.29 -51.10
CA MET A 356 9.07 39.60 -49.98
C MET A 356 7.62 39.24 -50.26
N HIS A 357 7.06 39.68 -51.38
CA HIS A 357 5.66 39.43 -51.72
C HIS A 357 5.47 38.21 -52.59
N ASP A 358 6.55 37.66 -53.16
CA ASP A 358 6.44 36.57 -54.10
C ASP A 358 6.18 35.24 -53.38
N ASP A 359 5.71 34.27 -54.15
CA ASP A 359 5.41 32.94 -53.64
C ASP A 359 6.61 32.04 -53.88
N TYR A 360 7.23 31.58 -52.80
CA TYR A 360 8.44 30.77 -52.87
C TYR A 360 8.18 29.30 -52.52
N THR A 361 6.94 28.86 -52.56
CA THR A 361 6.64 27.46 -52.27
C THR A 361 7.23 26.58 -53.36
N GLY A 362 8.07 25.63 -52.95
CA GLY A 362 8.68 24.69 -53.85
C GLY A 362 10.10 25.02 -54.25
N VAL A 363 10.47 26.29 -54.20
CA VAL A 363 11.82 26.70 -54.60
C VAL A 363 12.74 26.59 -53.40
N GLY A 364 14.01 26.26 -53.67
CA GLY A 364 15.01 26.15 -52.63
C GLY A 364 14.97 24.81 -51.92
N VAL A 365 15.95 24.62 -51.04
CA VAL A 365 16.10 23.40 -50.25
C VAL A 365 15.48 23.63 -48.89
N ASP A 366 14.47 22.83 -48.54
CA ASP A 366 13.80 22.96 -47.25
C ASP A 366 14.61 22.20 -46.21
N GLN A 367 15.55 22.92 -45.58
CA GLN A 367 16.40 22.30 -44.56
C GLN A 367 15.59 21.91 -43.33
N LEU A 368 14.65 22.76 -42.90
CA LEU A 368 13.87 22.47 -41.71
C LEU A 368 13.05 21.20 -41.89
N ALA A 369 12.45 21.03 -43.07
CA ALA A 369 11.69 19.82 -43.34
C ALA A 369 12.60 18.60 -43.36
N LYS A 370 13.75 18.69 -44.04
CA LYS A 370 14.68 17.57 -44.05
C LYS A 370 15.24 17.30 -42.65
N LEU A 371 15.43 18.35 -41.86
CA LEU A 371 15.93 18.17 -40.50
C LEU A 371 14.94 17.37 -39.65
N ILE A 372 13.67 17.74 -39.71
CA ILE A 372 12.65 17.02 -38.94
C ILE A 372 12.53 15.58 -39.42
N GLU A 373 12.56 15.37 -40.73
CA GLU A 373 12.44 14.02 -41.26
C GLU A 373 13.68 13.19 -40.93
N THR A 374 14.85 13.81 -40.85
CA THR A 374 16.05 13.07 -40.49
C THR A 374 16.11 12.80 -39.00
N LEU A 375 15.61 13.72 -38.17
CA LEU A 375 15.60 13.51 -36.74
C LEU A 375 14.71 12.34 -36.34
N LYS A 376 13.67 12.06 -37.13
CA LYS A 376 12.75 10.98 -36.81
C LYS A 376 13.19 9.64 -37.39
N ASN A 377 13.68 9.64 -38.63
CA ASN A 377 14.02 8.39 -39.30
C ASN A 377 15.44 7.89 -39.01
N ASN A 378 16.39 8.81 -38.82
CA ASN A 378 17.77 8.45 -38.51
C ASN A 378 18.20 9.31 -37.32
N PRO A 379 17.85 8.91 -36.10
CA PRO A 379 18.12 9.79 -34.95
C PRO A 379 19.60 9.92 -34.63
N LYS A 380 20.36 8.83 -34.74
CA LYS A 380 21.78 8.86 -34.41
C LYS A 380 22.64 9.30 -35.59
N ASP A 381 22.03 9.81 -36.65
CA ASP A 381 22.79 10.41 -37.74
C ASP A 381 23.53 11.64 -37.23
N ARG A 382 24.73 11.86 -37.77
CA ARG A 382 25.59 12.94 -37.32
C ARG A 382 25.54 14.15 -38.24
N ARG A 383 24.47 14.32 -39.01
CA ARG A 383 24.39 15.37 -40.02
C ARG A 383 23.10 16.18 -39.88
N HIS A 384 22.58 16.30 -38.65
CA HIS A 384 21.37 17.08 -38.38
C HIS A 384 21.75 18.55 -38.27
N ILE A 385 21.97 19.16 -39.43
CA ILE A 385 22.54 20.50 -39.51
C ILE A 385 21.57 21.45 -40.19
N LEU A 386 21.43 22.65 -39.63
CA LEU A 386 20.63 23.73 -40.20
C LEU A 386 21.53 24.96 -40.32
N THR A 387 21.87 25.34 -41.55
CA THR A 387 22.76 26.45 -41.80
C THR A 387 22.02 27.62 -42.43
N ALA A 388 22.57 28.81 -42.24
CA ALA A 388 22.04 30.03 -42.83
C ALA A 388 23.11 30.83 -43.55
N TRP A 389 24.35 30.34 -43.60
CA TRP A 389 25.43 31.08 -44.24
C TRP A 389 25.51 30.65 -45.70
N ASN A 390 24.98 31.49 -46.58
CA ASN A 390 25.00 31.24 -48.03
C ASN A 390 25.77 32.38 -48.70
N PRO A 391 27.02 32.15 -49.10
CA PRO A 391 27.81 33.25 -49.70
C PRO A 391 27.18 33.85 -50.95
N SER A 392 26.37 33.07 -51.68
CA SER A 392 25.75 33.60 -52.89
C SER A 392 24.66 34.60 -52.60
N ALA A 393 24.14 34.64 -51.37
CA ALA A 393 23.03 35.52 -51.03
C ALA A 393 23.40 36.60 -50.03
N LEU A 394 24.64 36.63 -49.54
CA LEU A 394 25.00 37.58 -48.49
C LEU A 394 24.80 39.02 -48.94
N SER A 395 25.13 39.32 -50.20
CA SER A 395 25.01 40.71 -50.68
C SER A 395 23.57 41.19 -50.70
N GLN A 396 22.60 40.27 -50.86
CA GLN A 396 21.21 40.65 -50.91
C GLN A 396 20.55 40.76 -49.53
N MET A 397 21.19 40.24 -48.48
CA MET A 397 20.60 40.27 -47.15
C MET A 397 20.76 41.66 -46.54
N ALA A 398 19.73 42.08 -45.79
CA ALA A 398 19.84 43.31 -45.04
C ALA A 398 20.89 43.23 -43.95
N LEU A 399 21.21 42.01 -43.51
CA LEU A 399 22.23 41.77 -42.51
C LEU A 399 22.65 40.31 -42.61
N PRO A 400 23.95 40.02 -42.67
CA PRO A 400 24.38 38.63 -42.70
C PRO A 400 23.96 37.91 -41.43
N PRO A 401 23.76 36.60 -41.49
CA PRO A 401 23.28 35.87 -40.31
C PRO A 401 24.30 35.88 -39.19
N CYS A 402 23.80 36.07 -37.97
CA CYS A 402 24.64 36.02 -36.77
C CYS A 402 24.71 34.60 -36.20
N HIS A 403 23.56 33.96 -36.01
CA HIS A 403 23.53 32.53 -35.69
C HIS A 403 23.58 31.79 -37.02
N VAL A 404 24.78 31.33 -37.39
CA VAL A 404 25.03 30.91 -38.76
C VAL A 404 24.75 29.42 -38.97
N LEU A 405 25.04 28.58 -37.99
CA LEU A 405 24.89 27.14 -38.18
C LEU A 405 24.55 26.48 -36.85
N SER A 406 23.65 25.49 -36.90
CA SER A 406 23.25 24.76 -35.71
C SER A 406 23.17 23.28 -36.02
N GLN A 407 23.53 22.45 -35.04
CA GLN A 407 23.50 21.00 -35.17
C GLN A 407 22.67 20.42 -34.04
N TYR A 408 22.02 19.28 -34.31
CA TYR A 408 21.12 18.66 -33.36
C TYR A 408 21.50 17.21 -33.16
N TYR A 409 21.15 16.68 -31.99
CA TYR A 409 21.68 15.41 -31.51
C TYR A 409 20.62 14.71 -30.68
N VAL A 410 20.39 13.43 -30.97
CA VAL A 410 19.41 12.63 -30.23
C VAL A 410 20.17 11.71 -29.29
N THR A 411 19.91 11.85 -28.00
CA THR A 411 20.58 11.03 -27.01
C THR A 411 19.96 9.64 -26.94
N ASN A 412 20.62 8.75 -26.20
CA ASN A 412 20.12 7.38 -26.07
C ASN A 412 18.85 7.30 -25.23
N ASP A 413 18.54 8.34 -24.45
CA ASP A 413 17.28 8.41 -23.70
C ASP A 413 16.28 9.36 -24.35
N ASN A 414 16.31 9.47 -25.68
CA ASN A 414 15.29 10.17 -26.46
C ASN A 414 15.17 11.64 -26.07
N CYS A 415 16.32 12.30 -25.93
CA CYS A 415 16.37 13.74 -25.72
C CYS A 415 17.06 14.40 -26.91
N LEU A 416 16.68 15.65 -27.18
CA LEU A 416 17.19 16.41 -28.33
C LEU A 416 18.04 17.57 -27.83
N SER A 417 19.34 17.50 -28.08
CA SER A 417 20.26 18.60 -27.75
C SER A 417 20.55 19.44 -28.99
N CYS A 418 21.10 20.63 -28.76
CA CYS A 418 21.34 21.59 -29.83
C CYS A 418 22.66 22.31 -29.59
N ASN A 419 23.45 22.42 -30.65
CA ASN A 419 24.64 23.25 -30.68
C ASN A 419 24.44 24.36 -31.70
N LEU A 420 24.93 25.56 -31.36
CA LEU A 420 24.82 26.72 -32.24
C LEU A 420 26.17 27.43 -32.31
N TYR A 421 26.61 27.74 -33.53
CA TYR A 421 27.77 28.61 -33.70
C TYR A 421 27.27 29.99 -34.12
N GLN A 422 27.67 30.99 -33.33
CA GLN A 422 27.28 32.39 -33.57
C GLN A 422 28.54 33.18 -33.84
N ARG A 423 28.65 33.75 -35.05
CA ARG A 423 29.88 34.46 -35.43
C ARG A 423 30.02 35.77 -34.68
N SER A 424 28.91 36.45 -34.43
CA SER A 424 28.90 37.76 -33.79
C SER A 424 27.79 37.80 -32.76
N CYS A 425 28.10 38.31 -31.56
CA CYS A 425 27.19 38.20 -30.42
C CYS A 425 27.12 39.53 -29.68
N ASP A 426 26.00 40.23 -29.81
CA ASP A 426 25.68 41.38 -28.97
C ASP A 426 25.22 40.85 -27.62
N LEU A 427 26.12 40.89 -26.64
CA LEU A 427 25.82 40.32 -25.32
C LEU A 427 24.72 41.07 -24.59
N GLY A 428 24.46 42.32 -24.95
CA GLY A 428 23.43 43.09 -24.28
C GLY A 428 22.03 42.81 -24.79
N LEU A 429 21.88 42.66 -26.11
CA LEU A 429 20.57 42.50 -26.72
C LEU A 429 20.41 41.14 -27.40
N GLY A 430 21.30 40.79 -28.33
CA GLY A 430 21.09 39.58 -29.12
C GLY A 430 21.25 38.30 -28.32
N SER A 431 22.25 38.25 -27.44
CA SER A 431 22.56 37.00 -26.74
C SER A 431 21.41 36.51 -25.87
N PRO A 432 20.75 37.31 -25.04
CA PRO A 432 19.59 36.79 -24.31
C PRO A 432 18.51 36.25 -25.23
N PHE A 433 18.35 36.85 -26.41
CA PHE A 433 17.40 36.35 -27.38
C PHE A 433 17.88 35.03 -27.98
N ASN A 434 19.15 34.95 -28.35
CA ASN A 434 19.66 33.74 -28.99
C ASN A 434 19.58 32.54 -28.05
N ILE A 435 19.82 32.76 -26.76
CA ILE A 435 19.74 31.66 -25.80
C ILE A 435 18.32 31.12 -25.72
N ALA A 436 17.35 32.03 -25.58
CA ALA A 436 15.96 31.60 -25.45
C ALA A 436 15.40 31.10 -26.78
N SER A 437 15.78 31.74 -27.89
CA SER A 437 15.19 31.39 -29.18
C SER A 437 15.53 29.97 -29.58
N TYR A 438 16.82 29.62 -29.55
CA TYR A 438 17.21 28.26 -29.93
C TYR A 438 16.80 27.24 -28.88
N ALA A 439 16.51 27.66 -27.65
CA ALA A 439 15.91 26.74 -26.69
C ALA A 439 14.48 26.42 -27.09
N ILE A 440 13.69 27.44 -27.48
CA ILE A 440 12.32 27.19 -27.92
C ILE A 440 12.32 26.34 -29.18
N LEU A 441 13.19 26.66 -30.14
CA LEU A 441 13.25 25.91 -31.39
C LEU A 441 13.56 24.44 -31.13
N THR A 442 14.48 24.16 -30.20
CA THR A 442 14.83 22.77 -29.91
C THR A 442 13.65 22.03 -29.30
N MET A 443 12.88 22.70 -28.44
CA MET A 443 11.72 22.06 -27.84
C MET A 443 10.62 21.82 -28.87
N MET A 444 10.44 22.76 -29.80
CA MET A 444 9.48 22.55 -30.89
C MET A 444 9.87 21.33 -31.71
N LEU A 445 11.15 21.25 -32.09
CA LEU A 445 11.63 20.09 -32.84
C LEU A 445 11.47 18.80 -32.04
N ALA A 446 11.57 18.88 -30.70
CA ALA A 446 11.46 17.68 -29.88
C ALA A 446 10.04 17.15 -29.86
N GLN A 447 9.04 18.03 -29.80
CA GLN A 447 7.66 17.58 -29.77
C GLN A 447 7.22 17.02 -31.12
N VAL A 448 7.62 17.67 -32.22
CA VAL A 448 7.25 17.20 -33.55
C VAL A 448 7.91 15.86 -33.84
N CYS A 449 9.07 15.61 -33.26
CA CYS A 449 9.80 14.36 -33.47
C CYS A 449 9.59 13.34 -32.35
N GLY A 450 8.91 13.73 -31.27
CA GLY A 450 8.62 12.79 -30.20
C GLY A 450 9.70 12.63 -29.16
N TYR A 451 10.53 13.65 -28.95
CA TYR A 451 11.60 13.59 -27.96
C TYR A 451 11.35 14.61 -26.85
N GLU A 452 12.24 14.60 -25.87
CA GLU A 452 12.28 15.55 -24.78
C GLU A 452 13.43 16.53 -24.97
N PRO A 453 13.35 17.73 -24.39
CA PRO A 453 14.45 18.68 -24.54
C PRO A 453 15.70 18.19 -23.84
N GLY A 454 16.86 18.50 -24.45
CA GLY A 454 18.14 18.06 -23.92
C GLY A 454 18.99 19.20 -23.39
N GLU A 455 20.13 19.43 -24.02
CA GLU A 455 21.03 20.51 -23.62
C GLU A 455 21.18 21.52 -24.74
N LEU A 456 21.62 22.73 -24.38
CA LEU A 456 21.88 23.79 -25.35
C LEU A 456 23.29 24.31 -25.12
N ALA A 457 24.11 24.26 -26.17
CA ALA A 457 25.46 24.81 -26.15
C ALA A 457 25.59 25.83 -27.27
N ILE A 458 26.09 27.01 -26.93
CA ILE A 458 26.26 28.10 -27.89
C ILE A 458 27.74 28.43 -27.98
N PHE A 459 28.31 28.30 -29.18
CA PHE A 459 29.71 28.62 -29.45
C PHE A 459 29.77 29.96 -30.18
N ILE A 460 30.59 30.87 -29.67
CA ILE A 460 30.57 32.26 -30.09
C ILE A 460 31.91 32.64 -30.70
N GLY A 461 31.87 33.35 -31.83
CA GLY A 461 33.07 33.94 -32.39
C GLY A 461 33.38 35.28 -31.77
N ASP A 462 32.82 36.35 -32.33
CA ASP A 462 33.09 37.71 -31.85
C ASP A 462 32.09 38.03 -30.74
N ALA A 463 32.46 37.71 -29.51
CA ALA A 463 31.68 38.07 -28.33
C ALA A 463 32.07 39.47 -27.87
N HIS A 464 31.12 40.39 -27.89
CA HIS A 464 31.42 41.80 -27.66
C HIS A 464 30.33 42.49 -26.86
N ILE A 465 30.67 43.64 -26.31
CA ILE A 465 29.77 44.50 -25.56
C ILE A 465 29.86 45.90 -26.15
N TYR A 466 28.72 46.45 -26.59
CA TYR A 466 28.71 47.80 -27.12
C TYR A 466 28.95 48.81 -26.01
N GLU A 467 29.70 49.87 -26.33
CA GLU A 467 30.17 50.78 -25.28
C GLU A 467 29.03 51.57 -24.64
N ASN A 468 27.89 51.68 -25.30
CA ASN A 468 26.71 52.31 -24.72
C ASN A 468 25.87 51.36 -23.88
N HIS A 469 26.36 50.14 -23.65
CA HIS A 469 25.71 49.17 -22.77
C HIS A 469 26.48 48.95 -21.47
N LEU A 470 27.52 49.75 -21.21
CA LEU A 470 28.43 49.46 -20.10
C LEU A 470 27.76 49.67 -18.75
N THR A 471 27.11 50.82 -18.55
CA THR A 471 26.44 51.05 -17.27
C THR A 471 25.26 50.10 -17.09
N GLN A 472 24.60 49.70 -18.18
CA GLN A 472 23.46 48.81 -18.07
C GLN A 472 23.90 47.40 -17.67
N LEU A 473 24.93 46.86 -18.33
CA LEU A 473 25.37 45.51 -18.03
C LEU A 473 26.05 45.42 -16.66
N LYS A 474 26.69 46.50 -16.21
CA LYS A 474 27.22 46.51 -14.86
C LYS A 474 26.10 46.49 -13.82
N GLU A 475 24.98 47.15 -14.13
CA GLU A 475 23.81 47.04 -13.27
C GLU A 475 23.29 45.61 -13.23
N GLN A 476 23.24 44.96 -14.39
CA GLN A 476 22.75 43.58 -14.43
C GLN A 476 23.67 42.64 -13.66
N LEU A 477 24.98 42.90 -13.67
CA LEU A 477 25.91 42.06 -12.93
C LEU A 477 25.78 42.23 -11.43
N SER A 478 25.08 43.26 -10.96
CA SER A 478 24.87 43.47 -9.54
C SER A 478 23.70 42.68 -8.99
N ARG A 479 22.99 41.93 -9.84
CA ARG A 479 21.78 41.21 -9.45
C ARG A 479 22.09 39.72 -9.35
N THR A 480 21.93 39.17 -8.15
CA THR A 480 22.14 37.73 -7.97
C THR A 480 21.04 36.97 -8.69
N PRO A 481 21.37 35.95 -9.50
CA PRO A 481 20.36 35.26 -10.29
C PRO A 481 19.32 34.55 -9.43
N ARG A 482 18.19 34.26 -10.07
CA ARG A 482 17.07 33.52 -9.50
C ARG A 482 16.83 32.26 -10.34
N PRO A 483 16.10 31.29 -9.81
CA PRO A 483 15.90 30.03 -10.55
C PRO A 483 15.29 30.28 -11.92
N PHE A 484 15.73 29.50 -12.91
CA PHE A 484 15.18 29.57 -14.25
C PHE A 484 13.69 29.19 -14.22
N PRO A 485 12.89 29.75 -15.13
CA PRO A 485 11.48 29.37 -15.19
C PRO A 485 11.24 28.04 -15.90
N GLN A 486 9.98 27.71 -16.11
CA GLN A 486 9.58 26.57 -16.93
C GLN A 486 8.79 27.08 -18.12
N LEU A 487 8.90 26.36 -19.23
CA LEU A 487 8.14 26.66 -20.44
C LEU A 487 7.52 25.37 -20.95
N LYS A 488 6.19 25.36 -21.07
CA LYS A 488 5.46 24.18 -21.53
C LYS A 488 4.55 24.57 -22.68
N PHE A 489 4.30 23.60 -23.56
CA PHE A 489 3.37 23.77 -24.65
C PHE A 489 1.99 23.26 -24.24
N LYS A 490 0.95 24.01 -24.61
CA LYS A 490 -0.40 23.65 -24.20
C LYS A 490 -1.03 22.59 -25.09
N ARG A 491 -0.47 22.34 -26.27
CA ARG A 491 -1.05 21.37 -27.18
C ARG A 491 0.03 20.80 -28.08
N LYS A 492 -0.23 19.60 -28.59
CA LYS A 492 0.64 18.96 -29.56
C LYS A 492 0.21 19.38 -30.96
N VAL A 493 1.14 19.88 -31.74
CA VAL A 493 0.83 20.46 -33.04
C VAL A 493 1.01 19.42 -34.13
N GLU A 494 0.29 19.62 -35.24
CA GLU A 494 0.44 18.75 -36.40
C GLU A 494 1.73 19.04 -37.14
N ASN A 495 1.90 20.29 -37.57
CA ASN A 495 3.12 20.77 -38.20
C ASN A 495 3.78 21.83 -37.33
N ILE A 496 5.09 21.97 -37.49
CA ILE A 496 5.84 22.90 -36.65
C ILE A 496 5.44 24.34 -36.92
N GLU A 497 4.87 24.63 -38.08
CA GLU A 497 4.44 25.99 -38.39
C GLU A 497 3.18 26.40 -37.64
N ASP A 498 2.51 25.47 -36.96
CA ASP A 498 1.22 25.74 -36.35
C ASP A 498 1.32 26.32 -34.95
N PHE A 499 2.52 26.54 -34.41
CA PHE A 499 2.63 27.07 -33.06
C PHE A 499 2.15 28.52 -33.01
N LYS A 500 1.49 28.86 -31.90
CA LYS A 500 1.00 30.21 -31.64
C LYS A 500 1.45 30.66 -30.26
N TRP A 501 1.45 31.97 -30.06
CA TRP A 501 1.89 32.52 -28.78
C TRP A 501 1.01 32.04 -27.63
N GLU A 502 -0.29 31.88 -27.91
CA GLU A 502 -1.22 31.41 -26.89
C GLU A 502 -0.94 29.97 -26.48
N ASP A 503 -0.19 29.21 -27.28
CA ASP A 503 0.13 27.83 -26.96
C ASP A 503 1.26 27.70 -25.95
N ILE A 504 1.94 28.79 -25.62
CA ILE A 504 3.11 28.76 -24.74
C ILE A 504 2.72 29.23 -23.36
N GLU A 505 3.07 28.44 -22.35
CA GLU A 505 2.79 28.76 -20.95
C GLU A 505 4.13 28.91 -20.21
N LEU A 506 4.44 30.13 -19.79
CA LEU A 506 5.68 30.43 -19.06
C LEU A 506 5.38 30.41 -17.58
N ILE A 507 5.96 29.44 -16.87
CA ILE A 507 5.61 29.15 -15.49
C ILE A 507 6.79 29.49 -14.59
N GLY A 508 6.56 30.34 -13.60
CA GLY A 508 7.58 30.62 -12.60
C GLY A 508 8.67 31.57 -13.02
N TYR A 509 8.33 32.60 -13.80
CA TYR A 509 9.31 33.59 -14.24
C TYR A 509 9.15 34.84 -13.39
N TYR A 510 10.14 35.07 -12.51
CA TYR A 510 10.13 36.23 -11.61
C TYR A 510 11.45 36.97 -11.78
N PRO A 511 11.60 37.72 -12.86
CA PRO A 511 12.89 38.36 -13.16
C PRO A 511 13.06 39.67 -12.41
N TYR A 512 14.26 40.23 -12.56
CA TYR A 512 14.54 41.59 -12.13
C TYR A 512 13.95 42.56 -13.13
N PRO A 513 13.80 43.84 -12.76
CA PRO A 513 13.24 44.81 -13.70
C PRO A 513 14.04 44.90 -14.99
N THR A 514 13.34 45.24 -16.07
CA THR A 514 13.97 45.30 -17.38
C THR A 514 14.98 46.44 -17.44
N ILE A 515 15.94 46.29 -18.35
CA ILE A 515 17.03 47.24 -18.54
C ILE A 515 17.01 47.69 -19.98
N LYS A 516 16.88 49.01 -20.20
CA LYS A 516 16.76 49.53 -21.55
C LYS A 516 18.14 49.70 -22.17
N MET A 517 18.32 49.13 -23.37
CA MET A 517 19.57 49.22 -24.11
C MET A 517 19.25 49.47 -25.58
N ASP A 518 19.89 50.47 -26.18
CA ASP A 518 19.62 50.84 -27.56
C ASP A 518 20.43 49.99 -28.52
N MET A 519 19.80 49.58 -29.61
CA MET A 519 20.47 48.76 -30.62
C MET A 519 21.30 49.63 -31.54
N ALA A 520 22.47 49.13 -31.91
CA ALA A 520 23.34 49.82 -32.86
C ALA A 520 22.94 49.41 -34.28
N VAL A 521 22.47 50.38 -35.06
CA VAL A 521 22.02 50.13 -36.42
C VAL A 521 23.22 50.05 -37.37
N GLU B 3 61.16 23.53 10.18
CA GLU B 3 61.67 23.07 8.90
C GLU B 3 61.29 24.03 7.77
N LYS B 4 62.28 24.50 7.03
CA LYS B 4 62.05 25.39 5.90
C LYS B 4 61.96 24.57 4.61
N ASN B 5 61.67 25.27 3.52
CA ASN B 5 61.47 24.62 2.23
C ASN B 5 62.78 24.52 1.46
N VAL B 6 62.98 23.40 0.78
CA VAL B 6 64.16 23.15 -0.04
C VAL B 6 63.69 22.72 -1.42
N SER B 7 63.87 23.59 -2.41
CA SER B 7 63.40 23.34 -3.77
C SER B 7 64.59 23.24 -4.73
N ILE B 8 64.43 22.40 -5.74
CA ILE B 8 65.42 22.26 -6.81
C ILE B 8 64.97 23.09 -7.99
N VAL B 9 65.90 23.91 -8.51
CA VAL B 9 65.69 24.65 -9.76
C VAL B 9 66.66 24.10 -10.77
N VAL B 10 66.16 23.71 -11.95
CA VAL B 10 66.98 23.08 -12.96
C VAL B 10 66.33 23.27 -14.32
N ALA B 11 67.15 23.36 -15.36
CA ALA B 11 66.69 23.39 -16.74
C ALA B 11 67.37 22.23 -17.47
N ALA B 12 66.59 21.19 -17.80
CA ALA B 12 67.12 20.00 -18.44
C ALA B 12 66.43 19.76 -19.77
N SER B 13 67.13 19.04 -20.65
CA SER B 13 66.55 18.67 -21.94
C SER B 13 65.38 17.71 -21.74
N VAL B 14 64.50 17.68 -22.75
CA VAL B 14 63.20 17.02 -22.58
C VAL B 14 63.34 15.50 -22.54
N LEU B 15 64.29 14.92 -23.27
CA LEU B 15 64.41 13.47 -23.34
C LEU B 15 65.52 12.92 -22.45
N SER B 16 66.76 13.34 -22.69
CA SER B 16 67.90 12.81 -21.95
C SER B 16 68.21 13.56 -20.67
N SER B 17 67.58 14.72 -20.43
CA SER B 17 67.76 15.50 -19.21
C SER B 17 69.19 16.04 -19.09
N GLY B 18 69.74 16.51 -20.20
CA GLY B 18 71.05 17.15 -20.15
C GLY B 18 70.94 18.59 -19.69
N ILE B 19 71.91 19.01 -18.88
CA ILE B 19 71.84 20.35 -18.27
C ILE B 19 73.10 21.15 -18.55
N GLY B 20 74.16 20.51 -19.03
CA GLY B 20 75.41 21.22 -19.22
C GLY B 20 76.34 20.54 -20.20
N ILE B 21 77.32 21.32 -20.67
CA ILE B 21 78.34 20.81 -21.58
C ILE B 21 79.59 21.68 -21.42
N ASN B 22 80.72 21.02 -21.16
CA ASN B 22 82.02 21.68 -21.08
C ASN B 22 82.00 22.87 -20.14
N GLY B 23 81.37 22.69 -18.97
CA GLY B 23 81.35 23.73 -17.97
C GLY B 23 80.42 24.89 -18.23
N GLN B 24 79.42 24.72 -19.09
CA GLN B 24 78.44 25.77 -19.34
C GLN B 24 77.16 25.11 -19.85
N LEU B 25 76.15 25.94 -20.11
CA LEU B 25 74.85 25.45 -20.54
C LEU B 25 74.85 25.09 -22.02
N PRO B 26 74.02 24.14 -22.43
CA PRO B 26 73.90 23.79 -23.85
C PRO B 26 73.03 24.75 -24.66
N TRP B 27 72.57 25.84 -24.05
CA TRP B 27 71.65 26.76 -24.71
C TRP B 27 71.74 28.12 -24.01
N SER B 28 71.10 29.12 -24.61
CA SER B 28 70.99 30.46 -24.05
C SER B 28 69.53 30.91 -24.19
N ILE B 29 68.74 30.68 -23.14
CA ILE B 29 67.34 31.07 -23.12
C ILE B 29 67.19 32.17 -22.07
N SER B 30 66.91 33.40 -22.54
CA SER B 30 66.88 34.55 -21.64
C SER B 30 65.76 34.44 -20.62
N GLU B 31 64.56 34.06 -21.08
CA GLU B 31 63.41 34.01 -20.17
C GLU B 31 63.59 32.98 -19.07
N ASP B 32 64.38 31.93 -19.32
CA ASP B 32 64.61 30.92 -18.29
C ASP B 32 65.46 31.46 -17.15
N LEU B 33 66.42 32.34 -17.45
CA LEU B 33 67.19 32.96 -16.38
C LEU B 33 66.32 33.89 -15.55
N LYS B 34 65.47 34.68 -16.21
CA LYS B 34 64.53 35.52 -15.48
C LYS B 34 63.60 34.68 -14.62
N PHE B 35 63.28 33.46 -15.06
CA PHE B 35 62.51 32.53 -14.26
C PHE B 35 63.30 32.10 -13.02
N PHE B 36 64.56 31.74 -13.21
CA PHE B 36 65.42 31.40 -12.08
C PHE B 36 65.53 32.56 -11.10
N SER B 37 65.62 33.79 -11.61
CA SER B 37 65.78 34.94 -10.74
C SER B 37 64.53 35.20 -9.91
N LYS B 38 63.35 35.14 -10.53
CA LYS B 38 62.13 35.47 -9.83
C LYS B 38 61.77 34.42 -8.79
N ILE B 39 62.09 33.15 -9.04
CA ILE B 39 61.75 32.11 -8.08
C ILE B 39 62.67 32.15 -6.88
N THR B 40 63.96 32.39 -7.10
CA THR B 40 64.92 32.39 -6.00
C THR B 40 64.87 33.67 -5.19
N ASN B 41 64.27 34.72 -5.73
CA ASN B 41 64.04 35.96 -4.99
C ASN B 41 62.67 35.99 -4.31
N ASN B 42 61.77 35.07 -4.68
CA ASN B 42 60.42 35.07 -4.15
C ASN B 42 60.45 34.71 -2.67
N LYS B 43 60.15 35.69 -1.81
CA LYS B 43 60.17 35.50 -0.37
C LYS B 43 59.01 36.27 0.25
N CYS B 44 58.71 35.94 1.50
CA CYS B 44 57.62 36.56 2.24
C CYS B 44 58.07 37.60 3.25
N ASP B 45 59.19 37.35 3.94
CA ASP B 45 59.70 38.25 4.95
C ASP B 45 60.68 39.24 4.33
N SER B 46 60.51 40.52 4.67
CA SER B 46 61.39 41.56 4.12
C SER B 46 62.80 41.45 4.67
N ASN B 47 62.93 41.15 5.96
CA ASN B 47 64.24 41.07 6.61
C ASN B 47 64.83 39.66 6.58
N LYS B 48 64.62 38.93 5.48
CA LYS B 48 65.20 37.61 5.31
C LYS B 48 65.66 37.46 3.86
N LYS B 49 66.49 36.46 3.63
CA LYS B 49 67.02 36.17 2.30
C LYS B 49 66.90 34.69 2.01
N ASN B 50 67.01 34.34 0.74
CA ASN B 50 67.01 32.95 0.30
C ASN B 50 68.45 32.49 0.05
N ALA B 51 68.68 31.20 0.28
CA ALA B 51 70.00 30.59 0.10
C ALA B 51 70.00 29.75 -1.16
N LEU B 52 71.01 29.93 -2.00
CA LEU B 52 71.13 29.18 -3.25
C LEU B 52 72.36 28.29 -3.15
N ILE B 53 72.14 26.98 -3.08
CA ILE B 53 73.22 26.00 -2.98
C ILE B 53 73.65 25.60 -4.38
N MET B 54 74.95 25.55 -4.61
CA MET B 54 75.49 25.15 -5.90
C MET B 54 76.88 24.54 -5.71
N GLY B 55 77.26 23.68 -6.65
CA GLY B 55 78.59 23.11 -6.63
C GLY B 55 79.65 24.11 -7.04
N ARG B 56 80.92 23.69 -6.88
CA ARG B 56 82.02 24.59 -7.19
C ARG B 56 82.11 24.86 -8.69
N LYS B 57 81.97 23.82 -9.52
CA LYS B 57 82.04 24.02 -10.96
C LYS B 57 80.93 24.94 -11.46
N THR B 58 79.74 24.83 -10.87
CA THR B 58 78.67 25.77 -11.19
C THR B 58 79.03 27.18 -10.72
N TRP B 59 79.63 27.29 -9.54
CA TRP B 59 80.09 28.58 -9.04
C TRP B 59 81.15 29.19 -9.94
N ASP B 60 81.94 28.35 -10.62
CA ASP B 60 82.88 28.86 -11.62
C ASP B 60 82.15 29.33 -12.88
N SER B 61 81.13 28.59 -13.29
CA SER B 61 80.48 28.87 -14.57
C SER B 61 79.70 30.18 -14.57
N ILE B 62 79.30 30.68 -13.39
CA ILE B 62 78.58 31.94 -13.30
C ILE B 62 79.53 33.11 -13.03
N GLY B 63 80.82 32.91 -13.26
CA GLY B 63 81.80 33.97 -13.12
C GLY B 63 82.31 34.19 -11.72
N ARG B 64 81.91 33.35 -10.77
CA ARG B 64 82.35 33.47 -9.37
C ARG B 64 82.02 34.85 -8.82
N ARG B 65 80.79 35.28 -9.07
CA ARG B 65 80.26 36.57 -8.63
C ARG B 65 78.90 36.39 -7.98
N PRO B 66 78.57 37.21 -6.97
CA PRO B 66 77.35 36.99 -6.20
C PRO B 66 76.10 37.35 -6.98
N LEU B 67 74.97 36.84 -6.50
CA LEU B 67 73.65 37.15 -7.03
C LEU B 67 72.92 38.09 -6.08
N LYS B 68 72.35 39.17 -6.63
CA LYS B 68 71.78 40.22 -5.80
C LYS B 68 70.63 39.69 -4.94
N ASN B 69 70.52 40.23 -3.73
CA ASN B 69 69.46 39.95 -2.77
C ASN B 69 69.44 38.50 -2.30
N ARG B 70 70.48 37.72 -2.60
CA ARG B 70 70.52 36.31 -2.22
C ARG B 70 71.91 35.98 -1.68
N ILE B 71 71.98 34.87 -0.95
CA ILE B 71 73.22 34.37 -0.39
C ILE B 71 73.56 33.06 -1.09
N ILE B 72 74.70 33.02 -1.77
CA ILE B 72 75.13 31.85 -2.51
C ILE B 72 75.94 30.95 -1.59
N VAL B 73 75.60 29.66 -1.58
CA VAL B 73 76.29 28.66 -0.77
C VAL B 73 76.99 27.71 -1.73
N VAL B 74 78.32 27.68 -1.66
CA VAL B 74 79.13 26.87 -2.56
C VAL B 74 79.60 25.63 -1.81
N ILE B 75 79.37 24.47 -2.41
CA ILE B 75 79.85 23.20 -1.88
C ILE B 75 81.20 22.91 -2.53
N SER B 76 82.26 22.85 -1.72
CA SER B 76 83.58 22.61 -2.25
C SER B 76 84.46 22.01 -1.16
N SER B 77 85.35 21.11 -1.56
CA SER B 77 86.31 20.52 -0.64
C SER B 77 87.62 21.31 -0.55
N SER B 78 87.81 22.33 -1.39
CA SER B 78 89.08 23.05 -1.42
C SER B 78 88.91 24.56 -1.48
N LEU B 79 87.73 25.10 -1.25
CA LEU B 79 87.69 26.54 -1.29
C LEU B 79 87.91 27.14 0.11
N PRO B 80 88.57 28.28 0.19
CA PRO B 80 88.79 28.91 1.49
C PRO B 80 87.48 29.41 2.09
N GLN B 81 87.28 29.11 3.38
CA GLN B 81 86.09 29.57 4.10
C GLN B 81 86.38 30.92 4.73
N ASP B 82 86.55 31.92 3.87
CA ASP B 82 86.85 33.28 4.32
C ASP B 82 85.56 34.02 4.62
N GLU B 83 85.54 34.74 5.74
CA GLU B 83 84.40 35.56 6.13
C GLU B 83 84.38 36.91 5.45
N ALA B 84 85.17 37.08 4.38
CA ALA B 84 85.24 38.37 3.70
C ALA B 84 83.94 38.68 2.98
N ASP B 85 83.47 37.75 2.15
CA ASP B 85 82.25 37.98 1.37
C ASP B 85 81.04 37.54 2.18
N PRO B 86 80.15 38.45 2.57
CA PRO B 86 78.96 38.05 3.33
C PRO B 86 77.87 37.44 2.47
N ASN B 87 77.96 37.56 1.14
CA ASN B 87 76.96 37.04 0.22
C ASN B 87 77.34 35.68 -0.34
N VAL B 88 78.49 35.13 0.03
CA VAL B 88 78.95 33.82 -0.44
C VAL B 88 79.57 33.09 0.74
N VAL B 89 79.11 31.86 0.98
CA VAL B 89 79.63 31.02 2.04
C VAL B 89 80.00 29.67 1.44
N VAL B 90 80.99 29.01 2.04
CA VAL B 90 81.51 27.74 1.54
C VAL B 90 81.31 26.68 2.61
N PHE B 91 80.89 25.49 2.19
CA PHE B 91 80.73 24.34 3.07
C PHE B 91 81.43 23.14 2.45
N ARG B 92 81.85 22.22 3.32
CA ARG B 92 82.65 21.07 2.88
C ARG B 92 81.80 19.94 2.33
N ASN B 93 80.53 19.83 2.73
CA ASN B 93 79.64 18.83 2.19
C ASN B 93 78.23 19.38 2.20
N LEU B 94 77.34 18.69 1.50
CA LEU B 94 75.97 19.16 1.35
C LEU B 94 75.21 19.10 2.66
N GLU B 95 75.41 18.03 3.44
CA GLU B 95 74.68 17.87 4.69
C GLU B 95 74.99 19.01 5.66
N ASP B 96 76.26 19.38 5.80
CA ASP B 96 76.60 20.49 6.69
C ASP B 96 75.94 21.78 6.23
N SER B 97 75.78 21.98 4.92
CA SER B 97 75.21 23.23 4.43
C SER B 97 73.73 23.36 4.76
N ILE B 98 73.08 22.28 5.18
CA ILE B 98 71.66 22.33 5.54
C ILE B 98 71.57 22.74 7.01
N GLU B 99 72.64 23.31 7.54
CA GLU B 99 72.59 23.90 8.88
C GLU B 99 71.71 25.15 8.93
N ASN B 100 71.44 25.79 7.78
CA ASN B 100 70.58 26.97 7.78
C ASN B 100 69.19 26.65 8.32
N LEU B 101 68.72 25.41 8.16
CA LEU B 101 67.41 25.05 8.70
C LEU B 101 67.36 25.24 10.20
N MET B 102 68.23 24.53 10.93
CA MET B 102 68.13 24.49 12.39
C MET B 102 68.64 25.76 13.02
N ASN B 103 69.75 26.32 12.52
CA ASN B 103 70.43 27.43 13.19
C ASN B 103 69.98 28.78 12.65
N ASP B 104 70.32 29.05 11.38
CA ASP B 104 70.16 30.40 10.81
C ASP B 104 68.67 30.70 10.60
N ASP B 105 68.13 31.57 11.44
CA ASP B 105 66.74 32.02 11.29
C ASP B 105 66.57 33.16 10.31
N SER B 106 67.67 33.70 9.78
CA SER B 106 67.59 34.75 8.77
C SER B 106 67.40 34.21 7.36
N ILE B 107 67.35 32.89 7.19
CA ILE B 107 67.14 32.26 5.90
C ILE B 107 65.70 31.76 5.83
N GLU B 108 64.95 32.20 4.83
CA GLU B 108 63.56 31.80 4.69
C GLU B 108 63.41 30.50 3.92
N ASN B 109 63.88 30.47 2.68
CA ASN B 109 63.77 29.29 1.82
C ASN B 109 65.15 28.90 1.30
N ILE B 110 65.25 27.66 0.83
CA ILE B 110 66.49 27.08 0.37
C ILE B 110 66.29 26.54 -1.04
N PHE B 111 67.25 26.82 -1.92
CA PHE B 111 67.20 26.37 -3.31
C PHE B 111 68.46 25.61 -3.67
N VAL B 112 68.29 24.41 -4.22
CA VAL B 112 69.37 23.61 -4.76
C VAL B 112 69.35 23.77 -6.27
N CYS B 113 70.50 24.15 -6.84
CA CYS B 113 70.51 24.50 -8.26
C CYS B 113 71.91 24.42 -8.86
N GLY B 114 72.74 23.48 -8.39
CA GLY B 114 74.14 23.54 -8.73
C GLY B 114 74.80 22.27 -9.23
N GLY B 115 74.45 21.82 -10.43
CA GLY B 115 75.17 20.77 -11.10
C GLY B 115 74.71 19.37 -10.71
N GLU B 116 75.15 18.40 -11.53
CA GLU B 116 74.70 17.02 -11.36
C GLU B 116 75.10 16.46 -10.00
N SER B 117 76.32 16.77 -9.55
CA SER B 117 76.80 16.19 -8.31
C SER B 117 75.95 16.62 -7.12
N ILE B 118 75.52 17.88 -7.11
CA ILE B 118 74.73 18.37 -5.99
C ILE B 118 73.28 17.91 -6.11
N TYR B 119 72.75 17.85 -7.33
CA TYR B 119 71.38 17.34 -7.51
C TYR B 119 71.27 15.90 -7.04
N ARG B 120 72.21 15.05 -7.46
CA ARG B 120 72.12 13.63 -7.16
C ARG B 120 72.24 13.38 -5.66
N ASP B 121 73.12 14.13 -4.98
CA ASP B 121 73.24 13.96 -3.53
C ASP B 121 72.04 14.54 -2.80
N ALA B 122 71.45 15.61 -3.33
CA ALA B 122 70.29 16.22 -2.67
C ALA B 122 69.06 15.33 -2.76
N LEU B 123 68.97 14.51 -3.80
CA LEU B 123 67.85 13.57 -3.94
C LEU B 123 68.11 12.26 -3.21
N LYS B 124 69.34 11.75 -3.26
CA LYS B 124 69.65 10.49 -2.60
C LYS B 124 69.54 10.61 -1.08
N ASP B 125 69.76 11.79 -0.54
CA ASP B 125 69.66 12.03 0.90
C ASP B 125 68.30 12.59 1.32
N ASN B 126 67.36 12.70 0.38
CA ASN B 126 65.98 13.06 0.69
C ASN B 126 65.87 14.44 1.34
N PHE B 127 66.52 15.42 0.72
CA PHE B 127 66.51 16.80 1.21
C PHE B 127 65.54 17.71 0.46
N VAL B 128 65.04 17.28 -0.70
CA VAL B 128 64.30 18.14 -1.61
C VAL B 128 62.80 17.96 -1.38
N ASP B 129 62.09 19.07 -1.23
CA ASP B 129 60.64 19.07 -1.09
C ASP B 129 59.91 19.33 -2.41
N ARG B 130 60.54 20.05 -3.33
CA ARG B 130 59.88 20.48 -4.56
C ARG B 130 60.93 20.65 -5.65
N ILE B 131 60.52 20.42 -6.89
CA ILE B 131 61.40 20.52 -8.05
C ILE B 131 60.79 21.49 -9.05
N TYR B 132 61.56 22.49 -9.45
CA TYR B 132 61.17 23.40 -10.53
C TYR B 132 61.97 23.00 -11.77
N LEU B 133 61.32 22.31 -12.69
CA LEU B 133 61.97 21.77 -13.89
C LEU B 133 61.57 22.59 -15.10
N THR B 134 62.57 23.02 -15.88
CA THR B 134 62.35 23.68 -17.16
C THR B 134 62.78 22.71 -18.25
N ARG B 135 61.81 22.08 -18.91
CA ARG B 135 62.11 21.12 -19.96
C ARG B 135 62.40 21.87 -21.26
N VAL B 136 63.57 21.63 -21.84
CA VAL B 136 64.00 22.31 -23.07
C VAL B 136 64.02 21.30 -24.20
N ALA B 137 63.51 21.71 -25.36
CA ALA B 137 63.35 20.81 -26.51
C ALA B 137 64.57 20.90 -27.43
N LEU B 138 65.67 20.34 -26.93
CA LEU B 138 66.93 20.24 -27.68
C LEU B 138 67.57 18.90 -27.34
N GLU B 139 67.71 18.02 -28.32
CA GLU B 139 68.19 16.67 -28.05
C GLU B 139 69.26 16.14 -28.99
N ASP B 140 69.42 16.70 -30.17
CA ASP B 140 70.46 16.23 -31.07
C ASP B 140 71.77 16.98 -30.89
N ILE B 141 72.13 17.29 -29.64
CA ILE B 141 73.37 17.96 -29.30
C ILE B 141 74.11 17.14 -28.25
N GLU B 142 75.25 17.66 -27.80
CA GLU B 142 76.14 16.94 -26.90
C GLU B 142 75.98 17.43 -25.47
N PHE B 143 75.93 16.49 -24.53
CA PHE B 143 75.86 16.80 -23.10
C PHE B 143 76.96 16.03 -22.38
N ASP B 144 77.37 16.58 -21.23
CA ASP B 144 78.25 15.87 -20.32
C ASP B 144 77.80 15.97 -18.86
N THR B 145 76.76 16.73 -18.58
CA THR B 145 76.21 16.87 -17.24
C THR B 145 74.69 16.74 -17.33
N TYR B 146 74.13 15.82 -16.55
CA TYR B 146 72.72 15.47 -16.67
C TYR B 146 72.00 15.75 -15.37
N PHE B 147 70.67 15.81 -15.46
CA PHE B 147 69.84 15.92 -14.26
C PHE B 147 69.36 14.54 -13.86
N PRO B 148 69.51 14.16 -12.59
CA PRO B 148 69.19 12.79 -12.19
C PRO B 148 67.73 12.47 -12.44
N GLU B 149 67.44 11.17 -12.54
CA GLU B 149 66.07 10.71 -12.67
C GLU B 149 65.28 11.10 -11.43
N ILE B 150 64.09 11.64 -11.63
CA ILE B 150 63.27 12.09 -10.50
C ILE B 150 62.73 10.87 -9.75
N PRO B 151 62.89 10.78 -8.44
CA PRO B 151 62.41 9.61 -7.70
C PRO B 151 60.89 9.50 -7.75
N GLU B 152 60.40 8.29 -7.50
CA GLU B 152 58.97 8.03 -7.52
C GLU B 152 58.23 8.75 -6.39
N THR B 153 58.95 9.21 -5.37
CA THR B 153 58.32 9.96 -4.29
C THR B 153 57.81 11.33 -4.71
N PHE B 154 58.19 11.79 -5.91
CA PHE B 154 57.73 13.06 -6.44
C PHE B 154 56.60 12.83 -7.44
N LEU B 155 55.66 13.78 -7.48
CA LEU B 155 54.56 13.74 -8.43
C LEU B 155 54.41 15.10 -9.09
N PRO B 156 54.16 15.13 -10.40
CA PRO B 156 53.98 16.41 -11.09
C PRO B 156 52.66 17.07 -10.68
N VAL B 157 52.72 18.38 -10.45
CA VAL B 157 51.54 19.14 -10.08
C VAL B 157 51.27 20.32 -11.00
N TYR B 158 52.17 20.60 -11.94
CA TYR B 158 51.98 21.74 -12.83
C TYR B 158 52.81 21.52 -14.09
N MET B 159 52.24 21.89 -15.24
CA MET B 159 52.94 21.86 -16.52
C MET B 159 52.44 23.05 -17.33
N SER B 160 53.32 24.03 -17.54
CA SER B 160 52.89 25.26 -18.20
C SER B 160 52.65 25.02 -19.68
N GLN B 161 52.14 26.05 -20.35
CA GLN B 161 52.09 26.04 -21.80
C GLN B 161 53.50 26.09 -22.37
N THR B 162 53.61 25.76 -23.66
CA THR B 162 54.90 25.78 -24.33
C THR B 162 55.26 27.21 -24.73
N PHE B 163 56.48 27.62 -24.41
CA PHE B 163 57.01 28.93 -24.79
C PHE B 163 58.10 28.74 -25.85
N CYS B 164 58.51 29.86 -26.45
CA CYS B 164 59.46 29.83 -27.56
C CYS B 164 60.48 30.94 -27.44
N THR B 165 61.76 30.58 -27.53
CA THR B 165 62.85 31.55 -27.60
C THR B 165 63.86 31.06 -28.63
N LYS B 166 64.09 31.88 -29.66
CA LYS B 166 65.01 31.53 -30.74
C LYS B 166 64.63 30.19 -31.37
N ASN B 167 63.33 30.00 -31.62
CA ASN B 167 62.77 28.79 -32.21
C ASN B 167 62.98 27.55 -31.34
N ILE B 168 63.19 27.74 -30.03
CA ILE B 168 63.38 26.64 -29.09
C ILE B 168 62.16 26.57 -28.18
N SER B 169 61.53 25.40 -28.11
CA SER B 169 60.36 25.19 -27.26
C SER B 169 60.80 24.76 -25.87
N TYR B 170 60.05 25.21 -24.86
CA TYR B 170 60.33 24.81 -23.49
C TYR B 170 59.08 24.92 -22.63
N ASP B 171 59.07 24.14 -21.55
CA ASP B 171 57.98 24.05 -20.60
C ASP B 171 58.45 24.52 -19.22
N PHE B 172 57.50 24.58 -18.30
CA PHE B 172 57.79 24.83 -16.89
C PHE B 172 56.94 23.89 -16.06
N MET B 173 57.57 23.03 -15.28
CA MET B 173 56.85 22.05 -14.47
C MET B 173 57.23 22.20 -13.00
N ILE B 174 56.34 21.70 -12.15
CA ILE B 174 56.55 21.67 -10.71
C ILE B 174 56.31 20.23 -10.25
N PHE B 175 57.21 19.72 -9.41
CA PHE B 175 57.07 18.40 -8.82
C PHE B 175 57.05 18.54 -7.31
N GLU B 176 56.05 17.93 -6.67
CA GLU B 176 55.94 17.91 -5.22
C GLU B 176 56.26 16.53 -4.68
N LYS B 177 56.84 16.49 -3.49
CA LYS B 177 57.12 15.22 -2.83
C LYS B 177 55.92 14.80 -2.00
N GLN B 178 55.58 13.52 -2.08
CA GLN B 178 54.38 13.01 -1.43
C GLN B 178 54.61 12.75 0.06
N GLU B 179 53.56 12.99 0.85
CA GLU B 179 53.59 12.74 2.29
C GLU B 179 52.83 11.46 2.62
N LYS B 180 52.13 11.45 3.75
CA LYS B 180 51.37 10.29 4.17
C LYS B 180 49.87 10.58 4.18
N LEU B 193 34.34 24.95 1.39
CA LEU B 193 34.50 23.99 0.31
C LEU B 193 34.17 22.57 0.78
N LYS B 194 34.40 22.32 2.07
CA LYS B 194 34.12 21.00 2.63
C LYS B 194 32.65 20.62 2.47
N SER B 195 31.75 21.57 2.70
CA SER B 195 30.32 21.30 2.63
C SER B 195 29.73 21.45 1.23
N ILE B 196 30.38 22.19 0.34
CA ILE B 196 29.85 22.36 -1.01
C ILE B 196 29.90 21.05 -1.77
N ASP B 197 31.03 20.34 -1.69
CA ASP B 197 31.14 19.06 -2.39
C ASP B 197 30.16 18.03 -1.85
N ASP B 198 29.84 18.08 -0.56
CA ASP B 198 28.87 17.16 0.01
C ASP B 198 27.47 17.44 -0.50
N THR B 199 27.09 18.71 -0.57
CA THR B 199 25.75 19.07 -1.04
C THR B 199 25.55 18.67 -2.50
N VAL B 200 26.56 18.88 -3.34
CA VAL B 200 26.45 18.51 -4.75
C VAL B 200 26.32 17.00 -4.90
N ASP B 201 27.04 16.25 -4.05
CA ASP B 201 26.92 14.79 -4.10
C ASP B 201 25.52 14.34 -3.70
N LEU B 202 24.94 14.96 -2.67
CA LEU B 202 23.60 14.59 -2.24
C LEU B 202 22.57 14.92 -3.31
N LEU B 203 22.69 16.10 -3.93
CA LEU B 203 21.79 16.45 -5.01
C LEU B 203 21.94 15.48 -6.18
N GLY B 204 23.14 14.93 -6.39
CA GLY B 204 23.34 13.95 -7.43
C GLY B 204 22.75 12.59 -7.12
N GLU B 205 22.49 12.30 -5.85
CA GLU B 205 21.84 11.05 -5.50
C GLU B 205 20.33 11.14 -5.68
N ILE B 206 19.75 12.28 -5.32
CA ILE B 206 18.32 12.53 -5.47
C ILE B 206 17.94 12.49 -6.94
N PHE B 207 18.41 13.47 -7.70
CA PHE B 207 18.21 13.50 -9.14
C PHE B 207 19.23 12.59 -9.80
N GLY B 208 18.77 11.75 -10.72
CA GLY B 208 19.70 10.86 -11.40
C GLY B 208 20.47 11.61 -12.47
N ILE B 209 20.14 11.34 -13.73
CA ILE B 209 20.71 12.08 -14.84
C ILE B 209 19.86 13.34 -15.07
N ARG B 210 18.99 13.63 -14.11
CA ARG B 210 18.26 14.89 -14.15
C ARG B 210 19.17 16.06 -13.81
N LYS B 211 20.16 15.83 -12.96
CA LYS B 211 21.17 16.84 -12.67
C LYS B 211 22.23 16.80 -13.76
N MET B 212 22.42 17.93 -14.44
CA MET B 212 23.29 17.96 -15.61
C MET B 212 24.73 17.60 -15.28
N GLY B 213 25.15 17.82 -14.04
CA GLY B 213 26.50 17.41 -13.64
C GLY B 213 26.71 15.92 -13.80
N ASN B 214 25.68 15.12 -13.50
CA ASN B 214 25.81 13.68 -13.64
C ASN B 214 25.89 13.25 -15.10
N ARG B 215 25.46 14.11 -16.03
CA ARG B 215 25.66 13.86 -17.45
C ARG B 215 27.04 14.29 -17.93
N HIS B 216 27.79 15.01 -17.10
CA HIS B 216 29.14 15.45 -17.42
C HIS B 216 30.06 15.10 -16.24
N LYS B 217 30.13 13.81 -15.91
CA LYS B 217 30.91 13.39 -14.76
C LYS B 217 32.40 13.61 -15.00
N PHE B 218 33.09 13.99 -13.93
CA PHE B 218 34.54 14.15 -14.02
C PHE B 218 35.18 12.79 -14.26
N PRO B 219 36.15 12.70 -15.17
CA PRO B 219 36.73 11.40 -15.50
C PRO B 219 37.41 10.76 -14.29
N LYS B 220 37.32 9.44 -14.22
CA LYS B 220 38.00 8.72 -13.15
C LYS B 220 39.52 8.81 -13.36
N GLU B 221 40.25 8.62 -12.26
CA GLU B 221 41.70 8.76 -12.31
C GLU B 221 42.34 7.77 -13.27
N GLU B 222 41.75 6.59 -13.45
CA GLU B 222 42.33 5.57 -14.30
C GLU B 222 42.31 5.91 -15.78
N ILE B 223 41.60 6.97 -16.17
CA ILE B 223 41.56 7.38 -17.58
C ILE B 223 41.92 8.85 -17.69
N TYR B 224 42.52 9.41 -16.65
CA TYR B 224 42.92 10.80 -16.61
C TYR B 224 44.42 10.89 -16.83
N ASN B 225 44.84 11.56 -17.90
CA ASN B 225 46.25 11.66 -18.22
C ASN B 225 46.98 12.49 -17.15
N THR B 226 48.04 11.90 -16.58
CA THR B 226 48.85 12.52 -15.53
C THR B 226 47.94 13.07 -14.45
N PRO B 227 47.24 12.19 -13.72
CA PRO B 227 46.20 12.68 -12.80
C PRO B 227 46.72 13.47 -11.61
N SER B 228 48.02 13.40 -11.32
CA SER B 228 48.57 14.16 -10.20
C SER B 228 48.57 15.67 -10.47
N ILE B 229 48.50 16.08 -11.73
CA ILE B 229 48.40 17.48 -12.10
C ILE B 229 46.91 17.84 -12.07
N ARG B 230 46.45 18.37 -10.94
CA ARG B 230 45.05 18.70 -10.76
C ARG B 230 44.73 20.13 -11.19
N PHE B 231 45.46 21.11 -10.66
CA PHE B 231 45.17 22.52 -10.89
C PHE B 231 46.14 23.19 -11.84
N GLY B 232 47.10 22.46 -12.40
CA GLY B 232 48.10 23.07 -13.26
C GLY B 232 48.12 22.48 -14.66
N ARG B 233 46.94 22.19 -15.19
CA ARG B 233 46.83 21.56 -16.51
C ARG B 233 46.88 22.64 -17.60
N GLU B 234 48.03 23.33 -17.66
CA GLU B 234 48.15 24.47 -18.54
C GLU B 234 48.57 24.10 -19.95
N HIS B 235 49.39 23.07 -20.11
CA HIS B 235 49.78 22.62 -21.44
C HIS B 235 48.55 22.30 -22.26
N TYR B 236 48.41 22.97 -23.40
CA TYR B 236 47.17 22.89 -24.16
C TYR B 236 46.99 21.57 -24.89
N GLU B 237 47.94 20.64 -24.79
CA GLU B 237 47.65 19.27 -25.23
C GLU B 237 46.65 18.59 -24.30
N PHE B 238 46.54 19.06 -23.05
CA PHE B 238 45.51 18.57 -22.15
C PHE B 238 44.11 18.93 -22.64
N GLN B 239 43.98 19.95 -23.50
CA GLN B 239 42.69 20.26 -24.08
C GLN B 239 42.18 19.14 -24.97
N TYR B 240 43.10 18.37 -25.57
CA TYR B 240 42.75 17.19 -26.35
C TYR B 240 42.70 15.93 -25.49
N LEU B 241 43.68 15.75 -24.60
CA LEU B 241 43.73 14.55 -23.78
C LEU B 241 42.55 14.47 -22.81
N ASP B 242 42.16 15.61 -22.23
CA ASP B 242 41.03 15.60 -21.30
C ASP B 242 39.72 15.37 -22.03
N LEU B 243 39.61 15.78 -23.29
CA LEU B 243 38.43 15.45 -24.08
C LEU B 243 38.32 13.95 -24.31
N LEU B 244 39.46 13.29 -24.54
CA LEU B 244 39.47 11.83 -24.60
C LEU B 244 38.98 11.24 -23.28
N SER B 245 39.48 11.76 -22.17
CA SER B 245 39.05 11.26 -20.86
C SER B 245 37.57 11.52 -20.63
N ARG B 246 37.07 12.67 -21.09
CA ARG B 246 35.66 13.00 -20.88
C ARG B 246 34.76 12.09 -21.70
N VAL B 247 35.22 11.64 -22.87
CA VAL B 247 34.41 10.74 -23.69
C VAL B 247 34.43 9.33 -23.13
N LEU B 248 35.60 8.86 -22.67
CA LEU B 248 35.66 7.53 -22.07
C LEU B 248 34.79 7.43 -20.83
N GLU B 249 34.55 8.55 -20.15
CA GLU B 249 33.76 8.54 -18.93
C GLU B 249 32.26 8.67 -19.19
N ASN B 250 31.86 9.54 -20.12
CA ASN B 250 30.46 9.85 -20.34
C ASN B 250 29.94 9.41 -21.69
N GLY B 251 30.76 8.77 -22.52
CA GLY B 251 30.37 8.47 -23.88
C GLY B 251 29.26 7.44 -23.95
N ALA B 252 28.23 7.73 -24.74
CA ALA B 252 27.12 6.81 -24.94
C ALA B 252 27.45 5.86 -26.10
N TYR B 253 27.27 4.56 -25.87
CA TYR B 253 27.51 3.57 -26.91
C TYR B 253 26.43 3.71 -27.98
N ARG B 254 26.83 4.09 -29.19
CA ARG B 254 25.90 4.39 -30.27
C ARG B 254 26.41 3.80 -31.58
N GLU B 255 25.49 3.33 -32.40
CA GLU B 255 25.82 2.86 -33.73
C GLU B 255 25.83 4.03 -34.72
N ASN B 256 26.36 3.78 -35.91
CA ASN B 256 26.45 4.81 -36.95
C ASN B 256 26.50 4.11 -38.30
N ARG B 257 26.72 4.90 -39.37
CA ARG B 257 26.68 4.37 -40.73
C ARG B 257 27.73 3.29 -40.98
N THR B 258 28.81 3.25 -40.21
CA THR B 258 29.80 2.20 -40.34
C THR B 258 29.46 1.04 -39.41
N GLY B 259 30.20 -0.05 -39.57
CA GLY B 259 30.01 -1.19 -38.70
C GLY B 259 30.65 -1.08 -37.34
N ILE B 260 31.37 0.02 -37.08
CA ILE B 260 32.10 0.22 -35.84
C ILE B 260 31.33 1.22 -34.99
N SER B 261 30.85 0.75 -33.84
CA SER B 261 30.14 1.63 -32.93
C SER B 261 31.12 2.56 -32.22
N THR B 262 30.58 3.65 -31.67
CA THR B 262 31.39 4.66 -31.00
C THR B 262 30.85 4.92 -29.61
N TYR B 263 31.65 5.61 -28.82
CA TYR B 263 31.22 6.23 -27.57
C TYR B 263 31.22 7.73 -27.78
N SER B 264 30.05 8.35 -27.71
CA SER B 264 29.85 9.71 -28.22
C SER B 264 29.24 10.61 -27.15
N ILE B 265 29.76 11.83 -27.07
CA ILE B 265 29.11 12.93 -26.35
C ILE B 265 28.95 14.09 -27.33
N PHE B 266 28.14 15.07 -26.92
CA PHE B 266 27.76 16.17 -27.80
C PHE B 266 28.11 17.51 -27.17
N GLY B 267 28.78 18.37 -27.94
CA GLY B 267 29.09 19.72 -27.50
C GLY B 267 30.35 19.85 -26.67
N GLN B 268 31.50 19.89 -27.32
CA GLN B 268 32.78 20.03 -26.64
C GLN B 268 33.64 21.06 -27.37
N MET B 269 34.67 21.56 -26.68
CA MET B 269 35.56 22.54 -27.26
C MET B 269 37.00 22.30 -26.82
N MET B 270 37.93 22.71 -27.68
CA MET B 270 39.36 22.68 -27.39
C MET B 270 39.97 24.04 -27.72
N ARG B 271 41.01 24.39 -26.97
CA ARG B 271 41.67 25.69 -27.10
C ARG B 271 43.17 25.46 -27.25
N PHE B 272 43.78 26.15 -28.21
CA PHE B 272 45.20 25.99 -28.47
C PHE B 272 45.86 27.35 -28.71
N ASP B 273 47.10 27.46 -28.28
CA ASP B 273 47.93 28.61 -28.57
C ASP B 273 48.71 28.37 -29.85
N MET B 274 48.92 29.45 -30.61
CA MET B 274 49.78 29.40 -31.79
C MET B 274 50.83 30.49 -31.81
N ARG B 275 50.86 31.37 -30.80
CA ARG B 275 51.88 32.42 -30.75
C ARG B 275 53.25 31.85 -30.39
N GLU B 276 53.31 31.02 -29.34
CA GLU B 276 54.58 30.53 -28.83
C GLU B 276 54.85 29.07 -29.15
N SER B 277 53.95 28.39 -29.86
CA SER B 277 54.14 26.97 -30.18
C SER B 277 53.16 26.58 -31.29
N PHE B 278 53.25 25.32 -31.71
CA PHE B 278 52.40 24.77 -32.76
C PHE B 278 51.68 23.55 -32.22
N PRO B 279 50.35 23.49 -32.27
CA PRO B 279 49.62 22.40 -31.60
C PRO B 279 49.71 21.06 -32.30
N LEU B 280 50.90 20.47 -32.36
CA LEU B 280 51.09 19.12 -32.88
C LEU B 280 51.29 18.19 -31.69
N LEU B 281 50.44 17.17 -31.58
CA LEU B 281 50.43 16.32 -30.40
C LEU B 281 51.77 15.61 -30.21
N THR B 282 52.24 15.59 -28.96
CA THR B 282 53.49 14.92 -28.63
C THR B 282 53.28 13.52 -28.07
N THR B 283 52.08 13.20 -27.58
CA THR B 283 51.81 11.87 -27.04
C THR B 283 51.68 10.81 -28.13
N LYS B 284 51.77 11.21 -29.40
CA LYS B 284 51.76 10.29 -30.52
C LYS B 284 52.39 11.00 -31.72
N LYS B 285 53.22 10.27 -32.46
CA LYS B 285 53.85 10.83 -33.65
C LYS B 285 52.79 11.05 -34.72
N VAL B 286 52.50 12.32 -35.01
CA VAL B 286 51.44 12.68 -35.96
C VAL B 286 52.05 12.87 -37.35
N ALA B 287 51.43 12.24 -38.35
CA ALA B 287 51.88 12.35 -39.73
C ALA B 287 51.67 13.76 -40.27
N ILE B 288 52.65 14.64 -40.01
CA ILE B 288 52.49 16.05 -40.37
C ILE B 288 52.53 16.25 -41.88
N ARG B 289 53.29 15.43 -42.61
CA ARG B 289 53.39 15.63 -44.05
C ARG B 289 52.05 15.39 -44.74
N SER B 290 51.34 14.33 -44.35
CA SER B 290 50.04 14.06 -44.95
C SER B 290 49.03 15.15 -44.63
N ILE B 291 49.11 15.72 -43.42
CA ILE B 291 48.21 16.82 -43.05
C ILE B 291 48.39 18.00 -43.97
N PHE B 292 49.64 18.39 -44.22
CA PHE B 292 49.91 19.53 -45.09
C PHE B 292 49.43 19.26 -46.51
N GLU B 293 49.82 18.10 -47.07
CA GLU B 293 49.49 17.82 -48.45
C GLU B 293 47.99 17.72 -48.67
N GLU B 294 47.22 17.40 -47.63
CA GLU B 294 45.77 17.46 -47.74
C GLU B 294 45.27 18.90 -47.69
N LEU B 295 45.91 19.75 -46.89
CA LEU B 295 45.45 21.13 -46.75
C LEU B 295 45.71 21.92 -48.02
N ILE B 296 46.91 21.81 -48.59
CA ILE B 296 47.19 22.51 -49.84
C ILE B 296 46.32 21.95 -50.96
N TRP B 297 45.92 20.67 -50.85
CA TRP B 297 44.97 20.09 -51.78
C TRP B 297 43.62 20.81 -51.70
N PHE B 298 43.18 21.14 -50.48
CA PHE B 298 41.96 21.93 -50.31
C PHE B 298 42.15 23.33 -50.88
N ILE B 299 43.28 23.98 -50.54
CA ILE B 299 43.50 25.37 -50.92
C ILE B 299 43.50 25.53 -52.43
N LYS B 300 44.17 24.61 -53.15
CA LYS B 300 44.21 24.66 -54.60
C LYS B 300 42.86 24.41 -55.24
N GLY B 301 41.84 24.05 -54.46
CA GLY B 301 40.54 23.77 -55.02
C GLY B 301 40.38 22.38 -55.59
N ASP B 302 41.29 21.47 -55.31
CA ASP B 302 41.33 20.18 -55.98
C ASP B 302 40.45 19.17 -55.25
N THR B 303 39.66 18.43 -56.03
CA THR B 303 38.88 17.31 -55.51
C THR B 303 39.27 15.99 -56.15
N ASN B 304 40.37 15.95 -56.90
CA ASN B 304 40.86 14.73 -57.52
C ASN B 304 41.63 13.93 -56.47
N GLY B 305 41.03 12.83 -56.00
CA GLY B 305 41.65 12.01 -54.98
C GLY B 305 42.92 11.31 -55.43
N ASN B 306 43.14 11.20 -56.74
CA ASN B 306 44.36 10.57 -57.23
C ASN B 306 45.58 11.42 -56.92
N HIS B 307 45.44 12.74 -56.89
CA HIS B 307 46.58 13.62 -56.66
C HIS B 307 47.17 13.42 -55.27
N LEU B 308 46.38 12.96 -54.31
CA LEU B 308 46.93 12.66 -52.99
C LEU B 308 47.63 11.30 -52.98
N ILE B 309 47.08 10.32 -53.69
CA ILE B 309 47.72 9.01 -53.75
C ILE B 309 49.04 9.08 -54.50
N GLU B 310 49.12 9.96 -55.51
CA GLU B 310 50.39 10.13 -56.24
C GLU B 310 51.48 10.67 -55.34
N LYS B 311 51.12 11.40 -54.30
CA LYS B 311 52.08 11.92 -53.32
C LYS B 311 52.16 11.04 -52.07
N LYS B 312 51.74 9.78 -52.19
CA LYS B 312 51.82 8.81 -51.09
C LYS B 312 51.03 9.25 -49.87
N VAL B 313 49.82 9.76 -50.10
CA VAL B 313 48.89 10.14 -49.05
C VAL B 313 47.57 9.44 -49.33
N TYR B 314 47.21 8.47 -48.48
CA TYR B 314 46.09 7.57 -48.75
C TYR B 314 44.95 7.73 -47.75
N ILE B 315 44.81 8.92 -47.14
CA ILE B 315 43.77 9.08 -46.14
C ILE B 315 42.39 9.13 -46.79
N TRP B 316 42.30 9.53 -48.05
CA TRP B 316 41.04 9.61 -48.75
C TRP B 316 40.80 8.41 -49.67
N SER B 317 41.65 7.38 -49.59
CA SER B 317 41.44 6.20 -50.41
C SER B 317 40.25 5.38 -49.92
N GLY B 318 39.96 5.42 -48.62
CA GLY B 318 38.85 4.64 -48.10
C GLY B 318 37.51 5.11 -48.63
N ASN B 319 37.30 6.43 -48.63
CA ASN B 319 36.08 7.02 -49.16
C ASN B 319 36.15 7.30 -50.65
N GLY B 320 37.12 6.71 -51.35
CA GLY B 320 37.27 6.94 -52.77
C GLY B 320 37.51 5.70 -53.59
N SER B 321 36.95 4.57 -53.17
CA SER B 321 37.02 3.33 -53.92
C SER B 321 35.76 3.16 -54.76
N LYS B 322 35.89 2.44 -55.88
CA LYS B 322 34.74 2.20 -56.74
C LYS B 322 33.62 1.47 -56.01
N GLU B 323 33.98 0.60 -55.06
CA GLU B 323 32.97 -0.14 -54.30
C GLU B 323 32.21 0.78 -53.35
N TYR B 324 32.90 1.76 -52.77
CA TYR B 324 32.25 2.68 -51.84
C TYR B 324 31.32 3.64 -52.58
N LEU B 325 31.74 4.14 -53.74
CA LEU B 325 30.92 5.11 -54.47
C LEU B 325 29.65 4.45 -55.01
N GLU B 326 29.75 3.25 -55.56
CA GLU B 326 28.56 2.54 -56.00
C GLU B 326 27.67 2.14 -54.83
N ARG B 327 28.25 1.99 -53.63
CA ARG B 327 27.46 1.61 -52.47
C ARG B 327 26.58 2.75 -51.98
N ILE B 328 27.05 4.00 -52.11
CA ILE B 328 26.29 5.16 -51.67
C ILE B 328 25.53 5.82 -52.82
N GLY B 329 25.50 5.20 -53.99
CA GLY B 329 24.72 5.73 -55.09
C GLY B 329 25.45 6.67 -56.03
N LEU B 330 26.77 6.53 -56.16
CA LEU B 330 27.57 7.36 -57.06
C LEU B 330 28.41 6.48 -57.97
N GLY B 331 27.82 5.41 -58.50
CA GLY B 331 28.54 4.50 -59.38
C GLY B 331 28.92 5.12 -60.71
N HIS B 332 28.21 6.17 -61.14
CA HIS B 332 28.57 6.89 -62.36
C HIS B 332 29.88 7.63 -62.24
N ARG B 333 30.42 7.77 -61.03
CA ARG B 333 31.59 8.59 -60.77
C ARG B 333 32.87 7.78 -61.02
N GLU B 334 33.94 8.49 -61.37
CA GLU B 334 35.23 7.85 -61.58
C GLU B 334 35.79 7.34 -60.24
N GLU B 335 36.91 6.61 -60.33
CA GLU B 335 37.45 5.89 -59.18
C GLU B 335 37.60 6.78 -57.95
N ASN B 336 38.44 7.82 -58.04
CA ASN B 336 38.73 8.67 -56.90
C ASN B 336 38.17 10.07 -57.07
N ASP B 337 37.09 10.22 -57.82
CA ASP B 337 36.42 11.51 -57.96
C ASP B 337 35.52 11.68 -56.74
N LEU B 338 36.02 12.39 -55.73
CA LEU B 338 35.29 12.52 -54.47
C LEU B 338 34.11 13.48 -54.59
N GLY B 339 34.08 14.29 -55.64
CA GLY B 339 32.99 15.20 -55.87
C GLY B 339 33.20 16.54 -55.19
N PRO B 340 32.18 17.41 -55.24
CA PRO B 340 32.34 18.75 -54.68
C PRO B 340 32.43 18.69 -53.16
N ILE B 341 33.62 18.85 -52.61
CA ILE B 341 33.85 18.71 -51.17
C ILE B 341 34.74 19.86 -50.74
N TYR B 342 35.42 19.71 -49.61
CA TYR B 342 36.43 20.69 -49.21
C TYR B 342 37.31 21.05 -50.40
N GLY B 343 37.52 22.35 -50.60
CA GLY B 343 38.26 22.83 -51.74
C GLY B 343 37.45 23.01 -52.98
N PHE B 344 36.21 22.54 -53.03
CA PHE B 344 35.33 22.95 -54.10
C PHE B 344 34.31 23.95 -53.61
N GLN B 345 33.88 23.83 -52.35
CA GLN B 345 33.11 24.87 -51.72
C GLN B 345 33.99 26.02 -51.24
N TRP B 346 35.29 25.79 -51.06
CA TRP B 346 36.19 26.87 -50.69
C TRP B 346 36.42 27.83 -51.86
N ARG B 347 36.61 27.29 -53.07
CA ARG B 347 36.97 28.10 -54.22
C ARG B 347 35.85 28.28 -55.23
N HIS B 348 34.88 27.36 -55.28
CA HIS B 348 33.79 27.42 -56.25
C HIS B 348 32.47 27.07 -55.58
N TYR B 349 32.07 27.86 -54.58
CA TYR B 349 30.84 27.58 -53.85
C TYR B 349 29.62 27.74 -54.76
N ASN B 350 28.68 26.80 -54.63
CA ASN B 350 27.47 26.75 -55.46
C ASN B 350 27.77 26.55 -56.93
N GLY B 351 28.95 26.02 -57.25
CA GLY B 351 29.28 25.76 -58.64
C GLY B 351 28.74 24.41 -59.09
N GLU B 352 28.26 24.39 -60.34
CA GLU B 352 27.74 23.15 -60.92
C GLU B 352 28.89 22.17 -61.12
N TYR B 353 28.88 21.09 -60.36
CA TYR B 353 29.96 20.11 -60.42
C TYR B 353 29.64 19.07 -61.48
N LYS B 354 30.58 18.88 -62.41
CA LYS B 354 30.47 17.80 -63.40
C LYS B 354 31.37 16.64 -63.00
N THR B 355 32.64 16.71 -63.39
CA THR B 355 33.64 15.74 -62.98
C THR B 355 34.84 16.49 -62.40
N MET B 356 35.85 15.73 -61.97
CA MET B 356 37.05 16.31 -61.37
C MET B 356 38.07 16.79 -62.39
N HIS B 357 37.86 16.51 -63.68
CA HIS B 357 38.80 16.90 -64.72
C HIS B 357 38.42 18.22 -65.40
N ASP B 358 37.23 18.73 -65.16
CA ASP B 358 36.74 19.91 -65.85
C ASP B 358 37.41 21.17 -65.32
N ASP B 359 37.32 22.24 -66.10
CA ASP B 359 37.91 23.53 -65.75
C ASP B 359 36.85 24.38 -65.06
N TYR B 360 37.06 24.69 -63.78
CA TYR B 360 36.11 25.43 -62.97
C TYR B 360 36.56 26.86 -62.70
N THR B 361 37.50 27.39 -63.47
CA THR B 361 37.95 28.75 -63.27
C THR B 361 36.82 29.71 -63.60
N GLY B 362 36.45 30.56 -62.64
CA GLY B 362 35.43 31.57 -62.82
C GLY B 362 34.07 31.19 -62.25
N VAL B 363 33.78 29.88 -62.14
CA VAL B 363 32.48 29.43 -61.64
C VAL B 363 32.54 29.29 -60.13
N GLY B 364 31.41 29.57 -59.48
CA GLY B 364 31.30 29.47 -58.04
C GLY B 364 31.82 30.71 -57.34
N VAL B 365 31.63 30.72 -56.02
CA VAL B 365 32.06 31.83 -55.17
C VAL B 365 33.39 31.45 -54.53
N ASP B 366 34.42 32.25 -54.79
CA ASP B 366 35.74 32.00 -54.24
C ASP B 366 35.79 32.56 -52.82
N GLN B 367 35.43 31.71 -51.84
CA GLN B 367 35.43 32.14 -50.46
C GLN B 367 36.85 32.42 -49.96
N LEU B 368 37.80 31.57 -50.32
CA LEU B 368 39.16 31.74 -49.83
C LEU B 368 39.76 33.05 -50.32
N ALA B 369 39.51 33.41 -51.58
CA ALA B 369 40.02 34.67 -52.10
C ALA B 369 39.37 35.86 -51.40
N LYS B 370 38.05 35.81 -51.23
CA LYS B 370 37.36 36.89 -50.52
C LYS B 370 37.82 36.96 -49.06
N LEU B 371 38.12 35.82 -48.45
CA LEU B 371 38.58 35.83 -47.07
C LEU B 371 39.92 36.54 -46.95
N ILE B 372 40.86 36.23 -47.84
CA ILE B 372 42.17 36.86 -47.80
C ILE B 372 42.05 38.36 -48.07
N GLU B 373 41.22 38.73 -49.04
CA GLU B 373 41.06 40.16 -49.37
C GLU B 373 40.34 40.91 -48.27
N THR B 374 39.42 40.25 -47.56
CA THR B 374 38.72 40.92 -46.46
C THR B 374 39.60 41.02 -45.22
N LEU B 375 40.43 40.01 -44.96
CA LEU B 375 41.30 40.06 -43.78
C LEU B 375 42.31 41.21 -43.89
N LYS B 376 42.68 41.59 -45.11
CA LYS B 376 43.66 42.66 -45.30
C LYS B 376 43.01 44.03 -45.36
N ASN B 377 41.85 44.16 -46.01
CA ASN B 377 41.21 45.45 -46.22
C ASN B 377 40.30 45.85 -45.06
N ASN B 378 39.62 44.89 -44.42
CA ASN B 378 38.74 45.14 -43.29
C ASN B 378 39.05 44.12 -42.20
N PRO B 379 40.10 44.36 -41.40
CA PRO B 379 40.51 43.33 -40.44
C PRO B 379 39.52 43.13 -39.30
N LYS B 380 38.92 44.21 -38.79
CA LYS B 380 38.00 44.10 -37.67
C LYS B 380 36.57 43.77 -38.11
N ASP B 381 36.38 43.40 -39.37
CA ASP B 381 35.10 42.90 -39.83
C ASP B 381 34.75 41.61 -39.09
N ARG B 382 33.45 41.42 -38.83
CA ARG B 382 32.97 40.27 -38.07
C ARG B 382 32.42 39.16 -38.96
N ARG B 383 32.80 39.13 -40.24
CA ARG B 383 32.21 38.19 -41.19
C ARG B 383 33.26 37.42 -41.96
N HIS B 384 34.42 37.18 -41.34
CA HIS B 384 35.49 36.40 -41.95
C HIS B 384 35.15 34.91 -41.81
N ILE B 385 34.24 34.46 -42.66
CA ILE B 385 33.64 33.14 -42.54
C ILE B 385 34.02 32.30 -43.76
N LEU B 386 34.40 31.05 -43.50
CA LEU B 386 34.68 30.07 -44.55
C LEU B 386 33.84 28.83 -44.25
N THR B 387 32.82 28.59 -45.07
CA THR B 387 31.90 27.48 -44.86
C THR B 387 32.08 26.42 -45.94
N ALA B 388 31.72 25.19 -45.58
CA ALA B 388 31.74 24.07 -46.52
C ALA B 388 30.44 23.29 -46.54
N TRP B 389 29.43 23.69 -45.76
CA TRP B 389 28.16 22.99 -45.68
C TRP B 389 27.21 23.60 -46.72
N ASN B 390 27.06 22.93 -47.85
CA ASN B 390 26.17 23.36 -48.92
C ASN B 390 25.11 22.29 -49.14
N PRO B 391 23.88 22.50 -48.66
CA PRO B 391 22.85 21.44 -48.80
C PRO B 391 22.56 21.06 -50.24
N SER B 392 22.76 21.97 -51.20
CA SER B 392 22.48 21.66 -52.59
C SER B 392 23.48 20.69 -53.20
N ALA B 393 24.65 20.53 -52.58
CA ALA B 393 25.71 19.67 -53.11
C ALA B 393 26.01 18.46 -52.23
N LEU B 394 25.33 18.30 -51.10
CA LEU B 394 25.67 17.21 -50.18
C LEU B 394 25.50 15.85 -50.84
N SER B 395 24.45 15.69 -51.66
CA SER B 395 24.18 14.38 -52.27
C SER B 395 25.29 13.96 -53.24
N GLN B 396 25.99 14.94 -53.83
CA GLN B 396 27.05 14.63 -54.77
C GLN B 396 28.40 14.40 -54.11
N MET B 397 28.54 14.73 -52.83
CA MET B 397 29.81 14.56 -52.13
C MET B 397 30.02 13.09 -51.77
N ALA B 398 31.28 12.64 -51.85
CA ALA B 398 31.61 11.30 -51.36
C ALA B 398 31.43 11.20 -49.84
N LEU B 399 31.49 12.32 -49.14
CA LEU B 399 31.32 12.37 -47.70
C LEU B 399 30.96 13.79 -47.31
N PRO B 400 29.94 13.98 -46.48
CA PRO B 400 29.61 15.34 -46.04
C PRO B 400 30.77 15.93 -45.25
N PRO B 401 30.93 17.25 -45.29
CA PRO B 401 32.07 17.87 -44.59
C PRO B 401 31.94 17.70 -43.08
N CYS B 402 33.07 17.39 -42.44
CA CYS B 402 33.11 17.31 -40.99
C CYS B 402 33.46 18.65 -40.37
N HIS B 403 34.53 19.29 -40.84
CA HIS B 403 34.79 20.68 -40.46
C HIS B 403 33.98 21.57 -41.39
N VAL B 404 32.83 22.02 -40.90
CA VAL B 404 31.80 22.61 -41.77
C VAL B 404 31.97 24.12 -41.91
N LEU B 405 32.37 24.81 -40.85
CA LEU B 405 32.44 26.26 -40.89
C LEU B 405 33.55 26.75 -39.98
N SER B 406 34.26 27.78 -40.42
CA SER B 406 35.35 28.37 -39.66
C SER B 406 35.29 29.89 -39.78
N GLN B 407 35.67 30.56 -38.69
CA GLN B 407 35.70 32.02 -38.63
C GLN B 407 37.08 32.49 -38.20
N TYR B 408 37.47 33.66 -38.70
CA TYR B 408 38.80 34.20 -38.47
C TYR B 408 38.69 35.62 -37.91
N TYR B 409 39.72 36.01 -37.16
CA TYR B 409 39.65 37.20 -36.31
C TYR B 409 41.03 37.84 -36.26
N VAL B 410 41.07 39.14 -36.46
CA VAL B 410 42.31 39.91 -36.40
C VAL B 410 42.33 40.68 -35.08
N THR B 411 43.32 40.39 -34.23
CA THR B 411 43.41 41.07 -32.96
C THR B 411 43.99 42.47 -33.13
N ASN B 412 43.96 43.25 -32.05
CA ASN B 412 44.48 44.61 -32.12
C ASN B 412 45.99 44.66 -32.25
N ASP B 413 46.69 43.57 -31.95
CA ASP B 413 48.14 43.48 -32.16
C ASP B 413 48.49 42.63 -33.39
N ASN B 414 47.63 42.66 -34.41
CA ASN B 414 47.92 42.07 -35.72
C ASN B 414 48.21 40.58 -35.61
N CYS B 415 47.38 39.88 -34.85
CA CYS B 415 47.40 38.42 -34.79
C CYS B 415 46.11 37.87 -35.38
N LEU B 416 46.19 36.66 -35.93
CA LEU B 416 45.07 36.03 -36.60
C LEU B 416 44.65 34.79 -35.80
N SER B 417 43.47 34.85 -35.21
CA SER B 417 42.89 33.70 -34.51
C SER B 417 41.88 33.00 -35.41
N CYS B 418 41.54 31.77 -35.04
CA CYS B 418 40.67 30.92 -35.84
C CYS B 418 39.73 30.13 -34.94
N ASN B 419 38.45 30.10 -35.30
CA ASN B 419 37.46 29.23 -34.70
C ASN B 419 36.97 28.23 -35.75
N LEU B 420 36.76 26.99 -35.32
CA LEU B 420 36.25 25.95 -36.20
C LEU B 420 35.12 25.19 -35.52
N TYR B 421 34.00 25.02 -36.22
CA TYR B 421 32.96 24.10 -35.78
C TYR B 421 33.01 22.86 -36.66
N GLN B 422 33.19 21.70 -36.04
CA GLN B 422 33.19 20.42 -36.75
C GLN B 422 32.05 19.57 -36.20
N ARG B 423 31.14 19.17 -37.10
CA ARG B 423 29.93 18.46 -36.68
C ARG B 423 30.25 17.08 -36.11
N SER B 424 31.25 16.40 -36.66
CA SER B 424 31.58 15.05 -36.26
C SER B 424 33.10 14.95 -36.14
N CYS B 425 33.57 14.33 -35.06
CA CYS B 425 34.98 14.36 -34.72
C CYS B 425 35.43 12.96 -34.31
N ASP B 426 36.22 12.32 -35.17
CA ASP B 426 36.92 11.08 -34.84
C ASP B 426 38.12 11.45 -33.98
N LEU B 427 37.99 11.27 -32.67
CA LEU B 427 39.05 11.68 -31.76
C LEU B 427 40.32 10.86 -31.91
N GLY B 428 40.23 9.67 -32.51
CA GLY B 428 41.41 8.84 -32.69
C GLY B 428 42.23 9.24 -33.90
N LEU B 429 41.56 9.57 -35.00
CA LEU B 429 42.24 9.88 -36.26
C LEU B 429 42.01 11.31 -36.73
N GLY B 430 40.76 11.74 -36.85
CA GLY B 430 40.49 13.03 -37.45
C GLY B 430 40.91 14.20 -36.58
N SER B 431 40.68 14.10 -35.27
CA SER B 431 40.94 15.24 -34.39
C SER B 431 42.40 15.67 -34.39
N PRO B 432 43.39 14.76 -34.23
CA PRO B 432 44.79 15.23 -34.34
C PRO B 432 45.09 15.88 -35.67
N PHE B 433 44.45 15.44 -36.74
CA PHE B 433 44.63 16.09 -38.04
C PHE B 433 43.95 17.45 -38.07
N ASN B 434 42.72 17.55 -37.55
CA ASN B 434 42.00 18.82 -37.62
C ASN B 434 42.73 19.91 -36.83
N ILE B 435 43.32 19.54 -35.68
CA ILE B 435 44.05 20.52 -34.87
C ILE B 435 45.22 21.09 -35.65
N ALA B 436 46.02 20.21 -36.26
CA ALA B 436 47.19 20.67 -36.99
C ALA B 436 46.81 21.32 -38.32
N SER B 437 45.77 20.80 -38.98
CA SER B 437 45.43 21.29 -40.31
C SER B 437 44.98 22.74 -40.28
N TYR B 438 44.03 23.07 -39.39
CA TYR B 438 43.57 24.45 -39.32
C TYR B 438 44.58 25.37 -38.66
N ALA B 439 45.54 24.82 -37.91
CA ALA B 439 46.64 25.64 -37.42
C ALA B 439 47.54 26.09 -38.56
N ILE B 440 47.88 25.17 -39.47
CA ILE B 440 48.69 25.54 -40.63
C ILE B 440 47.95 26.54 -41.50
N LEU B 441 46.65 26.30 -41.73
CA LEU B 441 45.87 27.22 -42.55
C LEU B 441 45.88 28.63 -41.97
N THR B 442 45.75 28.74 -40.65
CA THR B 442 45.75 30.05 -40.02
C THR B 442 47.11 30.73 -40.17
N MET B 443 48.20 29.96 -40.08
CA MET B 443 49.53 30.54 -40.25
C MET B 443 49.76 30.95 -41.70
N MET B 444 49.26 30.16 -42.65
CA MET B 444 49.34 30.55 -44.05
C MET B 444 48.56 31.84 -44.30
N LEU B 445 47.33 31.91 -43.80
CA LEU B 445 46.54 33.12 -43.96
C LEU B 445 47.20 34.31 -43.28
N ALA B 446 47.94 34.07 -42.19
CA ALA B 446 48.57 35.18 -41.47
C ALA B 446 49.74 35.77 -42.27
N GLN B 447 50.53 34.91 -42.93
CA GLN B 447 51.66 35.43 -43.69
C GLN B 447 51.20 36.15 -44.94
N VAL B 448 50.22 35.60 -45.65
CA VAL B 448 49.73 36.22 -46.87
C VAL B 448 49.04 37.54 -46.57
N CYS B 449 48.48 37.68 -45.36
CA CYS B 449 47.80 38.91 -44.95
C CYS B 449 48.67 39.82 -44.11
N GLY B 450 49.86 39.37 -43.71
CA GLY B 450 50.76 40.21 -42.97
C GLY B 450 50.56 40.22 -41.47
N TYR B 451 50.02 39.16 -40.90
CA TYR B 451 49.78 39.06 -39.46
C TYR B 451 50.62 37.95 -38.86
N GLU B 452 50.52 37.79 -37.56
CA GLU B 452 51.13 36.72 -36.79
C GLU B 452 50.06 35.73 -36.35
N PRO B 453 50.43 34.48 -36.09
CA PRO B 453 49.43 33.51 -35.63
C PRO B 453 48.90 33.85 -34.25
N GLY B 454 47.62 33.56 -34.05
CA GLY B 454 46.97 33.86 -32.79
C GLY B 454 46.57 32.64 -31.99
N GLU B 455 45.27 32.43 -31.80
CA GLU B 455 44.76 31.30 -31.06
C GLU B 455 43.91 30.42 -31.98
N LEU B 456 43.74 29.16 -31.57
CA LEU B 456 42.91 28.20 -32.29
C LEU B 456 41.92 27.58 -31.32
N ALA B 457 40.62 27.72 -31.62
CA ALA B 457 39.57 27.09 -30.85
C ALA B 457 38.73 26.22 -31.77
N ILE B 458 38.48 24.98 -31.35
CA ILE B 458 37.71 24.02 -32.14
C ILE B 458 36.47 23.64 -31.34
N PHE B 459 35.30 23.89 -31.91
CA PHE B 459 34.03 23.55 -31.31
C PHE B 459 33.48 22.30 -31.98
N ILE B 460 33.11 21.30 -31.18
CA ILE B 460 32.82 19.96 -31.67
C ILE B 460 31.37 19.61 -31.36
N GLY B 461 30.69 19.03 -32.35
CA GLY B 461 29.39 18.47 -32.12
C GLY B 461 29.46 17.06 -31.60
N ASP B 462 29.51 16.07 -32.50
CA ASP B 462 29.54 14.66 -32.12
C ASP B 462 30.99 14.24 -31.91
N ALA B 463 31.46 14.40 -30.67
CA ALA B 463 32.79 13.95 -30.29
C ALA B 463 32.71 12.49 -29.86
N HIS B 464 33.41 11.62 -30.57
CA HIS B 464 33.25 10.19 -30.37
C HIS B 464 34.59 9.47 -30.50
N ILE B 465 34.61 8.25 -29.98
CA ILE B 465 35.76 7.35 -30.03
C ILE B 465 35.28 6.02 -30.58
N TYR B 466 35.89 5.56 -31.66
CA TYR B 466 35.53 4.26 -32.22
C TYR B 466 36.00 3.14 -31.30
N GLU B 467 35.18 2.09 -31.18
CA GLU B 467 35.43 1.06 -30.18
C GLU B 467 36.70 0.27 -30.45
N ASN B 468 37.20 0.27 -31.68
CA ASN B 468 38.47 -0.38 -32.00
C ASN B 468 39.67 0.52 -31.75
N HIS B 469 39.46 1.70 -31.15
CA HIS B 469 40.53 2.59 -30.75
C HIS B 469 40.71 2.63 -29.24
N LEU B 470 40.01 1.78 -28.49
CA LEU B 470 39.98 1.91 -27.03
C LEU B 470 41.33 1.58 -26.42
N THR B 471 41.91 0.44 -26.77
CA THR B 471 43.22 0.08 -26.23
C THR B 471 44.31 1.03 -26.72
N GLN B 472 44.16 1.56 -27.94
CA GLN B 472 45.14 2.48 -28.48
C GLN B 472 45.09 3.82 -27.75
N LEU B 473 43.89 4.39 -27.59
CA LEU B 473 43.76 5.70 -26.95
C LEU B 473 44.03 5.62 -25.45
N LYS B 474 43.75 4.48 -24.82
CA LYS B 474 44.13 4.32 -23.42
C LYS B 474 45.63 4.26 -23.26
N GLU B 475 46.33 3.68 -24.23
CA GLU B 475 47.79 3.70 -24.23
C GLU B 475 48.30 5.13 -24.38
N GLN B 476 47.68 5.92 -25.26
CA GLN B 476 48.10 7.31 -25.44
C GLN B 476 47.88 8.13 -24.17
N LEU B 477 46.83 7.84 -23.41
CA LEU B 477 46.57 8.58 -22.18
C LEU B 477 47.58 8.28 -21.09
N SER B 478 48.38 7.22 -21.24
CA SER B 478 49.39 6.86 -20.25
C SER B 478 50.70 7.62 -20.44
N ARG B 479 50.80 8.48 -21.45
CA ARG B 479 52.04 9.18 -21.77
C ARG B 479 51.93 10.62 -21.34
N THR B 480 52.81 11.03 -20.43
CA THR B 480 52.82 12.42 -19.99
C THR B 480 53.29 13.31 -21.14
N PRO B 481 52.58 14.41 -21.44
CA PRO B 481 52.94 15.21 -22.62
C PRO B 481 54.31 15.85 -22.51
N ARG B 482 54.83 16.24 -23.67
CA ARG B 482 56.09 16.95 -23.85
C ARG B 482 55.82 18.29 -24.52
N PRO B 483 56.76 19.23 -24.46
CA PRO B 483 56.52 20.55 -25.05
C PRO B 483 56.16 20.48 -26.53
N PHE B 484 55.25 21.35 -26.94
CA PHE B 484 54.87 21.45 -28.35
C PHE B 484 56.08 21.84 -29.20
N PRO B 485 56.12 21.44 -30.46
CA PRO B 485 57.22 21.87 -31.33
C PRO B 485 57.02 23.27 -31.86
N GLN B 486 57.90 23.70 -32.76
CA GLN B 486 57.75 24.96 -33.48
C GLN B 486 57.58 24.67 -34.97
N LEU B 487 56.85 25.54 -35.66
CA LEU B 487 56.68 25.43 -37.10
C LEU B 487 56.91 26.79 -37.72
N LYS B 488 57.88 26.88 -38.63
CA LYS B 488 58.21 28.11 -39.31
C LYS B 488 58.23 27.89 -40.82
N PHE B 489 57.93 28.94 -41.57
CA PHE B 489 57.99 28.91 -43.02
C PHE B 489 59.36 29.38 -43.49
N LYS B 490 59.91 28.69 -44.49
CA LYS B 490 61.24 29.01 -44.98
C LYS B 490 61.26 30.18 -45.94
N ARG B 491 60.12 30.57 -46.48
CA ARG B 491 60.06 31.67 -47.45
C ARG B 491 58.68 32.31 -47.41
N LYS B 492 58.62 33.57 -47.81
CA LYS B 492 57.35 34.26 -47.96
C LYS B 492 56.82 34.05 -49.37
N VAL B 493 55.59 33.59 -49.48
CA VAL B 493 55.01 33.22 -50.76
C VAL B 493 54.21 34.40 -51.31
N GLU B 494 54.06 34.43 -52.64
CA GLU B 494 53.25 35.46 -53.28
C GLU B 494 51.76 35.18 -53.10
N ASN B 495 51.32 34.00 -53.51
CA ASN B 495 49.95 33.54 -53.32
C ASN B 495 49.94 32.33 -52.39
N ILE B 496 48.78 32.14 -51.74
CA ILE B 496 48.65 31.06 -50.76
C ILE B 496 48.75 29.68 -51.41
N GLU B 497 48.50 29.59 -52.72
CA GLU B 497 48.57 28.30 -53.40
C GLU B 497 50.00 27.83 -53.62
N ASP B 498 51.00 28.67 -53.38
CA ASP B 498 52.38 28.38 -53.73
C ASP B 498 53.13 27.62 -52.65
N PHE B 499 52.50 27.27 -51.53
CA PHE B 499 53.19 26.58 -50.46
C PHE B 499 53.57 25.17 -50.89
N LYS B 500 54.75 24.72 -50.47
CA LYS B 500 55.23 23.38 -50.72
C LYS B 500 55.71 22.75 -49.42
N TRP B 501 55.79 21.42 -49.42
CA TRP B 501 56.19 20.71 -48.20
C TRP B 501 57.60 21.09 -47.78
N GLU B 502 58.47 21.33 -48.75
CA GLU B 502 59.84 21.72 -48.45
C GLU B 502 59.94 23.06 -47.75
N ASP B 503 58.88 23.88 -47.83
CA ASP B 503 58.87 25.19 -47.19
C ASP B 503 58.60 25.12 -45.68
N ILE B 504 58.25 23.96 -45.15
CA ILE B 504 57.87 23.83 -43.75
C ILE B 504 59.05 23.25 -42.97
N GLU B 505 59.42 23.92 -41.89
CA GLU B 505 60.51 23.48 -41.02
C GLU B 505 59.91 23.22 -39.64
N LEU B 506 59.85 21.95 -39.25
CA LEU B 506 59.30 21.53 -37.97
C LEU B 506 60.45 21.38 -36.98
N ILE B 507 60.47 22.24 -35.96
CA ILE B 507 61.60 22.37 -35.05
C ILE B 507 61.19 21.92 -33.66
N GLY B 508 61.95 20.99 -33.10
CA GLY B 508 61.76 20.59 -31.71
C GLY B 508 60.61 19.65 -31.47
N TYR B 509 60.37 18.71 -32.37
CA TYR B 509 59.29 17.74 -32.23
C TYR B 509 59.89 16.42 -31.78
N TYR B 510 59.64 16.05 -30.53
CA TYR B 510 60.14 14.80 -29.95
C TYR B 510 58.96 14.02 -29.40
N PRO B 511 58.16 13.41 -30.27
CA PRO B 511 56.93 12.76 -29.82
C PRO B 511 57.20 11.35 -29.29
N TYR B 512 56.14 10.76 -28.75
CA TYR B 512 56.13 9.35 -28.40
C TYR B 512 55.93 8.50 -29.66
N PRO B 513 56.26 7.21 -29.60
CA PRO B 513 56.11 6.37 -30.79
C PRO B 513 54.69 6.37 -31.33
N THR B 514 54.58 6.18 -32.64
CA THR B 514 53.29 6.24 -33.30
C THR B 514 52.40 5.09 -32.86
N ILE B 515 51.09 5.31 -32.98
CA ILE B 515 50.06 4.36 -32.56
C ILE B 515 49.17 4.08 -33.77
N LYS B 516 49.07 2.81 -34.15
CA LYS B 516 48.30 2.42 -35.33
C LYS B 516 46.82 2.30 -34.98
N MET B 517 45.97 2.97 -35.78
CA MET B 517 44.53 2.93 -35.62
C MET B 517 43.88 2.84 -36.99
N ASP B 518 42.95 1.90 -37.15
CA ASP B 518 42.31 1.65 -38.44
C ASP B 518 41.12 2.60 -38.63
N MET B 519 40.97 3.11 -39.85
CA MET B 519 39.87 4.02 -40.15
C MET B 519 38.59 3.25 -40.44
N ALA B 520 37.47 3.78 -39.94
CA ALA B 520 36.17 3.20 -40.20
C ALA B 520 35.59 3.78 -41.49
N VAL B 521 35.39 2.92 -42.48
CA VAL B 521 34.87 3.35 -43.78
C VAL B 521 33.36 3.53 -43.73
N GLU C 3 10.99 -37.21 20.94
CA GLU C 3 10.41 -35.99 21.49
C GLU C 3 8.98 -35.78 20.99
N LYS C 4 8.01 -36.32 21.72
CA LYS C 4 6.61 -36.16 21.37
C LYS C 4 6.02 -34.98 22.13
N ASN C 5 4.75 -34.67 21.86
CA ASN C 5 4.10 -33.51 22.43
C ASN C 5 3.41 -33.84 23.75
N VAL C 6 3.51 -32.91 24.70
CA VAL C 6 2.87 -33.03 26.01
C VAL C 6 2.10 -31.73 26.24
N SER C 7 0.77 -31.80 26.18
CA SER C 7 -0.07 -30.63 26.33
C SER C 7 -0.94 -30.74 27.58
N ILE C 8 -1.23 -29.59 28.17
CA ILE C 8 -2.12 -29.50 29.32
C ILE C 8 -3.50 -29.06 28.83
N VAL C 9 -4.53 -29.79 29.25
CA VAL C 9 -5.92 -29.43 29.01
C VAL C 9 -6.56 -29.11 30.35
N VAL C 10 -7.19 -27.94 30.46
CA VAL C 10 -7.76 -27.48 31.72
C VAL C 10 -8.86 -26.47 31.44
N ALA C 11 -9.87 -26.44 32.30
CA ALA C 11 -10.91 -25.42 32.31
C ALA C 11 -10.90 -24.76 33.68
N ALA C 12 -10.43 -23.51 33.72
CA ALA C 12 -10.26 -22.79 34.97
C ALA C 12 -11.09 -21.51 34.97
N SER C 13 -11.35 -21.00 36.18
CA SER C 13 -12.06 -19.75 36.33
C SER C 13 -11.23 -18.60 35.76
N VAL C 14 -11.91 -17.52 35.38
CA VAL C 14 -11.24 -16.47 34.60
C VAL C 14 -10.32 -15.65 35.48
N LEU C 15 -10.68 -15.43 36.76
CA LEU C 15 -9.91 -14.58 37.64
C LEU C 15 -9.04 -15.39 38.59
N SER C 16 -9.66 -16.23 39.43
CA SER C 16 -8.93 -17.00 40.43
C SER C 16 -8.43 -18.35 39.92
N SER C 17 -8.89 -18.77 38.73
CA SER C 17 -8.44 -20.02 38.10
C SER C 17 -8.86 -21.25 38.91
N GLY C 18 -10.08 -21.24 39.43
CA GLY C 18 -10.60 -22.41 40.12
C GLY C 18 -11.11 -23.46 39.14
N ILE C 19 -10.85 -24.73 39.46
CA ILE C 19 -11.16 -25.81 38.53
C ILE C 19 -12.03 -26.88 39.18
N GLY C 20 -12.16 -26.86 40.51
CA GLY C 20 -12.93 -27.90 41.17
C GLY C 20 -13.39 -27.52 42.55
N ILE C 21 -14.37 -28.28 43.04
CA ILE C 21 -14.90 -28.11 44.39
C ILE C 21 -15.55 -29.40 44.88
N ASN C 22 -15.11 -29.87 46.05
CA ASN C 22 -15.70 -31.04 46.72
C ASN C 22 -15.73 -32.26 45.81
N GLY C 23 -14.64 -32.49 45.10
CA GLY C 23 -14.53 -33.69 44.28
C GLY C 23 -15.33 -33.68 42.99
N GLN C 24 -15.72 -32.51 42.50
CA GLN C 24 -16.44 -32.41 41.24
C GLN C 24 -16.22 -31.02 40.66
N LEU C 25 -16.79 -30.79 39.48
CA LEU C 25 -16.60 -29.53 38.78
C LEU C 25 -17.50 -28.44 39.36
N PRO C 26 -17.07 -27.18 39.30
CA PRO C 26 -17.92 -26.07 39.75
C PRO C 26 -18.98 -25.67 38.74
N TRP C 27 -19.11 -26.39 37.63
CA TRP C 27 -20.02 -26.03 36.56
C TRP C 27 -20.30 -27.27 35.74
N SER C 28 -21.29 -27.17 34.85
CA SER C 28 -21.63 -28.24 33.92
C SER C 28 -21.79 -27.61 32.53
N ILE C 29 -20.72 -27.63 31.75
CA ILE C 29 -20.71 -27.08 30.40
C ILE C 29 -20.53 -28.23 29.43
N SER C 30 -21.58 -28.54 28.67
CA SER C 30 -21.56 -29.70 27.79
C SER C 30 -20.53 -29.54 26.68
N GLU C 31 -20.49 -28.37 26.04
CA GLU C 31 -19.58 -28.17 24.91
C GLU C 31 -18.13 -28.28 25.33
N ASP C 32 -17.82 -27.95 26.59
CA ASP C 32 -16.44 -28.05 27.05
C ASP C 32 -15.98 -29.50 27.15
N LEU C 33 -16.88 -30.41 27.53
CA LEU C 33 -16.53 -31.83 27.56
C LEU C 33 -16.30 -32.37 26.16
N LYS C 34 -17.15 -31.98 25.20
CA LYS C 34 -16.92 -32.35 23.80
C LYS C 34 -15.61 -31.76 23.30
N PHE C 35 -15.22 -30.60 23.82
CA PHE C 35 -13.92 -30.03 23.48
C PHE C 35 -12.79 -30.91 24.00
N PHE C 36 -12.89 -31.33 25.26
CA PHE C 36 -11.89 -32.24 25.84
C PHE C 36 -11.80 -33.54 25.06
N SER C 37 -12.95 -34.06 24.62
CA SER C 37 -12.96 -35.34 23.91
C SER C 37 -12.28 -35.22 22.55
N LYS C 38 -12.60 -34.17 21.80
CA LYS C 38 -12.04 -34.03 20.45
C LYS C 38 -10.56 -33.71 20.48
N ILE C 39 -10.09 -33.00 21.50
CA ILE C 39 -8.68 -32.62 21.56
C ILE C 39 -7.82 -33.83 21.91
N THR C 40 -8.30 -34.69 22.81
CA THR C 40 -7.51 -35.83 23.23
C THR C 40 -7.60 -37.01 22.26
N ASN C 41 -8.60 -37.02 21.38
CA ASN C 41 -8.70 -38.06 20.37
C ASN C 41 -8.06 -37.68 19.04
N ASN C 42 -7.72 -36.40 18.84
CA ASN C 42 -7.15 -35.95 17.58
C ASN C 42 -5.77 -36.57 17.41
N LYS C 43 -5.64 -37.46 16.42
CA LYS C 43 -4.39 -38.16 16.16
C LYS C 43 -4.19 -38.29 14.66
N CYS C 44 -2.96 -38.61 14.28
CA CYS C 44 -2.58 -38.77 12.88
C CYS C 44 -2.46 -40.24 12.48
N ASP C 45 -1.95 -41.09 13.36
CA ASP C 45 -1.77 -42.51 13.05
C ASP C 45 -3.02 -43.27 13.47
N SER C 46 -3.49 -44.15 12.58
CA SER C 46 -4.69 -44.93 12.88
C SER C 46 -4.44 -45.95 13.98
N ASN C 47 -3.28 -46.60 13.95
CA ASN C 47 -2.94 -47.64 14.92
C ASN C 47 -2.21 -47.10 16.14
N LYS C 48 -2.58 -45.92 16.63
CA LYS C 48 -2.00 -45.36 17.84
C LYS C 48 -3.10 -44.70 18.67
N LYS C 49 -2.78 -44.48 19.95
CA LYS C 49 -3.70 -43.86 20.89
C LYS C 49 -2.97 -42.79 21.69
N ASN C 50 -3.74 -41.90 22.31
CA ASN C 50 -3.20 -40.85 23.16
C ASN C 50 -3.33 -41.23 24.63
N ALA C 51 -2.39 -40.74 25.43
CA ALA C 51 -2.33 -41.01 26.86
C ALA C 51 -2.79 -39.79 27.64
N LEU C 52 -3.70 -40.00 28.58
CA LEU C 52 -4.26 -38.93 29.40
C LEU C 52 -3.83 -39.14 30.84
N ILE C 53 -2.99 -38.24 31.35
CA ILE C 53 -2.49 -38.31 32.70
C ILE C 53 -3.43 -37.56 33.63
N MET C 54 -3.75 -38.14 34.78
CA MET C 54 -4.62 -37.50 35.75
C MET C 54 -4.30 -38.01 37.14
N GLY C 55 -4.59 -37.18 38.14
CA GLY C 55 -4.41 -37.57 39.52
C GLY C 55 -5.47 -38.56 39.97
N ARG C 56 -5.24 -39.10 41.17
CA ARG C 56 -6.17 -40.09 41.72
C ARG C 56 -7.50 -39.47 42.11
N LYS C 57 -7.47 -38.31 42.77
CA LYS C 57 -8.73 -37.67 43.17
C LYS C 57 -9.56 -37.29 41.94
N THR C 58 -8.91 -36.86 40.87
CA THR C 58 -9.62 -36.62 39.62
C THR C 58 -10.15 -37.92 39.03
N TRP C 59 -9.35 -38.99 39.12
CA TRP C 59 -9.79 -40.31 38.66
C TRP C 59 -11.03 -40.78 39.42
N ASP C 60 -11.18 -40.35 40.68
CA ASP C 60 -12.40 -40.66 41.43
C ASP C 60 -13.59 -39.84 40.92
N SER C 61 -13.35 -38.57 40.59
CA SER C 61 -14.43 -37.66 40.23
C SER C 61 -15.08 -38.00 38.89
N ILE C 62 -14.37 -38.73 38.02
CA ILE C 62 -14.93 -39.12 36.73
C ILE C 62 -15.55 -40.51 36.79
N GLY C 63 -15.82 -41.03 37.99
CA GLY C 63 -16.49 -42.30 38.13
C GLY C 63 -15.61 -43.52 38.04
N ARG C 64 -14.29 -43.34 37.92
CA ARG C 64 -13.34 -44.46 37.84
C ARG C 64 -13.69 -45.40 36.68
N ARG C 65 -13.95 -44.80 35.52
CA ARG C 65 -14.31 -45.54 34.31
C ARG C 65 -13.49 -45.03 33.13
N PRO C 66 -13.14 -45.91 32.19
CA PRO C 66 -12.21 -45.52 31.12
C PRO C 66 -12.86 -44.59 30.10
N LEU C 67 -12.01 -43.93 29.33
CA LEU C 67 -12.44 -43.06 28.23
C LEU C 67 -12.14 -43.77 26.90
N LYS C 68 -13.13 -43.78 26.01
CA LYS C 68 -13.04 -44.57 24.79
C LYS C 68 -11.88 -44.10 23.92
N ASN C 69 -11.25 -45.05 23.25
CA ASN C 69 -10.17 -44.83 22.28
C ASN C 69 -8.93 -44.18 22.89
N ARG C 70 -8.84 -44.10 24.22
CA ARG C 70 -7.71 -43.47 24.88
C ARG C 70 -7.25 -44.33 26.05
N ILE C 71 -6.02 -44.09 26.48
CA ILE C 71 -5.43 -44.79 27.61
C ILE C 71 -5.24 -43.79 28.74
N ILE C 72 -5.90 -44.04 29.87
CA ILE C 72 -5.84 -43.15 31.02
C ILE C 72 -4.69 -43.58 31.92
N VAL C 73 -3.88 -42.61 32.33
CA VAL C 73 -2.75 -42.83 33.23
C VAL C 73 -3.07 -42.14 34.55
N VAL C 74 -3.18 -42.92 35.62
CA VAL C 74 -3.53 -42.41 36.94
C VAL C 74 -2.27 -42.34 37.79
N ILE C 75 -2.01 -41.19 38.38
CA ILE C 75 -0.90 -41.03 39.31
C ILE C 75 -1.42 -41.25 40.73
N SER C 76 -0.90 -42.28 41.39
CA SER C 76 -1.31 -42.60 42.75
C SER C 76 -0.20 -43.40 43.41
N SER C 77 -0.01 -43.14 44.71
CA SER C 77 0.97 -43.89 45.49
C SER C 77 0.39 -45.14 46.14
N SER C 78 -0.93 -45.35 46.05
CA SER C 78 -1.58 -46.46 46.73
C SER C 78 -2.57 -47.20 45.84
N LEU C 79 -2.57 -46.95 44.52
CA LEU C 79 -3.49 -47.77 43.76
C LEU C 79 -2.78 -48.99 43.20
N PRO C 80 -3.48 -50.13 43.11
CA PRO C 80 -2.83 -51.35 42.60
C PRO C 80 -2.52 -51.23 41.12
N GLN C 81 -1.29 -51.62 40.76
CA GLN C 81 -0.85 -51.62 39.37
C GLN C 81 -1.16 -52.97 38.73
N ASP C 82 -2.47 -53.23 38.60
CA ASP C 82 -2.94 -54.48 38.03
C ASP C 82 -2.98 -54.39 36.51
N GLU C 83 -2.52 -55.45 35.85
CA GLU C 83 -2.55 -55.54 34.39
C GLU C 83 -3.91 -56.00 33.87
N ALA C 84 -4.96 -55.96 34.70
CA ALA C 84 -6.27 -56.43 34.29
C ALA C 84 -6.88 -55.50 33.24
N ASP C 85 -6.93 -54.20 33.54
CA ASP C 85 -7.52 -53.23 32.62
C ASP C 85 -6.45 -52.74 31.67
N PRO C 86 -6.54 -53.02 30.36
CA PRO C 86 -5.52 -52.55 29.42
C PRO C 86 -5.63 -51.07 29.06
N ASN C 87 -6.75 -50.43 29.37
CA ASN C 87 -6.97 -49.03 29.04
C ASN C 87 -6.66 -48.08 30.19
N VAL C 88 -6.25 -48.61 31.35
CA VAL C 88 -5.92 -47.79 32.51
C VAL C 88 -4.66 -48.35 33.14
N VAL C 89 -3.66 -47.51 33.34
CA VAL C 89 -2.40 -47.89 33.97
C VAL C 89 -2.10 -46.89 35.08
N VAL C 90 -1.40 -47.37 36.11
CA VAL C 90 -1.10 -46.58 37.30
C VAL C 90 0.42 -46.46 37.46
N PHE C 91 0.88 -45.29 37.86
CA PHE C 91 2.28 -45.03 38.14
C PHE C 91 2.42 -44.42 39.53
N ARG C 92 3.60 -44.60 40.14
CA ARG C 92 3.80 -44.18 41.52
C ARG C 92 4.15 -42.70 41.65
N ASN C 93 4.70 -42.09 40.60
CA ASN C 93 4.97 -40.66 40.60
C ASN C 93 4.86 -40.15 39.17
N LEU C 94 4.83 -38.82 39.04
CA LEU C 94 4.61 -38.21 37.73
C LEU C 94 5.83 -38.42 36.83
N GLU C 95 7.04 -38.33 37.38
CA GLU C 95 8.25 -38.43 36.58
C GLU C 95 8.36 -39.78 35.87
N ASP C 96 8.10 -40.88 36.59
CA ASP C 96 8.19 -42.20 35.98
C ASP C 96 7.23 -42.38 34.82
N SER C 97 6.04 -41.75 34.88
CA SER C 97 5.02 -41.95 33.87
C SER C 97 5.37 -41.33 32.52
N ILE C 98 6.44 -40.54 32.45
CA ILE C 98 6.85 -39.87 31.20
C ILE C 98 7.74 -40.80 30.39
N GLU C 99 7.65 -42.11 30.64
CA GLU C 99 8.37 -43.10 29.83
C GLU C 99 7.93 -43.13 28.38
N ASN C 100 6.73 -42.63 28.06
CA ASN C 100 6.22 -42.68 26.69
C ASN C 100 7.13 -41.98 25.69
N LEU C 101 7.84 -40.93 26.11
CA LEU C 101 8.74 -40.23 25.20
C LEU C 101 9.85 -41.16 24.72
N MET C 102 10.65 -41.68 25.64
CA MET C 102 11.81 -42.47 25.26
C MET C 102 11.42 -43.87 24.83
N ASN C 103 10.50 -44.51 25.56
CA ASN C 103 10.20 -45.92 25.37
C ASN C 103 9.01 -46.20 24.46
N ASP C 104 7.80 -45.84 24.92
CA ASP C 104 6.56 -46.29 24.29
C ASP C 104 6.37 -45.61 22.93
N ASP C 105 6.58 -46.37 21.85
CA ASP C 105 6.35 -45.89 20.50
C ASP C 105 4.91 -46.04 20.01
N SER C 106 4.04 -46.71 20.77
CA SER C 106 2.65 -46.85 20.38
C SER C 106 1.79 -45.67 20.82
N ILE C 107 2.35 -44.71 21.53
CA ILE C 107 1.64 -43.51 21.99
C ILE C 107 2.12 -42.33 21.16
N GLU C 108 1.17 -41.63 20.54
CA GLU C 108 1.51 -40.49 19.68
C GLU C 108 1.66 -39.19 20.48
N ASN C 109 0.60 -38.78 21.18
CA ASN C 109 0.63 -37.55 21.96
C ASN C 109 0.24 -37.83 23.41
N ILE C 110 0.58 -36.89 24.29
CA ILE C 110 0.33 -37.00 25.72
C ILE C 110 -0.40 -35.77 26.19
N PHE C 111 -1.42 -35.96 27.02
CA PHE C 111 -2.22 -34.88 27.56
C PHE C 111 -2.25 -34.97 29.09
N VAL C 112 -1.90 -33.87 29.75
CA VAL C 112 -1.98 -33.75 31.20
C VAL C 112 -3.23 -32.96 31.55
N CYS C 113 -4.06 -33.52 32.42
CA CYS C 113 -5.37 -32.92 32.67
C CYS C 113 -5.97 -33.33 34.00
N GLY C 114 -5.15 -33.51 35.04
CA GLY C 114 -5.64 -34.17 36.24
C GLY C 114 -5.37 -33.52 37.57
N GLY C 115 -6.01 -32.38 37.84
CA GLY C 115 -6.02 -31.81 39.16
C GLY C 115 -4.84 -30.88 39.44
N GLU C 116 -4.98 -30.13 40.53
CA GLU C 116 -3.99 -29.11 40.89
C GLU C 116 -2.63 -29.72 41.17
N SER C 117 -2.61 -30.86 41.85
CA SER C 117 -1.33 -31.48 42.23
C SER C 117 -0.53 -31.89 41.00
N ILE C 118 -1.20 -32.42 39.97
CA ILE C 118 -0.49 -32.86 38.78
C ILE C 118 -0.11 -31.68 37.90
N TYR C 119 -0.96 -30.66 37.83
CA TYR C 119 -0.63 -29.46 37.07
C TYR C 119 0.62 -28.79 37.63
N ARG C 120 0.66 -28.61 38.95
CA ARG C 120 1.78 -27.90 39.57
C ARG C 120 3.09 -28.67 39.41
N ASP C 121 3.04 -30.00 39.51
CA ASP C 121 4.25 -30.79 39.32
C ASP C 121 4.67 -30.85 37.86
N ALA C 122 3.70 -30.84 36.93
CA ALA C 122 4.04 -30.91 35.52
C ALA C 122 4.68 -29.61 35.01
N LEU C 123 4.38 -28.48 35.66
CA LEU C 123 4.96 -27.21 35.26
C LEU C 123 6.31 -26.95 35.92
N LYS C 124 6.44 -27.30 37.20
CA LYS C 124 7.70 -27.06 37.92
C LYS C 124 8.82 -27.91 37.34
N ASP C 125 8.50 -29.07 36.75
CA ASP C 125 9.50 -29.96 36.18
C ASP C 125 9.69 -29.76 34.68
N ASN C 126 9.02 -28.76 34.09
CA ASN C 126 9.25 -28.37 32.70
C ASN C 126 8.95 -29.53 31.73
N PHE C 127 7.78 -30.15 31.92
CA PHE C 127 7.35 -31.25 31.07
C PHE C 127 6.34 -30.83 30.01
N VAL C 128 5.76 -29.64 30.14
CA VAL C 128 4.61 -29.21 29.35
C VAL C 128 5.10 -28.39 28.16
N ASP C 129 4.62 -28.74 26.96
CA ASP C 129 4.91 -27.97 25.76
C ASP C 129 3.80 -26.99 25.38
N ARG C 130 2.55 -27.29 25.74
CA ARG C 130 1.41 -26.50 25.30
C ARG C 130 0.30 -26.60 26.33
N ILE C 131 -0.50 -25.54 26.43
CA ILE C 131 -1.60 -25.47 27.38
C ILE C 131 -2.90 -25.13 26.64
N TYR C 132 -3.92 -25.95 26.84
CA TYR C 132 -5.27 -25.69 26.34
C TYR C 132 -6.12 -25.22 27.52
N LEU C 133 -6.38 -23.91 27.58
CA LEU C 133 -7.11 -23.30 28.68
C LEU C 133 -8.52 -22.93 28.24
N THR C 134 -9.51 -23.33 29.03
CA THR C 134 -10.90 -22.93 28.83
C THR C 134 -11.27 -21.99 29.98
N ARG C 135 -11.30 -20.70 29.70
CA ARG C 135 -11.61 -19.70 30.72
C ARG C 135 -13.11 -19.59 30.90
N VAL C 136 -13.59 -19.80 32.13
CA VAL C 136 -15.01 -19.78 32.44
C VAL C 136 -15.31 -18.56 33.30
N ALA C 137 -16.42 -17.89 32.99
CA ALA C 137 -16.78 -16.63 33.66
C ALA C 137 -17.72 -16.91 34.84
N LEU C 138 -17.12 -17.44 35.90
CA LEU C 138 -17.83 -17.71 37.15
C LEU C 138 -16.89 -17.45 38.31
N GLU C 139 -17.22 -16.46 39.15
CA GLU C 139 -16.30 -16.04 40.20
C GLU C 139 -16.93 -15.82 41.57
N ASP C 140 -18.24 -15.60 41.67
CA ASP C 140 -18.86 -15.41 42.99
C ASP C 140 -19.30 -16.73 43.61
N ILE C 141 -18.50 -17.78 43.45
CA ILE C 141 -18.78 -19.10 43.98
C ILE C 141 -17.57 -19.57 44.79
N GLU C 142 -17.67 -20.80 45.30
CA GLU C 142 -16.66 -21.37 46.18
C GLU C 142 -15.77 -22.36 45.42
N PHE C 143 -14.46 -22.29 45.67
CA PHE C 143 -13.49 -23.20 45.10
C PHE C 143 -12.62 -23.79 46.20
N ASP C 144 -12.07 -24.98 45.92
CA ASP C 144 -11.04 -25.57 46.77
C ASP C 144 -9.88 -26.15 45.96
N THR C 145 -9.97 -26.14 44.63
CA THR C 145 -8.91 -26.64 43.75
C THR C 145 -8.70 -25.63 42.63
N TYR C 146 -7.46 -25.17 42.47
CA TYR C 146 -7.13 -24.11 41.54
C TYR C 146 -6.12 -24.58 40.51
N PHE C 147 -5.98 -23.81 39.42
CA PHE C 147 -4.97 -24.05 38.40
C PHE C 147 -3.76 -23.17 38.65
N PRO C 148 -2.55 -23.74 38.67
CA PRO C 148 -1.37 -22.94 39.00
C PRO C 148 -1.14 -21.81 38.02
N GLU C 149 -0.40 -20.80 38.48
CA GLU C 149 -0.04 -19.68 37.62
C GLU C 149 0.80 -20.15 36.44
N ILE C 150 0.47 -19.68 35.25
CA ILE C 150 1.18 -20.10 34.04
C ILE C 150 2.57 -19.49 34.05
N PRO C 151 3.62 -20.28 33.82
CA PRO C 151 4.98 -19.72 33.84
C PRO C 151 5.20 -18.69 32.73
N GLU C 152 6.19 -17.83 32.94
CA GLU C 152 6.51 -16.80 31.97
C GLU C 152 7.05 -17.38 30.66
N THR C 153 7.49 -18.63 30.66
CA THR C 153 7.98 -19.28 29.45
C THR C 153 6.88 -19.57 28.44
N PHE C 154 5.61 -19.43 28.83
CA PHE C 154 4.49 -19.64 27.92
C PHE C 154 3.97 -18.31 27.40
N LEU C 155 3.53 -18.32 26.13
CA LEU C 155 2.91 -17.15 25.53
C LEU C 155 1.64 -17.56 24.82
N PRO C 156 0.57 -16.76 24.95
CA PRO C 156 -0.68 -17.10 24.27
C PRO C 156 -0.56 -16.91 22.76
N VAL C 157 -1.15 -17.85 22.02
CA VAL C 157 -1.14 -17.80 20.56
C VAL C 157 -2.53 -17.85 19.95
N TYR C 158 -3.57 -18.04 20.76
CA TYR C 158 -4.93 -18.15 20.24
C TYR C 158 -5.92 -17.82 21.35
N MET C 159 -6.98 -17.10 20.98
CA MET C 159 -8.08 -16.80 21.90
C MET C 159 -9.37 -16.79 21.08
N SER C 160 -10.22 -17.79 21.32
CA SER C 160 -11.43 -17.95 20.53
C SER C 160 -12.44 -16.85 20.87
N GLN C 161 -13.53 -16.84 20.11
CA GLN C 161 -14.66 -16.00 20.45
C GLN C 161 -15.31 -16.50 21.74
N THR C 162 -16.14 -15.65 22.34
CA THR C 162 -16.85 -16.02 23.55
C THR C 162 -18.07 -16.87 23.18
N PHE C 163 -18.23 -17.99 23.88
CA PHE C 163 -19.37 -18.88 23.71
C PHE C 163 -20.27 -18.82 24.94
N CYS C 164 -21.46 -19.41 24.80
CA CYS C 164 -22.46 -19.35 25.86
C CYS C 164 -23.14 -20.70 26.04
N THR C 165 -23.18 -21.17 27.28
CA THR C 165 -23.93 -22.37 27.66
C THR C 165 -24.62 -22.11 28.98
N LYS C 166 -25.95 -22.20 28.99
CA LYS C 166 -26.75 -21.93 30.18
C LYS C 166 -26.42 -20.55 30.76
N ASN C 167 -26.30 -19.56 29.87
CA ASN C 167 -25.98 -18.17 30.23
C ASN C 167 -24.60 -18.02 30.86
N ILE C 168 -23.69 -18.95 30.61
CA ILE C 168 -22.32 -18.89 31.12
C ILE C 168 -21.37 -18.66 29.96
N SER C 169 -20.56 -17.62 30.06
CA SER C 169 -19.59 -17.28 29.03
C SER C 169 -18.26 -18.00 29.26
N TYR C 170 -17.63 -18.41 28.17
CA TYR C 170 -16.33 -19.07 28.27
C TYR C 170 -15.55 -18.90 26.98
N ASP C 171 -14.23 -18.96 27.09
CA ASP C 171 -13.29 -18.81 25.98
C ASP C 171 -12.49 -20.09 25.80
N PHE C 172 -11.67 -20.12 24.75
CA PHE C 172 -10.72 -21.20 24.53
C PHE C 172 -9.40 -20.58 24.07
N MET C 173 -8.34 -20.83 24.84
CA MET C 173 -7.03 -20.27 24.56
C MET C 173 -5.99 -21.37 24.40
N ILE C 174 -4.90 -21.04 23.71
CA ILE C 174 -3.77 -21.94 23.54
C ILE C 174 -2.50 -21.19 23.92
N PHE C 175 -1.65 -21.85 24.70
CA PHE C 175 -0.36 -21.29 25.11
C PHE C 175 0.76 -22.19 24.61
N GLU C 176 1.74 -21.59 23.95
CA GLU C 176 2.92 -22.30 23.47
C GLU C 176 4.13 -21.95 24.33
N LYS C 177 5.02 -22.92 24.47
CA LYS C 177 6.27 -22.72 25.21
C LYS C 177 7.34 -22.19 24.28
N GLN C 178 8.10 -21.21 24.77
CA GLN C 178 9.10 -20.55 23.94
C GLN C 178 10.37 -21.38 23.85
N GLU C 179 11.04 -21.28 22.70
CA GLU C 179 12.29 -22.00 22.47
C GLU C 179 13.47 -21.05 22.62
N LYS C 180 14.50 -21.23 21.79
CA LYS C 180 15.71 -20.42 21.84
C LYS C 180 15.81 -19.61 20.56
N LYS C 181 15.92 -18.29 20.71
CA LYS C 181 16.04 -17.36 19.57
C LYS C 181 14.87 -17.52 18.60
N LEU C 193 6.21 -17.35 1.19
CA LEU C 193 5.95 -16.09 1.88
C LEU C 193 7.28 -15.45 2.29
N LYS C 194 8.37 -15.97 1.74
CA LYS C 194 9.68 -15.44 2.06
C LYS C 194 10.12 -14.37 1.08
N SER C 195 9.88 -14.57 -0.21
CA SER C 195 10.25 -13.59 -1.23
C SER C 195 9.18 -12.54 -1.46
N ILE C 196 7.92 -12.84 -1.12
CA ILE C 196 6.85 -11.87 -1.30
C ILE C 196 7.02 -10.70 -0.35
N ASP C 197 7.35 -10.98 0.92
CA ASP C 197 7.54 -9.91 1.89
C ASP C 197 8.71 -9.01 1.49
N ASP C 198 9.73 -9.58 0.85
CA ASP C 198 10.85 -8.76 0.39
C ASP C 198 10.42 -7.85 -0.76
N THR C 199 9.64 -8.38 -1.70
CA THR C 199 9.19 -7.56 -2.83
C THR C 199 8.31 -6.42 -2.37
N VAL C 200 7.39 -6.69 -1.44
CA VAL C 200 6.52 -5.64 -0.92
C VAL C 200 7.33 -4.58 -0.18
N ASP C 201 8.35 -5.01 0.56
CA ASP C 201 9.22 -4.05 1.25
C ASP C 201 9.99 -3.19 0.25
N LEU C 202 10.48 -3.79 -0.84
CA LEU C 202 11.21 -3.02 -1.84
C LEU C 202 10.30 -2.03 -2.55
N LEU C 203 9.08 -2.47 -2.91
CA LEU C 203 8.13 -1.55 -3.50
C LEU C 203 7.76 -0.43 -2.54
N GLY C 204 7.78 -0.72 -1.24
CA GLY C 204 7.53 0.31 -0.24
C GLY C 204 8.66 1.31 -0.08
N GLU C 205 9.87 0.94 -0.52
CA GLU C 205 10.98 1.89 -0.49
C GLU C 205 10.95 2.79 -1.73
N ILE C 206 10.64 2.22 -2.89
CA ILE C 206 10.54 2.97 -4.14
C ILE C 206 9.45 4.00 -4.01
N PHE C 207 8.19 3.54 -3.97
CA PHE C 207 7.06 4.44 -3.75
C PHE C 207 6.94 4.73 -2.27
N GLY C 208 6.76 6.00 -1.94
CA GLY C 208 6.62 6.37 -0.54
C GLY C 208 5.22 6.05 -0.05
N ILE C 209 4.42 7.10 0.14
CA ILE C 209 3.01 6.93 0.48
C ILE C 209 2.22 6.78 -0.81
N ARG C 210 2.93 6.56 -1.92
CA ARG C 210 2.27 6.23 -3.16
C ARG C 210 1.70 4.82 -3.14
N LYS C 211 2.38 3.91 -2.44
CA LYS C 211 1.85 2.55 -2.24
C LYS C 211 0.87 2.58 -1.06
N MET C 212 -0.36 2.15 -1.31
CA MET C 212 -1.42 2.27 -0.31
C MET C 212 -1.11 1.48 0.95
N GLY C 213 -0.32 0.41 0.84
CA GLY C 213 0.06 -0.34 2.02
C GLY C 213 0.79 0.51 3.04
N ASN C 214 1.65 1.42 2.58
CA ASN C 214 2.38 2.29 3.49
C ASN C 214 1.48 3.29 4.19
N ARG C 215 0.29 3.55 3.65
CA ARG C 215 -0.70 4.37 4.33
C ARG C 215 -1.50 3.57 5.36
N HIS C 216 -1.37 2.25 5.36
CA HIS C 216 -2.05 1.37 6.32
C HIS C 216 -1.02 0.40 6.91
N LYS C 217 0.00 0.96 7.55
CA LYS C 217 1.07 0.14 8.09
C LYS C 217 0.57 -0.73 9.24
N PHE C 218 1.09 -1.95 9.31
CA PHE C 218 0.75 -2.85 10.41
C PHE C 218 1.30 -2.28 11.72
N PRO C 219 0.53 -2.30 12.79
CA PRO C 219 0.99 -1.70 14.05
C PRO C 219 2.23 -2.39 14.59
N LYS C 220 3.09 -1.59 15.21
CA LYS C 220 4.28 -2.13 15.85
C LYS C 220 3.90 -2.94 17.08
N GLU C 221 4.80 -3.85 17.47
CA GLU C 221 4.52 -4.75 18.59
C GLU C 221 4.30 -3.98 19.89
N GLU C 222 4.94 -2.82 20.05
CA GLU C 222 4.84 -2.07 21.30
C GLU C 222 3.46 -1.46 21.52
N ILE C 223 2.58 -1.48 20.52
CA ILE C 223 1.23 -0.92 20.66
C ILE C 223 0.20 -1.97 20.27
N TYR C 224 0.62 -3.23 20.21
CA TYR C 224 -0.25 -4.33 19.81
C TYR C 224 -0.65 -5.11 21.05
N ASN C 225 -1.95 -5.16 21.35
CA ASN C 225 -2.43 -5.85 22.53
C ASN C 225 -2.18 -7.35 22.39
N THR C 226 -1.49 -7.93 23.38
CA THR C 226 -1.12 -9.34 23.40
C THR C 226 -0.50 -9.74 22.06
N PRO C 227 0.68 -9.20 21.74
CA PRO C 227 1.22 -9.38 20.38
C PRO C 227 1.62 -10.81 20.06
N SER C 228 1.74 -11.69 21.05
CA SER C 228 2.10 -13.08 20.78
C SER C 228 0.99 -13.84 20.07
N ILE C 229 -0.25 -13.35 20.13
CA ILE C 229 -1.36 -13.97 19.41
C ILE C 229 -1.37 -13.34 18.02
N ARG C 230 -0.72 -14.03 17.07
CA ARG C 230 -0.59 -13.50 15.72
C ARG C 230 -1.72 -13.95 14.82
N PHE C 231 -1.97 -15.25 14.75
CA PHE C 231 -2.95 -15.82 13.82
C PHE C 231 -4.23 -16.26 14.51
N GLY C 232 -4.35 -16.05 15.83
CA GLY C 232 -5.52 -16.53 16.54
C GLY C 232 -6.29 -15.43 17.25
N ARG C 233 -6.40 -14.27 16.61
CA ARG C 233 -7.12 -13.14 17.19
C ARG C 233 -8.62 -13.24 16.89
N GLU C 234 -9.23 -14.30 17.43
CA GLU C 234 -10.63 -14.59 17.14
C GLU C 234 -11.59 -13.86 18.06
N HIS C 235 -11.21 -13.62 19.31
CA HIS C 235 -12.04 -12.85 20.23
C HIS C 235 -12.35 -11.49 19.63
N TYR C 236 -13.64 -11.20 19.48
CA TYR C 236 -14.04 -10.00 18.75
C TYR C 236 -13.81 -8.70 19.52
N GLU C 237 -13.31 -8.77 20.76
CA GLU C 237 -12.81 -7.54 21.39
C GLU C 237 -11.54 -7.05 20.72
N PHE C 238 -10.80 -7.94 20.04
CA PHE C 238 -9.66 -7.51 19.25
C PHE C 238 -10.06 -6.64 18.07
N GLN C 239 -11.33 -6.72 17.64
CA GLN C 239 -11.80 -5.84 16.58
C GLN C 239 -11.80 -4.38 17.02
N TYR C 240 -11.93 -4.13 18.31
CA TYR C 240 -11.82 -2.79 18.86
C TYR C 240 -10.39 -2.45 19.25
N LEU C 241 -9.68 -3.39 19.88
CA LEU C 241 -8.32 -3.12 20.34
C LEU C 241 -7.38 -2.90 19.15
N ASP C 242 -7.54 -3.68 18.08
CA ASP C 242 -6.69 -3.50 16.91
C ASP C 242 -6.97 -2.19 16.19
N LEU C 243 -8.21 -1.69 16.28
CA LEU C 243 -8.49 -0.37 15.73
C LEU C 243 -7.76 0.72 16.48
N LEU C 244 -7.64 0.58 17.81
CA LEU C 244 -6.80 1.47 18.59
C LEU C 244 -5.35 1.39 18.13
N SER C 245 -4.85 0.16 17.93
CA SER C 245 -3.46 -0.01 17.48
C SER C 245 -3.26 0.58 16.10
N ARG C 246 -4.25 0.43 15.21
CA ARG C 246 -4.11 0.95 13.86
C ARG C 246 -4.10 2.47 13.86
N VAL C 247 -4.81 3.10 14.79
CA VAL C 247 -4.82 4.56 14.85
C VAL C 247 -3.51 5.09 15.43
N LEU C 248 -2.99 4.43 16.48
CA LEU C 248 -1.72 4.85 17.05
C LEU C 248 -0.59 4.75 16.05
N GLU C 249 -0.71 3.86 15.06
CA GLU C 249 0.33 3.67 14.05
C GLU C 249 0.18 4.60 12.86
N ASN C 250 -1.04 4.81 12.37
CA ASN C 250 -1.27 5.56 11.14
C ASN C 250 -1.99 6.88 11.35
N GLY C 251 -2.30 7.24 12.60
CA GLY C 251 -3.16 8.40 12.83
C GLY C 251 -2.46 9.70 12.48
N ALA C 252 -3.15 10.55 11.72
CA ALA C 252 -2.64 11.86 11.36
C ALA C 252 -3.03 12.86 12.45
N TYR C 253 -2.05 13.63 12.93
CA TYR C 253 -2.32 14.65 13.92
C TYR C 253 -3.12 15.77 13.29
N ARG C 254 -4.35 15.97 13.78
CA ARG C 254 -5.27 16.92 13.17
C ARG C 254 -6.00 17.70 14.26
N GLU C 255 -6.27 18.96 13.99
CA GLU C 255 -7.08 19.80 14.87
C GLU C 255 -8.56 19.61 14.54
N ASN C 256 -9.42 20.11 15.42
CA ASN C 256 -10.85 20.01 15.23
C ASN C 256 -11.54 21.16 15.97
N ARG C 257 -12.88 21.12 15.99
CA ARG C 257 -13.66 22.19 16.60
C ARG C 257 -13.36 22.36 18.10
N THR C 258 -12.88 21.31 18.76
CA THR C 258 -12.51 21.41 20.16
C THR C 258 -11.03 21.78 20.28
N GLY C 259 -10.62 22.08 21.51
CA GLY C 259 -9.22 22.39 21.73
C GLY C 259 -8.29 21.20 21.80
N ILE C 260 -8.83 19.99 21.71
CA ILE C 260 -8.05 18.76 21.86
C ILE C 260 -7.86 18.16 20.47
N SER C 261 -6.61 18.12 20.02
CA SER C 261 -6.30 17.52 18.73
C SER C 261 -6.37 16.00 18.83
N THR C 262 -6.52 15.35 17.67
CA THR C 262 -6.65 13.90 17.62
C THR C 262 -5.65 13.31 16.63
N TYR C 263 -5.51 12.00 16.69
CA TYR C 263 -4.82 11.22 15.67
C TYR C 263 -5.86 10.42 14.92
N SER C 264 -6.01 10.71 13.62
CA SER C 264 -7.18 10.29 12.86
C SER C 264 -6.79 9.49 11.63
N ILE C 265 -7.53 8.41 11.38
CA ILE C 265 -7.51 7.70 10.11
C ILE C 265 -8.95 7.65 9.59
N PHE C 266 -9.10 7.28 8.32
CA PHE C 266 -10.39 7.34 7.65
C PHE C 266 -10.73 5.99 7.04
N GLY C 267 -11.94 5.51 7.30
CA GLY C 267 -12.43 4.27 6.72
C GLY C 267 -12.02 3.01 7.45
N GLN C 268 -12.72 2.68 8.54
CA GLN C 268 -12.44 1.49 9.32
C GLN C 268 -13.75 0.79 9.65
N MET C 269 -13.65 -0.48 10.06
CA MET C 269 -14.84 -1.24 10.42
C MET C 269 -14.53 -2.18 11.58
N MET C 270 -15.56 -2.47 12.36
CA MET C 270 -15.52 -3.43 13.46
C MET C 270 -16.68 -4.40 13.32
N ARG C 271 -16.44 -5.64 13.75
CA ARG C 271 -17.44 -6.70 13.62
C ARG C 271 -17.58 -7.42 14.95
N PHE C 272 -18.81 -7.65 15.38
CA PHE C 272 -19.06 -8.29 16.68
C PHE C 272 -20.15 -9.35 16.55
N ASP C 273 -20.01 -10.39 17.35
CA ASP C 273 -21.05 -11.41 17.47
C ASP C 273 -22.00 -11.05 18.60
N MET C 274 -23.27 -11.41 18.42
CA MET C 274 -24.27 -11.23 19.45
C MET C 274 -25.08 -12.50 19.74
N ARG C 275 -24.82 -13.59 19.00
CA ARG C 275 -25.53 -14.84 19.26
C ARG C 275 -25.06 -15.47 20.58
N GLU C 276 -23.75 -15.57 20.77
CA GLU C 276 -23.19 -16.29 21.91
C GLU C 276 -22.60 -15.39 22.97
N SER C 277 -22.67 -14.07 22.82
CA SER C 277 -22.11 -13.16 23.80
C SER C 277 -22.68 -11.77 23.57
N PHE C 278 -22.26 -10.83 24.43
CA PHE C 278 -22.66 -9.43 24.33
C PHE C 278 -21.40 -8.56 24.25
N PRO C 279 -21.25 -7.74 23.22
CA PRO C 279 -19.97 -7.03 23.02
C PRO C 279 -19.73 -5.89 23.99
N LEU C 280 -19.57 -6.21 25.26
CA LEU C 280 -19.20 -5.23 26.28
C LEU C 280 -17.72 -5.41 26.60
N LEU C 281 -16.94 -4.34 26.44
CA LEU C 281 -15.50 -4.44 26.56
C LEU C 281 -15.08 -4.88 27.96
N THR C 282 -14.12 -5.80 28.02
CA THR C 282 -13.60 -6.30 29.29
C THR C 282 -12.32 -5.61 29.72
N THR C 283 -11.59 -4.98 28.80
CA THR C 283 -10.34 -4.32 29.15
C THR C 283 -10.54 -3.04 29.96
N LYS C 284 -11.78 -2.61 30.19
CA LYS C 284 -12.07 -1.47 31.04
C LYS C 284 -13.52 -1.57 31.49
N LYS C 285 -13.78 -1.20 32.74
CA LYS C 285 -15.14 -1.24 33.29
C LYS C 285 -16.00 -0.20 32.59
N VAL C 286 -16.94 -0.66 31.77
CA VAL C 286 -17.80 0.22 30.99
C VAL C 286 -19.10 0.46 31.75
N ALA C 287 -19.52 1.72 31.84
CA ALA C 287 -20.76 2.08 32.51
C ALA C 287 -21.97 1.61 31.71
N ILE C 288 -22.39 0.36 31.95
CA ILE C 288 -23.48 -0.22 31.16
C ILE C 288 -24.81 0.45 31.48
N ARG C 289 -24.99 0.92 32.71
CA ARG C 289 -26.27 1.54 33.07
C ARG C 289 -26.48 2.84 32.29
N SER C 290 -25.44 3.65 32.16
CA SER C 290 -25.55 4.90 31.41
C SER C 290 -25.80 4.63 29.93
N ILE C 291 -25.20 3.56 29.38
CA ILE C 291 -25.42 3.24 27.98
C ILE C 291 -26.90 2.95 27.73
N PHE C 292 -27.50 2.11 28.58
CA PHE C 292 -28.91 1.78 28.42
C PHE C 292 -29.79 3.01 28.59
N GLU C 293 -29.56 3.77 29.66
CA GLU C 293 -30.43 4.92 29.95
C GLU C 293 -30.37 5.95 28.84
N GLU C 294 -29.27 6.01 28.10
CA GLU C 294 -29.20 6.86 26.92
C GLU C 294 -29.96 6.26 25.75
N LEU C 295 -29.91 4.93 25.60
CA LEU C 295 -30.59 4.31 24.46
C LEU C 295 -32.09 4.37 24.61
N ILE C 296 -32.61 4.05 25.80
CA ILE C 296 -34.05 4.16 26.02
C ILE C 296 -34.47 5.63 25.96
N TRP C 297 -33.55 6.54 26.29
CA TRP C 297 -33.81 7.97 26.12
C TRP C 297 -34.04 8.29 24.65
N PHE C 298 -33.25 7.69 23.76
CA PHE C 298 -33.47 7.85 22.32
C PHE C 298 -34.80 7.24 21.90
N ILE C 299 -35.08 6.01 22.37
CA ILE C 299 -36.25 5.28 21.91
C ILE C 299 -37.54 6.03 22.25
N LYS C 300 -37.61 6.58 23.47
CA LYS C 300 -38.78 7.35 23.88
C LYS C 300 -38.96 8.64 23.09
N GLY C 301 -38.00 8.99 22.23
CA GLY C 301 -38.09 10.23 21.49
C GLY C 301 -37.64 11.46 22.24
N ASP C 302 -36.97 11.29 23.37
CA ASP C 302 -36.70 12.39 24.28
C ASP C 302 -35.40 13.10 23.91
N THR C 303 -35.45 14.43 23.89
CA THR C 303 -34.27 15.27 23.73
C THR C 303 -34.05 16.20 24.91
N ASN C 304 -34.75 15.98 26.02
CA ASN C 304 -34.54 16.77 27.24
C ASN C 304 -33.36 16.19 27.99
N GLY C 305 -32.23 16.90 27.98
CA GLY C 305 -31.03 16.43 28.65
C GLY C 305 -31.15 16.35 30.17
N ASN C 306 -32.13 17.04 30.75
CA ASN C 306 -32.31 16.97 32.19
C ASN C 306 -32.77 15.58 32.63
N HIS C 307 -33.54 14.89 31.79
CA HIS C 307 -34.06 13.58 32.16
C HIS C 307 -32.95 12.56 32.36
N LEU C 308 -31.80 12.76 31.71
CA LEU C 308 -30.66 11.89 31.95
C LEU C 308 -29.90 12.29 33.20
N ILE C 309 -29.77 13.61 33.44
CA ILE C 309 -29.07 14.08 34.63
C ILE C 309 -29.87 13.72 35.89
N GLU C 310 -31.20 13.71 35.79
CA GLU C 310 -32.03 13.33 36.93
C GLU C 310 -31.80 11.86 37.30
N LYS C 311 -31.38 11.04 36.35
CA LYS C 311 -31.03 9.65 36.59
C LYS C 311 -29.53 9.45 36.77
N LYS C 312 -28.80 10.52 37.12
CA LYS C 312 -27.38 10.47 37.41
C LYS C 312 -26.58 9.97 36.20
N VAL C 313 -26.92 10.48 35.03
CA VAL C 313 -26.20 10.19 33.78
C VAL C 313 -25.83 11.53 33.15
N TYR C 314 -24.54 11.84 33.12
CA TYR C 314 -24.07 13.17 32.75
C TYR C 314 -23.28 13.19 31.44
N ILE C 315 -23.51 12.22 30.55
CA ILE C 315 -22.70 12.16 29.34
C ILE C 315 -23.07 13.29 28.38
N TRP C 316 -24.29 13.80 28.45
CA TRP C 316 -24.74 14.87 27.57
C TRP C 316 -24.72 16.24 28.25
N SER C 317 -24.16 16.33 29.46
CA SER C 317 -24.11 17.63 30.12
C SER C 317 -23.09 18.55 29.47
N GLY C 318 -22.04 17.99 28.88
CA GLY C 318 -21.01 18.82 28.26
C GLY C 318 -21.54 19.61 27.07
N ASN C 319 -22.28 18.93 26.19
CA ASN C 319 -22.87 19.58 25.04
C ASN C 319 -24.22 20.21 25.33
N GLY C 320 -24.55 20.37 26.61
CA GLY C 320 -25.82 20.96 27.00
C GLY C 320 -25.70 21.97 28.12
N SER C 321 -24.61 22.72 28.14
CA SER C 321 -24.42 23.80 29.10
C SER C 321 -24.79 25.12 28.46
N LYS C 322 -25.20 26.08 29.30
CA LYS C 322 -25.55 27.39 28.79
C LYS C 322 -24.35 28.06 28.11
N GLU C 323 -23.14 27.79 28.60
CA GLU C 323 -21.95 28.38 28.00
C GLU C 323 -21.64 27.76 26.64
N TYR C 324 -21.83 26.44 26.50
CA TYR C 324 -21.59 25.79 25.22
C TYR C 324 -22.66 26.14 24.20
N LEU C 325 -23.92 26.20 24.63
CA LEU C 325 -25.01 26.46 23.70
C LEU C 325 -24.93 27.88 23.15
N GLU C 326 -24.66 28.86 24.01
CA GLU C 326 -24.49 30.22 23.52
C GLU C 326 -23.23 30.36 22.67
N ARG C 327 -22.24 29.49 22.88
CA ARG C 327 -21.01 29.57 22.11
C ARG C 327 -21.21 29.12 20.67
N ILE C 328 -22.09 28.15 20.44
CA ILE C 328 -22.33 27.66 19.08
C ILE C 328 -23.55 28.30 18.45
N GLY C 329 -24.10 29.35 19.07
CA GLY C 329 -25.21 30.08 18.48
C GLY C 329 -26.59 29.60 18.86
N LEU C 330 -26.74 29.00 20.04
CA LEU C 330 -28.04 28.55 20.54
C LEU C 330 -28.29 29.09 21.93
N GLY C 331 -27.96 30.37 22.15
CA GLY C 331 -28.17 30.98 23.45
C GLY C 331 -29.62 31.16 23.83
N HIS C 332 -30.51 31.20 22.83
CA HIS C 332 -31.95 31.26 23.07
C HIS C 332 -32.48 29.99 23.71
N ARG C 333 -31.68 28.93 23.71
CA ARG C 333 -32.12 27.62 24.13
C ARG C 333 -32.02 27.48 25.65
N GLU C 334 -32.89 26.63 26.22
CA GLU C 334 -32.81 26.36 27.64
C GLU C 334 -31.54 25.57 27.96
N GLU C 335 -31.29 25.39 29.26
CA GLU C 335 -30.02 24.85 29.72
C GLU C 335 -29.65 23.57 28.99
N ASN C 336 -30.47 22.53 29.11
CA ASN C 336 -30.15 21.23 28.54
C ASN C 336 -31.08 20.84 27.38
N ASP C 337 -31.60 21.82 26.66
CA ASP C 337 -32.43 21.55 25.49
C ASP C 337 -31.51 21.26 24.31
N LEU C 338 -31.27 19.98 24.04
CA LEU C 338 -30.31 19.58 23.02
C LEU C 338 -30.83 19.77 21.60
N GLY C 339 -32.14 19.91 21.41
CA GLY C 339 -32.69 20.11 20.09
C GLY C 339 -32.98 18.80 19.38
N PRO C 340 -33.39 18.89 18.12
CA PRO C 340 -33.74 17.66 17.39
C PRO C 340 -32.53 16.81 17.08
N ILE C 341 -32.32 15.73 17.85
CA ILE C 341 -31.13 14.90 17.70
C ILE C 341 -31.61 13.47 17.72
N TYR C 342 -30.71 12.53 18.04
CA TYR C 342 -31.11 11.14 18.22
C TYR C 342 -32.39 11.05 19.04
N GLY C 343 -33.33 10.25 18.55
CA GLY C 343 -34.62 10.12 19.18
C GLY C 343 -35.63 11.16 18.78
N PHE C 344 -35.23 12.21 18.08
CA PHE C 344 -36.23 13.07 17.48
C PHE C 344 -36.33 12.84 15.99
N GLN C 345 -35.23 12.48 15.35
CA GLN C 345 -35.28 11.98 13.99
C GLN C 345 -35.73 10.53 13.95
N TRP C 346 -35.60 9.80 15.06
CA TRP C 346 -36.07 8.42 15.13
C TRP C 346 -37.60 8.38 15.16
N ARG C 347 -38.22 9.26 15.94
CA ARG C 347 -39.65 9.22 16.16
C ARG C 347 -40.43 10.32 15.46
N HIS C 348 -39.79 11.46 15.18
CA HIS C 348 -40.46 12.60 14.57
C HIS C 348 -39.56 13.21 13.50
N TYR C 349 -39.22 12.42 12.50
CA TYR C 349 -38.32 12.87 11.45
C TYR C 349 -38.97 14.00 10.65
N ASN C 350 -38.18 15.03 10.35
CA ASN C 350 -38.62 16.22 9.62
C ASN C 350 -39.70 17.00 10.36
N GLY C 351 -39.81 16.83 11.68
CA GLY C 351 -40.78 17.58 12.44
C GLY C 351 -40.22 18.94 12.84
N GLU C 352 -41.08 19.96 12.77
CA GLU C 352 -40.67 21.30 13.16
C GLU C 352 -40.46 21.36 14.66
N TYR C 353 -39.21 21.55 15.07
CA TYR C 353 -38.84 21.53 16.48
C TYR C 353 -38.99 22.92 17.08
N LYS C 354 -39.73 23.01 18.18
CA LYS C 354 -39.81 24.26 18.93
C LYS C 354 -38.86 24.19 20.13
N THR C 355 -39.36 23.66 21.25
CA THR C 355 -38.55 23.42 22.43
C THR C 355 -38.69 21.97 22.84
N MET C 356 -38.03 21.60 23.94
CA MET C 356 -38.08 20.23 24.44
C MET C 356 -39.33 19.97 25.27
N HIS C 357 -40.12 20.99 25.57
CA HIS C 357 -41.31 20.84 26.40
C HIS C 357 -42.58 20.64 25.59
N ASP C 358 -42.55 20.87 24.28
CA ASP C 358 -43.76 20.77 23.48
C ASP C 358 -44.10 19.31 23.20
N ASP C 359 -45.35 19.10 22.78
CA ASP C 359 -45.86 17.77 22.48
C ASP C 359 -45.70 17.51 20.98
N TYR C 360 -44.87 16.52 20.65
CA TYR C 360 -44.58 16.20 19.26
C TYR C 360 -45.25 14.90 18.81
N THR C 361 -46.25 14.44 19.56
CA THR C 361 -46.95 13.21 19.19
C THR C 361 -47.73 13.45 17.89
N GLY C 362 -47.46 12.62 16.88
CA GLY C 362 -48.15 12.69 15.62
C GLY C 362 -47.38 13.43 14.53
N VAL C 363 -46.50 14.34 14.91
CA VAL C 363 -45.73 15.11 13.94
C VAL C 363 -44.46 14.35 13.59
N GLY C 364 -44.03 14.48 12.35
CA GLY C 364 -42.84 13.80 11.89
C GLY C 364 -43.11 12.36 11.49
N VAL C 365 -42.06 11.74 10.95
CA VAL C 365 -42.12 10.36 10.49
C VAL C 365 -41.54 9.46 11.58
N ASP C 366 -42.34 8.53 12.08
CA ASP C 366 -41.88 7.61 13.12
C ASP C 366 -41.13 6.48 12.45
N GLN C 367 -39.81 6.66 12.32
CA GLN C 367 -38.97 5.64 11.68
C GLN C 367 -38.90 4.37 12.52
N LEU C 368 -38.78 4.51 13.84
CA LEU C 368 -38.65 3.34 14.71
C LEU C 368 -39.90 2.47 14.62
N ALA C 369 -41.08 3.09 14.59
CA ALA C 369 -42.31 2.34 14.45
C ALA C 369 -42.39 1.63 13.10
N LYS C 370 -42.07 2.36 12.02
CA LYS C 370 -42.08 1.74 10.70
C LYS C 370 -41.03 0.64 10.58
N LEU C 371 -39.89 0.80 11.25
CA LEU C 371 -38.85 -0.22 11.20
C LEU C 371 -39.34 -1.52 11.82
N ILE C 372 -39.97 -1.43 12.99
CA ILE C 372 -40.50 -2.63 13.66
C ILE C 372 -41.60 -3.26 12.82
N GLU C 373 -42.48 -2.43 12.25
CA GLU C 373 -43.58 -2.96 11.44
C GLU C 373 -43.08 -3.58 10.16
N THR C 374 -41.99 -3.07 9.59
CA THR C 374 -41.43 -3.67 8.38
C THR C 374 -40.62 -4.92 8.70
N LEU C 375 -39.94 -4.95 9.84
CA LEU C 375 -39.16 -6.13 10.22
C LEU C 375 -40.05 -7.34 10.44
N LYS C 376 -41.30 -7.13 10.86
CA LYS C 376 -42.20 -8.24 11.15
C LYS C 376 -42.98 -8.67 9.92
N ASN C 377 -43.45 -7.73 9.10
CA ASN C 377 -44.29 -8.05 7.97
C ASN C 377 -43.50 -8.40 6.71
N ASN C 378 -42.34 -7.76 6.50
CA ASN C 378 -41.49 -8.02 5.35
C ASN C 378 -40.06 -8.20 5.87
N PRO C 379 -39.73 -9.39 6.35
CA PRO C 379 -38.41 -9.56 7.00
C PRO C 379 -37.24 -9.49 6.03
N LYS C 380 -37.40 -10.03 4.81
CA LYS C 380 -36.31 -10.03 3.84
C LYS C 380 -36.27 -8.76 2.99
N ASP C 381 -37.04 -7.73 3.38
CA ASP C 381 -36.93 -6.43 2.73
C ASP C 381 -35.55 -5.84 2.97
N ARG C 382 -35.04 -5.12 1.97
CA ARG C 382 -33.71 -4.55 2.01
C ARG C 382 -33.69 -3.08 2.42
N ARG C 383 -34.74 -2.60 3.09
CA ARG C 383 -34.87 -1.18 3.38
C ARG C 383 -35.15 -0.93 4.86
N HIS C 384 -34.66 -1.82 5.73
CA HIS C 384 -34.84 -1.67 7.17
C HIS C 384 -33.80 -0.68 7.69
N ILE C 385 -34.04 0.60 7.43
CA ILE C 385 -33.07 1.66 7.67
C ILE C 385 -33.62 2.66 8.67
N LEU C 386 -32.76 3.05 9.62
CA LEU C 386 -33.05 4.07 10.61
C LEU C 386 -31.96 5.12 10.51
N THR C 387 -32.30 6.32 10.03
CA THR C 387 -31.35 7.38 9.83
C THR C 387 -31.60 8.52 10.81
N ALA C 388 -30.53 9.26 11.11
CA ALA C 388 -30.61 10.43 11.97
C ALA C 388 -29.98 11.66 11.33
N TRP C 389 -29.49 11.56 10.10
CA TRP C 389 -28.84 12.68 9.43
C TRP C 389 -29.91 13.42 8.64
N ASN C 390 -30.34 14.56 9.18
CA ASN C 390 -31.36 15.41 8.55
C ASN C 390 -30.74 16.77 8.29
N PRO C 391 -30.37 17.08 7.04
CA PRO C 391 -29.73 18.37 6.76
C PRO C 391 -30.56 19.57 7.13
N SER C 392 -31.89 19.46 7.13
CA SER C 392 -32.74 20.59 7.45
C SER C 392 -32.72 20.93 8.94
N ALA C 393 -32.29 20.00 9.79
CA ALA C 393 -32.33 20.18 11.23
C ALA C 393 -30.94 20.25 11.86
N LEU C 394 -29.87 20.13 11.07
CA LEU C 394 -28.53 20.09 11.64
C LEU C 394 -28.20 21.36 12.40
N SER C 395 -28.63 22.52 11.90
CA SER C 395 -28.31 23.79 12.53
C SER C 395 -28.93 23.91 13.91
N GLN C 396 -30.05 23.24 14.16
CA GLN C 396 -30.72 23.31 15.45
C GLN C 396 -30.19 22.32 16.48
N MET C 397 -29.39 21.35 16.05
CA MET C 397 -28.88 20.34 16.99
C MET C 397 -27.73 20.89 17.82
N ALA C 398 -27.68 20.47 19.09
CA ALA C 398 -26.53 20.79 19.91
C ALA C 398 -25.26 20.13 19.39
N LEU C 399 -25.41 19.03 18.65
CA LEU C 399 -24.30 18.31 18.05
C LEU C 399 -24.84 17.45 16.93
N PRO C 400 -24.24 17.49 15.73
CA PRO C 400 -24.71 16.63 14.66
C PRO C 400 -24.54 15.17 15.05
N PRO C 401 -25.38 14.30 14.49
CA PRO C 401 -25.31 12.88 14.87
C PRO C 401 -24.01 12.24 14.44
N CYS C 402 -23.44 11.42 15.33
CA CYS C 402 -22.25 10.64 15.02
C CYS C 402 -22.60 9.30 14.41
N HIS C 403 -23.50 8.54 15.04
CA HIS C 403 -24.07 7.35 14.41
C HIS C 403 -25.24 7.81 13.57
N VAL C 404 -25.00 7.97 12.27
CA VAL C 404 -25.91 8.70 11.40
C VAL C 404 -26.97 7.79 10.77
N LEU C 405 -26.60 6.56 10.42
CA LEU C 405 -27.51 5.68 9.70
C LEU C 405 -27.20 4.24 10.08
N SER C 406 -28.26 3.44 10.25
CA SER C 406 -28.12 2.04 10.58
C SER C 406 -29.10 1.22 9.76
N GLN C 407 -28.68 0.00 9.38
CA GLN C 407 -29.48 -0.90 8.58
C GLN C 407 -29.61 -2.23 9.30
N TYR C 408 -30.75 -2.89 9.11
CA TYR C 408 -31.05 -4.14 9.81
C TYR C 408 -31.45 -5.21 8.81
N TYR C 409 -31.22 -6.46 9.20
CA TYR C 409 -31.25 -7.58 8.27
C TYR C 409 -31.76 -8.81 9.01
N VAL C 410 -32.72 -9.51 8.40
CA VAL C 410 -33.30 -10.72 8.98
C VAL C 410 -32.72 -11.91 8.21
N THR C 411 -32.02 -12.78 8.92
CA THR C 411 -31.41 -13.95 8.30
C THR C 411 -32.45 -15.05 8.07
N ASN C 412 -32.03 -16.09 7.36
CA ASN C 412 -32.93 -17.20 7.07
C ASN C 412 -33.23 -18.04 8.31
N ASP C 413 -32.42 -17.93 9.36
CA ASP C 413 -32.69 -18.60 10.63
C ASP C 413 -33.22 -17.64 11.69
N ASN C 414 -33.95 -16.61 11.26
CA ASN C 414 -34.69 -15.71 12.15
C ASN C 414 -33.76 -15.02 13.17
N CYS C 415 -32.63 -14.53 12.68
CA CYS C 415 -31.74 -13.70 13.46
C CYS C 415 -31.70 -12.29 12.86
N LEU C 416 -31.46 -11.30 13.72
CA LEU C 416 -31.48 -9.89 13.33
C LEU C 416 -30.06 -9.33 13.46
N SER C 417 -29.45 -9.03 12.33
CA SER C 417 -28.14 -8.38 12.29
C SER C 417 -28.31 -6.88 12.08
N CYS C 418 -27.23 -6.15 12.36
CA CYS C 418 -27.26 -4.69 12.33
C CYS C 418 -25.95 -4.14 11.76
N ASN C 419 -26.06 -3.19 10.84
CA ASN C 419 -24.94 -2.40 10.36
C ASN C 419 -25.14 -0.95 10.78
N LEU C 420 -24.06 -0.30 11.18
CA LEU C 420 -24.09 1.10 11.59
C LEU C 420 -22.95 1.85 10.89
N TYR C 421 -23.27 2.99 10.30
CA TYR C 421 -22.25 3.90 9.80
C TYR C 421 -22.09 5.05 10.79
N GLN C 422 -20.87 5.26 11.25
CA GLN C 422 -20.54 6.31 12.21
C GLN C 422 -19.55 7.27 11.56
N ARG C 423 -19.95 8.54 11.42
CA ARG C 423 -19.11 9.51 10.71
C ARG C 423 -17.88 9.88 11.53
N SER C 424 -18.03 9.98 12.85
CA SER C 424 -16.96 10.39 13.73
C SER C 424 -16.98 9.51 14.96
N CYS C 425 -15.81 9.04 15.39
CA CYS C 425 -15.73 8.00 16.41
C CYS C 425 -14.64 8.37 17.43
N ASP C 426 -15.07 8.77 18.61
CA ASP C 426 -14.18 8.92 19.77
C ASP C 426 -13.88 7.53 20.31
N LEU C 427 -12.71 6.98 19.97
CA LEU C 427 -12.37 5.62 20.35
C LEU C 427 -12.21 5.44 21.84
N GLY C 428 -11.98 6.53 22.59
CA GLY C 428 -11.81 6.43 24.03
C GLY C 428 -13.11 6.38 24.79
N LEU C 429 -14.09 7.17 24.38
CA LEU C 429 -15.37 7.27 25.09
C LEU C 429 -16.54 6.82 24.25
N GLY C 430 -16.74 7.38 23.06
CA GLY C 430 -17.95 7.10 22.30
C GLY C 430 -18.00 5.68 21.77
N SER C 431 -16.88 5.16 21.28
CA SER C 431 -16.88 3.86 20.63
C SER C 431 -17.31 2.73 21.55
N PRO C 432 -16.80 2.60 22.78
CA PRO C 432 -17.33 1.55 23.66
C PRO C 432 -18.82 1.68 23.91
N PHE C 433 -19.34 2.91 23.97
CA PHE C 433 -20.77 3.10 24.12
C PHE C 433 -21.52 2.70 22.85
N ASN C 434 -21.01 3.12 21.68
CA ASN C 434 -21.70 2.83 20.43
C ASN C 434 -21.78 1.33 20.19
N ILE C 435 -20.74 0.59 20.56
CA ILE C 435 -20.76 -0.86 20.37
C ILE C 435 -21.85 -1.49 21.24
N ALA C 436 -21.90 -1.12 22.52
CA ALA C 436 -22.88 -1.71 23.42
C ALA C 436 -24.27 -1.19 23.16
N SER C 437 -24.40 0.10 22.82
CA SER C 437 -25.72 0.70 22.66
C SER C 437 -26.47 0.07 21.49
N TYR C 438 -25.83 0.00 20.32
CA TYR C 438 -26.49 -0.61 19.17
C TYR C 438 -26.60 -2.12 19.30
N ALA C 439 -25.80 -2.74 20.18
CA ALA C 439 -26.03 -4.15 20.48
C ALA C 439 -27.32 -4.31 21.29
N ILE C 440 -27.53 -3.46 22.28
CA ILE C 440 -28.76 -3.52 23.07
C ILE C 440 -29.96 -3.21 22.20
N LEU C 441 -29.86 -2.20 21.34
CA LEU C 441 -30.96 -1.83 20.46
C LEU C 441 -31.36 -2.98 19.56
N THR C 442 -30.37 -3.69 19.00
CA THR C 442 -30.68 -4.82 18.12
C THR C 442 -31.39 -5.93 18.88
N MET C 443 -30.99 -6.18 20.13
CA MET C 443 -31.63 -7.21 20.92
C MET C 443 -33.06 -6.81 21.29
N MET C 444 -33.27 -5.53 21.59
CA MET C 444 -34.63 -5.04 21.84
C MET C 444 -35.50 -5.22 20.61
N LEU C 445 -34.99 -4.83 19.45
CA LEU C 445 -35.74 -5.02 18.21
C LEU C 445 -35.98 -6.49 17.92
N ALA C 446 -35.06 -7.36 18.36
CA ALA C 446 -35.22 -8.80 18.09
C ALA C 446 -36.34 -9.40 18.93
N GLN C 447 -36.47 -8.97 20.19
CA GLN C 447 -37.51 -9.52 21.05
C GLN C 447 -38.90 -9.05 20.61
N VAL C 448 -39.03 -7.78 20.28
CA VAL C 448 -40.33 -7.24 19.87
C VAL C 448 -40.77 -7.82 18.53
N CYS C 449 -39.81 -8.21 17.68
CA CYS C 449 -40.13 -8.76 16.37
C CYS C 449 -40.09 -10.28 16.33
N GLY C 450 -39.66 -10.93 17.41
CA GLY C 450 -39.65 -12.38 17.47
C GLY C 450 -38.44 -13.06 16.86
N TYR C 451 -37.30 -12.39 16.84
CA TYR C 451 -36.07 -12.95 16.30
C TYR C 451 -35.03 -13.08 17.41
N GLU C 452 -33.89 -13.65 17.05
CA GLU C 452 -32.74 -13.76 17.92
C GLU C 452 -31.64 -12.78 17.50
N PRO C 453 -30.77 -12.37 18.41
CA PRO C 453 -29.68 -11.46 18.02
C PRO C 453 -28.73 -12.12 17.04
N GLY C 454 -28.23 -11.32 16.09
CA GLY C 454 -27.34 -11.82 15.06
C GLY C 454 -25.93 -11.28 15.18
N GLU C 455 -25.52 -10.50 14.19
CA GLU C 455 -24.20 -9.89 14.18
C GLU C 455 -24.31 -8.38 14.22
N LEU C 456 -23.23 -7.74 14.64
CA LEU C 456 -23.14 -6.28 14.68
C LEU C 456 -21.89 -5.85 13.93
N ALA C 457 -22.06 -5.02 12.91
CA ALA C 457 -20.96 -4.43 12.16
C ALA C 457 -21.07 -2.93 12.22
N ILE C 458 -19.96 -2.26 12.55
CA ILE C 458 -19.90 -0.81 12.66
C ILE C 458 -18.88 -0.30 11.65
N PHE C 459 -19.33 0.54 10.73
CA PHE C 459 -18.47 1.16 9.74
C PHE C 459 -18.18 2.60 10.14
N ILE C 460 -16.90 2.96 10.18
CA ILE C 460 -16.44 4.21 10.79
C ILE C 460 -15.76 5.07 9.72
N GLY C 461 -16.09 6.36 9.72
CA GLY C 461 -15.38 7.33 8.91
C GLY C 461 -14.13 7.84 9.59
N ASP C 462 -14.27 8.90 10.40
CA ASP C 462 -13.14 9.52 11.08
C ASP C 462 -12.92 8.79 12.41
N ALA C 463 -12.11 7.73 12.38
CA ALA C 463 -11.72 7.02 13.58
C ALA C 463 -10.50 7.70 14.18
N HIS C 464 -10.64 8.22 15.40
CA HIS C 464 -9.62 9.08 15.98
C HIS C 464 -9.46 8.81 17.47
N ILE C 465 -8.34 9.29 18.01
CA ILE C 465 -8.03 9.21 19.43
C ILE C 465 -7.63 10.61 19.88
N TYR C 466 -8.32 11.13 20.90
CA TYR C 466 -7.96 12.43 21.45
C TYR C 466 -6.63 12.33 22.18
N GLU C 467 -5.81 13.39 22.06
CA GLU C 467 -4.44 13.33 22.54
C GLU C 467 -4.34 13.23 24.05
N ASN C 468 -5.38 13.62 24.78
CA ASN C 468 -5.41 13.46 26.23
C ASN C 468 -5.91 12.08 26.66
N HIS C 469 -6.10 11.16 25.72
CA HIS C 469 -6.44 9.77 26.01
C HIS C 469 -5.30 8.81 25.72
N LEU C 470 -4.10 9.33 25.40
CA LEU C 470 -3.03 8.47 24.91
C LEU C 470 -2.48 7.56 26.01
N THR C 471 -2.14 8.13 27.17
CA THR C 471 -1.63 7.31 28.26
C THR C 471 -2.70 6.35 28.78
N GLN C 472 -3.97 6.76 28.73
CA GLN C 472 -5.06 5.90 29.20
C GLN C 472 -5.26 4.71 28.27
N LEU C 473 -5.34 4.96 26.96
CA LEU C 473 -5.59 3.88 26.01
C LEU C 473 -4.39 2.95 25.89
N LYS C 474 -3.18 3.45 26.14
CA LYS C 474 -2.01 2.58 26.19
C LYS C 474 -2.09 1.64 27.39
N GLU C 475 -2.63 2.13 28.51
CA GLU C 475 -2.87 1.27 29.66
C GLU C 475 -3.87 0.17 29.32
N GLN C 476 -4.94 0.53 28.60
CA GLN C 476 -5.95 -0.47 28.22
C GLN C 476 -5.37 -1.51 27.28
N LEU C 477 -4.44 -1.12 26.40
CA LEU C 477 -3.83 -2.07 25.47
C LEU C 477 -2.90 -3.06 26.16
N SER C 478 -2.51 -2.81 27.41
CA SER C 478 -1.65 -3.72 28.14
C SER C 478 -2.43 -4.84 28.84
N ARG C 479 -3.76 -4.85 28.72
CA ARG C 479 -4.62 -5.80 29.42
C ARG C 479 -5.11 -6.85 28.44
N THR C 480 -4.77 -8.11 28.69
CA THR C 480 -5.25 -9.20 27.85
C THR C 480 -6.76 -9.34 28.01
N PRO C 481 -7.53 -9.42 26.93
CA PRO C 481 -8.99 -9.44 27.05
C PRO C 481 -9.48 -10.67 27.80
N ARG C 482 -10.70 -10.56 28.31
CA ARG C 482 -11.42 -11.60 29.01
C ARG C 482 -12.71 -11.90 28.24
N PRO C 483 -13.34 -13.06 28.50
CA PRO C 483 -14.55 -13.42 27.74
C PRO C 483 -15.66 -12.38 27.90
N PHE C 484 -16.38 -12.15 26.80
CA PHE C 484 -17.52 -11.24 26.82
C PHE C 484 -18.57 -11.73 27.81
N PRO C 485 -19.33 -10.81 28.41
CA PRO C 485 -20.42 -11.24 29.31
C PRO C 485 -21.65 -11.68 28.53
N GLN C 486 -22.73 -11.96 29.25
CA GLN C 486 -24.02 -12.23 28.65
C GLN C 486 -25.02 -11.16 29.09
N LEU C 487 -25.98 -10.88 28.23
CA LEU C 487 -27.05 -9.94 28.54
C LEU C 487 -28.37 -10.59 28.17
N LYS C 488 -29.27 -10.70 29.15
CA LYS C 488 -30.58 -11.29 28.95
C LYS C 488 -31.64 -10.34 29.50
N PHE C 489 -32.82 -10.41 28.89
CA PHE C 489 -33.96 -9.62 29.35
C PHE C 489 -34.80 -10.45 30.31
N LYS C 490 -35.27 -9.81 31.38
CA LYS C 490 -36.02 -10.53 32.40
C LYS C 490 -37.48 -10.74 32.03
N ARG C 491 -38.00 -9.99 31.06
CA ARG C 491 -39.40 -10.11 30.68
C ARG C 491 -39.57 -9.68 29.23
N LYS C 492 -40.63 -10.18 28.60
CA LYS C 492 -40.99 -9.77 27.26
C LYS C 492 -41.93 -8.57 27.36
N VAL C 493 -41.59 -7.50 26.65
CA VAL C 493 -42.32 -6.25 26.73
C VAL C 493 -43.34 -6.20 25.59
N GLU C 494 -44.40 -5.42 25.80
CA GLU C 494 -45.39 -5.23 24.75
C GLU C 494 -44.86 -4.29 23.67
N ASN C 495 -44.47 -3.09 24.06
CA ASN C 495 -43.85 -2.13 23.15
C ASN C 495 -42.41 -1.89 23.58
N ILE C 496 -41.58 -1.48 22.61
CA ILE C 496 -40.16 -1.30 22.85
C ILE C 496 -39.89 -0.17 23.85
N GLU C 497 -40.84 0.76 24.00
CA GLU C 497 -40.65 1.87 24.93
C GLU C 497 -40.76 1.46 26.38
N ASP C 498 -41.18 0.22 26.67
CA ASP C 498 -41.48 -0.22 28.03
C ASP C 498 -40.27 -0.75 28.77
N PHE C 499 -39.09 -0.76 28.15
CA PHE C 499 -37.92 -1.33 28.81
C PHE C 499 -37.46 -0.47 29.98
N LYS C 500 -37.00 -1.13 31.04
CA LYS C 500 -36.47 -0.48 32.22
C LYS C 500 -35.13 -1.09 32.57
N TRP C 501 -34.33 -0.35 33.35
CA TRP C 501 -33.00 -0.83 33.71
C TRP C 501 -33.07 -2.12 34.51
N GLU C 502 -34.08 -2.27 35.37
CA GLU C 502 -34.22 -3.49 36.15
C GLU C 502 -34.53 -4.71 35.29
N ASP C 503 -34.98 -4.50 34.05
CA ASP C 503 -35.30 -5.61 33.16
C ASP C 503 -34.06 -6.26 32.54
N ILE C 504 -32.88 -5.66 32.73
CA ILE C 504 -31.65 -6.13 32.11
C ILE C 504 -30.83 -6.89 33.15
N GLU C 505 -30.40 -8.11 32.80
CA GLU C 505 -29.57 -8.93 33.66
C GLU C 505 -28.24 -9.17 32.96
N LEU C 506 -27.18 -8.57 33.51
CA LEU C 506 -25.83 -8.69 32.96
C LEU C 506 -25.10 -9.81 33.71
N ILE C 507 -24.79 -10.89 32.98
CA ILE C 507 -24.28 -12.12 33.57
C ILE C 507 -22.84 -12.34 33.11
N GLY C 508 -21.94 -12.50 34.07
CA GLY C 508 -20.57 -12.88 33.75
C GLY C 508 -19.68 -11.77 33.25
N TYR C 509 -19.81 -10.58 33.81
CA TYR C 509 -18.98 -9.44 33.41
C TYR C 509 -17.93 -9.22 34.49
N TYR C 510 -16.67 -9.53 34.16
CA TYR C 510 -15.55 -9.39 35.08
C TYR C 510 -14.48 -8.55 34.41
N PRO C 511 -14.68 -7.23 34.33
CA PRO C 511 -13.76 -6.38 33.58
C PRO C 511 -12.55 -5.99 34.41
N TYR C 512 -11.62 -5.31 33.74
CA TYR C 512 -10.51 -4.64 34.38
C TYR C 512 -10.98 -3.34 35.00
N PRO C 513 -10.19 -2.76 35.91
CA PRO C 513 -10.61 -1.50 36.55
C PRO C 513 -10.88 -0.39 35.55
N THR C 514 -11.77 0.51 35.94
CA THR C 514 -12.18 1.60 35.06
C THR C 514 -11.02 2.56 34.79
N ILE C 515 -11.09 3.24 33.66
CA ILE C 515 -10.08 4.18 33.23
C ILE C 515 -10.74 5.52 32.98
N LYS C 516 -10.28 6.56 33.68
CA LYS C 516 -10.89 7.87 33.57
C LYS C 516 -10.36 8.62 32.36
N MET C 517 -11.27 9.11 31.52
CA MET C 517 -10.92 9.87 30.33
C MET C 517 -11.88 11.04 30.19
N ASP C 518 -11.35 12.24 30.00
CA ASP C 518 -12.15 13.45 29.94
C ASP C 518 -12.68 13.67 28.52
N MET C 519 -13.94 14.09 28.43
CA MET C 519 -14.57 14.35 27.14
C MET C 519 -14.18 15.73 26.63
N ALA C 520 -13.95 15.82 25.33
CA ALA C 520 -13.65 17.10 24.68
C ALA C 520 -14.96 17.76 24.28
N VAL C 521 -15.24 18.92 24.86
CA VAL C 521 -16.48 19.64 24.59
C VAL C 521 -16.39 20.41 23.29
N GLU D 3 23.36 -25.33 -5.65
CA GLU D 3 22.04 -25.01 -6.17
C GLU D 3 21.50 -23.72 -5.56
N LYS D 4 21.81 -22.60 -6.21
CA LYS D 4 21.35 -21.28 -5.80
C LYS D 4 20.09 -20.92 -6.58
N ASN D 5 19.54 -19.74 -6.27
CA ASN D 5 18.27 -19.32 -6.85
C ASN D 5 18.50 -18.60 -8.17
N VAL D 6 17.62 -18.84 -9.14
CA VAL D 6 17.68 -18.25 -10.46
C VAL D 6 16.31 -17.64 -10.77
N SER D 7 16.24 -16.31 -10.77
CA SER D 7 15.00 -15.59 -10.99
C SER D 7 15.07 -14.79 -12.28
N ILE D 8 13.93 -14.66 -12.95
CA ILE D 8 13.81 -13.83 -14.15
C ILE D 8 13.21 -12.48 -13.76
N VAL D 9 13.84 -11.41 -14.22
CA VAL D 9 13.30 -10.06 -14.10
C VAL D 9 13.00 -9.55 -15.50
N VAL D 10 11.78 -9.06 -15.70
CA VAL D 10 11.34 -8.62 -17.02
C VAL D 10 10.21 -7.62 -16.84
N ALA D 11 10.15 -6.66 -17.75
CA ALA D 11 9.03 -5.72 -17.85
C ALA D 11 8.45 -5.87 -19.25
N ALA D 12 7.27 -6.48 -19.33
CA ALA D 12 6.64 -6.79 -20.60
C ALA D 12 5.27 -6.12 -20.67
N SER D 13 4.79 -5.96 -21.90
CA SER D 13 3.47 -5.40 -22.12
C SER D 13 2.40 -6.35 -21.58
N VAL D 14 1.23 -5.78 -21.27
CA VAL D 14 0.24 -6.53 -20.53
C VAL D 14 -0.44 -7.59 -21.39
N LEU D 15 -0.64 -7.30 -22.68
CA LEU D 15 -1.35 -8.22 -23.57
C LEU D 15 -0.41 -9.03 -24.46
N SER D 16 0.37 -8.35 -25.29
CA SER D 16 1.24 -9.03 -26.25
C SER D 16 2.62 -9.34 -25.68
N SER D 17 2.95 -8.84 -24.49
CA SER D 17 4.23 -9.13 -23.82
C SER D 17 5.41 -8.58 -24.61
N GLY D 18 5.28 -7.37 -25.14
CA GLY D 18 6.39 -6.72 -25.81
C GLY D 18 7.34 -6.10 -24.80
N ILE D 19 8.65 -6.22 -25.07
CA ILE D 19 9.66 -5.78 -24.12
C ILE D 19 10.66 -4.82 -24.75
N GLY D 20 10.67 -4.72 -26.07
CA GLY D 20 11.65 -3.87 -26.73
C GLY D 20 11.26 -3.47 -28.13
N ILE D 21 11.93 -2.43 -28.62
CA ILE D 21 11.74 -1.92 -29.98
C ILE D 21 12.99 -1.18 -30.43
N ASN D 22 13.54 -1.57 -31.58
CA ASN D 22 14.71 -0.89 -32.18
C ASN D 22 15.86 -0.75 -31.20
N GLY D 23 16.14 -1.83 -30.45
CA GLY D 23 17.27 -1.84 -29.56
C GLY D 23 17.12 -1.03 -28.29
N GLN D 24 15.88 -0.72 -27.89
CA GLN D 24 15.63 0.00 -26.65
C GLN D 24 14.23 -0.34 -26.16
N LEU D 25 13.87 0.24 -25.02
CA LEU D 25 12.59 -0.04 -24.38
C LEU D 25 11.46 0.73 -25.06
N PRO D 26 10.24 0.20 -25.05
CA PRO D 26 9.10 0.93 -25.60
C PRO D 26 8.55 2.00 -24.67
N TRP D 27 9.20 2.23 -23.53
CA TRP D 27 8.70 3.15 -22.52
C TRP D 27 9.88 3.60 -21.65
N SER D 28 9.62 4.62 -20.83
CA SER D 28 10.60 5.13 -19.88
C SER D 28 9.90 5.29 -18.53
N ILE D 29 9.97 4.25 -17.70
CA ILE D 29 9.37 4.26 -16.37
C ILE D 29 10.50 4.20 -15.35
N SER D 30 10.69 5.32 -14.64
CA SER D 30 11.80 5.42 -13.70
C SER D 30 11.68 4.43 -12.55
N GLU D 31 10.48 4.30 -11.98
CA GLU D 31 10.31 3.43 -10.81
C GLU D 31 10.58 1.98 -11.17
N ASP D 32 10.35 1.58 -12.42
CA ASP D 32 10.59 0.20 -12.82
C ASP D 32 12.09 -0.12 -12.84
N LEU D 33 12.91 0.85 -13.22
CA LEU D 33 14.36 0.64 -13.16
C LEU D 33 14.83 0.54 -11.72
N LYS D 34 14.30 1.38 -10.84
CA LYS D 34 14.62 1.27 -9.43
C LYS D 34 14.17 -0.08 -8.87
N PHE D 35 13.08 -0.64 -9.40
CA PHE D 35 12.68 -1.99 -9.03
C PHE D 35 13.72 -3.00 -9.47
N PHE D 36 14.16 -2.91 -10.72
CA PHE D 36 15.22 -3.79 -11.22
C PHE D 36 16.47 -3.66 -10.36
N SER D 37 16.80 -2.45 -9.94
CA SER D 37 18.02 -2.25 -9.15
C SER D 37 17.87 -2.87 -7.77
N LYS D 38 16.74 -2.65 -7.11
CA LYS D 38 16.57 -3.13 -5.74
C LYS D 38 16.43 -4.65 -5.68
N ILE D 39 15.83 -5.26 -6.70
CA ILE D 39 15.65 -6.70 -6.66
C ILE D 39 16.97 -7.41 -6.95
N THR D 40 17.76 -6.88 -7.90
CA THR D 40 19.02 -7.52 -8.27
C THR D 40 20.14 -7.21 -7.29
N ASN D 41 19.98 -6.19 -6.44
CA ASN D 41 20.94 -5.92 -5.37
C ASN D 41 20.57 -6.59 -4.06
N ASN D 42 19.35 -7.09 -3.93
CA ASN D 42 18.90 -7.70 -2.68
C ASN D 42 19.68 -8.99 -2.43
N LYS D 43 20.53 -8.97 -1.40
CA LYS D 43 21.36 -10.12 -1.06
C LYS D 43 21.44 -10.24 0.45
N CYS D 44 21.87 -11.42 0.90
CA CYS D 44 21.99 -11.74 2.32
C CYS D 44 23.43 -11.70 2.83
N ASP D 45 24.38 -12.19 2.03
CA ASP D 45 25.78 -12.24 2.46
C ASP D 45 26.50 -10.97 2.04
N SER D 46 27.27 -10.39 2.95
CA SER D 46 27.97 -9.15 2.66
C SER D 46 29.09 -9.36 1.66
N ASN D 47 29.85 -10.45 1.77
CA ASN D 47 30.98 -10.73 0.89
C ASN D 47 30.58 -11.55 -0.32
N LYS D 48 29.40 -11.30 -0.88
CA LYS D 48 28.95 -11.97 -2.09
C LYS D 48 28.23 -10.97 -2.97
N LYS D 49 28.07 -11.33 -4.24
CA LYS D 49 27.41 -10.49 -5.23
C LYS D 49 26.42 -11.32 -6.03
N ASN D 50 25.50 -10.65 -6.70
CA ASN D 50 24.53 -11.30 -7.56
C ASN D 50 24.98 -11.20 -9.02
N ALA D 51 24.60 -12.21 -9.81
CA ALA D 51 24.97 -12.28 -11.21
C ALA D 51 23.75 -11.97 -12.08
N LEU D 52 23.94 -11.08 -13.05
CA LEU D 52 22.88 -10.66 -13.97
C LEU D 52 23.24 -11.13 -15.37
N ILE D 53 22.48 -12.09 -15.88
CA ILE D 53 22.71 -12.67 -17.20
C ILE D 53 21.92 -11.86 -18.22
N MET D 54 22.55 -11.56 -19.35
CA MET D 54 21.88 -10.82 -20.42
C MET D 54 22.51 -11.15 -21.75
N GLY D 55 21.73 -11.01 -22.81
CA GLY D 55 22.23 -11.20 -24.16
C GLY D 55 23.09 -10.02 -24.60
N ARG D 56 23.72 -10.20 -25.77
CA ARG D 56 24.62 -9.17 -26.29
C ARG D 56 23.86 -7.90 -26.67
N LYS D 57 22.73 -8.05 -27.37
CA LYS D 57 21.96 -6.89 -27.80
C LYS D 57 21.46 -6.10 -26.59
N THR D 58 21.11 -6.80 -25.50
CA THR D 58 20.77 -6.11 -24.27
C THR D 58 22.00 -5.41 -23.68
N TRP D 59 23.16 -6.07 -23.75
CA TRP D 59 24.40 -5.47 -23.28
C TRP D 59 24.73 -4.20 -24.08
N ASP D 60 24.32 -4.15 -25.35
CA ASP D 60 24.50 -2.93 -26.13
C ASP D 60 23.52 -1.84 -25.69
N SER D 61 22.28 -2.23 -25.40
CA SER D 61 21.24 -1.26 -25.11
C SER D 61 21.47 -0.53 -23.79
N ILE D 62 22.25 -1.11 -22.87
CA ILE D 62 22.56 -0.45 -21.61
C ILE D 62 23.91 0.27 -21.68
N GLY D 63 24.44 0.48 -22.88
CA GLY D 63 25.65 1.25 -23.05
C GLY D 63 26.95 0.51 -22.85
N ARG D 64 26.92 -0.81 -22.63
CA ARG D 64 28.11 -1.61 -22.39
C ARG D 64 28.90 -1.08 -21.19
N ARG D 65 28.19 -0.82 -20.11
CA ARG D 65 28.77 -0.32 -18.88
C ARG D 65 28.27 -1.13 -17.69
N PRO D 66 29.11 -1.33 -16.68
CA PRO D 66 28.74 -2.24 -15.58
C PRO D 66 27.69 -1.64 -14.67
N LEU D 67 27.06 -2.52 -13.91
CA LEU D 67 26.08 -2.15 -12.89
C LEU D 67 26.72 -2.30 -11.52
N LYS D 68 26.60 -1.27 -10.68
CA LYS D 68 27.32 -1.24 -9.42
C LYS D 68 26.92 -2.42 -8.53
N ASN D 69 27.90 -2.92 -7.78
CA ASN D 69 27.73 -3.98 -6.80
C ASN D 69 27.27 -5.31 -7.38
N ARG D 70 27.29 -5.46 -8.70
CA ARG D 70 26.82 -6.68 -9.35
C ARG D 70 27.80 -7.09 -10.44
N ILE D 71 27.71 -8.36 -10.84
CA ILE D 71 28.54 -8.92 -11.90
C ILE D 71 27.63 -9.25 -13.07
N ILE D 72 27.89 -8.62 -14.21
CA ILE D 72 27.10 -8.81 -15.42
C ILE D 72 27.70 -9.96 -16.22
N VAL D 73 26.85 -10.88 -16.66
CA VAL D 73 27.25 -12.02 -17.48
C VAL D 73 26.61 -11.85 -18.84
N VAL D 74 27.45 -11.70 -19.87
CA VAL D 74 26.97 -11.46 -21.23
C VAL D 74 27.07 -12.74 -22.03
N ILE D 75 25.98 -13.14 -22.66
CA ILE D 75 25.96 -14.28 -23.55
C ILE D 75 26.17 -13.77 -24.98
N SER D 76 27.28 -14.18 -25.60
CA SER D 76 27.60 -13.76 -26.95
C SER D 76 28.51 -14.78 -27.59
N SER D 77 28.33 -14.99 -28.90
CA SER D 77 29.19 -15.89 -29.66
C SER D 77 30.41 -15.19 -30.23
N SER D 78 30.49 -13.86 -30.12
CA SER D 78 31.59 -13.12 -30.75
C SER D 78 32.20 -12.06 -29.83
N LEU D 79 31.91 -12.07 -28.54
CA LEU D 79 32.60 -11.05 -27.76
C LEU D 79 33.88 -11.60 -27.15
N PRO D 80 34.92 -10.79 -27.06
CA PRO D 80 36.18 -11.26 -26.47
C PRO D 80 36.03 -11.51 -24.96
N GLN D 81 36.52 -12.67 -24.52
CA GLN D 81 36.47 -13.03 -23.10
C GLN D 81 37.74 -12.55 -22.41
N ASP D 82 37.86 -11.23 -22.30
CA ASP D 82 39.03 -10.63 -21.66
C ASP D 82 38.85 -10.59 -20.15
N GLU D 83 39.90 -10.95 -19.42
CA GLU D 83 39.89 -10.90 -17.97
C GLU D 83 40.19 -9.51 -17.42
N ALA D 84 40.10 -8.47 -18.27
CA ALA D 84 40.41 -7.11 -17.82
C ALA D 84 39.37 -6.60 -16.84
N ASP D 85 38.09 -6.65 -17.22
CA ASP D 85 37.01 -6.16 -16.38
C ASP D 85 36.54 -7.27 -15.46
N PRO D 86 36.71 -7.15 -14.14
CA PRO D 86 36.24 -8.20 -13.23
C PRO D 86 34.75 -8.19 -12.99
N ASN D 87 34.05 -7.12 -13.38
CA ASN D 87 32.62 -6.98 -13.16
C ASN D 87 31.80 -7.39 -14.38
N VAL D 88 32.43 -7.79 -15.46
CA VAL D 88 31.74 -8.24 -16.68
C VAL D 88 32.47 -9.45 -17.22
N VAL D 89 31.73 -10.54 -17.43
CA VAL D 89 32.29 -11.77 -17.98
C VAL D 89 31.42 -12.24 -19.14
N VAL D 90 32.03 -12.93 -20.09
CA VAL D 90 31.37 -13.37 -21.31
C VAL D 90 31.39 -14.88 -21.38
N PHE D 91 30.27 -15.47 -21.82
CA PHE D 91 30.15 -16.90 -22.04
C PHE D 91 29.58 -17.15 -23.43
N ARG D 92 29.85 -18.33 -23.98
CA ARG D 92 29.49 -18.61 -25.37
C ARG D 92 28.04 -19.07 -25.53
N ASN D 93 27.44 -19.66 -24.49
CA ASN D 93 26.02 -20.01 -24.52
C ASN D 93 25.47 -20.00 -23.11
N LEU D 94 24.14 -20.08 -23.02
CA LEU D 94 23.48 -19.97 -21.74
C LEU D 94 23.78 -21.16 -20.83
N GLU D 95 23.81 -22.37 -21.39
CA GLU D 95 24.03 -23.56 -20.56
C GLU D 95 25.38 -23.48 -19.87
N ASP D 96 26.41 -23.08 -20.63
CA ASP D 96 27.77 -22.95 -20.07
C ASP D 96 27.80 -21.95 -18.92
N SER D 97 27.01 -20.87 -19.03
CA SER D 97 27.02 -19.79 -18.05
C SER D 97 26.34 -20.16 -16.74
N ILE D 98 25.62 -21.28 -16.67
CA ILE D 98 24.97 -21.64 -15.41
C ILE D 98 25.96 -22.40 -14.55
N GLU D 99 27.24 -22.34 -14.92
CA GLU D 99 28.31 -22.84 -14.08
C GLU D 99 28.49 -22.01 -12.81
N ASN D 100 27.90 -20.80 -12.77
CA ASN D 100 28.01 -19.95 -11.58
C ASN D 100 27.56 -20.68 -10.33
N LEU D 101 26.61 -21.61 -10.46
CA LEU D 101 26.15 -22.39 -9.33
C LEU D 101 27.29 -23.19 -8.72
N MET D 102 27.92 -24.06 -9.54
CA MET D 102 28.88 -25.02 -9.02
C MET D 102 30.21 -24.37 -8.65
N ASN D 103 30.68 -23.41 -9.46
CA ASN D 103 32.04 -22.89 -9.29
C ASN D 103 32.04 -21.69 -8.35
N ASP D 104 31.44 -20.58 -8.79
CA ASP D 104 31.52 -19.33 -8.04
C ASP D 104 30.67 -19.47 -6.78
N ASP D 105 31.33 -19.65 -5.63
CA ASP D 105 30.63 -19.66 -4.36
C ASP D 105 30.47 -18.25 -3.80
N SER D 106 31.07 -17.26 -4.45
CA SER D 106 30.88 -15.86 -4.11
C SER D 106 29.64 -15.26 -4.74
N ILE D 107 28.90 -16.07 -5.51
CA ILE D 107 27.66 -15.62 -6.15
C ILE D 107 26.50 -16.21 -5.35
N GLU D 108 25.62 -15.35 -4.85
CA GLU D 108 24.50 -15.77 -4.03
C GLU D 108 23.28 -16.16 -4.88
N ASN D 109 22.78 -15.22 -5.67
CA ASN D 109 21.62 -15.45 -6.51
C ASN D 109 21.96 -15.10 -7.96
N ILE D 110 21.12 -15.59 -8.87
CA ILE D 110 21.31 -15.40 -10.30
C ILE D 110 20.04 -14.81 -10.88
N PHE D 111 20.19 -13.81 -11.76
CA PHE D 111 19.07 -13.15 -12.38
C PHE D 111 19.22 -13.19 -13.90
N VAL D 112 18.19 -13.67 -14.58
CA VAL D 112 18.12 -13.67 -16.03
C VAL D 112 17.24 -12.50 -16.46
N CYS D 113 17.77 -11.66 -17.35
CA CYS D 113 17.08 -10.41 -17.67
C CYS D 113 17.51 -9.84 -19.02
N GLY D 114 17.82 -10.70 -19.99
CA GLY D 114 18.48 -10.22 -21.18
C GLY D 114 17.93 -10.61 -22.52
N GLY D 115 16.74 -10.12 -22.87
CA GLY D 115 16.23 -10.25 -24.21
C GLY D 115 15.47 -11.54 -24.46
N GLU D 116 14.75 -11.54 -25.59
CA GLU D 116 13.88 -12.65 -25.93
C GLU D 116 14.66 -13.95 -26.08
N SER D 117 15.84 -13.89 -26.69
CA SER D 117 16.61 -15.11 -26.94
C SER D 117 17.04 -15.77 -25.64
N ILE D 118 17.45 -14.98 -24.65
CA ILE D 118 17.92 -15.56 -23.39
C ILE D 118 16.73 -15.99 -22.53
N TYR D 119 15.63 -15.25 -22.56
CA TYR D 119 14.43 -15.66 -21.83
C TYR D 119 13.92 -17.00 -22.33
N ARG D 120 13.85 -17.17 -23.66
CA ARG D 120 13.30 -18.40 -24.22
C ARG D 120 14.20 -19.61 -23.90
N ASP D 121 15.52 -19.42 -23.95
CA ASP D 121 16.43 -20.50 -23.62
C ASP D 121 16.44 -20.82 -22.13
N ALA D 122 16.24 -19.81 -21.29
CA ALA D 122 16.25 -20.06 -19.85
C ALA D 122 15.01 -20.82 -19.41
N LEU D 123 13.91 -20.69 -20.14
CA LEU D 123 12.68 -21.42 -19.83
C LEU D 123 12.64 -22.79 -20.49
N LYS D 124 13.10 -22.89 -21.74
CA LYS D 124 13.08 -24.17 -22.44
C LYS D 124 14.00 -25.19 -21.78
N ASP D 125 15.05 -24.73 -21.10
CA ASP D 125 15.99 -25.61 -20.41
C ASP D 125 15.67 -25.76 -18.93
N ASN D 126 14.57 -25.17 -18.46
CA ASN D 126 14.08 -25.37 -17.09
C ASN D 126 15.12 -24.90 -16.06
N PHE D 127 15.62 -23.69 -16.25
CA PHE D 127 16.60 -23.10 -15.36
C PHE D 127 16.00 -22.10 -14.37
N VAL D 128 14.76 -21.66 -14.60
CA VAL D 128 14.18 -20.53 -13.89
C VAL D 128 13.34 -21.05 -12.72
N ASP D 129 13.58 -20.50 -11.53
CA ASP D 129 12.81 -20.82 -10.34
C ASP D 129 11.69 -19.82 -10.07
N ARG D 130 11.86 -18.58 -10.48
CA ARG D 130 10.93 -17.52 -10.15
C ARG D 130 10.95 -16.45 -11.24
N ILE D 131 9.81 -15.80 -11.45
CA ILE D 131 9.67 -14.76 -12.47
C ILE D 131 9.14 -13.50 -11.81
N TYR D 132 9.84 -12.39 -12.03
CA TYR D 132 9.40 -11.06 -11.61
C TYR D 132 8.92 -10.34 -12.86
N LEU D 133 7.60 -10.23 -13.01
CA LEU D 133 7.00 -9.61 -14.19
C LEU D 133 6.45 -8.24 -13.85
N THR D 134 6.81 -7.24 -14.64
CA THR D 134 6.26 -5.89 -14.53
C THR D 134 5.37 -5.68 -15.76
N ARG D 135 4.05 -5.76 -15.55
CA ARG D 135 3.08 -5.62 -16.63
C ARG D 135 2.84 -4.14 -16.91
N VAL D 136 3.06 -3.72 -18.15
CA VAL D 136 2.91 -2.32 -18.57
C VAL D 136 1.69 -2.21 -19.48
N ALA D 137 0.89 -1.17 -19.25
CA ALA D 137 -0.37 -0.98 -19.98
C ALA D 137 -0.15 -0.07 -21.19
N LEU D 138 0.53 -0.63 -22.19
CA LEU D 138 0.78 0.04 -23.47
C LEU D 138 0.73 -1.01 -24.56
N GLU D 139 -0.24 -0.91 -25.47
CA GLU D 139 -0.45 -1.96 -26.45
C GLU D 139 -0.66 -1.50 -27.88
N ASP D 140 -1.08 -0.27 -28.12
CA ASP D 140 -1.26 0.19 -29.50
C ASP D 140 0.00 0.82 -30.07
N ILE D 141 1.15 0.25 -29.76
CA ILE D 141 2.45 0.71 -30.23
C ILE D 141 3.17 -0.45 -30.91
N GLU D 142 4.39 -0.20 -31.35
CA GLU D 142 5.15 -1.16 -32.14
C GLU D 142 6.19 -1.89 -31.29
N PHE D 143 6.27 -3.20 -31.47
CA PHE D 143 7.26 -4.03 -30.80
C PHE D 143 8.00 -4.89 -31.82
N ASP D 144 9.23 -5.28 -31.48
CA ASP D 144 9.96 -6.27 -32.24
C ASP D 144 10.63 -7.33 -31.37
N THR D 145 10.55 -7.19 -30.04
CA THR D 145 11.11 -8.18 -29.13
C THR D 145 10.09 -8.44 -28.03
N TYR D 146 9.74 -9.71 -27.84
CA TYR D 146 8.67 -10.07 -26.91
C TYR D 146 9.21 -11.01 -25.82
N PHE D 147 8.41 -11.13 -24.76
CA PHE D 147 8.69 -12.06 -23.67
C PHE D 147 7.93 -13.36 -23.89
N PRO D 148 8.60 -14.52 -23.80
CA PRO D 148 7.92 -15.78 -24.13
C PRO D 148 6.74 -16.05 -23.20
N GLU D 149 5.83 -16.90 -23.69
CA GLU D 149 4.70 -17.32 -22.88
C GLU D 149 5.18 -18.09 -21.65
N ILE D 150 4.62 -17.77 -20.50
CA ILE D 150 5.05 -18.41 -19.25
C ILE D 150 4.56 -19.86 -19.23
N PRO D 151 5.44 -20.82 -18.95
CA PRO D 151 5.01 -22.23 -18.96
C PRO D 151 3.99 -22.50 -17.87
N GLU D 152 3.23 -23.60 -18.06
CA GLU D 152 2.21 -23.98 -17.10
C GLU D 152 2.81 -24.41 -15.76
N THR D 153 4.11 -24.71 -15.71
CA THR D 153 4.75 -25.10 -14.47
C THR D 153 4.89 -23.94 -13.49
N PHE D 154 4.64 -22.71 -13.92
CA PHE D 154 4.68 -21.54 -13.06
C PHE D 154 3.28 -21.13 -12.65
N LEU D 155 3.16 -20.63 -11.42
CA LEU D 155 1.89 -20.11 -10.91
C LEU D 155 2.12 -18.76 -10.24
N PRO D 156 1.22 -17.80 -10.46
CA PRO D 156 1.38 -16.49 -9.82
C PRO D 156 1.14 -16.57 -8.32
N VAL D 157 1.98 -15.87 -7.57
CA VAL D 157 1.90 -15.83 -6.12
C VAL D 157 1.78 -14.41 -5.57
N TYR D 158 1.85 -13.40 -6.42
CA TYR D 158 1.78 -12.02 -5.96
C TYR D 158 1.35 -11.12 -7.11
N MET D 159 0.49 -10.15 -6.82
CA MET D 159 0.10 -9.12 -7.79
C MET D 159 -0.09 -7.82 -7.04
N SER D 160 0.80 -6.86 -7.28
CA SER D 160 0.77 -5.61 -6.54
C SER D 160 -0.41 -4.74 -6.99
N GLN D 161 -0.59 -3.63 -6.28
CA GLN D 161 -1.53 -2.61 -6.72
C GLN D 161 -1.04 -1.96 -8.00
N THR D 162 -1.95 -1.25 -8.67
CA THR D 162 -1.60 -0.56 -9.89
C THR D 162 -0.89 0.75 -9.56
N PHE D 163 0.24 1.00 -10.22
CA PHE D 163 1.00 2.22 -10.06
C PHE D 163 0.90 3.06 -11.34
N CYS D 164 1.35 4.31 -11.24
CA CYS D 164 1.20 5.26 -12.34
C CYS D 164 2.47 6.09 -12.51
N THR D 165 2.99 6.12 -13.74
CA THR D 165 4.10 6.99 -14.10
C THR D 165 3.82 7.57 -15.47
N LYS D 166 3.74 8.91 -15.56
CA LYS D 166 3.46 9.60 -16.81
C LYS D 166 2.17 9.09 -17.44
N ASN D 167 1.14 8.91 -16.61
CA ASN D 167 -0.18 8.43 -17.01
C ASN D 167 -0.14 7.00 -17.56
N ILE D 168 0.88 6.23 -17.19
CA ILE D 168 1.01 4.84 -17.61
C ILE D 168 0.82 3.93 -16.40
N SER D 169 -0.10 2.97 -16.52
CA SER D 169 -0.39 2.03 -15.44
C SER D 169 0.52 0.82 -15.54
N TYR D 170 0.96 0.30 -14.39
CA TYR D 170 1.78 -0.90 -14.40
C TYR D 170 1.64 -1.63 -13.07
N ASP D 171 1.88 -2.94 -13.12
CA ASP D 171 1.77 -3.86 -11.98
C ASP D 171 3.13 -4.48 -11.68
N PHE D 172 3.16 -5.26 -10.60
CA PHE D 172 4.32 -6.08 -10.25
C PHE D 172 3.82 -7.44 -9.79
N MET D 173 4.22 -8.49 -10.49
CA MET D 173 3.78 -9.85 -10.18
C MET D 173 4.98 -10.75 -9.92
N ILE D 174 4.72 -11.83 -9.20
CA ILE D 174 5.72 -12.85 -8.91
C ILE D 174 5.14 -14.21 -9.29
N PHE D 175 5.94 -15.02 -9.99
CA PHE D 175 5.56 -16.38 -10.36
C PHE D 175 6.54 -17.37 -9.77
N GLU D 176 6.02 -18.39 -9.09
CA GLU D 176 6.84 -19.45 -8.52
C GLU D 176 6.65 -20.73 -9.31
N LYS D 177 7.71 -21.53 -9.37
CA LYS D 177 7.66 -22.82 -10.04
C LYS D 177 7.18 -23.88 -9.05
N GLN D 178 6.28 -24.75 -9.49
CA GLN D 178 5.67 -25.73 -8.62
C GLN D 178 6.56 -26.95 -8.42
N GLU D 179 6.49 -27.53 -7.22
CA GLU D 179 7.21 -28.75 -6.88
C GLU D 179 6.26 -29.95 -6.89
N LYS D 180 6.48 -30.88 -5.97
CA LYS D 180 5.63 -32.08 -5.90
C LYS D 180 4.84 -32.10 -4.59
N LEU D 193 1.18 -22.60 14.52
CA LEU D 193 0.14 -22.47 13.52
C LEU D 193 -0.47 -23.82 13.16
N LYS D 194 0.29 -24.89 13.42
CA LYS D 194 -0.18 -26.23 13.09
C LYS D 194 -1.35 -26.62 13.99
N SER D 195 -1.28 -26.29 15.27
CA SER D 195 -2.33 -26.65 16.22
C SER D 195 -3.47 -25.64 16.27
N ILE D 196 -3.24 -24.40 15.84
CA ILE D 196 -4.31 -23.40 15.86
C ILE D 196 -5.39 -23.77 14.85
N ASP D 197 -4.98 -24.14 13.63
CA ASP D 197 -5.94 -24.51 12.61
C ASP D 197 -6.75 -25.74 13.01
N ASP D 198 -6.14 -26.67 13.74
CA ASP D 198 -6.87 -27.85 14.21
C ASP D 198 -7.89 -27.49 15.27
N THR D 199 -7.52 -26.64 16.22
CA THR D 199 -8.44 -26.26 17.28
C THR D 199 -9.65 -25.52 16.75
N VAL D 200 -9.45 -24.61 15.78
CA VAL D 200 -10.56 -23.88 15.19
C VAL D 200 -11.46 -24.84 14.43
N ASP D 201 -10.89 -25.86 13.79
CA ASP D 201 -11.69 -26.87 13.11
C ASP D 201 -12.51 -27.69 14.11
N LEU D 202 -11.91 -28.05 15.24
CA LEU D 202 -12.64 -28.81 16.25
C LEU D 202 -13.76 -27.99 16.86
N LEU D 203 -13.48 -26.73 17.19
CA LEU D 203 -14.53 -25.84 17.68
C LEU D 203 -15.62 -25.63 16.64
N GLY D 204 -15.25 -25.69 15.35
CA GLY D 204 -16.23 -25.58 14.30
C GLY D 204 -17.11 -26.81 14.15
N GLU D 205 -16.66 -27.95 14.68
CA GLU D 205 -17.49 -29.15 14.67
C GLU D 205 -18.46 -29.16 15.84
N ILE D 206 -18.01 -28.74 17.01
CA ILE D 206 -18.85 -28.67 18.20
C ILE D 206 -19.98 -27.69 17.97
N PHE D 207 -19.65 -26.40 17.89
CA PHE D 207 -20.64 -25.38 17.58
C PHE D 207 -20.88 -25.37 16.08
N GLY D 208 -22.15 -25.35 15.69
CA GLY D 208 -22.48 -25.34 14.28
C GLY D 208 -22.31 -23.94 13.72
N ILE D 209 -23.43 -23.26 13.46
CA ILE D 209 -23.39 -21.88 13.03
C ILE D 209 -23.38 -21.00 14.28
N ARG D 210 -23.14 -21.62 15.44
CA ARG D 210 -22.96 -20.84 16.66
C ARG D 210 -21.61 -20.13 16.68
N LYS D 211 -20.58 -20.74 16.10
CA LYS D 211 -19.29 -20.07 15.96
C LYS D 211 -19.33 -19.17 14.73
N MET D 212 -19.06 -17.89 14.93
CA MET D 212 -19.24 -16.90 13.86
C MET D 212 -18.34 -17.21 12.66
N GLY D 213 -17.21 -17.88 12.89
CA GLY D 213 -16.35 -18.25 11.77
C GLY D 213 -17.05 -19.13 10.76
N ASN D 214 -17.92 -20.04 11.21
CA ASN D 214 -18.64 -20.90 10.29
C ASN D 214 -19.67 -20.15 9.47
N ARG D 215 -20.09 -18.97 9.91
CA ARG D 215 -20.96 -18.10 9.12
C ARG D 215 -20.19 -17.28 8.09
N HIS D 216 -18.86 -17.27 8.17
CA HIS D 216 -18.00 -16.56 7.22
C HIS D 216 -16.91 -17.51 6.75
N LYS D 217 -17.32 -18.62 6.14
CA LYS D 217 -16.38 -19.63 5.70
C LYS D 217 -15.50 -19.11 4.56
N PHE D 218 -14.24 -19.52 4.56
CA PHE D 218 -13.34 -19.13 3.48
C PHE D 218 -13.79 -19.78 2.17
N PRO D 219 -13.80 -19.02 1.08
CA PRO D 219 -14.31 -19.56 -0.19
C PRO D 219 -13.49 -20.75 -0.69
N LYS D 220 -14.17 -21.68 -1.35
CA LYS D 220 -13.47 -22.82 -1.93
C LYS D 220 -12.60 -22.36 -3.10
N GLU D 221 -11.59 -23.17 -3.40
CA GLU D 221 -10.65 -22.85 -4.48
C GLU D 221 -11.36 -22.73 -5.82
N GLU D 222 -12.44 -23.48 -6.02
CA GLU D 222 -13.14 -23.49 -7.29
C GLU D 222 -13.88 -22.20 -7.60
N ILE D 223 -14.00 -21.29 -6.63
CA ILE D 223 -14.69 -20.02 -6.87
C ILE D 223 -13.80 -18.85 -6.44
N TYR D 224 -12.51 -19.10 -6.28
CA TYR D 224 -11.55 -18.09 -5.86
C TYR D 224 -10.74 -17.65 -7.07
N ASN D 225 -10.83 -16.36 -7.41
CA ASN D 225 -10.15 -15.84 -8.59
C ASN D 225 -8.64 -15.92 -8.39
N THR D 226 -7.95 -16.58 -9.32
CA THR D 226 -6.51 -16.79 -9.30
C THR D 226 -6.08 -17.31 -7.92
N PRO D 227 -6.49 -18.54 -7.57
CA PRO D 227 -6.28 -19.03 -6.20
C PRO D 227 -4.82 -19.25 -5.82
N SER D 228 -3.90 -19.29 -6.79
CA SER D 228 -2.50 -19.49 -6.47
C SER D 228 -1.89 -18.29 -5.75
N ILE D 229 -2.52 -17.12 -5.84
CA ILE D 229 -2.09 -15.93 -5.12
C ILE D 229 -2.78 -15.97 -3.75
N ARG D 230 -2.06 -16.50 -2.76
CA ARG D 230 -2.62 -16.64 -1.41
C ARG D 230 -2.36 -15.42 -0.54
N PHE D 231 -1.09 -15.02 -0.41
CA PHE D 231 -0.70 -13.94 0.50
C PHE D 231 -0.40 -12.64 -0.22
N GLY D 232 -0.55 -12.58 -1.54
CA GLY D 232 -0.21 -11.38 -2.28
C GLY D 232 -1.35 -10.78 -3.07
N ARG D 233 -2.55 -10.80 -2.51
CA ARG D 233 -3.72 -10.26 -3.19
C ARG D 233 -3.83 -8.75 -2.97
N GLU D 234 -2.82 -8.04 -3.49
CA GLU D 234 -2.70 -6.60 -3.26
C GLU D 234 -3.48 -5.77 -4.27
N HIS D 235 -3.61 -6.24 -5.52
CA HIS D 235 -4.40 -5.54 -6.51
C HIS D 235 -5.82 -5.36 -6.00
N TYR D 236 -6.27 -4.10 -5.92
CA TYR D 236 -7.53 -3.81 -5.25
C TYR D 236 -8.76 -4.23 -6.05
N GLU D 237 -8.60 -4.78 -7.25
CA GLU D 237 -9.73 -5.44 -7.88
C GLU D 237 -10.10 -6.72 -7.14
N PHE D 238 -9.17 -7.31 -6.39
CA PHE D 238 -9.49 -8.45 -5.55
C PHE D 238 -10.46 -8.09 -4.43
N GLN D 239 -10.54 -6.81 -4.06
CA GLN D 239 -11.51 -6.40 -3.06
C GLN D 239 -12.94 -6.61 -3.55
N TYR D 240 -13.15 -6.55 -4.87
CA TYR D 240 -14.44 -6.85 -5.47
C TYR D 240 -14.57 -8.33 -5.83
N LEU D 241 -13.52 -8.93 -6.38
CA LEU D 241 -13.59 -10.32 -6.79
C LEU D 241 -13.72 -11.25 -5.60
N ASP D 242 -13.02 -10.96 -4.50
CA ASP D 242 -13.15 -11.81 -3.32
C ASP D 242 -14.51 -11.64 -2.66
N LEU D 243 -15.13 -10.47 -2.80
CA LEU D 243 -16.50 -10.31 -2.30
C LEU D 243 -17.47 -11.19 -3.08
N LEU D 244 -17.26 -11.32 -4.40
CA LEU D 244 -18.03 -12.28 -5.18
C LEU D 244 -17.83 -13.69 -4.65
N SER D 245 -16.58 -14.07 -4.39
CA SER D 245 -16.29 -15.40 -3.87
C SER D 245 -16.92 -15.61 -2.49
N ARG D 246 -16.91 -14.56 -1.67
CA ARG D 246 -17.47 -14.68 -0.33
C ARG D 246 -18.98 -14.85 -0.36
N VAL D 247 -19.64 -14.25 -1.36
CA VAL D 247 -21.09 -14.39 -1.47
C VAL D 247 -21.45 -15.77 -2.01
N LEU D 248 -20.71 -16.26 -3.00
CA LEU D 248 -20.95 -17.60 -3.52
C LEU D 248 -20.76 -18.67 -2.47
N GLU D 249 -19.96 -18.40 -1.44
CA GLU D 249 -19.67 -19.37 -0.38
C GLU D 249 -20.70 -19.34 0.74
N ASN D 250 -21.11 -18.15 1.19
CA ASN D 250 -21.95 -18.01 2.36
C ASN D 250 -23.33 -17.45 2.04
N GLY D 251 -23.63 -17.19 0.77
CA GLY D 251 -24.86 -16.49 0.44
C GLY D 251 -26.09 -17.32 0.74
N ALA D 252 -27.05 -16.72 1.43
CA ALA D 252 -28.32 -17.38 1.74
C ALA D 252 -29.31 -17.13 0.60
N TYR D 253 -29.94 -18.21 0.13
CA TYR D 253 -30.95 -18.09 -0.92
C TYR D 253 -32.18 -17.38 -0.36
N ARG D 254 -32.48 -16.20 -0.88
CA ARG D 254 -33.54 -15.36 -0.35
C ARG D 254 -34.35 -14.75 -1.49
N GLU D 255 -35.65 -14.61 -1.27
CA GLU D 255 -36.53 -13.93 -2.20
C GLU D 255 -36.51 -12.43 -1.92
N ASN D 256 -37.08 -11.67 -2.85
CA ASN D 256 -37.13 -10.22 -2.73
C ASN D 256 -38.32 -9.71 -3.54
N ARG D 257 -38.43 -8.37 -3.65
CA ARG D 257 -39.55 -7.76 -4.34
C ARG D 257 -39.65 -8.15 -5.81
N THR D 258 -38.53 -8.55 -6.42
CA THR D 258 -38.54 -9.02 -7.79
C THR D 258 -38.75 -10.53 -7.85
N GLY D 259 -38.96 -11.03 -9.06
CA GLY D 259 -39.10 -12.46 -9.24
C GLY D 259 -37.81 -13.24 -9.25
N ILE D 260 -36.67 -12.56 -9.17
CA ILE D 260 -35.35 -13.19 -9.24
C ILE D 260 -34.78 -13.23 -7.84
N SER D 261 -34.60 -14.43 -7.30
CA SER D 261 -34.02 -14.58 -5.98
C SER D 261 -32.51 -14.33 -6.02
N THR D 262 -31.94 -14.05 -4.86
CA THR D 262 -30.52 -13.76 -4.72
C THR D 262 -29.88 -14.65 -3.67
N TYR D 263 -28.55 -14.65 -3.67
CA TYR D 263 -27.74 -15.20 -2.58
C TYR D 263 -27.11 -14.03 -1.85
N SER D 264 -27.48 -13.84 -0.59
CA SER D 264 -27.21 -12.60 0.13
C SER D 264 -26.45 -12.84 1.42
N ILE D 265 -25.47 -11.99 1.68
CA ILE D 265 -24.82 -11.86 2.98
C ILE D 265 -24.95 -10.41 3.43
N PHE D 266 -24.65 -10.15 4.70
CA PHE D 266 -24.86 -8.84 5.28
C PHE D 266 -23.57 -8.33 5.93
N GLY D 267 -23.22 -7.08 5.61
CA GLY D 267 -22.07 -6.42 6.21
C GLY D 267 -20.73 -6.71 5.56
N GLN D 268 -20.44 -6.04 4.44
CA GLN D 268 -19.18 -6.23 3.73
C GLN D 268 -18.62 -4.87 3.34
N MET D 269 -17.33 -4.84 3.01
CA MET D 269 -16.68 -3.61 2.59
C MET D 269 -15.66 -3.90 1.51
N MET D 270 -15.43 -2.89 0.67
CA MET D 270 -14.41 -2.92 -0.37
C MET D 270 -13.58 -1.65 -0.25
N ARG D 271 -12.30 -1.75 -0.57
CA ARG D 271 -11.37 -0.64 -0.43
C ARG D 271 -10.59 -0.48 -1.73
N PHE D 272 -10.46 0.76 -2.20
CA PHE D 272 -9.79 1.03 -3.47
C PHE D 272 -8.87 2.23 -3.34
N ASP D 273 -7.76 2.18 -4.08
CA ASP D 273 -6.87 3.32 -4.20
C ASP D 273 -7.29 4.16 -5.39
N MET D 274 -7.12 5.48 -5.27
CA MET D 274 -7.37 6.39 -6.37
C MET D 274 -6.19 7.32 -6.66
N ARG D 275 -5.11 7.22 -5.88
CA ARG D 275 -3.94 8.05 -6.13
C ARG D 275 -3.20 7.61 -7.39
N GLU D 276 -2.93 6.33 -7.51
CA GLU D 276 -2.10 5.80 -8.59
C GLU D 276 -2.88 5.07 -9.67
N SER D 277 -4.21 5.01 -9.57
CA SER D 277 -5.01 4.30 -10.56
C SER D 277 -6.47 4.71 -10.39
N PHE D 278 -7.33 4.17 -11.26
CA PHE D 278 -8.76 4.42 -11.25
C PHE D 278 -9.50 3.10 -11.13
N PRO D 279 -10.37 2.90 -10.14
CA PRO D 279 -10.94 1.57 -9.89
C PRO D 279 -12.01 1.17 -10.90
N LEU D 280 -11.62 0.98 -12.15
CA LEU D 280 -12.51 0.46 -13.19
C LEU D 280 -12.15 -1.00 -13.44
N LEU D 281 -13.12 -1.89 -13.29
CA LEU D 281 -12.84 -3.32 -13.34
C LEU D 281 -12.29 -3.72 -14.70
N THR D 282 -11.26 -4.57 -14.67
CA THR D 282 -10.64 -5.07 -15.90
C THR D 282 -11.13 -6.45 -16.30
N THR D 283 -11.71 -7.22 -15.38
CA THR D 283 -12.23 -8.55 -15.70
C THR D 283 -13.51 -8.50 -16.53
N LYS D 284 -14.03 -7.31 -16.79
CA LYS D 284 -15.21 -7.13 -17.64
C LYS D 284 -15.21 -5.70 -18.16
N LYS D 285 -15.57 -5.54 -19.43
CA LYS D 285 -15.64 -4.21 -20.04
C LYS D 285 -16.82 -3.47 -19.44
N VAL D 286 -16.52 -2.44 -18.62
CA VAL D 286 -17.55 -1.68 -17.92
C VAL D 286 -17.91 -0.46 -18.76
N ALA D 287 -19.21 -0.24 -18.95
CA ALA D 287 -19.70 0.91 -19.71
C ALA D 287 -19.44 2.20 -18.94
N ILE D 288 -18.23 2.76 -19.11
CA ILE D 288 -17.85 3.93 -18.32
C ILE D 288 -18.63 5.17 -18.74
N ARG D 289 -19.00 5.29 -20.02
CA ARG D 289 -19.72 6.47 -20.47
C ARG D 289 -21.09 6.56 -19.80
N SER D 290 -21.79 5.43 -19.69
CA SER D 290 -23.09 5.44 -19.02
C SER D 290 -22.96 5.80 -17.55
N ILE D 291 -21.87 5.35 -16.91
CA ILE D 291 -21.62 5.68 -15.52
C ILE D 291 -21.49 7.19 -15.35
N PHE D 292 -20.68 7.82 -16.20
CA PHE D 292 -20.47 9.26 -16.10
C PHE D 292 -21.77 10.03 -16.34
N GLU D 293 -22.47 9.71 -17.43
CA GLU D 293 -23.67 10.45 -17.77
C GLU D 293 -24.75 10.32 -16.72
N GLU D 294 -24.73 9.23 -15.93
CA GLU D 294 -25.62 9.11 -14.79
C GLU D 294 -25.16 9.98 -13.63
N LEU D 295 -23.84 10.08 -13.43
CA LEU D 295 -23.31 10.87 -12.31
C LEU D 295 -23.54 12.35 -12.53
N ILE D 296 -23.22 12.86 -13.72
CA ILE D 296 -23.49 14.26 -14.02
C ILE D 296 -24.99 14.52 -14.02
N TRP D 297 -25.79 13.50 -14.34
CA TRP D 297 -27.23 13.62 -14.22
C TRP D 297 -27.64 13.85 -12.77
N PHE D 298 -26.99 13.17 -11.83
CA PHE D 298 -27.25 13.43 -10.41
C PHE D 298 -26.78 14.82 -10.03
N ILE D 299 -25.57 15.20 -10.44
CA ILE D 299 -24.97 16.45 -10.00
C ILE D 299 -25.81 17.65 -10.43
N LYS D 300 -26.30 17.62 -11.67
CA LYS D 300 -27.14 18.70 -12.18
C LYS D 300 -28.49 18.80 -11.46
N GLY D 301 -28.80 17.86 -10.58
CA GLY D 301 -30.09 17.87 -9.91
C GLY D 301 -31.23 17.26 -10.71
N ASP D 302 -30.93 16.54 -11.79
CA ASP D 302 -31.95 16.11 -12.72
C ASP D 302 -32.56 14.78 -12.29
N THR D 303 -33.89 14.70 -12.35
CA THR D 303 -34.61 13.45 -12.15
C THR D 303 -35.44 13.08 -13.37
N ASN D 304 -35.24 13.76 -14.49
CA ASN D 304 -35.93 13.47 -15.73
C ASN D 304 -35.24 12.29 -16.42
N GLY D 305 -35.88 11.12 -16.39
CA GLY D 305 -35.29 9.94 -16.98
C GLY D 305 -35.16 9.99 -18.49
N ASN D 306 -35.90 10.88 -19.14
CA ASN D 306 -35.78 11.01 -20.59
C ASN D 306 -34.45 11.60 -21.00
N HIS D 307 -33.88 12.50 -20.19
CA HIS D 307 -32.61 13.13 -20.55
C HIS D 307 -31.47 12.13 -20.63
N LEU D 308 -31.57 11.02 -19.91
CA LEU D 308 -30.58 9.97 -20.04
C LEU D 308 -30.84 9.11 -21.27
N ILE D 309 -32.11 8.83 -21.56
CA ILE D 309 -32.44 8.04 -22.74
C ILE D 309 -32.11 8.81 -24.02
N GLU D 310 -32.25 10.13 -24.00
CA GLU D 310 -31.88 10.92 -25.16
C GLU D 310 -30.39 10.84 -25.45
N LYS D 311 -29.58 10.56 -24.44
CA LYS D 311 -28.14 10.37 -24.61
C LYS D 311 -27.77 8.89 -24.72
N LYS D 312 -28.72 8.04 -25.10
CA LYS D 312 -28.49 6.61 -25.33
C LYS D 312 -27.97 5.91 -24.07
N VAL D 313 -28.58 6.22 -22.93
CA VAL D 313 -28.29 5.58 -21.66
C VAL D 313 -29.62 5.10 -21.10
N TYR D 314 -29.81 3.77 -21.05
CA TYR D 314 -31.10 3.18 -20.74
C TYR D 314 -31.10 2.41 -19.42
N ILE D 315 -30.21 2.77 -18.49
CA ILE D 315 -30.11 2.02 -17.25
C ILE D 315 -31.32 2.30 -16.35
N TRP D 316 -31.96 3.46 -16.50
CA TRP D 316 -33.12 3.81 -15.69
C TRP D 316 -34.43 3.60 -16.43
N SER D 317 -34.40 2.97 -17.60
CA SER D 317 -35.64 2.70 -18.33
C SER D 317 -36.46 1.62 -17.65
N GLY D 318 -35.81 0.69 -16.94
CA GLY D 318 -36.53 -0.38 -16.29
C GLY D 318 -37.45 0.12 -15.19
N ASN D 319 -36.92 1.01 -14.34
CA ASN D 319 -37.72 1.62 -13.27
C ASN D 319 -38.45 2.87 -13.73
N GLY D 320 -38.54 3.10 -15.04
CA GLY D 320 -39.21 4.29 -15.54
C GLY D 320 -40.15 4.02 -16.70
N SER D 321 -40.77 2.85 -16.69
CA SER D 321 -41.78 2.50 -17.68
C SER D 321 -43.18 2.77 -17.12
N LYS D 322 -44.13 3.03 -18.01
CA LYS D 322 -45.50 3.28 -17.59
C LYS D 322 -46.08 2.08 -16.84
N GLU D 323 -45.67 0.86 -17.22
CA GLU D 323 -46.18 -0.32 -16.56
C GLU D 323 -45.60 -0.46 -15.15
N TYR D 324 -44.33 -0.09 -14.97
CA TYR D 324 -43.71 -0.22 -13.66
C TYR D 324 -44.23 0.86 -12.70
N LEU D 325 -44.42 2.08 -13.19
CA LEU D 325 -44.86 3.16 -12.30
C LEU D 325 -46.29 2.94 -11.82
N GLU D 326 -47.19 2.50 -12.71
CA GLU D 326 -48.54 2.17 -12.29
C GLU D 326 -48.57 0.94 -11.39
N ARG D 327 -47.57 0.07 -11.50
CA ARG D 327 -47.52 -1.14 -10.68
C ARG D 327 -47.18 -0.84 -9.23
N ILE D 328 -46.35 0.17 -8.97
CA ILE D 328 -45.95 0.51 -7.61
C ILE D 328 -46.79 1.64 -7.02
N GLY D 329 -47.86 2.04 -7.70
CA GLY D 329 -48.75 3.06 -7.17
C GLY D 329 -48.41 4.47 -7.56
N LEU D 330 -47.78 4.67 -8.72
CA LEU D 330 -47.44 6.00 -9.22
C LEU D 330 -47.96 6.17 -10.64
N GLY D 331 -49.20 5.74 -10.89
CA GLY D 331 -49.79 5.87 -12.20
C GLY D 331 -50.05 7.31 -12.61
N HIS D 332 -50.18 8.21 -11.65
CA HIS D 332 -50.34 9.63 -11.94
C HIS D 332 -49.10 10.25 -12.56
N ARG D 333 -47.98 9.54 -12.56
CA ARG D 333 -46.70 10.07 -13.00
C ARG D 333 -46.51 9.94 -14.51
N GLU D 334 -45.72 10.85 -15.07
CA GLU D 334 -45.36 10.80 -16.48
C GLU D 334 -44.44 9.60 -16.74
N GLU D 335 -44.14 9.37 -18.02
CA GLU D 335 -43.44 8.16 -18.44
C GLU D 335 -42.15 7.94 -17.65
N ASN D 336 -41.18 8.85 -17.77
CA ASN D 336 -39.87 8.68 -17.16
C ASN D 336 -39.61 9.66 -16.02
N ASP D 337 -40.67 10.12 -15.34
CA ASP D 337 -40.50 10.99 -14.18
C ASP D 337 -40.23 10.10 -12.98
N LEU D 338 -38.95 9.93 -12.65
CA LEU D 338 -38.57 9.02 -11.58
C LEU D 338 -38.85 9.57 -10.19
N GLY D 339 -39.09 10.88 -10.07
CA GLY D 339 -39.42 11.47 -8.80
C GLY D 339 -38.20 11.90 -8.02
N PRO D 340 -38.40 12.35 -6.78
CA PRO D 340 -37.27 12.83 -5.97
C PRO D 340 -36.36 11.69 -5.57
N ILE D 341 -35.21 11.58 -6.23
CA ILE D 341 -34.27 10.49 -6.01
C ILE D 341 -32.89 11.11 -5.95
N TYR D 342 -31.85 10.30 -6.19
CA TYR D 342 -30.50 10.85 -6.32
C TYR D 342 -30.52 12.09 -7.20
N GLY D 343 -29.85 13.13 -6.75
CA GLY D 343 -29.84 14.38 -7.47
C GLY D 343 -31.00 15.30 -7.18
N PHE D 344 -32.02 14.83 -6.47
CA PHE D 344 -33.00 15.76 -5.97
C PHE D 344 -32.84 15.95 -4.47
N GLN D 345 -32.40 14.91 -3.77
CA GLN D 345 -31.97 15.05 -2.39
C GLN D 345 -30.56 15.62 -2.29
N TRP D 346 -29.77 15.55 -3.36
CA TRP D 346 -28.44 16.16 -3.37
C TRP D 346 -28.53 17.67 -3.42
N ARG D 347 -29.42 18.21 -4.25
CA ARG D 347 -29.49 19.65 -4.50
C ARG D 347 -30.70 20.32 -3.87
N HIS D 348 -31.78 19.59 -3.63
CA HIS D 348 -33.01 20.15 -3.06
C HIS D 348 -33.58 19.21 -2.01
N TYR D 349 -32.82 18.97 -0.95
CA TYR D 349 -33.26 18.05 0.10
C TYR D 349 -34.47 18.62 0.82
N ASN D 350 -35.44 17.74 1.11
CA ASN D 350 -36.69 18.10 1.77
C ASN D 350 -37.53 19.09 0.97
N GLY D 351 -37.29 19.16 -0.33
CA GLY D 351 -38.08 20.05 -1.18
C GLY D 351 -39.36 19.37 -1.62
N GLU D 352 -40.44 20.15 -1.68
CA GLU D 352 -41.73 19.64 -2.12
C GLU D 352 -41.65 19.30 -3.59
N TYR D 353 -41.74 18.02 -3.92
CA TYR D 353 -41.60 17.55 -5.29
C TYR D 353 -42.97 17.60 -5.98
N LYS D 354 -43.04 18.30 -7.11
CA LYS D 354 -44.24 18.30 -7.93
C LYS D 354 -44.07 17.37 -9.12
N THR D 355 -43.52 17.88 -10.21
CA THR D 355 -43.18 17.08 -11.39
C THR D 355 -41.71 17.33 -11.75
N MET D 356 -41.25 16.67 -12.81
CA MET D 356 -39.88 16.83 -13.24
C MET D 356 -39.67 18.06 -14.12
N HIS D 357 -40.75 18.74 -14.51
CA HIS D 357 -40.65 19.91 -15.38
C HIS D 357 -40.63 21.22 -14.61
N ASP D 358 -40.93 21.20 -13.31
CA ASP D 358 -41.02 22.43 -12.55
C ASP D 358 -39.63 22.98 -12.24
N ASP D 359 -39.60 24.25 -11.86
CA ASP D 359 -38.36 24.94 -11.52
C ASP D 359 -38.14 24.85 -10.02
N TYR D 360 -37.08 24.15 -9.61
CA TYR D 360 -36.79 23.93 -8.20
C TYR D 360 -35.61 24.76 -7.70
N THR D 361 -35.22 25.80 -8.43
CA THR D 361 -34.12 26.65 -8.00
C THR D 361 -34.50 27.39 -6.73
N GLY D 362 -33.70 27.21 -5.67
CA GLY D 362 -33.91 27.88 -4.41
C GLY D 362 -34.58 27.01 -3.35
N VAL D 363 -35.35 26.00 -3.75
CA VAL D 363 -36.06 25.16 -2.80
C VAL D 363 -35.16 24.00 -2.38
N GLY D 364 -35.32 23.58 -1.13
CA GLY D 364 -34.54 22.48 -0.59
C GLY D 364 -33.16 22.91 -0.12
N VAL D 365 -32.46 21.96 0.49
CA VAL D 365 -31.11 22.18 1.00
C VAL D 365 -30.12 21.66 -0.03
N ASP D 366 -29.26 22.54 -0.52
CA ASP D 366 -28.26 22.16 -1.52
C ASP D 366 -27.07 21.55 -0.79
N GLN D 367 -27.11 20.22 -0.65
CA GLN D 367 -26.03 19.52 0.04
C GLN D 367 -24.73 19.58 -0.74
N LEU D 368 -24.80 19.41 -2.06
CA LEU D 368 -23.59 19.40 -2.87
C LEU D 368 -22.87 20.75 -2.82
N ALA D 369 -23.62 21.85 -2.87
CA ALA D 369 -23.01 23.17 -2.77
C ALA D 369 -22.40 23.38 -1.39
N LYS D 370 -23.15 23.02 -0.34
CA LYS D 370 -22.61 23.15 1.01
C LYS D 370 -21.41 22.22 1.21
N LEU D 371 -21.43 21.05 0.59
CA LEU D 371 -20.32 20.12 0.71
C LEU D 371 -19.05 20.71 0.10
N ILE D 372 -19.18 21.27 -1.10
CA ILE D 372 -18.01 21.86 -1.76
C ILE D 372 -17.50 23.05 -0.97
N GLU D 373 -18.40 23.88 -0.47
CA GLU D 373 -17.97 25.05 0.30
C GLU D 373 -17.35 24.65 1.63
N THR D 374 -17.81 23.54 2.23
CA THR D 374 -17.22 23.10 3.48
C THR D 374 -15.88 22.40 3.26
N LEU D 375 -15.73 21.68 2.14
CA LEU D 375 -14.47 21.01 1.86
C LEU D 375 -13.33 22.02 1.65
N LYS D 376 -13.66 23.21 1.17
CA LYS D 376 -12.64 24.22 0.90
C LYS D 376 -12.34 25.09 2.11
N ASN D 377 -13.36 25.49 2.85
CA ASN D 377 -13.18 26.42 3.97
C ASN D 377 -12.84 25.72 5.28
N ASN D 378 -13.38 24.52 5.52
CA ASN D 378 -13.11 23.76 6.74
C ASN D 378 -12.75 22.34 6.33
N PRO D 379 -11.51 22.10 5.90
CA PRO D 379 -11.17 20.78 5.36
C PRO D 379 -11.16 19.67 6.39
N LYS D 380 -10.68 19.96 7.60
CA LYS D 380 -10.57 18.94 8.64
C LYS D 380 -11.86 18.78 9.43
N ASP D 381 -12.95 19.39 8.97
CA ASP D 381 -14.26 19.15 9.56
C ASP D 381 -14.66 17.68 9.37
N ARG D 382 -15.37 17.15 10.36
CA ARG D 382 -15.74 15.75 10.38
C ARG D 382 -17.17 15.51 9.91
N ARG D 383 -17.76 16.45 9.17
CA ARG D 383 -19.17 16.38 8.83
C ARG D 383 -19.41 16.57 7.33
N HIS D 384 -18.46 16.16 6.50
CA HIS D 384 -18.58 16.26 5.05
C HIS D 384 -19.43 15.09 4.56
N ILE D 385 -20.75 15.22 4.76
CA ILE D 385 -21.69 14.13 4.54
C ILE D 385 -22.66 14.51 3.44
N LEU D 386 -22.92 13.56 2.55
CA LEU D 386 -23.92 13.70 1.49
C LEU D 386 -24.88 12.51 1.57
N THR D 387 -26.12 12.77 1.97
CA THR D 387 -27.11 11.71 2.16
C THR D 387 -28.21 11.80 1.12
N ALA D 388 -28.84 10.65 0.87
CA ALA D 388 -29.97 10.56 -0.03
C ALA D 388 -31.17 9.84 0.58
N TRP D 389 -31.09 9.41 1.83
CA TRP D 389 -32.18 8.69 2.48
C TRP D 389 -33.06 9.69 3.21
N ASN D 390 -34.20 10.01 2.60
CA ASN D 390 -35.18 10.94 3.17
C ASN D 390 -36.50 10.21 3.38
N PRO D 391 -36.85 9.83 4.61
CA PRO D 391 -38.09 9.06 4.83
C PRO D 391 -39.35 9.78 4.38
N SER D 392 -39.35 11.11 4.37
CA SER D 392 -40.54 11.86 3.97
C SER D 392 -40.81 11.78 2.47
N ALA D 393 -39.81 11.39 1.67
CA ALA D 393 -39.96 11.35 0.23
C ALA D 393 -39.86 9.95 -0.36
N LEU D 394 -39.66 8.92 0.47
CA LEU D 394 -39.44 7.57 -0.04
C LEU D 394 -40.64 7.09 -0.87
N SER D 395 -41.86 7.40 -0.43
CA SER D 395 -43.04 6.91 -1.11
C SER D 395 -43.17 7.49 -2.53
N GLN D 396 -42.60 8.66 -2.77
CA GLN D 396 -42.70 9.32 -4.07
C GLN D 396 -41.60 8.89 -5.03
N MET D 397 -40.56 8.20 -4.55
CA MET D 397 -39.46 7.79 -5.40
C MET D 397 -39.85 6.59 -6.24
N ALA D 398 -39.37 6.57 -7.50
CA ALA D 398 -39.54 5.37 -8.32
C ALA D 398 -38.77 4.18 -7.76
N LEU D 399 -37.74 4.45 -6.96
CA LEU D 399 -36.92 3.43 -6.32
C LEU D 399 -36.18 4.07 -5.14
N PRO D 400 -36.21 3.46 -3.97
CA PRO D 400 -35.45 4.01 -2.84
C PRO D 400 -33.98 4.02 -3.17
N PRO D 401 -33.23 4.96 -2.59
CA PRO D 401 -31.79 5.04 -2.91
C PRO D 401 -31.04 3.83 -2.40
N CYS D 402 -30.12 3.32 -3.24
CA CYS D 402 -29.24 2.23 -2.83
C CYS D 402 -27.95 2.74 -2.21
N HIS D 403 -27.27 3.68 -2.86
CA HIS D 403 -26.15 4.37 -2.22
C HIS D 403 -26.74 5.52 -1.42
N VAL D 404 -26.92 5.31 -0.12
CA VAL D 404 -27.75 6.17 0.70
C VAL D 404 -26.97 7.33 1.32
N LEU D 405 -25.73 7.11 1.73
CA LEU D 405 -24.98 8.13 2.43
C LEU D 405 -23.50 7.98 2.13
N SER D 406 -22.81 9.12 1.99
CA SER D 406 -21.38 9.14 1.73
C SER D 406 -20.72 10.24 2.56
N GLN D 407 -19.49 9.98 3.00
CA GLN D 407 -18.71 10.93 3.79
C GLN D 407 -17.37 11.14 3.11
N TYR D 408 -16.83 12.35 3.24
CA TYR D 408 -15.60 12.74 2.58
C TYR D 408 -14.61 13.29 3.60
N TYR D 409 -13.33 13.19 3.28
CA TYR D 409 -12.26 13.38 4.24
C TYR D 409 -11.06 14.00 3.53
N VAL D 410 -10.50 15.04 4.12
CA VAL D 410 -9.32 15.72 3.59
C VAL D 410 -8.12 15.30 4.42
N THR D 411 -7.14 14.68 3.78
CA THR D 411 -5.94 14.23 4.48
C THR D 411 -5.00 15.40 4.71
N ASN D 412 -3.95 15.14 5.50
CA ASN D 412 -2.97 16.18 5.79
C ASN D 412 -2.11 16.54 4.58
N ASP D 413 -2.08 15.69 3.56
CA ASP D 413 -1.40 15.98 2.30
C ASP D 413 -2.37 16.34 1.18
N ASN D 414 -3.51 16.96 1.54
CA ASN D 414 -4.44 17.55 0.57
C ASN D 414 -4.97 16.51 -0.42
N CYS D 415 -5.35 15.35 0.10
CA CYS D 415 -6.04 14.34 -0.68
C CYS D 415 -7.46 14.17 -0.16
N LEU D 416 -8.36 13.77 -1.06
CA LEU D 416 -9.78 13.65 -0.74
C LEU D 416 -10.16 12.17 -0.80
N SER D 417 -10.48 11.60 0.35
CA SER D 417 -10.98 10.23 0.44
C SER D 417 -12.50 10.24 0.56
N CYS D 418 -13.09 9.08 0.31
CA CYS D 418 -14.54 8.95 0.29
C CYS D 418 -14.96 7.62 0.90
N ASN D 419 -15.97 7.66 1.76
CA ASN D 419 -16.64 6.47 2.26
C ASN D 419 -18.08 6.46 1.76
N LEU D 420 -18.57 5.28 1.40
CA LEU D 420 -19.93 5.11 0.93
C LEU D 420 -20.58 3.96 1.67
N TYR D 421 -21.80 4.18 2.18
CA TYR D 421 -22.62 3.10 2.70
C TYR D 421 -23.69 2.78 1.68
N GLN D 422 -23.76 1.52 1.26
CA GLN D 422 -24.73 1.06 0.28
C GLN D 422 -25.63 0.02 0.95
N ARG D 423 -26.93 0.31 1.04
CA ARG D 423 -27.84 -0.58 1.75
C ARG D 423 -28.07 -1.87 0.95
N SER D 424 -28.12 -1.77 -0.37
CA SER D 424 -28.38 -2.90 -1.23
C SER D 424 -27.43 -2.83 -2.41
N CYS D 425 -26.84 -3.97 -2.77
CA CYS D 425 -25.76 -3.99 -3.75
C CYS D 425 -25.97 -5.15 -4.71
N ASP D 426 -26.36 -4.82 -5.93
CA ASP D 426 -26.38 -5.77 -7.05
C ASP D 426 -24.92 -5.94 -7.50
N LEU D 427 -24.29 -7.04 -7.07
CA LEU D 427 -22.88 -7.24 -7.35
C LEU D 427 -22.60 -7.47 -8.83
N GLY D 428 -23.60 -7.85 -9.61
CA GLY D 428 -23.41 -8.09 -11.02
C GLY D 428 -23.44 -6.82 -11.85
N LEU D 429 -24.35 -5.91 -11.52
CA LEU D 429 -24.55 -4.69 -12.29
C LEU D 429 -24.24 -3.43 -11.49
N GLY D 430 -24.87 -3.26 -10.32
CA GLY D 430 -24.75 -2.00 -9.61
C GLY D 430 -23.35 -1.76 -9.04
N SER D 431 -22.74 -2.81 -8.49
CA SER D 431 -21.45 -2.63 -7.81
C SER D 431 -20.36 -2.13 -8.75
N PRO D 432 -20.14 -2.70 -9.93
CA PRO D 432 -19.13 -2.11 -10.84
C PRO D 432 -19.44 -0.67 -11.18
N PHE D 433 -20.72 -0.30 -11.29
CA PHE D 433 -21.07 1.08 -11.53
C PHE D 433 -20.82 1.93 -10.29
N ASN D 434 -21.20 1.45 -9.10
CA ASN D 434 -21.03 2.25 -7.89
C ASN D 434 -19.56 2.52 -7.61
N ILE D 435 -18.69 1.54 -7.89
CA ILE D 435 -17.26 1.74 -7.64
C ILE D 435 -16.72 2.87 -8.50
N ALA D 436 -17.02 2.83 -9.81
CA ALA D 436 -16.49 3.84 -10.72
C ALA D 436 -17.18 5.17 -10.53
N SER D 437 -18.48 5.17 -10.25
CA SER D 437 -19.24 6.42 -10.16
C SER D 437 -18.75 7.27 -9.00
N TYR D 438 -18.65 6.69 -7.81
CA TYR D 438 -18.18 7.45 -6.66
C TYR D 438 -16.68 7.71 -6.71
N ALA D 439 -15.95 6.95 -7.52
CA ALA D 439 -14.56 7.31 -7.79
C ALA D 439 -14.48 8.58 -8.62
N ILE D 440 -15.30 8.67 -9.67
CA ILE D 440 -15.33 9.86 -10.50
C ILE D 440 -15.81 11.06 -9.70
N LEU D 441 -16.86 10.87 -8.89
CA LEU D 441 -17.39 11.98 -8.09
C LEU D 441 -16.33 12.52 -7.14
N THR D 442 -15.54 11.63 -6.53
CA THR D 442 -14.50 12.09 -5.62
C THR D 442 -13.43 12.88 -6.36
N MET D 443 -13.09 12.45 -7.58
CA MET D 443 -12.10 13.17 -8.37
C MET D 443 -12.62 14.53 -8.80
N MET D 444 -13.91 14.60 -9.15
CA MET D 444 -14.52 15.89 -9.48
C MET D 444 -14.48 16.83 -8.28
N LEU D 445 -14.90 16.34 -7.11
CA LEU D 445 -14.85 17.16 -5.91
C LEU D 445 -13.43 17.59 -5.57
N ALA D 446 -12.43 16.75 -5.89
CA ALA D 446 -11.06 17.10 -5.57
C ALA D 446 -10.54 18.24 -6.45
N GLN D 447 -10.93 18.24 -7.73
CA GLN D 447 -10.45 19.30 -8.62
C GLN D 447 -11.14 20.63 -8.31
N VAL D 448 -12.44 20.61 -8.05
CA VAL D 448 -13.16 21.84 -7.75
C VAL D 448 -12.71 22.42 -6.41
N CYS D 449 -12.25 21.58 -5.49
CA CYS D 449 -11.80 22.03 -4.18
C CYS D 449 -10.29 22.18 -4.10
N GLY D 450 -9.55 21.77 -5.11
CA GLY D 450 -8.11 21.94 -5.12
C GLY D 450 -7.32 20.84 -4.43
N TYR D 451 -7.85 19.62 -4.40
CA TYR D 451 -7.18 18.50 -3.77
C TYR D 451 -6.86 17.43 -4.82
N GLU D 452 -6.18 16.38 -4.36
CA GLU D 452 -5.88 15.20 -5.15
C GLU D 452 -6.76 14.03 -4.68
N PRO D 453 -7.01 13.05 -5.55
CA PRO D 453 -7.82 11.91 -5.13
C PRO D 453 -7.12 11.08 -4.07
N GLY D 454 -7.91 10.53 -3.14
CA GLY D 454 -7.37 9.74 -2.05
C GLY D 454 -7.76 8.28 -2.13
N GLU D 455 -8.53 7.80 -1.15
CA GLU D 455 -8.98 6.41 -1.13
C GLU D 455 -10.50 6.36 -1.24
N LEU D 456 -10.99 5.20 -1.66
CA LEU D 456 -12.43 4.95 -1.75
C LEU D 456 -12.74 3.66 -1.01
N ALA D 457 -13.63 3.75 -0.02
CA ALA D 457 -14.12 2.60 0.73
C ALA D 457 -15.64 2.55 0.61
N ILE D 458 -16.15 1.38 0.28
CA ILE D 458 -17.59 1.17 0.09
C ILE D 458 -18.05 0.14 1.12
N PHE D 459 -18.97 0.54 1.99
CA PHE D 459 -19.54 -0.34 2.99
C PHE D 459 -20.93 -0.79 2.53
N ILE D 460 -21.17 -2.10 2.56
CA ILE D 460 -22.33 -2.70 1.94
C ILE D 460 -23.17 -3.40 2.99
N GLY D 461 -24.49 -3.20 2.93
CA GLY D 461 -25.41 -3.95 3.75
C GLY D 461 -25.75 -5.28 3.12
N ASP D 462 -26.77 -5.31 2.26
CA ASP D 462 -27.22 -6.53 1.61
C ASP D 462 -26.41 -6.72 0.33
N ALA D 463 -25.28 -7.40 0.46
CA ALA D 463 -24.46 -7.76 -0.70
C ALA D 463 -24.98 -9.09 -1.25
N HIS D 464 -25.46 -9.08 -2.49
CA HIS D 464 -26.15 -10.23 -3.04
C HIS D 464 -25.80 -10.41 -4.52
N ILE D 465 -26.08 -11.61 -5.01
CA ILE D 465 -25.88 -11.99 -6.40
C ILE D 465 -27.19 -12.58 -6.91
N TYR D 466 -27.72 -12.01 -8.00
CA TYR D 466 -28.93 -12.55 -8.59
C TYR D 466 -28.66 -13.89 -9.24
N GLU D 467 -29.64 -14.81 -9.13
CA GLU D 467 -29.41 -16.19 -9.53
C GLU D 467 -29.23 -16.36 -11.03
N ASN D 468 -29.68 -15.41 -11.84
CA ASN D 468 -29.46 -15.45 -13.28
C ASN D 468 -28.11 -14.84 -13.69
N HIS D 469 -27.28 -14.48 -12.71
CA HIS D 469 -25.92 -13.98 -12.98
C HIS D 469 -24.85 -14.97 -12.59
N LEU D 470 -25.22 -16.21 -12.22
CA LEU D 470 -24.27 -17.13 -11.64
C LEU D 470 -23.24 -17.61 -12.66
N THR D 471 -23.70 -18.06 -13.83
CA THR D 471 -22.76 -18.51 -14.84
C THR D 471 -21.92 -17.36 -15.38
N GLN D 472 -22.48 -16.14 -15.41
CA GLN D 472 -21.73 -14.99 -15.89
C GLN D 472 -20.62 -14.59 -14.92
N LEU D 473 -20.94 -14.49 -13.63
CA LEU D 473 -19.94 -14.08 -12.66
C LEU D 473 -18.89 -15.16 -12.43
N LYS D 474 -19.25 -16.43 -12.61
CA LYS D 474 -18.24 -17.48 -12.57
C LYS D 474 -17.28 -17.37 -13.75
N GLU D 475 -17.78 -16.94 -14.91
CA GLU D 475 -16.89 -16.66 -16.03
C GLU D 475 -15.97 -15.49 -15.71
N GLN D 476 -16.49 -14.45 -15.05
CA GLN D 476 -15.67 -13.30 -14.70
C GLN D 476 -14.60 -13.68 -13.67
N LEU D 477 -14.91 -14.60 -12.75
CA LEU D 477 -13.94 -15.03 -11.77
C LEU D 477 -12.82 -15.89 -12.36
N SER D 478 -12.99 -16.37 -13.59
CA SER D 478 -11.96 -17.18 -14.23
C SER D 478 -10.88 -16.32 -14.91
N ARG D 479 -11.01 -15.01 -14.87
CA ARG D 479 -10.12 -14.09 -15.57
C ARG D 479 -9.18 -13.44 -14.57
N THR D 480 -7.88 -13.67 -14.74
CA THR D 480 -6.89 -13.03 -13.87
C THR D 480 -6.87 -11.52 -14.13
N PRO D 481 -6.93 -10.69 -13.09
CA PRO D 481 -7.06 -9.24 -13.31
C PRO D 481 -5.84 -8.64 -14.01
N ARG D 482 -6.07 -7.47 -14.59
CA ARG D 482 -5.08 -6.65 -15.27
C ARG D 482 -4.98 -5.31 -14.55
N PRO D 483 -3.90 -4.56 -14.77
CA PRO D 483 -3.73 -3.29 -14.06
C PRO D 483 -4.89 -2.34 -14.30
N PHE D 484 -5.25 -1.61 -13.26
CA PHE D 484 -6.30 -0.60 -13.37
C PHE D 484 -5.89 0.48 -14.37
N PRO D 485 -6.84 1.11 -15.04
CA PRO D 485 -6.49 2.21 -15.96
C PRO D 485 -6.24 3.51 -15.22
N GLN D 486 -6.02 4.59 -15.96
CA GLN D 486 -5.94 5.93 -15.42
C GLN D 486 -7.08 6.76 -15.97
N LEU D 487 -7.54 7.73 -15.18
CA LEU D 487 -8.57 8.66 -15.60
C LEU D 487 -8.12 10.07 -15.28
N LYS D 488 -8.04 10.92 -16.30
CA LYS D 488 -7.62 12.30 -16.14
C LYS D 488 -8.65 13.23 -16.78
N PHE D 489 -8.75 14.45 -16.24
CA PHE D 489 -9.61 15.47 -16.78
C PHE D 489 -8.83 16.34 -17.76
N LYS D 490 -9.46 16.67 -18.88
CA LYS D 490 -8.79 17.44 -19.92
C LYS D 490 -8.79 18.93 -19.64
N ARG D 491 -9.62 19.41 -18.71
CA ARG D 491 -9.69 20.83 -18.42
C ARG D 491 -10.18 21.02 -16.99
N LYS D 492 -9.81 22.18 -16.42
CA LYS D 492 -10.30 22.56 -15.11
C LYS D 492 -11.60 23.35 -15.28
N VAL D 493 -12.65 22.92 -14.58
CA VAL D 493 -13.97 23.50 -14.75
C VAL D 493 -14.19 24.57 -13.70
N GLU D 494 -15.08 25.52 -14.02
CA GLU D 494 -15.44 26.56 -13.07
C GLU D 494 -16.35 26.03 -11.97
N ASN D 495 -17.49 25.46 -12.37
CA ASN D 495 -18.41 24.83 -11.44
C ASN D 495 -18.47 23.34 -11.75
N ILE D 496 -18.84 22.54 -10.74
CA ILE D 496 -18.84 21.09 -10.89
C ILE D 496 -19.88 20.62 -11.90
N GLU D 497 -20.93 21.42 -12.15
CA GLU D 497 -21.94 20.99 -13.12
C GLU D 497 -21.47 21.10 -14.57
N ASP D 498 -20.31 21.69 -14.81
CA ASP D 498 -19.85 21.98 -16.17
C ASP D 498 -19.11 20.81 -16.80
N PHE D 499 -18.99 19.68 -16.13
CA PHE D 499 -18.26 18.55 -16.69
C PHE D 499 -19.01 17.97 -17.87
N LYS D 500 -18.26 17.53 -18.89
CA LYS D 500 -18.81 16.90 -20.07
C LYS D 500 -18.04 15.61 -20.35
N TRP D 501 -18.66 14.72 -21.12
CA TRP D 501 -18.02 13.44 -21.44
C TRP D 501 -16.73 13.65 -22.22
N GLU D 502 -16.69 14.69 -23.07
CA GLU D 502 -15.49 14.99 -23.84
C GLU D 502 -14.32 15.39 -22.96
N ASP D 503 -14.58 15.79 -21.71
CA ASP D 503 -13.54 16.18 -20.77
C ASP D 503 -12.83 15.01 -20.12
N ILE D 504 -13.30 13.78 -20.31
CA ILE D 504 -12.75 12.61 -19.63
C ILE D 504 -11.84 11.85 -20.59
N GLU D 505 -10.61 11.58 -20.15
CA GLU D 505 -9.63 10.82 -20.91
C GLU D 505 -9.29 9.56 -20.14
N LEU D 506 -9.72 8.40 -20.65
CA LEU D 506 -9.47 7.10 -20.02
C LEU D 506 -8.24 6.48 -20.67
N ILE D 507 -7.16 6.36 -19.90
CA ILE D 507 -5.84 5.99 -20.40
C ILE D 507 -5.46 4.63 -19.85
N GLY D 508 -5.12 3.70 -20.75
CA GLY D 508 -4.58 2.42 -20.35
C GLY D 508 -5.61 1.41 -19.87
N TYR D 509 -6.78 1.37 -20.50
CA TYR D 509 -7.83 0.43 -20.15
C TYR D 509 -7.85 -0.69 -21.17
N TYR D 510 -7.41 -1.88 -20.77
CA TYR D 510 -7.39 -3.06 -21.63
C TYR D 510 -8.13 -4.19 -20.92
N PRO D 511 -9.45 -4.14 -20.90
CA PRO D 511 -10.23 -5.11 -20.13
C PRO D 511 -10.46 -6.41 -20.89
N TYR D 512 -11.08 -7.37 -20.20
CA TYR D 512 -11.59 -8.58 -20.82
C TYR D 512 -12.91 -8.27 -21.54
N PRO D 513 -13.35 -9.15 -22.45
CA PRO D 513 -14.60 -8.88 -23.17
C PRO D 513 -15.78 -8.69 -22.24
N THR D 514 -16.75 -7.89 -22.69
CA THR D 514 -17.90 -7.57 -21.88
C THR D 514 -18.75 -8.81 -21.62
N ILE D 515 -19.49 -8.77 -20.52
CA ILE D 515 -20.33 -9.87 -20.07
C ILE D 515 -21.76 -9.35 -19.93
N LYS D 516 -22.68 -9.99 -20.65
CA LYS D 516 -24.08 -9.55 -20.65
C LYS D 516 -24.82 -10.13 -19.45
N MET D 517 -25.48 -9.24 -18.70
CA MET D 517 -26.27 -9.64 -17.54
C MET D 517 -27.55 -8.82 -17.51
N ASP D 518 -28.68 -9.50 -17.35
CA ASP D 518 -29.98 -8.85 -17.40
C ASP D 518 -30.35 -8.24 -16.05
N MET D 519 -30.94 -7.05 -16.09
CA MET D 519 -31.36 -6.35 -14.88
C MET D 519 -32.70 -6.86 -14.38
N ALA D 520 -32.81 -6.99 -13.06
CA ALA D 520 -34.06 -7.39 -12.41
C ALA D 520 -34.88 -6.15 -12.11
N VAL D 521 -36.06 -6.04 -12.74
CA VAL D 521 -36.93 -4.89 -12.56
C VAL D 521 -37.73 -5.03 -11.26
N GLU E 3 -35.13 -53.25 -5.47
CA GLU E 3 -35.93 -53.63 -4.32
C GLU E 3 -35.31 -53.11 -3.03
N LYS E 4 -35.01 -51.82 -3.00
CA LYS E 4 -34.45 -51.17 -1.83
C LYS E 4 -35.55 -50.53 -0.99
N ASN E 5 -35.15 -49.97 0.15
CA ASN E 5 -36.09 -49.39 1.09
C ASN E 5 -36.33 -47.91 0.78
N VAL E 6 -37.57 -47.48 0.95
CA VAL E 6 -37.98 -46.10 0.71
C VAL E 6 -38.71 -45.62 1.95
N SER E 7 -38.06 -44.75 2.73
CA SER E 7 -38.61 -44.27 3.99
C SER E 7 -38.93 -42.79 3.91
N ILE E 8 -39.96 -42.38 4.63
CA ILE E 8 -40.36 -40.98 4.74
C ILE E 8 -39.82 -40.43 6.05
N VAL E 9 -39.15 -39.27 5.96
CA VAL E 9 -38.70 -38.53 7.13
C VAL E 9 -39.48 -37.22 7.17
N VAL E 10 -40.10 -36.92 8.30
CA VAL E 10 -40.94 -35.74 8.43
C VAL E 10 -41.05 -35.37 9.90
N ALA E 11 -41.17 -34.08 10.17
CA ALA E 11 -41.45 -33.55 11.50
C ALA E 11 -42.72 -32.71 11.43
N ALA E 12 -43.81 -33.24 11.98
CA ALA E 12 -45.11 -32.59 11.92
C ALA E 12 -45.63 -32.33 13.32
N SER E 13 -46.54 -31.36 13.42
CA SER E 13 -47.18 -31.08 14.70
C SER E 13 -48.02 -32.27 15.15
N VAL E 14 -48.24 -32.35 16.47
CA VAL E 14 -48.81 -33.56 17.05
C VAL E 14 -50.27 -33.73 16.69
N LEU E 15 -51.03 -32.63 16.56
CA LEU E 15 -52.46 -32.70 16.32
C LEU E 15 -52.83 -32.46 14.85
N SER E 16 -52.50 -31.29 14.32
CA SER E 16 -52.89 -30.92 12.96
C SER E 16 -51.88 -31.34 11.91
N SER E 17 -50.70 -31.79 12.32
CA SER E 17 -49.66 -32.29 11.39
C SER E 17 -49.15 -31.18 10.46
N GLY E 18 -48.94 -29.99 11.02
CA GLY E 18 -48.33 -28.91 10.26
C GLY E 18 -46.82 -29.05 10.21
N ILE E 19 -46.24 -28.75 9.04
CA ILE E 19 -44.82 -28.98 8.82
C ILE E 19 -44.10 -27.72 8.35
N GLY E 20 -44.85 -26.70 7.94
CA GLY E 20 -44.20 -25.52 7.40
C GLY E 20 -45.09 -24.29 7.43
N ILE E 21 -44.44 -23.13 7.28
CA ILE E 21 -45.14 -21.84 7.22
C ILE E 21 -44.28 -20.83 6.47
N ASN E 22 -44.86 -20.21 5.44
CA ASN E 22 -44.21 -19.14 4.67
C ASN E 22 -42.84 -19.56 4.15
N GLY E 23 -42.76 -20.79 3.64
CA GLY E 23 -41.53 -21.26 3.04
C GLY E 23 -40.43 -21.62 4.01
N GLN E 24 -40.76 -21.88 5.28
CA GLN E 24 -39.77 -22.28 6.27
C GLN E 24 -40.47 -23.07 7.36
N LEU E 25 -39.68 -23.54 8.33
CA LEU E 25 -40.19 -24.37 9.41
C LEU E 25 -40.91 -23.53 10.47
N PRO E 26 -41.90 -24.09 11.14
CA PRO E 26 -42.56 -23.40 12.26
C PRO E 26 -41.79 -23.44 13.57
N TRP E 27 -40.58 -24.00 13.58
CA TRP E 27 -39.81 -24.17 14.80
C TRP E 27 -38.35 -24.32 14.43
N SER E 28 -37.50 -24.27 15.46
CA SER E 28 -36.06 -24.47 15.32
C SER E 28 -35.60 -25.44 16.41
N ILE E 29 -35.57 -26.73 16.07
CA ILE E 29 -35.16 -27.78 17.00
C ILE E 29 -33.84 -28.35 16.48
N SER E 30 -32.75 -28.10 17.20
CA SER E 30 -31.43 -28.52 16.74
C SER E 30 -31.31 -30.03 16.69
N GLU E 31 -31.79 -30.71 17.74
CA GLU E 31 -31.64 -32.17 17.81
C GLU E 31 -32.41 -32.87 16.70
N ASP E 32 -33.50 -32.27 16.22
CA ASP E 32 -34.27 -32.88 15.14
C ASP E 32 -33.52 -32.83 13.81
N LEU E 33 -32.76 -31.76 13.56
CA LEU E 33 -31.95 -31.72 12.35
C LEU E 33 -30.83 -32.74 12.39
N LYS E 34 -30.18 -32.90 13.54
CA LYS E 34 -29.19 -33.96 13.70
C LYS E 34 -29.84 -35.34 13.55
N PHE E 35 -31.12 -35.45 13.94
CA PHE E 35 -31.86 -36.68 13.72
C PHE E 35 -32.05 -36.94 12.23
N PHE E 36 -32.47 -35.93 11.48
CA PHE E 36 -32.58 -36.06 10.04
C PHE E 36 -31.24 -36.43 9.40
N SER E 37 -30.16 -35.84 9.91
CA SER E 37 -28.85 -36.10 9.33
C SER E 37 -28.39 -37.53 9.56
N LYS E 38 -28.58 -38.05 10.78
CA LYS E 38 -28.07 -39.38 11.11
C LYS E 38 -28.86 -40.47 10.38
N ILE E 39 -30.15 -40.26 10.12
CA ILE E 39 -30.93 -41.29 9.46
C ILE E 39 -30.57 -41.36 7.99
N THR E 40 -30.38 -40.22 7.35
CA THR E 40 -30.10 -40.20 5.92
C THR E 40 -28.65 -40.52 5.61
N ASN E 41 -27.75 -40.45 6.59
CA ASN E 41 -26.38 -40.86 6.43
C ASN E 41 -26.13 -42.31 6.85
N ASN E 42 -27.07 -42.92 7.55
CA ASN E 42 -26.93 -44.29 8.04
C ASN E 42 -26.93 -45.24 6.84
N LYS E 43 -25.79 -45.87 6.57
CA LYS E 43 -25.67 -46.78 5.44
C LYS E 43 -24.82 -47.98 5.85
N CYS E 44 -24.92 -49.03 5.03
CA CYS E 44 -24.19 -50.28 5.24
C CYS E 44 -23.00 -50.43 4.30
N ASP E 45 -23.15 -50.01 3.04
CA ASP E 45 -22.09 -50.15 2.05
C ASP E 45 -21.20 -48.92 2.07
N SER E 46 -19.88 -49.15 2.07
CA SER E 46 -18.94 -48.03 2.10
C SER E 46 -18.96 -47.26 0.78
N ASN E 47 -19.04 -47.96 -0.35
CA ASN E 47 -19.01 -47.33 -1.67
C ASN E 47 -20.40 -47.01 -2.20
N LYS E 48 -21.32 -46.58 -1.33
CA LYS E 48 -22.66 -46.19 -1.76
C LYS E 48 -23.12 -44.97 -0.98
N LYS E 49 -24.13 -44.29 -1.50
CA LYS E 49 -24.72 -43.11 -0.89
C LYS E 49 -26.23 -43.23 -0.91
N ASN E 50 -26.88 -42.41 -0.09
CA ASN E 50 -28.33 -42.37 -0.01
C ASN E 50 -28.89 -41.19 -0.81
N ALA E 51 -30.10 -41.38 -1.33
CA ALA E 51 -30.78 -40.38 -2.15
C ALA E 51 -31.92 -39.76 -1.34
N LEU E 52 -31.97 -38.43 -1.34
CA LEU E 52 -32.99 -37.67 -0.60
C LEU E 52 -33.89 -36.94 -1.60
N ILE E 53 -35.15 -37.35 -1.68
CA ILE E 53 -36.12 -36.75 -2.59
C ILE E 53 -36.81 -35.60 -1.88
N MET E 54 -36.97 -34.48 -2.59
CA MET E 54 -37.65 -33.31 -2.04
C MET E 54 -38.26 -32.49 -3.16
N GLY E 55 -39.31 -31.73 -2.82
CA GLY E 55 -39.93 -30.83 -3.76
C GLY E 55 -39.08 -29.61 -4.01
N ARG E 56 -39.51 -28.81 -5.00
CA ARG E 56 -38.76 -27.62 -5.38
C ARG E 56 -38.82 -26.56 -4.27
N LYS E 57 -40.00 -26.32 -3.73
CA LYS E 57 -40.14 -25.30 -2.68
C LYS E 57 -39.31 -25.68 -1.45
N THR E 58 -39.25 -26.98 -1.13
CA THR E 58 -38.39 -27.44 -0.06
C THR E 58 -36.92 -27.23 -0.40
N TRP E 59 -36.56 -27.49 -1.66
CA TRP E 59 -35.19 -27.25 -2.12
C TRP E 59 -34.81 -25.78 -2.01
N ASP E 60 -35.79 -24.88 -2.11
CA ASP E 60 -35.53 -23.46 -1.90
C ASP E 60 -35.33 -23.15 -0.42
N SER E 61 -36.12 -23.79 0.45
CA SER E 61 -36.11 -23.46 1.87
C SER E 61 -34.81 -23.85 2.57
N ILE E 62 -34.06 -24.79 2.01
CA ILE E 62 -32.79 -25.21 2.59
C ILE E 62 -31.60 -24.46 1.97
N GLY E 63 -31.86 -23.36 1.28
CA GLY E 63 -30.81 -22.54 0.71
C GLY E 63 -30.28 -23.00 -0.62
N ARG E 64 -30.86 -24.04 -1.22
CA ARG E 64 -30.43 -24.56 -2.52
C ARG E 64 -28.95 -24.94 -2.50
N ARG E 65 -28.55 -25.65 -1.46
CA ARG E 65 -27.18 -26.10 -1.27
C ARG E 65 -27.16 -27.58 -0.89
N PRO E 66 -26.15 -28.31 -1.34
CA PRO E 66 -26.16 -29.77 -1.15
C PRO E 66 -25.91 -30.17 0.29
N LEU E 67 -26.26 -31.42 0.58
CA LEU E 67 -26.04 -32.05 1.88
C LEU E 67 -24.90 -33.05 1.75
N LYS E 68 -23.95 -32.99 2.68
CA LYS E 68 -22.73 -33.79 2.58
C LYS E 68 -23.05 -35.29 2.61
N ASN E 69 -22.27 -36.06 1.85
CA ASN E 69 -22.32 -37.52 1.77
C ASN E 69 -23.65 -38.04 1.23
N ARG E 70 -24.50 -37.18 0.67
CA ARG E 70 -25.79 -37.60 0.17
C ARG E 70 -26.05 -36.96 -1.19
N ILE E 71 -26.98 -37.55 -1.93
CA ILE E 71 -27.40 -37.05 -3.24
C ILE E 71 -28.84 -36.58 -3.13
N ILE E 72 -29.06 -35.30 -3.38
CA ILE E 72 -30.39 -34.70 -3.28
C ILE E 72 -31.08 -34.81 -4.63
N VAL E 73 -32.33 -35.25 -4.62
CA VAL E 73 -33.16 -35.38 -5.82
C VAL E 73 -34.30 -34.38 -5.71
N VAL E 74 -34.34 -33.43 -6.64
CA VAL E 74 -35.34 -32.36 -6.64
C VAL E 74 -36.38 -32.66 -7.69
N ILE E 75 -37.65 -32.62 -7.30
CA ILE E 75 -38.77 -32.76 -8.21
C ILE E 75 -39.24 -31.37 -8.60
N SER E 76 -39.16 -31.05 -9.89
CA SER E 76 -39.57 -29.74 -10.39
C SER E 76 -39.90 -29.85 -11.87
N SER E 77 -40.90 -29.09 -12.29
CA SER E 77 -41.29 -29.05 -13.70
C SER E 77 -40.53 -27.98 -14.49
N SER E 78 -39.74 -27.14 -13.84
CA SER E 78 -39.06 -26.04 -14.52
C SER E 78 -37.58 -25.92 -14.13
N LEU E 79 -37.01 -26.91 -13.46
CA LEU E 79 -35.59 -26.68 -13.21
C LEU E 79 -34.73 -27.30 -14.31
N PRO E 80 -33.62 -26.66 -14.65
CA PRO E 80 -32.74 -27.22 -15.70
C PRO E 80 -32.06 -28.49 -15.22
N GLN E 81 -32.07 -29.52 -16.09
CA GLN E 81 -31.42 -30.79 -15.78
C GLN E 81 -29.96 -30.74 -16.24
N ASP E 82 -29.20 -29.90 -15.54
CA ASP E 82 -27.79 -29.70 -15.85
C ASP E 82 -26.94 -30.75 -15.13
N GLU E 83 -25.98 -31.30 -15.85
CA GLU E 83 -25.04 -32.28 -15.29
C GLU E 83 -23.88 -31.60 -14.55
N ALA E 84 -24.01 -30.32 -14.24
CA ALA E 84 -22.92 -29.60 -13.57
C ALA E 84 -22.72 -30.10 -12.15
N ASP E 85 -23.80 -30.11 -11.35
CA ASP E 85 -23.70 -30.53 -9.96
C ASP E 85 -23.89 -32.03 -9.87
N PRO E 86 -22.86 -32.79 -9.46
CA PRO E 86 -23.03 -34.26 -9.35
C PRO E 86 -23.80 -34.71 -8.12
N ASN E 87 -24.01 -33.82 -7.14
CA ASN E 87 -24.72 -34.16 -5.92
C ASN E 87 -26.19 -33.77 -5.96
N VAL E 88 -26.67 -33.19 -7.06
CA VAL E 88 -28.06 -32.78 -7.22
C VAL E 88 -28.52 -33.14 -8.62
N VAL E 89 -29.64 -33.85 -8.71
CA VAL E 89 -30.25 -34.22 -9.98
C VAL E 89 -31.71 -33.83 -9.94
N VAL E 90 -32.26 -33.51 -11.13
CA VAL E 90 -33.62 -33.02 -11.25
C VAL E 90 -34.42 -33.99 -12.11
N PHE E 91 -35.68 -34.24 -11.71
CA PHE E 91 -36.60 -35.07 -12.47
C PHE E 91 -37.92 -34.34 -12.63
N ARG E 92 -38.66 -34.71 -13.67
CA ARG E 92 -39.88 -33.98 -14.03
C ARG E 92 -41.09 -34.41 -13.22
N ASN E 93 -41.11 -35.64 -12.71
CA ASN E 93 -42.20 -36.10 -11.86
C ASN E 93 -41.67 -37.12 -10.87
N LEU E 94 -42.50 -37.42 -9.86
CA LEU E 94 -42.06 -38.32 -8.80
C LEU E 94 -41.93 -39.75 -9.30
N GLU E 95 -42.87 -40.22 -10.11
CA GLU E 95 -42.82 -41.59 -10.60
C GLU E 95 -41.56 -41.82 -11.42
N ASP E 96 -41.23 -40.89 -12.32
CA ASP E 96 -40.02 -41.01 -13.13
C ASP E 96 -38.77 -41.07 -12.26
N SER E 97 -38.77 -40.35 -11.13
CA SER E 97 -37.60 -40.25 -10.27
C SER E 97 -37.26 -41.55 -9.53
N ILE E 98 -38.13 -42.55 -9.56
CA ILE E 98 -37.86 -43.80 -8.87
C ILE E 98 -37.02 -44.70 -9.78
N GLU E 99 -36.39 -44.10 -10.79
CA GLU E 99 -35.42 -44.85 -11.59
C GLU E 99 -34.20 -45.25 -10.78
N ASN E 100 -33.97 -44.59 -9.63
CA ASN E 100 -32.82 -44.92 -8.79
C ASN E 100 -32.84 -46.39 -8.36
N LEU E 101 -34.03 -46.97 -8.17
CA LEU E 101 -34.11 -48.39 -7.83
C LEU E 101 -33.55 -49.25 -8.96
N MET E 102 -34.12 -49.13 -10.15
CA MET E 102 -33.80 -50.08 -11.22
C MET E 102 -32.41 -49.81 -11.81
N ASN E 103 -32.04 -48.54 -11.98
CA ASN E 103 -30.81 -48.20 -12.69
C ASN E 103 -29.64 -48.06 -11.72
N ASP E 104 -29.69 -47.04 -10.86
CA ASP E 104 -28.55 -46.69 -10.02
C ASP E 104 -28.38 -47.75 -8.93
N ASP E 105 -27.39 -48.61 -9.08
CA ASP E 105 -27.05 -49.60 -8.07
C ASP E 105 -26.11 -49.06 -6.99
N SER E 106 -25.60 -47.83 -7.16
CA SER E 106 -24.76 -47.19 -6.16
C SER E 106 -25.57 -46.51 -5.07
N ILE E 107 -26.91 -46.56 -5.14
CA ILE E 107 -27.78 -45.97 -4.14
C ILE E 107 -28.33 -47.10 -3.29
N GLU E 108 -28.11 -47.00 -1.98
CA GLU E 108 -28.52 -48.04 -1.04
C GLU E 108 -29.97 -47.85 -0.59
N ASN E 109 -30.28 -46.71 0.01
CA ASN E 109 -31.62 -46.43 0.50
C ASN E 109 -32.13 -45.12 -0.09
N ILE E 110 -33.44 -44.93 -0.01
CA ILE E 110 -34.12 -43.76 -0.55
C ILE E 110 -34.96 -43.14 0.56
N PHE E 111 -34.90 -41.82 0.67
CA PHE E 111 -35.64 -41.09 1.70
C PHE E 111 -36.48 -40.01 1.04
N VAL E 112 -37.77 -39.99 1.35
CA VAL E 112 -38.69 -38.94 0.91
C VAL E 112 -38.91 -37.99 2.07
N CYS E 113 -38.70 -36.70 1.82
CA CYS E 113 -38.72 -35.72 2.91
C CYS E 113 -38.97 -34.31 2.41
N GLY E 114 -39.78 -34.15 1.37
CA GLY E 114 -39.86 -32.87 0.70
C GLY E 114 -41.23 -32.28 0.43
N GLY E 115 -41.94 -31.88 1.48
CA GLY E 115 -43.13 -31.08 1.32
C GLY E 115 -44.39 -31.90 1.13
N GLU E 116 -45.53 -31.20 1.29
CA GLU E 116 -46.84 -31.85 1.24
C GLU E 116 -47.11 -32.48 -0.11
N SER E 117 -46.73 -31.80 -1.19
CA SER E 117 -47.01 -32.31 -2.53
C SER E 117 -46.30 -33.63 -2.79
N ILE E 118 -45.05 -33.76 -2.32
CA ILE E 118 -44.30 -34.98 -2.55
C ILE E 118 -44.74 -36.07 -1.59
N TYR E 119 -45.06 -35.72 -0.35
CA TYR E 119 -45.57 -36.71 0.60
C TYR E 119 -46.87 -37.33 0.10
N ARG E 120 -47.81 -36.50 -0.37
CA ARG E 120 -49.11 -37.01 -0.79
C ARG E 120 -48.98 -37.88 -2.03
N ASP E 121 -48.10 -37.52 -2.96
CA ASP E 121 -47.92 -38.33 -4.16
C ASP E 121 -47.19 -39.63 -3.84
N ALA E 122 -46.27 -39.61 -2.86
CA ALA E 122 -45.53 -40.82 -2.52
C ALA E 122 -46.41 -41.85 -1.82
N LEU E 123 -47.46 -41.41 -1.15
CA LEU E 123 -48.37 -42.33 -0.48
C LEU E 123 -49.47 -42.83 -1.40
N LYS E 124 -50.01 -41.96 -2.26
CA LYS E 124 -51.07 -42.38 -3.17
C LYS E 124 -50.57 -43.38 -4.20
N ASP E 125 -49.28 -43.36 -4.52
CA ASP E 125 -48.68 -44.28 -5.48
C ASP E 125 -48.03 -45.49 -4.83
N ASN E 126 -48.14 -45.64 -3.50
CA ASN E 126 -47.70 -46.83 -2.80
C ASN E 126 -46.19 -47.07 -2.98
N PHE E 127 -45.40 -46.02 -2.75
CA PHE E 127 -43.96 -46.09 -2.86
C PHE E 127 -43.25 -46.18 -1.51
N VAL E 128 -43.94 -45.92 -0.41
CA VAL E 128 -43.32 -45.76 0.90
C VAL E 128 -43.37 -47.07 1.66
N ASP E 129 -42.22 -47.49 2.19
CA ASP E 129 -42.12 -48.67 3.04
C ASP E 129 -42.13 -48.35 4.52
N ARG E 130 -41.67 -47.16 4.91
CA ARG E 130 -41.50 -46.83 6.32
C ARG E 130 -41.62 -45.31 6.49
N ILE E 131 -42.09 -44.89 7.66
CA ILE E 131 -42.28 -43.48 7.97
C ILE E 131 -41.54 -43.15 9.26
N TYR E 132 -40.69 -42.13 9.22
CA TYR E 132 -40.02 -41.58 10.40
C TYR E 132 -40.72 -40.27 10.74
N LEU E 133 -41.56 -40.30 11.78
CA LEU E 133 -42.36 -39.15 12.18
C LEU E 133 -41.79 -38.55 13.45
N THR E 134 -41.58 -37.23 13.43
CA THR E 134 -41.18 -36.46 14.61
C THR E 134 -42.37 -35.59 15.01
N ARG E 135 -43.08 -36.00 16.06
CA ARG E 135 -44.25 -35.27 16.53
C ARG E 135 -43.80 -34.10 17.40
N VAL E 136 -44.20 -32.88 17.02
CA VAL E 136 -43.82 -31.66 17.72
C VAL E 136 -45.04 -31.09 18.41
N ALA E 137 -44.86 -30.63 19.66
CA ALA E 137 -45.97 -30.15 20.48
C ALA E 137 -46.12 -28.63 20.34
N LEU E 138 -46.63 -28.23 19.18
CA LEU E 138 -46.93 -26.84 18.87
C LEU E 138 -48.18 -26.80 18.01
N GLU E 139 -49.25 -26.19 18.53
CA GLU E 139 -50.53 -26.22 17.83
C GLU E 139 -51.27 -24.88 17.78
N ASP E 140 -50.97 -23.94 18.67
CA ASP E 140 -51.65 -22.64 18.62
C ASP E 140 -50.90 -21.63 17.76
N ILE E 141 -50.35 -22.08 16.63
CA ILE E 141 -49.63 -21.24 15.69
C ILE E 141 -50.23 -21.44 14.30
N GLU E 142 -49.63 -20.77 13.31
CA GLU E 142 -50.16 -20.76 11.95
C GLU E 142 -49.38 -21.72 11.06
N PHE E 143 -50.11 -22.49 10.25
CA PHE E 143 -49.51 -23.40 9.28
C PHE E 143 -50.11 -23.14 7.91
N ASP E 144 -49.34 -23.47 6.87
CA ASP E 144 -49.83 -23.48 5.51
C ASP E 144 -49.41 -24.71 4.71
N THR E 145 -48.59 -25.58 5.30
CA THR E 145 -48.17 -26.82 4.66
C THR E 145 -48.29 -27.94 5.70
N TYR E 146 -49.03 -28.99 5.36
CA TYR E 146 -49.33 -30.05 6.30
C TYR E 146 -48.82 -31.39 5.80
N PHE E 147 -48.75 -32.35 6.73
CA PHE E 147 -48.38 -33.73 6.41
C PHE E 147 -49.64 -34.56 6.21
N PRO E 148 -49.75 -35.32 5.11
CA PRO E 148 -50.99 -36.04 4.84
C PRO E 148 -51.31 -37.05 5.93
N GLU E 149 -52.59 -37.42 6.00
CA GLU E 149 -53.02 -38.45 6.95
C GLU E 149 -52.33 -39.77 6.63
N ILE E 150 -51.84 -40.43 7.67
CA ILE E 150 -51.10 -41.69 7.46
C ILE E 150 -52.09 -42.77 7.04
N PRO E 151 -51.83 -43.49 5.95
CA PRO E 151 -52.79 -44.52 5.51
C PRO E 151 -52.89 -45.65 6.52
N GLU E 152 -54.02 -46.37 6.45
CA GLU E 152 -54.24 -47.50 7.35
C GLU E 152 -53.29 -48.65 7.09
N THR E 153 -52.64 -48.68 5.93
CA THR E 153 -51.68 -49.74 5.63
C THR E 153 -50.42 -49.64 6.47
N PHE E 154 -50.22 -48.52 7.17
CA PHE E 154 -49.07 -48.33 8.06
C PHE E 154 -49.50 -48.57 9.50
N LEU E 155 -48.59 -49.14 10.29
CA LEU E 155 -48.82 -49.35 11.71
C LEU E 155 -47.61 -48.89 12.50
N PRO E 156 -47.82 -48.22 13.62
CA PRO E 156 -46.68 -47.76 14.44
C PRO E 156 -45.96 -48.92 15.10
N VAL E 157 -44.63 -48.86 15.09
CA VAL E 157 -43.80 -49.89 15.71
C VAL E 157 -42.84 -49.34 16.74
N TYR E 158 -42.77 -48.01 16.91
CA TYR E 158 -41.84 -47.40 17.86
C TYR E 158 -42.34 -46.01 18.22
N MET E 159 -42.20 -45.67 19.50
CA MET E 159 -42.50 -44.33 20.01
C MET E 159 -41.49 -44.01 21.10
N SER E 160 -40.60 -43.06 20.84
CA SER E 160 -39.53 -42.74 21.77
C SER E 160 -40.08 -42.03 23.00
N GLN E 161 -39.19 -41.80 23.97
CA GLN E 161 -39.51 -40.94 25.09
C GLN E 161 -39.64 -39.49 24.63
N THR E 162 -40.24 -38.67 25.50
CA THR E 162 -40.40 -37.26 25.20
C THR E 162 -39.11 -36.50 25.49
N PHE E 163 -38.68 -35.68 24.55
CA PHE E 163 -37.50 -34.83 24.69
C PHE E 163 -37.92 -33.37 24.79
N CYS E 164 -36.95 -32.52 25.14
CA CYS E 164 -37.21 -31.11 25.38
C CYS E 164 -36.12 -30.25 24.78
N THR E 165 -36.51 -29.27 23.97
CA THR E 165 -35.61 -28.26 23.44
C THR E 165 -36.31 -26.91 23.47
N LYS E 166 -35.76 -25.96 24.21
CA LYS E 166 -36.34 -24.62 24.38
C LYS E 166 -37.78 -24.72 24.87
N ASN E 167 -38.01 -25.60 25.85
CA ASN E 167 -39.32 -25.84 26.46
C ASN E 167 -40.34 -26.40 25.46
N ILE E 168 -39.88 -27.03 24.39
CA ILE E 168 -40.76 -27.63 23.39
C ILE E 168 -40.62 -29.15 23.48
N SER E 169 -41.74 -29.85 23.65
CA SER E 169 -41.76 -31.29 23.75
C SER E 169 -41.91 -31.92 22.37
N TYR E 170 -41.23 -33.04 22.15
CA TYR E 170 -41.36 -33.76 20.88
C TYR E 170 -40.99 -35.22 21.07
N ASP E 171 -41.54 -36.06 20.20
CA ASP E 171 -41.35 -37.51 20.21
C ASP E 171 -40.67 -37.94 18.92
N PHE E 172 -40.35 -39.24 18.84
CA PHE E 172 -39.83 -39.86 17.62
C PHE E 172 -40.54 -41.19 17.43
N MET E 173 -41.23 -41.34 16.30
CA MET E 173 -41.98 -42.54 16.01
C MET E 173 -41.53 -43.15 14.69
N ILE E 174 -41.77 -44.45 14.55
CA ILE E 174 -41.50 -45.19 13.34
C ILE E 174 -42.77 -45.94 12.94
N PHE E 175 -43.10 -45.89 11.66
CA PHE E 175 -44.26 -46.60 11.12
C PHE E 175 -43.76 -47.56 10.04
N GLU E 176 -44.14 -48.83 10.16
CA GLU E 176 -43.83 -49.85 9.16
C GLU E 176 -45.10 -50.21 8.41
N LYS E 177 -44.95 -50.54 7.13
CA LYS E 177 -46.08 -50.97 6.33
C LYS E 177 -46.23 -52.49 6.44
N GLN E 178 -47.48 -52.93 6.60
CA GLN E 178 -47.74 -54.34 6.78
C GLN E 178 -47.76 -55.04 5.44
N GLU E 179 -47.30 -56.30 5.42
CA GLU E 179 -47.30 -57.08 4.20
C GLU E 179 -48.43 -58.10 4.20
N LYS E 180 -48.19 -59.27 3.61
CA LYS E 180 -49.17 -60.34 3.52
C LYS E 180 -48.69 -61.54 4.30
N LYS E 181 -49.58 -62.13 5.10
CA LYS E 181 -49.27 -63.32 5.89
C LYS E 181 -48.06 -63.12 6.79
N LEU E 193 -34.72 -67.66 19.30
CA LEU E 193 -36.09 -67.66 19.79
C LEU E 193 -37.00 -68.46 18.87
N LYS E 194 -37.19 -69.75 19.19
CA LYS E 194 -38.05 -70.60 18.40
C LYS E 194 -38.60 -71.75 19.25
N SER E 195 -37.72 -72.42 19.99
CA SER E 195 -38.10 -73.53 20.86
C SER E 195 -38.38 -73.08 22.28
N ILE E 196 -37.86 -71.92 22.68
CA ILE E 196 -38.03 -71.45 24.05
C ILE E 196 -39.49 -71.15 24.35
N ASP E 197 -40.16 -70.42 23.44
CA ASP E 197 -41.56 -70.10 23.66
C ASP E 197 -42.44 -71.36 23.70
N ASP E 198 -42.09 -72.38 22.91
CA ASP E 198 -42.86 -73.63 22.95
C ASP E 198 -42.64 -74.36 24.27
N THR E 199 -41.40 -74.43 24.74
CA THR E 199 -41.11 -75.11 26.00
C THR E 199 -41.80 -74.42 27.17
N VAL E 200 -41.80 -73.08 27.18
CA VAL E 200 -42.48 -72.34 28.24
C VAL E 200 -43.98 -72.60 28.20
N ASP E 201 -44.54 -72.74 26.99
CA ASP E 201 -45.96 -73.06 26.87
C ASP E 201 -46.26 -74.44 27.43
N LEU E 202 -45.38 -75.42 27.17
CA LEU E 202 -45.61 -76.76 27.69
C LEU E 202 -45.52 -76.79 29.21
N LEU E 203 -44.52 -76.12 29.78
CA LEU E 203 -44.43 -76.01 31.23
C LEU E 203 -45.63 -75.27 31.80
N GLY E 204 -46.22 -74.35 31.03
CA GLY E 204 -47.43 -73.67 31.47
C GLY E 204 -48.66 -74.54 31.44
N GLU E 205 -48.64 -75.64 30.67
CA GLU E 205 -49.76 -76.57 30.67
C GLU E 205 -49.68 -77.56 31.83
N ILE E 206 -48.47 -78.04 32.14
CA ILE E 206 -48.25 -78.96 33.24
C ILE E 206 -48.63 -78.29 34.55
N PHE E 207 -47.84 -77.29 34.96
CA PHE E 207 -48.15 -76.53 36.15
C PHE E 207 -49.19 -75.47 35.81
N GLY E 208 -50.22 -75.37 36.64
CA GLY E 208 -51.25 -74.38 36.40
C GLY E 208 -50.78 -73.01 36.83
N ILE E 209 -51.31 -72.52 37.95
CA ILE E 209 -50.84 -71.26 38.53
C ILE E 209 -49.67 -71.57 39.45
N ARG E 210 -49.12 -72.79 39.34
CA ARG E 210 -47.90 -73.11 40.07
C ARG E 210 -46.68 -72.44 39.45
N LYS E 211 -46.67 -72.26 38.13
CA LYS E 211 -45.60 -71.52 37.47
C LYS E 211 -45.89 -70.04 37.56
N MET E 212 -44.95 -69.27 38.12
CA MET E 212 -45.18 -67.86 38.39
C MET E 212 -45.47 -67.08 37.12
N GLY E 213 -44.97 -67.55 35.97
CA GLY E 213 -45.28 -66.89 34.71
C GLY E 213 -46.76 -66.83 34.41
N ASN E 214 -47.50 -67.89 34.77
CA ASN E 214 -48.94 -67.92 34.55
C ASN E 214 -49.68 -66.97 35.48
N ARG E 215 -49.06 -66.55 36.59
CA ARG E 215 -49.64 -65.53 37.45
C ARG E 215 -49.38 -64.12 36.94
N HIS E 216 -48.50 -63.98 35.95
CA HIS E 216 -48.19 -62.68 35.34
C HIS E 216 -48.29 -62.83 33.82
N LYS E 217 -49.47 -63.24 33.36
CA LYS E 217 -49.68 -63.48 31.94
C LYS E 217 -49.59 -62.18 31.15
N PHE E 218 -49.03 -62.27 29.94
CA PHE E 218 -48.96 -61.11 29.08
C PHE E 218 -50.37 -60.68 28.66
N PRO E 219 -50.65 -59.38 28.69
CA PRO E 219 -52.01 -58.92 28.37
C PRO E 219 -52.39 -59.25 26.93
N LYS E 220 -53.67 -59.56 26.73
CA LYS E 220 -54.17 -59.85 25.40
C LYS E 220 -54.14 -58.59 24.54
N GLU E 221 -54.12 -58.80 23.22
CA GLU E 221 -54.02 -57.68 22.27
C GLU E 221 -55.21 -56.74 22.40
N GLU E 222 -56.38 -57.27 22.76
CA GLU E 222 -57.59 -56.46 22.83
C GLU E 222 -57.58 -55.47 24.00
N ILE E 223 -56.62 -55.58 24.92
CA ILE E 223 -56.53 -54.66 26.05
C ILE E 223 -55.14 -54.05 26.12
N TYR E 224 -54.40 -54.14 25.02
CA TYR E 224 -53.04 -53.62 24.94
C TYR E 224 -53.04 -52.33 24.14
N ASN E 225 -52.63 -51.24 24.76
CA ASN E 225 -52.64 -49.94 24.10
C ASN E 225 -51.62 -49.92 22.97
N THR E 226 -52.09 -49.60 21.76
CA THR E 226 -51.28 -49.55 20.54
C THR E 226 -50.48 -50.84 20.41
N PRO E 227 -51.13 -51.98 20.17
CA PRO E 227 -50.41 -53.26 20.24
C PRO E 227 -49.39 -53.45 19.13
N SER E 228 -49.44 -52.65 18.07
CA SER E 228 -48.46 -52.80 16.99
C SER E 228 -47.06 -52.38 17.40
N ILE E 229 -46.92 -51.58 18.45
CA ILE E 229 -45.62 -51.21 18.98
C ILE E 229 -45.20 -52.29 19.97
N ARG E 230 -44.42 -53.25 19.50
CA ARG E 230 -44.03 -54.40 20.31
C ARG E 230 -42.73 -54.15 21.05
N PHE E 231 -41.66 -53.80 20.34
CA PHE E 231 -40.33 -53.66 20.93
C PHE E 231 -39.92 -52.20 21.14
N GLY E 232 -40.79 -51.24 20.83
CA GLY E 232 -40.40 -49.85 20.92
C GLY E 232 -41.27 -49.04 21.86
N ARG E 233 -41.64 -49.65 22.99
CA ARG E 233 -42.49 -48.98 23.98
C ARG E 233 -41.63 -48.13 24.93
N GLU E 234 -40.98 -47.13 24.33
CA GLU E 234 -40.04 -46.29 25.07
C GLU E 234 -40.71 -45.12 25.77
N HIS E 235 -41.77 -44.57 25.20
CA HIS E 235 -42.51 -43.49 25.84
C HIS E 235 -42.99 -43.95 27.21
N TYR E 236 -42.59 -43.22 28.25
CA TYR E 236 -42.83 -43.66 29.62
C TYR E 236 -44.28 -43.52 30.06
N GLU E 237 -45.18 -43.00 29.21
CA GLU E 237 -46.60 -43.14 29.51
C GLU E 237 -47.06 -44.59 29.38
N PHE E 238 -46.34 -45.40 28.60
CA PHE E 238 -46.62 -46.83 28.53
C PHE E 238 -46.38 -47.53 29.86
N GLN E 239 -45.56 -46.94 30.73
CA GLN E 239 -45.35 -47.53 32.06
C GLN E 239 -46.63 -47.53 32.87
N TYR E 240 -47.53 -46.58 32.60
CA TYR E 240 -48.84 -46.55 33.23
C TYR E 240 -49.89 -47.32 32.43
N LEU E 241 -49.90 -47.16 31.11
CA LEU E 241 -50.90 -47.83 30.29
C LEU E 241 -50.73 -49.34 30.30
N ASP E 242 -49.49 -49.82 30.28
CA ASP E 242 -49.26 -51.27 30.33
C ASP E 242 -49.62 -51.82 31.71
N LEU E 243 -49.50 -51.02 32.76
CA LEU E 243 -49.96 -51.46 34.07
C LEU E 243 -51.47 -51.65 34.08
N LEU E 244 -52.19 -50.77 33.38
CA LEU E 244 -53.63 -50.99 33.18
C LEU E 244 -53.90 -52.31 32.46
N SER E 245 -53.13 -52.58 31.40
CA SER E 245 -53.30 -53.83 30.67
C SER E 245 -52.96 -55.03 31.54
N ARG E 246 -51.94 -54.92 32.39
CA ARG E 246 -51.57 -56.02 33.25
C ARG E 246 -52.64 -56.32 34.30
N VAL E 247 -53.35 -55.30 34.76
CA VAL E 247 -54.40 -55.51 35.75
C VAL E 247 -55.64 -56.11 35.09
N LEU E 248 -56.00 -55.64 33.90
CA LEU E 248 -57.15 -56.20 33.20
C LEU E 248 -56.94 -57.66 32.85
N GLU E 249 -55.69 -58.10 32.72
CA GLU E 249 -55.38 -59.47 32.36
C GLU E 249 -55.30 -60.40 33.57
N ASN E 250 -54.66 -59.95 34.65
CA ASN E 250 -54.39 -60.81 35.80
C ASN E 250 -55.15 -60.40 37.05
N GLY E 251 -55.99 -59.37 36.99
CA GLY E 251 -56.60 -58.84 38.20
C GLY E 251 -57.60 -59.82 38.79
N ALA E 252 -57.48 -60.05 40.10
CA ALA E 252 -58.41 -60.92 40.82
C ALA E 252 -59.59 -60.11 41.32
N TYR E 253 -60.80 -60.61 41.07
CA TYR E 253 -62.00 -59.94 41.54
C TYR E 253 -62.08 -60.03 43.05
N ARG E 254 -62.00 -58.89 43.73
CA ARG E 254 -61.91 -58.85 45.18
C ARG E 254 -62.80 -57.73 45.72
N GLU E 255 -63.40 -57.98 46.88
CA GLU E 255 -64.17 -56.98 47.59
C GLU E 255 -63.25 -56.12 48.45
N ASN E 256 -63.78 -55.01 48.96
CA ASN E 256 -63.03 -54.11 49.81
C ASN E 256 -64.00 -53.35 50.71
N ARG E 257 -63.47 -52.37 51.45
CA ARG E 257 -64.27 -51.63 52.42
C ARG E 257 -65.43 -50.87 51.76
N THR E 258 -65.31 -50.54 50.49
CA THR E 258 -66.39 -49.89 49.76
C THR E 258 -67.29 -50.93 49.10
N GLY E 259 -68.42 -50.45 48.57
CA GLY E 259 -69.33 -51.32 47.85
C GLY E 259 -68.91 -51.64 46.43
N ILE E 260 -67.81 -51.07 45.97
CA ILE E 260 -67.32 -51.24 44.61
C ILE E 260 -66.14 -52.20 44.64
N SER E 261 -66.30 -53.37 44.03
CA SER E 261 -65.22 -54.33 43.97
C SER E 261 -64.16 -53.88 42.96
N THR E 262 -62.97 -54.46 43.09
CA THR E 262 -61.84 -54.12 42.23
C THR E 262 -61.25 -55.38 41.62
N TYR E 263 -60.42 -55.18 40.60
CA TYR E 263 -59.56 -56.22 40.06
C TYR E 263 -58.13 -55.85 40.45
N SER E 264 -57.51 -56.67 41.30
CA SER E 264 -56.31 -56.27 42.00
C SER E 264 -55.18 -57.27 41.76
N ILE E 265 -53.97 -56.74 41.53
CA ILE E 265 -52.74 -57.52 41.56
C ILE E 265 -51.80 -56.86 42.56
N PHE E 266 -50.73 -57.57 42.90
CA PHE E 266 -49.83 -57.16 43.96
C PHE E 266 -48.39 -57.10 43.46
N GLY E 267 -47.71 -55.99 43.74
CA GLY E 267 -46.30 -55.83 43.41
C GLY E 267 -46.02 -55.36 41.99
N GLN E 268 -46.15 -54.06 41.76
CA GLN E 268 -45.88 -53.48 40.46
C GLN E 268 -45.07 -52.20 40.64
N MET E 269 -44.46 -51.74 39.54
CA MET E 269 -43.67 -50.51 39.56
C MET E 269 -43.84 -49.77 38.25
N MET E 270 -43.68 -48.44 38.33
CA MET E 270 -43.68 -47.57 37.17
C MET E 270 -42.46 -46.67 37.23
N ARG E 271 -41.94 -46.32 36.06
CA ARG E 271 -40.71 -45.53 35.95
C ARG E 271 -40.96 -44.38 34.99
N PHE E 272 -40.55 -43.17 35.39
CA PHE E 272 -40.80 -41.98 34.59
C PHE E 272 -39.56 -41.10 34.53
N ASP E 273 -39.40 -40.42 33.40
CA ASP E 273 -38.36 -39.42 33.24
C ASP E 273 -38.88 -38.04 33.63
N MET E 274 -38.02 -37.22 34.22
CA MET E 274 -38.34 -35.85 34.55
C MET E 274 -37.32 -34.84 34.04
N ARG E 275 -36.23 -35.29 33.42
CA ARG E 275 -35.24 -34.36 32.89
C ARG E 275 -35.77 -33.65 31.65
N GLU E 276 -36.32 -34.40 30.71
CA GLU E 276 -36.72 -33.88 29.40
C GLU E 276 -38.22 -33.74 29.24
N SER E 277 -39.02 -34.05 30.25
CA SER E 277 -40.47 -33.97 30.14
C SER E 277 -41.09 -33.98 31.52
N PHE E 278 -42.41 -33.88 31.56
CA PHE E 278 -43.18 -33.92 32.79
C PHE E 278 -44.23 -35.02 32.69
N PRO E 279 -44.26 -35.98 33.62
CA PRO E 279 -45.13 -37.15 33.45
C PRO E 279 -46.61 -36.86 33.70
N LEU E 280 -47.22 -36.03 32.86
CA LEU E 280 -48.65 -35.77 32.90
C LEU E 280 -49.33 -36.55 31.77
N LEU E 281 -50.30 -37.39 32.12
CA LEU E 281 -50.89 -38.30 31.15
C LEU E 281 -51.58 -37.53 30.03
N THR E 282 -51.37 -37.99 28.80
CA THR E 282 -51.98 -37.38 27.62
C THR E 282 -53.25 -38.08 27.16
N THR E 283 -53.47 -39.33 27.56
CA THR E 283 -54.66 -40.06 27.14
C THR E 283 -55.93 -39.57 27.81
N LYS E 284 -55.84 -38.62 28.76
CA LYS E 284 -57.01 -38.00 29.36
C LYS E 284 -56.57 -36.66 29.96
N LYS E 285 -57.44 -35.66 29.84
CA LYS E 285 -57.16 -34.35 30.40
C LYS E 285 -57.20 -34.42 31.93
N VAL E 286 -56.03 -34.31 32.56
CA VAL E 286 -55.92 -34.45 34.01
C VAL E 286 -56.00 -33.06 34.65
N ALA E 287 -56.84 -32.94 35.68
CA ALA E 287 -56.98 -31.66 36.36
C ALA E 287 -55.71 -31.36 37.16
N ILE E 288 -54.73 -30.75 36.49
CA ILE E 288 -53.42 -30.55 37.12
C ILE E 288 -53.50 -29.49 38.22
N ARG E 289 -54.43 -28.54 38.09
CA ARG E 289 -54.57 -27.48 39.08
C ARG E 289 -54.97 -28.04 40.44
N SER E 290 -55.89 -29.01 40.46
CA SER E 290 -56.28 -29.64 41.70
C SER E 290 -55.13 -30.42 42.31
N ILE E 291 -54.28 -31.01 41.48
CA ILE E 291 -53.12 -31.75 41.98
C ILE E 291 -52.20 -30.83 42.76
N PHE E 292 -51.90 -29.65 42.22
CA PHE E 292 -50.99 -28.74 42.89
C PHE E 292 -51.54 -28.28 44.24
N GLU E 293 -52.80 -27.85 44.28
CA GLU E 293 -53.36 -27.36 45.53
C GLU E 293 -53.42 -28.43 46.60
N GLU E 294 -53.45 -29.71 46.21
CA GLU E 294 -53.33 -30.78 47.18
C GLU E 294 -51.90 -30.94 47.67
N LEU E 295 -50.92 -30.76 46.79
CA LEU E 295 -49.52 -30.93 47.18
C LEU E 295 -49.05 -29.80 48.09
N ILE E 296 -49.34 -28.55 47.71
CA ILE E 296 -48.97 -27.42 48.55
C ILE E 296 -49.75 -27.46 49.86
N TRP E 297 -50.95 -28.05 49.84
CA TRP E 297 -51.69 -28.25 51.07
C TRP E 297 -50.93 -29.18 52.02
N PHE E 298 -50.29 -30.22 51.46
CA PHE E 298 -49.45 -31.09 52.27
C PHE E 298 -48.22 -30.33 52.78
N ILE E 299 -47.55 -29.59 51.89
CA ILE E 299 -46.29 -28.94 52.23
C ILE E 299 -46.49 -27.92 53.35
N LYS E 300 -47.56 -27.13 53.28
CA LYS E 300 -47.83 -26.12 54.29
C LYS E 300 -48.15 -26.72 55.66
N GLY E 301 -48.29 -28.04 55.76
CA GLY E 301 -48.63 -28.67 57.01
C GLY E 301 -50.10 -28.65 57.37
N ASP E 302 -50.97 -28.32 56.41
CA ASP E 302 -52.38 -28.11 56.69
C ASP E 302 -53.16 -29.42 56.60
N THR E 303 -54.03 -29.65 57.57
CA THR E 303 -54.97 -30.77 57.55
C THR E 303 -56.41 -30.31 57.58
N ASN E 304 -56.66 -29.01 57.37
CA ASN E 304 -58.01 -28.46 57.32
C ASN E 304 -58.58 -28.70 55.92
N GLY E 305 -59.53 -29.64 55.82
CA GLY E 305 -60.11 -29.98 54.54
C GLY E 305 -60.96 -28.88 53.92
N ASN E 306 -61.39 -27.89 54.72
CA ASN E 306 -62.16 -26.79 54.18
C ASN E 306 -61.32 -25.89 53.28
N HIS E 307 -60.03 -25.76 53.58
CA HIS E 307 -59.17 -24.88 52.78
C HIS E 307 -59.05 -25.36 51.33
N LEU E 308 -59.22 -26.66 51.10
CA LEU E 308 -59.22 -27.16 49.73
C LEU E 308 -60.57 -26.94 49.04
N ILE E 309 -61.67 -27.09 49.78
CA ILE E 309 -62.99 -26.86 49.21
C ILE E 309 -63.19 -25.39 48.88
N GLU E 310 -62.62 -24.48 49.68
CA GLU E 310 -62.71 -23.05 49.41
C GLU E 310 -62.02 -22.66 48.12
N LYS E 311 -61.02 -23.43 47.68
CA LYS E 311 -60.32 -23.17 46.42
C LYS E 311 -60.87 -24.00 45.27
N LYS E 312 -62.13 -24.45 45.39
CA LYS E 312 -62.81 -25.21 44.33
C LYS E 312 -62.09 -26.52 44.01
N VAL E 313 -61.67 -27.22 45.06
CA VAL E 313 -61.05 -28.55 44.95
C VAL E 313 -61.81 -29.48 45.89
N TYR E 314 -62.53 -30.44 45.31
CA TYR E 314 -63.47 -31.27 46.09
C TYR E 314 -63.04 -32.73 46.15
N ILE E 315 -61.74 -33.01 46.00
CA ILE E 315 -61.31 -34.40 45.98
C ILE E 315 -61.37 -35.02 47.38
N TRP E 316 -61.26 -34.19 48.42
CA TRP E 316 -61.31 -34.68 49.80
C TRP E 316 -62.66 -34.46 50.45
N SER E 317 -63.68 -34.07 49.69
CA SER E 317 -65.01 -33.89 50.25
C SER E 317 -65.67 -35.23 50.57
N GLY E 318 -65.33 -36.28 49.82
CA GLY E 318 -65.94 -37.57 50.07
C GLY E 318 -65.58 -38.15 51.42
N ASN E 319 -64.29 -38.11 51.77
CA ASN E 319 -63.81 -38.59 53.06
C ASN E 319 -63.87 -37.53 54.15
N GLY E 320 -64.62 -36.45 53.93
CA GLY E 320 -64.73 -35.39 54.91
C GLY E 320 -66.15 -34.90 55.12
N SER E 321 -67.12 -35.78 54.98
CA SER E 321 -68.52 -35.46 55.24
C SER E 321 -68.91 -35.89 56.65
N LYS E 322 -69.90 -35.20 57.22
CA LYS E 322 -70.37 -35.52 58.56
C LYS E 322 -70.89 -36.94 58.64
N GLU E 323 -71.51 -37.44 57.57
CA GLU E 323 -72.03 -38.80 57.56
C GLU E 323 -70.91 -39.82 57.53
N TYR E 324 -69.83 -39.53 56.77
CA TYR E 324 -68.72 -40.48 56.66
C TYR E 324 -67.90 -40.53 57.94
N LEU E 325 -67.65 -39.38 58.57
CA LEU E 325 -66.83 -39.37 59.79
C LEU E 325 -67.56 -40.03 60.95
N GLU E 326 -68.85 -39.77 61.11
CA GLU E 326 -69.63 -40.43 62.15
C GLU E 326 -69.80 -41.92 61.88
N ARG E 327 -69.72 -42.33 60.62
CA ARG E 327 -69.88 -43.75 60.29
C ARG E 327 -68.66 -44.58 60.71
N ILE E 328 -67.47 -43.99 60.66
CA ILE E 328 -66.24 -44.71 61.00
C ILE E 328 -65.81 -44.47 62.44
N GLY E 329 -66.65 -43.84 63.25
CA GLY E 329 -66.32 -43.64 64.65
C GLY E 329 -65.61 -42.36 64.98
N LEU E 330 -65.82 -41.30 64.20
CA LEU E 330 -65.20 -40.01 64.44
C LEU E 330 -66.26 -38.92 64.51
N GLY E 331 -67.37 -39.20 65.19
CA GLY E 331 -68.42 -38.21 65.34
C GLY E 331 -68.02 -37.02 66.19
N HIS E 332 -67.02 -37.18 67.06
CA HIS E 332 -66.51 -36.06 67.84
C HIS E 332 -65.83 -35.01 66.97
N ARG E 333 -65.51 -35.35 65.73
CA ARG E 333 -64.70 -34.51 64.87
C ARG E 333 -65.57 -33.51 64.12
N GLU E 334 -64.98 -32.36 63.77
CA GLU E 334 -65.67 -31.34 63.01
C GLU E 334 -65.90 -31.83 61.57
N GLU E 335 -66.64 -31.03 60.81
CA GLU E 335 -67.12 -31.43 59.49
C GLU E 335 -65.98 -31.93 58.59
N ASN E 336 -65.01 -31.08 58.30
CA ASN E 336 -63.93 -31.41 57.38
C ASN E 336 -62.58 -31.53 58.08
N ASP E 337 -62.59 -31.87 59.37
CA ASP E 337 -61.36 -32.09 60.11
C ASP E 337 -60.88 -33.51 59.80
N LEU E 338 -59.97 -33.63 58.84
CA LEU E 338 -59.52 -34.95 58.39
C LEU E 338 -58.59 -35.62 59.39
N GLY E 339 -58.03 -34.86 60.33
CA GLY E 339 -57.17 -35.43 61.34
C GLY E 339 -55.72 -35.46 60.90
N PRO E 340 -54.86 -36.09 61.72
CA PRO E 340 -53.43 -36.13 61.38
C PRO E 340 -53.15 -37.00 60.17
N ILE E 341 -52.89 -36.37 59.02
CA ILE E 341 -52.70 -37.07 57.77
C ILE E 341 -51.49 -36.47 57.07
N TYR E 342 -51.40 -36.67 55.75
CA TYR E 342 -50.36 -36.02 54.96
C TYR E 342 -50.23 -34.55 55.35
N GLY E 343 -49.00 -34.10 55.55
CA GLY E 343 -48.73 -32.75 55.97
C GLY E 343 -48.80 -32.52 57.47
N PHE E 344 -49.27 -33.49 58.24
CA PHE E 344 -49.11 -33.42 59.69
C PHE E 344 -48.04 -34.37 60.18
N GLN E 345 -47.88 -35.51 59.51
CA GLN E 345 -46.72 -36.36 59.74
C GLN E 345 -45.49 -35.83 59.04
N TRP E 346 -45.67 -34.98 58.02
CA TRP E 346 -44.53 -34.37 57.34
C TRP E 346 -43.88 -33.30 58.21
N ARG E 347 -44.69 -32.47 58.87
CA ARG E 347 -44.19 -31.31 59.60
C ARG E 347 -44.24 -31.46 61.11
N HIS E 348 -45.13 -32.28 61.65
CA HIS E 348 -45.30 -32.44 63.09
C HIS E 348 -45.50 -33.92 63.42
N TYR E 349 -44.49 -34.74 63.10
CA TYR E 349 -44.59 -36.17 63.32
C TYR E 349 -44.65 -36.49 64.81
N ASN E 350 -45.54 -37.42 65.17
CA ASN E 350 -45.75 -37.87 66.55
C ASN E 350 -46.27 -36.75 67.45
N GLY E 351 -46.86 -35.71 66.87
CA GLY E 351 -47.42 -34.63 67.67
C GLY E 351 -48.83 -34.96 68.14
N GLU E 352 -49.14 -34.58 69.37
CA GLU E 352 -50.47 -34.81 69.93
C GLU E 352 -51.48 -33.95 69.19
N TYR E 353 -52.37 -34.59 68.44
CA TYR E 353 -53.34 -33.89 67.61
C TYR E 353 -54.60 -33.60 68.42
N LYS E 354 -54.98 -32.32 68.45
CA LYS E 354 -56.25 -31.92 69.07
C LYS E 354 -57.30 -31.71 68.00
N THR E 355 -57.36 -30.50 67.44
CA THR E 355 -58.26 -30.17 66.34
C THR E 355 -57.43 -29.55 65.21
N MET E 356 -58.10 -29.20 64.12
CA MET E 356 -57.43 -28.62 62.96
C MET E 356 -57.19 -27.12 63.09
N HIS E 357 -57.73 -26.48 64.12
CA HIS E 357 -57.57 -25.05 64.30
C HIS E 357 -56.43 -24.67 65.23
N ASP E 358 -55.87 -25.63 65.96
CA ASP E 358 -54.83 -25.31 66.93
C ASP E 358 -53.50 -25.06 66.21
N ASP E 359 -52.58 -24.42 66.94
CA ASP E 359 -51.27 -24.09 66.41
C ASP E 359 -50.28 -25.19 66.81
N TYR E 360 -49.75 -25.91 65.82
CA TYR E 360 -48.84 -27.01 66.06
C TYR E 360 -47.40 -26.67 65.69
N THR E 361 -47.09 -25.38 65.56
CA THR E 361 -45.74 -24.95 65.22
C THR E 361 -44.78 -25.27 66.37
N GLY E 362 -43.72 -26.01 66.07
CA GLY E 362 -42.70 -26.36 67.04
C GLY E 362 -42.81 -27.78 67.60
N VAL E 363 -44.03 -28.34 67.61
CA VAL E 363 -44.24 -29.68 68.15
C VAL E 363 -44.03 -30.69 67.03
N GLY E 364 -43.53 -31.87 67.38
CA GLY E 364 -43.29 -32.92 66.42
C GLY E 364 -41.98 -32.76 65.68
N VAL E 365 -41.66 -33.76 64.87
CA VAL E 365 -40.44 -33.78 64.07
C VAL E 365 -40.78 -33.30 62.66
N ASP E 366 -40.12 -32.22 62.24
CA ASP E 366 -40.33 -31.64 60.92
C ASP E 366 -39.46 -32.39 59.92
N GLN E 367 -40.05 -33.41 59.30
CA GLN E 367 -39.31 -34.21 58.32
C GLN E 367 -38.97 -33.41 57.08
N LEU E 368 -39.92 -32.60 56.59
CA LEU E 368 -39.69 -31.84 55.37
C LEU E 368 -38.55 -30.84 55.54
N ALA E 369 -38.49 -30.17 56.69
CA ALA E 369 -37.40 -29.24 56.96
C ALA E 369 -36.08 -29.99 57.09
N LYS E 370 -36.08 -31.09 57.84
CA LYS E 370 -34.87 -31.90 57.98
C LYS E 370 -34.45 -32.50 56.65
N LEU E 371 -35.42 -32.86 55.79
CA LEU E 371 -35.08 -33.42 54.49
C LEU E 371 -34.34 -32.41 53.62
N ILE E 372 -34.83 -31.17 53.58
CA ILE E 372 -34.17 -30.14 52.78
C ILE E 372 -32.78 -29.85 53.32
N GLU E 373 -32.62 -29.81 54.65
CA GLU E 373 -31.32 -29.52 55.22
C GLU E 373 -30.33 -30.65 54.97
N THR E 374 -30.81 -31.90 54.90
CA THR E 374 -29.92 -33.02 54.60
C THR E 374 -29.58 -33.10 53.12
N LEU E 375 -30.52 -32.74 52.24
CA LEU E 375 -30.27 -32.77 50.80
C LEU E 375 -29.19 -31.79 50.39
N LYS E 376 -29.03 -30.69 51.13
CA LYS E 376 -28.04 -29.67 50.79
C LYS E 376 -26.68 -29.93 51.42
N ASN E 377 -26.65 -30.38 52.68
CA ASN E 377 -25.39 -30.55 53.40
C ASN E 377 -24.76 -31.92 53.16
N ASN E 378 -25.56 -32.97 53.01
CA ASN E 378 -25.08 -34.32 52.75
C ASN E 378 -25.87 -34.89 51.59
N PRO E 379 -25.48 -34.56 50.36
CA PRO E 379 -26.30 -34.99 49.20
C PRO E 379 -26.27 -36.49 48.98
N LYS E 380 -25.12 -37.13 49.17
CA LYS E 380 -24.97 -38.56 48.92
C LYS E 380 -25.37 -39.41 50.13
N ASP E 381 -25.99 -38.80 51.13
CA ASP E 381 -26.55 -39.57 52.24
C ASP E 381 -27.67 -40.48 51.73
N ARG E 382 -27.78 -41.67 52.33
CA ARG E 382 -28.74 -42.67 51.90
C ARG E 382 -30.00 -42.68 52.77
N ARG E 383 -30.29 -41.59 53.46
CA ARG E 383 -31.38 -41.57 54.43
C ARG E 383 -32.34 -40.41 54.18
N HIS E 384 -32.48 -40.00 52.92
CA HIS E 384 -33.41 -38.93 52.54
C HIS E 384 -34.81 -39.53 52.43
N ILE E 385 -35.43 -39.75 53.60
CA ILE E 385 -36.67 -40.49 53.70
C ILE E 385 -37.77 -39.57 54.22
N LEU E 386 -38.94 -39.65 53.59
CA LEU E 386 -40.14 -38.94 54.03
C LEU E 386 -41.26 -39.97 54.17
N THR E 387 -41.66 -40.24 55.40
CA THR E 387 -42.67 -41.26 55.68
C THR E 387 -43.97 -40.62 56.17
N ALA E 388 -45.07 -41.33 55.96
CA ALA E 388 -46.38 -40.90 56.43
C ALA E 388 -47.14 -41.97 57.20
N TRP E 389 -46.56 -43.15 57.39
CA TRP E 389 -47.23 -44.26 58.08
C TRP E 389 -46.88 -44.19 59.57
N ASN E 390 -47.82 -43.69 60.37
CA ASN E 390 -47.65 -43.58 61.82
C ASN E 390 -48.71 -44.43 62.51
N PRO E 391 -48.35 -45.61 63.03
CA PRO E 391 -49.36 -46.46 63.68
C PRO E 391 -50.03 -45.82 64.89
N SER E 392 -49.34 -44.90 65.57
CA SER E 392 -49.92 -44.26 66.75
C SER E 392 -51.03 -43.28 66.40
N ALA E 393 -51.07 -42.81 65.15
CA ALA E 393 -52.06 -41.83 64.73
C ALA E 393 -53.03 -42.37 63.69
N LEU E 394 -52.87 -43.63 63.29
CA LEU E 394 -53.71 -44.19 62.24
C LEU E 394 -55.19 -44.16 62.62
N SER E 395 -55.50 -44.42 63.89
CA SER E 395 -56.89 -44.46 64.33
C SER E 395 -57.57 -43.10 64.23
N GLN E 396 -56.80 -42.02 64.30
CA GLN E 396 -57.34 -40.67 64.23
C GLN E 396 -57.50 -40.15 62.81
N MET E 397 -56.92 -40.82 61.82
CA MET E 397 -56.98 -40.36 60.45
C MET E 397 -58.33 -40.69 59.82
N ALA E 398 -58.84 -39.77 58.99
CA ALA E 398 -60.02 -40.07 58.20
C ALA E 398 -59.76 -41.16 57.15
N LEU E 399 -58.50 -41.34 56.77
CA LEU E 399 -58.09 -42.35 55.80
C LEU E 399 -56.59 -42.61 55.97
N PRO E 400 -56.18 -43.87 56.05
CA PRO E 400 -54.75 -44.17 56.16
C PRO E 400 -54.01 -43.68 54.93
N PRO E 401 -52.73 -43.33 55.07
CA PRO E 401 -51.97 -42.82 53.92
C PRO E 401 -51.78 -43.89 52.86
N CYS E 402 -51.95 -43.49 51.60
CA CYS E 402 -51.70 -44.38 50.47
C CYS E 402 -50.26 -44.31 49.99
N HIS E 403 -49.76 -43.11 49.74
CA HIS E 403 -48.33 -42.90 49.49
C HIS E 403 -47.65 -42.77 50.85
N VAL E 404 -47.09 -43.87 51.34
CA VAL E 404 -46.69 -43.98 52.74
C VAL E 404 -45.25 -43.52 52.95
N LEU E 405 -44.36 -43.80 52.02
CA LEU E 405 -42.94 -43.50 52.22
C LEU E 405 -42.32 -43.18 50.87
N SER E 406 -41.42 -42.19 50.88
CA SER E 406 -40.71 -41.78 49.67
C SER E 406 -39.25 -41.52 50.02
N GLN E 407 -38.37 -41.83 49.06
CA GLN E 407 -36.94 -41.63 49.23
C GLN E 407 -36.41 -40.80 48.08
N TYR E 408 -35.39 -39.99 48.37
CA TYR E 408 -34.82 -39.08 47.40
C TYR E 408 -33.32 -39.28 47.31
N TYR E 409 -32.76 -38.95 46.15
CA TYR E 409 -31.41 -39.35 45.79
C TYR E 409 -30.77 -38.27 44.93
N VAL E 410 -29.55 -37.89 45.28
CA VAL E 410 -28.79 -36.89 44.54
C VAL E 410 -27.72 -37.62 43.71
N THR E 411 -27.81 -37.48 42.39
CA THR E 411 -26.87 -38.12 41.50
C THR E 411 -25.55 -37.35 41.44
N ASN E 412 -24.56 -37.94 40.76
CA ASN E 412 -23.25 -37.29 40.64
C ASN E 412 -23.28 -36.07 39.75
N ASP E 413 -24.32 -35.91 38.92
CA ASP E 413 -24.50 -34.72 38.10
C ASP E 413 -25.58 -33.79 38.66
N ASN E 414 -25.76 -33.78 39.98
CA ASN E 414 -26.62 -32.82 40.67
C ASN E 414 -28.07 -32.90 40.18
N CYS E 415 -28.58 -34.12 40.07
CA CYS E 415 -30.00 -34.36 39.79
C CYS E 415 -30.65 -35.05 40.97
N LEU E 416 -31.95 -34.80 41.13
CA LEU E 416 -32.73 -35.32 42.26
C LEU E 416 -33.74 -36.34 41.75
N SER E 417 -33.53 -37.61 42.09
CA SER E 417 -34.46 -38.68 41.78
C SER E 417 -35.34 -38.98 42.99
N CYS E 418 -36.44 -39.69 42.73
CA CYS E 418 -37.43 -39.97 43.76
C CYS E 418 -37.98 -41.37 43.60
N ASN E 419 -38.06 -42.11 44.70
CA ASN E 419 -38.77 -43.38 44.77
C ASN E 419 -39.96 -43.24 45.71
N LEU E 420 -41.08 -43.85 45.33
CA LEU E 420 -42.29 -43.81 46.15
C LEU E 420 -42.87 -45.21 46.26
N TYR E 421 -43.20 -45.63 47.48
CA TYR E 421 -43.97 -46.85 47.70
C TYR E 421 -45.41 -46.48 48.04
N GLN E 422 -46.35 -47.04 47.28
CA GLN E 422 -47.77 -46.78 47.46
C GLN E 422 -48.44 -48.10 47.81
N ARG E 423 -49.05 -48.16 49.01
CA ARG E 423 -49.63 -49.41 49.48
C ARG E 423 -50.89 -49.76 48.69
N SER E 424 -51.69 -48.76 48.32
CA SER E 424 -52.94 -48.96 47.61
C SER E 424 -53.05 -47.93 46.51
N CYS E 425 -53.45 -48.36 45.32
CA CYS E 425 -53.40 -47.51 44.13
C CYS E 425 -54.69 -47.65 43.35
N ASP E 426 -55.51 -46.60 43.39
CA ASP E 426 -56.68 -46.47 42.50
C ASP E 426 -56.15 -46.05 41.13
N LEU E 427 -56.05 -47.01 40.21
CA LEU E 427 -55.47 -46.72 38.90
C LEU E 427 -56.33 -45.78 38.07
N GLY E 428 -57.61 -45.64 38.40
CA GLY E 428 -58.48 -44.75 37.65
C GLY E 428 -58.36 -43.30 38.07
N LEU E 429 -58.26 -43.05 39.37
CA LEU E 429 -58.23 -41.69 39.89
C LEU E 429 -56.94 -41.35 40.62
N GLY E 430 -56.56 -42.15 41.62
CA GLY E 430 -55.43 -41.77 42.46
C GLY E 430 -54.09 -41.81 41.74
N SER E 431 -53.88 -42.83 40.91
CA SER E 431 -52.56 -43.01 40.28
C SER E 431 -52.16 -41.84 39.38
N PRO E 432 -53.01 -41.34 38.47
CA PRO E 432 -52.60 -40.15 37.70
C PRO E 432 -52.28 -38.96 38.59
N PHE E 433 -52.97 -38.81 39.71
CA PHE E 433 -52.64 -37.73 40.64
C PHE E 433 -51.30 -37.97 41.32
N ASN E 434 -51.05 -39.20 41.79
CA ASN E 434 -49.82 -39.48 42.51
C ASN E 434 -48.60 -39.30 41.61
N ILE E 435 -48.73 -39.64 40.33
CA ILE E 435 -47.61 -39.48 39.40
C ILE E 435 -47.24 -38.02 39.27
N ALA E 436 -48.23 -37.15 39.03
CA ALA E 436 -47.95 -35.74 38.85
C ALA E 436 -47.60 -35.06 40.16
N SER E 437 -48.24 -35.48 41.25
CA SER E 437 -48.03 -34.80 42.54
C SER E 437 -46.59 -34.97 43.02
N TYR E 438 -46.10 -36.21 43.05
CA TYR E 438 -44.72 -36.44 43.47
C TYR E 438 -43.71 -35.99 42.43
N ALA E 439 -44.13 -35.82 41.16
CA ALA E 439 -43.25 -35.21 40.18
C ALA E 439 -43.05 -33.72 40.48
N ILE E 440 -44.14 -33.02 40.78
CA ILE E 440 -44.04 -31.60 41.12
C ILE E 440 -43.24 -31.43 42.42
N LEU E 441 -43.50 -32.28 43.41
CA LEU E 441 -42.78 -32.18 44.67
C LEU E 441 -41.27 -32.36 44.47
N THR E 442 -40.87 -33.28 43.59
CA THR E 442 -39.45 -33.47 43.34
C THR E 442 -38.84 -32.25 42.68
N MET E 443 -39.58 -31.60 41.78
CA MET E 443 -39.08 -30.41 41.13
C MET E 443 -38.97 -29.24 42.11
N MET E 444 -39.93 -29.13 43.03
CA MET E 444 -39.82 -28.13 44.08
C MET E 444 -38.60 -28.36 44.95
N LEU E 445 -38.40 -29.60 45.39
CA LEU E 445 -37.23 -29.92 46.20
C LEU E 445 -35.93 -29.68 45.43
N ALA E 446 -35.97 -29.84 44.11
CA ALA E 446 -34.76 -29.64 43.31
C ALA E 446 -34.41 -28.16 43.22
N GLN E 447 -35.41 -27.29 43.11
CA GLN E 447 -35.15 -25.86 43.01
C GLN E 447 -34.67 -25.28 44.35
N VAL E 448 -35.30 -25.71 45.45
CA VAL E 448 -34.92 -25.18 46.76
C VAL E 448 -33.53 -25.67 47.16
N CYS E 449 -33.10 -26.82 46.65
CA CYS E 449 -31.80 -27.38 46.99
C CYS E 449 -30.74 -27.10 45.93
N GLY E 450 -31.13 -26.56 44.78
CA GLY E 450 -30.17 -26.22 43.74
C GLY E 450 -29.82 -27.35 42.80
N TYR E 451 -30.72 -28.30 42.60
CA TYR E 451 -30.50 -29.43 41.71
C TYR E 451 -31.50 -29.38 40.55
N GLU E 452 -31.34 -30.34 39.64
CA GLU E 452 -32.23 -30.53 38.50
C GLU E 452 -33.10 -31.77 38.73
N PRO E 453 -34.27 -31.85 38.09
CA PRO E 453 -35.11 -33.03 38.25
C PRO E 453 -34.44 -34.26 37.65
N GLY E 454 -34.64 -35.40 38.31
CA GLY E 454 -34.03 -36.65 37.88
C GLY E 454 -35.03 -37.67 37.36
N GLU E 455 -35.15 -38.79 38.06
CA GLU E 455 -36.07 -39.84 37.68
C GLU E 455 -37.13 -40.01 38.77
N LEU E 456 -38.26 -40.59 38.38
CA LEU E 456 -39.35 -40.89 39.31
C LEU E 456 -39.73 -42.35 39.14
N ALA E 457 -39.63 -43.11 40.23
CA ALA E 457 -40.05 -44.50 40.25
C ALA E 457 -41.09 -44.68 41.34
N ILE E 458 -42.21 -45.30 41.00
CA ILE E 458 -43.31 -45.52 41.93
C ILE E 458 -43.52 -47.02 42.08
N PHE E 459 -43.38 -47.52 43.31
CA PHE E 459 -43.59 -48.93 43.61
C PHE E 459 -44.95 -49.10 44.27
N ILE E 460 -45.74 -50.02 43.76
CA ILE E 460 -47.15 -50.15 44.12
C ILE E 460 -47.39 -51.51 44.77
N GLY E 461 -48.14 -51.52 45.86
CA GLY E 461 -48.60 -52.75 46.47
C GLY E 461 -49.88 -53.26 45.83
N ASP E 462 -51.03 -52.80 46.31
CA ASP E 462 -52.32 -53.25 45.80
C ASP E 462 -52.71 -52.35 44.63
N ALA E 463 -52.29 -52.75 43.43
CA ALA E 463 -52.68 -52.07 42.21
C ALA E 463 -53.99 -52.64 41.72
N HIS E 464 -55.03 -51.81 41.66
CA HIS E 464 -56.37 -52.29 41.38
C HIS E 464 -57.13 -51.31 40.49
N ILE E 465 -58.20 -51.80 39.89
CA ILE E 465 -59.10 -51.03 39.06
C ILE E 465 -60.52 -51.27 39.54
N TYR E 466 -61.23 -50.20 39.88
CA TYR E 466 -62.61 -50.33 40.33
C TYR E 466 -63.50 -50.76 39.18
N GLU E 467 -64.48 -51.63 39.47
CA GLU E 467 -65.27 -52.25 38.42
C GLU E 467 -66.16 -51.27 37.67
N ASN E 468 -66.46 -50.11 38.26
CA ASN E 468 -67.21 -49.07 37.58
C ASN E 468 -66.32 -48.17 36.74
N HIS E 469 -65.03 -48.51 36.61
CA HIS E 469 -64.10 -47.79 35.76
C HIS E 469 -63.72 -48.59 34.51
N LEU E 470 -64.39 -49.73 34.28
CA LEU E 470 -63.94 -50.64 33.23
C LEU E 470 -64.19 -50.06 31.84
N THR E 471 -65.42 -49.58 31.59
CA THR E 471 -65.72 -48.99 30.29
C THR E 471 -64.96 -47.69 30.06
N GLN E 472 -64.69 -46.94 31.13
CA GLN E 472 -63.94 -45.69 30.99
C GLN E 472 -62.49 -45.94 30.65
N LEU E 473 -61.83 -46.84 31.39
CA LEU E 473 -60.42 -47.12 31.15
C LEU E 473 -60.19 -47.86 29.84
N LYS E 474 -61.18 -48.62 29.38
CA LYS E 474 -61.07 -49.25 28.06
C LYS E 474 -61.06 -48.20 26.96
N GLU E 475 -61.83 -47.12 27.14
CA GLU E 475 -61.77 -46.00 26.20
C GLU E 475 -60.40 -45.33 26.22
N GLN E 476 -59.82 -45.16 27.42
CA GLN E 476 -58.51 -44.53 27.53
C GLN E 476 -57.43 -45.37 26.85
N LEU E 477 -57.55 -46.70 26.91
CA LEU E 477 -56.57 -47.58 26.28
C LEU E 477 -56.65 -47.58 24.75
N SER E 478 -57.71 -47.04 24.17
CA SER E 478 -57.84 -46.97 22.72
C SER E 478 -57.15 -45.76 22.11
N ARG E 479 -56.55 -44.90 22.94
CA ARG E 479 -55.97 -43.64 22.50
C ARG E 479 -54.45 -43.77 22.48
N THR E 480 -53.86 -43.60 21.30
CA THR E 480 -52.41 -43.64 21.20
C THR E 480 -51.80 -42.45 21.94
N PRO E 481 -50.82 -42.66 22.80
CA PRO E 481 -50.29 -41.56 23.61
C PRO E 481 -49.65 -40.46 22.77
N ARG E 482 -49.55 -39.29 23.39
CA ARG E 482 -48.92 -38.11 22.82
C ARG E 482 -47.74 -37.68 23.69
N PRO E 483 -46.83 -36.86 23.17
CA PRO E 483 -45.65 -36.48 23.95
C PRO E 483 -46.02 -35.79 25.26
N PHE E 484 -45.23 -36.09 26.30
CA PHE E 484 -45.43 -35.47 27.60
C PHE E 484 -45.25 -33.95 27.49
N PRO E 485 -45.93 -33.18 28.33
CA PRO E 485 -45.73 -31.73 28.32
C PRO E 485 -44.47 -31.31 29.06
N GLN E 486 -44.27 -30.00 29.21
CA GLN E 486 -43.20 -29.47 30.03
C GLN E 486 -43.82 -28.66 31.18
N LEU E 487 -43.12 -28.66 32.31
CA LEU E 487 -43.53 -27.88 33.48
C LEU E 487 -42.32 -27.13 34.00
N LYS E 488 -42.43 -25.81 34.05
CA LYS E 488 -41.36 -24.94 34.54
C LYS E 488 -41.90 -23.99 35.60
N PHE E 489 -41.01 -23.59 36.51
CA PHE E 489 -41.35 -22.62 37.54
C PHE E 489 -41.03 -21.20 37.06
N LYS E 490 -41.93 -20.27 37.34
CA LYS E 490 -41.78 -18.90 36.87
C LYS E 490 -40.85 -18.06 37.75
N ARG E 491 -40.57 -18.50 38.97
CA ARG E 491 -39.72 -17.72 39.88
C ARG E 491 -39.06 -18.67 40.88
N LYS E 492 -37.92 -18.23 41.40
CA LYS E 492 -37.23 -18.96 42.47
C LYS E 492 -37.74 -18.48 43.82
N VAL E 493 -38.17 -19.43 44.65
CA VAL E 493 -38.78 -19.12 45.93
C VAL E 493 -37.72 -19.21 47.03
N GLU E 494 -37.96 -18.49 48.12
CA GLU E 494 -37.06 -18.56 49.27
C GLU E 494 -37.27 -19.85 50.03
N ASN E 495 -38.49 -20.07 50.51
CA ASN E 495 -38.87 -21.31 51.18
C ASN E 495 -39.93 -22.03 50.34
N ILE E 496 -40.02 -23.34 50.53
CA ILE E 496 -40.91 -24.16 49.70
C ILE E 496 -42.39 -23.84 49.93
N GLU E 497 -42.75 -23.26 51.08
CA GLU E 497 -44.14 -22.94 51.34
C GLU E 497 -44.66 -21.76 50.53
N ASP E 498 -43.79 -21.04 49.82
CA ASP E 498 -44.16 -19.80 49.14
C ASP E 498 -44.73 -20.03 47.75
N PHE E 499 -44.86 -21.28 47.31
CA PHE E 499 -45.34 -21.56 45.96
C PHE E 499 -46.81 -21.18 45.81
N LYS E 500 -47.15 -20.66 44.63
CA LYS E 500 -48.52 -20.31 44.28
C LYS E 500 -48.85 -20.91 42.92
N TRP E 501 -50.16 -21.02 42.64
CA TRP E 501 -50.59 -21.64 41.39
C TRP E 501 -50.13 -20.83 40.18
N GLU E 502 -50.06 -19.50 40.30
CA GLU E 502 -49.62 -18.67 39.19
C GLU E 502 -48.16 -18.91 38.82
N ASP E 503 -47.38 -19.54 39.71
CA ASP E 503 -45.97 -19.79 39.46
C ASP E 503 -45.71 -20.96 38.53
N ILE E 504 -46.73 -21.73 38.16
CA ILE E 504 -46.56 -22.94 37.36
C ILE E 504 -46.95 -22.64 35.91
N GLU E 505 -46.06 -22.97 34.98
CA GLU E 505 -46.29 -22.79 33.55
C GLU E 505 -46.26 -24.15 32.88
N LEU E 506 -47.43 -24.62 32.41
CA LEU E 506 -47.56 -25.91 31.74
C LEU E 506 -47.48 -25.69 30.23
N ILE E 507 -46.42 -26.20 29.60
CA ILE E 507 -46.09 -25.90 28.22
C ILE E 507 -46.23 -27.17 27.39
N GLY E 508 -47.03 -27.10 26.33
CA GLY E 508 -47.13 -28.18 25.38
C GLY E 508 -47.98 -29.36 25.80
N TYR E 509 -49.10 -29.10 26.47
CA TYR E 509 -50.00 -30.15 26.93
C TYR E 509 -51.22 -30.18 26.00
N TYR E 510 -51.31 -31.21 25.17
CA TYR E 510 -52.40 -31.39 24.21
C TYR E 510 -53.01 -32.77 24.42
N PRO E 511 -53.78 -32.96 25.48
CA PRO E 511 -54.28 -34.29 25.83
C PRO E 511 -55.53 -34.65 25.04
N TYR E 512 -55.98 -35.90 25.24
CA TYR E 512 -57.27 -36.35 24.77
C TYR E 512 -58.36 -35.82 25.71
N PRO E 513 -59.62 -35.82 25.29
CA PRO E 513 -60.70 -35.30 26.14
C PRO E 513 -60.76 -36.02 27.49
N THR E 514 -61.22 -35.29 28.49
CA THR E 514 -61.29 -35.83 29.85
C THR E 514 -62.30 -36.97 29.93
N ILE E 515 -62.09 -37.85 30.90
CA ILE E 515 -62.92 -39.03 31.11
C ILE E 515 -63.44 -39.00 32.54
N LYS E 516 -64.76 -39.05 32.71
CA LYS E 516 -65.39 -38.97 34.01
C LYS E 516 -65.40 -40.34 34.70
N MET E 517 -64.91 -40.38 35.93
CA MET E 517 -64.87 -41.60 36.73
C MET E 517 -65.27 -41.25 38.16
N ASP E 518 -66.18 -42.04 38.73
CA ASP E 518 -66.72 -41.76 40.05
C ASP E 518 -65.81 -42.30 41.14
N MET E 519 -65.68 -41.53 42.22
CA MET E 519 -64.84 -41.91 43.36
C MET E 519 -65.59 -42.89 44.26
N ALA E 520 -64.86 -43.89 44.74
CA ALA E 520 -65.41 -44.86 45.69
C ALA E 520 -65.18 -44.32 47.11
N VAL E 521 -66.26 -44.01 47.81
CA VAL E 521 -66.17 -43.47 49.16
C VAL E 521 -65.96 -44.60 50.16
PA NDP F . 6.86 27.69 14.82
O1A NDP F . 8.02 28.66 14.80
O2A NDP F . 7.21 26.47 14.04
O5B NDP F . 6.57 27.26 16.27
C5B NDP F . 6.27 28.19 17.26
C4B NDP F . 6.16 27.69 18.64
O4B NDP F . 7.44 27.45 19.18
C3B NDP F . 5.56 28.67 19.55
O3B NDP F . 4.17 28.64 19.51
C2B NDP F . 6.06 28.22 20.83
O2B NDP F . 5.39 27.07 21.26
C1B NDP F . 7.43 27.86 20.54
N9A NDP F . 8.28 28.98 20.75
C8A NDP F . 8.70 29.88 19.83
N7A NDP F . 9.48 30.80 20.42
C5A NDP F . 9.59 30.48 21.75
C6A NDP F . 10.25 31.06 22.86
N6A NDP F . 11.08 32.27 22.67
N1A NDP F . 10.15 30.49 24.10
C2A NDP F . 9.39 29.37 24.24
N3A NDP F . 8.74 28.79 23.23
C4A NDP F . 8.81 29.33 21.96
O3 NDP F . 5.57 28.37 14.17
PN NDP F . 5.66 29.16 12.79
O1N NDP F . 4.30 29.79 12.41
O2N NDP F . 6.67 30.27 12.92
O5D NDP F . 6.10 28.11 11.64
C5D NDP F . 5.20 27.13 11.18
C4D NDP F . 4.80 27.23 9.78
O4D NDP F . 5.98 27.32 8.97
C3D NDP F . 4.09 26.02 9.33
O3D NDP F . 3.23 26.34 8.29
C2D NDP F . 5.14 25.19 8.85
O2D NDP F . 4.65 24.26 7.93
C1D NDP F . 6.03 26.16 8.20
N1N NDP F . 7.38 25.65 8.11
C2N NDP F . 8.01 25.73 6.94
C3N NDP F . 9.32 25.24 6.79
C7N NDP F . 10.00 25.35 5.44
O7N NDP F . 11.21 25.09 5.35
N7N NDP F . 9.27 25.75 4.28
C4N NDP F . 9.97 24.68 7.91
C5N NDP F . 9.28 24.61 9.12
C6N NDP F . 7.98 25.10 9.22
P2B NDP F . 4.37 27.13 22.44
O1X NDP F . 3.10 27.85 21.96
O2X NDP F . 4.04 25.75 22.85
O3X NDP F . 4.96 27.84 23.61
N1 UFP G . 23.25 40.12 -33.26
C2 UFP G . 23.28 39.00 -32.47
N3 UFP G . 22.34 38.04 -32.61
C4 UFP G . 21.34 38.15 -33.51
C5 UFP G . 21.30 39.30 -34.34
C6 UFP G . 22.25 40.25 -34.19
O2 UFP G . 24.12 38.80 -31.62
O4 UFP G . 20.51 37.27 -33.62
F5 UFP G . 20.33 39.47 -35.27
C1' UFP G . 24.19 41.25 -33.25
C2' UFP G . 25.69 40.89 -33.16
C3' UFP G . 26.34 42.17 -33.73
C4' UFP G . 25.35 42.60 -34.83
O3' UFP G . 26.44 43.21 -32.76
O4' UFP G . 24.10 41.91 -34.54
C5' UFP G . 25.90 42.23 -36.22
O5' UFP G . 27.33 42.38 -36.19
P UFP G . 27.85 42.58 -37.70
O1P UFP G . 26.69 43.26 -38.57
O2P UFP G . 29.04 43.45 -37.70
O3P UFP G . 28.21 41.16 -38.35
C10 OG7 H . 16.78 42.12 -29.72
C11 OG7 H . 16.51 43.51 -29.87
C12 OG7 H . 16.78 44.11 -31.12
C13 OG7 H . 17.29 43.34 -32.19
C14 OG7 H . 15.97 44.35 -28.73
C15 OG7 H . 15.23 44.06 -26.29
C16 OG7 H . 13.84 44.34 -26.00
C17 OG7 H . 13.48 44.69 -24.68
C18 OG7 H . 14.42 44.76 -23.63
C01 OG7 H . 20.56 43.35 -34.94
C02 OG7 H . 20.14 42.73 -33.80
C03 OG7 H . 20.94 42.94 -32.55
C04 OG7 H . 22.39 44.31 -33.74
C05 OG7 H . 18.96 41.97 -34.14
C06 OG7 H . 18.72 42.20 -35.49
C07 OG7 H . 18.11 41.13 -33.22
C08 OG7 H . 17.55 41.96 -32.05
C09 OG7 H . 17.29 41.35 -30.80
C19 OG7 H . 15.77 44.49 -23.90
C20 OG7 H . 16.15 44.14 -25.20
C21 OG7 H . 12.70 44.30 -27.01
N01 OG7 H . 21.68 44.14 -34.93
N02 OG7 H . 22.07 43.76 -32.63
N03 OG7 H . 19.71 43.04 -35.97
N04 OG7 H . 23.50 45.13 -33.83
N05 OG7 H . 15.71 43.68 -27.58
O01 OG7 H . 20.60 42.39 -31.52
O02 OG7 H . 15.82 45.57 -28.91
O03 OG7 H . 12.96 44.09 -28.22
O04 OG7 H . 11.51 44.48 -26.65
N1 MTX I . 12.41 21.94 3.17
C2 MTX I . 13.64 22.44 3.44
NA2 MTX I . 14.50 22.67 2.41
N3 MTX I . 14.00 22.71 4.73
C4 MTX I . 13.19 22.50 5.77
NA4 MTX I . 13.55 22.76 7.09
C4A MTX I . 11.88 21.97 5.53
N5 MTX I . 11.02 21.74 6.58
C6 MTX I . 9.82 21.25 6.28
C7 MTX I . 9.47 20.97 4.91
N8 MTX I . 10.28 21.18 3.88
C8A MTX I . 11.53 21.70 4.19
C9 MTX I . 8.96 21.03 7.48
N10 MTX I . 9.57 19.99 8.36
CM MTX I . 10.18 20.28 9.66
C11 MTX I . 9.73 16.00 6.89
C12 MTX I . 8.68 16.83 6.47
C13 MTX I . 8.65 18.13 6.95
C14 MTX I . 9.60 18.66 7.86
C15 MTX I . 10.64 17.79 8.27
C16 MTX I . 10.69 16.50 7.79
C MTX I . 9.93 14.60 6.46
O MTX I . 8.99 13.82 6.23
N MTX I . 11.24 14.25 6.34
CA MTX I . 11.64 12.92 5.91
CT MTX I . 12.96 12.56 6.56
O1 MTX I . 13.60 13.46 7.12
O2 MTX I . 13.34 11.37 6.50
CB MTX I . 11.85 12.86 4.39
CG MTX I . 10.91 11.85 3.77
CD MTX I . 11.27 11.56 2.32
OE1 MTX I . 12.48 11.42 2.02
OE2 MTX I . 10.34 11.46 1.49
S SO4 J . 38.16 31.41 -21.09
O1 SO4 J . 36.78 31.64 -21.50
O2 SO4 J . 38.95 32.60 -21.38
O3 SO4 J . 38.20 31.13 -19.66
O4 SO4 J . 38.69 30.27 -21.83
PA NDP K . 79.11 20.74 -9.98
O1A NDP K . 78.14 19.77 -9.35
O2A NDP K . 78.39 22.02 -10.28
O5B NDP K . 80.24 21.06 -8.99
C5B NDP K . 81.05 20.05 -8.44
C4B NDP K . 81.98 20.48 -7.38
O4B NDP K . 81.29 20.67 -6.17
C3B NDP K . 83.00 19.46 -7.09
O3B NDP K . 84.11 19.59 -7.91
C2B NDP K . 83.33 19.75 -5.72
O2B NDP K . 84.14 20.88 -5.59
C1B NDP K . 82.05 20.06 -5.13
N9A NDP K . 81.43 18.88 -4.65
C8A NDP K . 80.49 18.13 -5.29
N7A NDP K . 80.14 17.09 -4.51
C5A NDP K . 80.87 17.17 -3.34
C6A NDP K . 80.94 16.38 -2.17
N6A NDP K . 80.08 15.17 -2.06
N1A NDP K . 81.77 16.73 -1.16
C2A NDP K . 82.55 17.85 -1.28
N3A NDP K . 82.52 18.62 -2.37
C4A NDP K . 81.68 18.30 -3.43
O3 NDP K . 79.71 20.14 -11.34
PN NDP K . 78.80 19.46 -12.45
O1N NDP K . 79.63 18.89 -13.61
O2N NDP K . 78.04 18.31 -11.82
O5D NDP K . 77.77 20.58 -13.00
C5D NDP K . 78.22 21.62 -13.82
C4D NDP K . 77.67 21.67 -15.17
O4D NDP K . 76.25 21.65 -15.10
C3D NDP K . 78.04 22.92 -15.84
O3D NDP K . 78.06 22.74 -17.22
C2D NDP K . 76.96 23.79 -15.52
O2D NDP K . 76.85 24.81 -16.47
C1D NDP K . 75.79 22.88 -15.57
N1N NDP K . 74.71 23.39 -14.79
C2N NDP K . 73.48 23.40 -15.34
C3N NDP K . 72.37 23.89 -14.62
C7N NDP K . 71.01 23.89 -15.30
O7N NDP K . 70.01 24.17 -14.63
N7N NDP K . 70.87 23.58 -16.69
C4N NDP K . 72.55 24.37 -13.32
C5N NDP K . 73.84 24.34 -12.78
C6N NDP K . 74.92 23.85 -13.51
P2B NDP K . 85.67 20.76 -5.35
O1X NDP K . 86.33 20.29 -6.65
O2X NDP K . 86.19 22.09 -4.95
O3X NDP K . 85.95 19.79 -4.25
N1 UFP L . 36.14 12.86 -39.47
C2 UFP L . 36.66 13.80 -38.62
N3 UFP L . 37.39 14.83 -39.09
C4 UFP L . 37.63 14.96 -40.41
C5 UFP L . 37.11 14.01 -41.31
C6 UFP L . 36.38 12.98 -40.82
O2 UFP L . 36.51 13.78 -37.42
O4 UFP L . 38.29 15.90 -40.82
F5 UFP L . 37.32 14.11 -42.65
C1' UFP L . 35.31 11.69 -39.09
C2' UFP L . 34.23 11.93 -38.03
C3' UFP L . 33.35 10.67 -38.18
C4' UFP L . 33.57 10.27 -39.65
O3' UFP L . 33.84 9.63 -37.32
O4' UFP L . 34.48 11.25 -40.19
C5' UFP L . 32.24 10.17 -40.44
O5' UFP L . 31.47 11.37 -40.32
P UFP L . 29.90 11.00 -40.34
O1P UFP L . 29.34 11.08 -41.84
O2P UFP L . 29.68 9.52 -39.75
O3P UFP L . 29.17 11.98 -39.52
C10 OG7 M . 43.39 10.82 -40.91
C11 OG7 M . 43.49 9.47 -41.33
C12 OG7 M . 42.49 8.98 -42.20
C13 OG7 M . 41.44 9.81 -42.66
C14 OG7 M . 44.59 8.54 -40.86
C15 OG7 M . 46.66 8.53 -39.35
C16 OG7 M . 47.91 8.31 -40.03
C17 OG7 M . 49.00 7.78 -39.29
C18 OG7 M . 48.88 7.47 -37.92
C01 OG7 M . 37.21 9.88 -42.65
C02 OG7 M . 38.28 10.42 -42.01
C03 OG7 M . 38.50 10.06 -40.57
C04 OG7 M . 36.60 8.70 -40.64
C05 OG7 M . 38.96 11.26 -42.97
C06 OG7 M . 38.24 11.17 -44.14
C07 OG7 M . 40.21 12.06 -42.72
C08 OG7 M . 41.36 11.16 -42.24
C09 OG7 M . 42.35 11.65 -41.36
C19 OG7 M . 47.66 7.67 -37.26
C20 OG7 M . 46.57 8.20 -37.97
C21 OG7 M . 48.18 8.62 -41.50
N01 OG7 M . 36.36 9.01 -41.98
N02 OG7 M . 37.60 9.18 -39.96
N03 OG7 M . 37.17 10.32 -43.95
N04 OG7 M . 35.71 7.84 -40.04
N05 OG7 M . 45.51 9.07 -40.03
O01 OG7 M . 39.46 10.53 -39.97
O02 OG7 M . 44.59 7.36 -41.24
O03 OG7 M . 47.26 9.03 -42.22
O04 OG7 M . 49.34 8.46 -41.97
N1 MTX N . 67.87 27.39 -15.35
C2 MTX N . 67.03 26.81 -14.46
NA2 MTX N . 65.72 26.65 -14.79
N3 MTX N . 67.50 26.41 -13.23
C4 MTX N . 68.78 26.55 -12.85
NA4 MTX N . 69.26 26.15 -11.63
C4A MTX N . 69.69 27.17 -13.77
N5 MTX N . 71.01 27.34 -13.41
C6 MTX N . 71.81 27.90 -14.32
C7 MTX N . 71.29 28.32 -15.58
N8 MTX N . 70.02 28.17 -15.96
C8A MTX N . 69.18 27.58 -15.03
C9 MTX N . 73.22 28.05 -13.83
N10 MTX N . 73.28 28.96 -12.67
CM MTX N . 73.54 28.55 -11.29
C11 MTX N . 72.46 33.06 -13.41
C12 MTX N . 73.02 32.29 -14.45
C13 MTX N . 73.28 30.96 -14.18
C14 MTX N . 73.01 30.33 -12.94
C15 MTX N . 72.45 31.13 -11.92
C16 MTX N . 72.18 32.47 -12.17
C MTX N . 72.12 34.49 -13.52
O MTX N . 72.78 35.30 -14.19
N MTX N . 70.99 34.83 -12.82
CA MTX N . 70.49 36.20 -12.84
CT MTX N . 69.72 36.46 -11.56
O1 MTX N . 69.29 35.46 -10.94
O2 MTX N . 69.54 37.65 -11.19
CB MTX N . 69.59 36.40 -14.07
CG MTX N . 69.27 37.87 -14.30
CD MTX N . 68.18 38.04 -15.35
OE1 MTX N . 67.31 38.93 -15.19
OE2 MTX N . 68.21 37.29 -16.34
S SO4 O . 32.18 19.50 -19.71
O1 SO4 O . 31.11 20.47 -19.95
O2 SO4 O . 33.44 20.03 -20.24
O3 SO4 O . 32.32 19.25 -18.28
O4 SO4 O . 31.85 18.24 -20.38
PA NDP P . -5.71 -34.60 41.97
O1A NDP P . -4.53 -33.72 41.62
O2A NDP P . -6.57 -34.80 40.75
O5B NDP P . -5.21 -35.98 42.43
C5B NDP P . -4.33 -36.08 43.52
C4B NDP P . -3.77 -37.41 43.82
O4B NDP P . -2.74 -37.73 42.91
C3B NDP P . -3.12 -37.45 45.13
O3B NDP P . -4.01 -37.65 46.16
C2B NDP P . -2.23 -38.57 44.98
O2B NDP P . -2.93 -39.78 45.06
C1B NDP P . -1.74 -38.43 43.62
N9A NDP P . -0.52 -37.70 43.61
C8A NDP P . -0.38 -36.36 43.46
N7A NDP P . 0.93 -36.03 43.51
C5A NDP P . 1.66 -37.18 43.69
C6A NDP P . 3.04 -37.48 43.81
N6A NDP P . 4.03 -36.37 43.75
N1A NDP P . 3.45 -38.76 43.99
C2A NDP P . 2.53 -39.75 44.05
N3A NDP P . 1.22 -39.52 43.94
C4A NDP P . 0.75 -38.24 43.75
O3 NDP P . -6.60 -33.94 43.12
PN NDP P . -7.08 -32.43 43.07
O1N NDP P . -7.83 -32.04 44.35
O2N NDP P . -5.87 -31.53 42.93
O5D NDP P . -8.07 -32.23 41.80
C5D NDP P . -9.42 -32.64 41.88
C4D NDP P . -10.43 -31.60 41.77
O4D NDP P . -10.17 -30.77 40.64
C3D NDP P . -11.76 -32.19 41.55
O3D NDP P . -12.74 -31.34 42.07
C2D NDP P . -11.87 -32.23 40.13
O2D NDP P . -13.22 -32.23 39.75
C1D NDP P . -11.19 -30.98 39.72
N1N NDP P . -10.66 -31.08 38.40
C2N NDP P . -10.91 -30.08 37.52
C3N NDP P . -10.42 -30.13 36.22
C7N NDP P . -10.72 -28.98 35.26
O7N NDP P . -10.15 -28.93 34.17
N7N NDP P . -11.66 -27.96 35.62
C4N NDP P . -9.64 -31.23 35.80
C5N NDP P . -9.41 -32.25 36.73
C6N NDP P . -9.92 -32.16 38.02
P2B NDP P . -2.57 -40.82 46.17
O1X NDP P . -3.06 -40.29 47.54
O2X NDP P . -3.24 -42.11 45.87
O3X NDP P . -1.10 -41.06 46.21
N1 UFP Q . -18.76 10.89 19.51
C2 UFP Q . -18.84 9.57 19.17
N3 UFP Q . -19.99 8.89 19.35
C4 UFP Q . -21.09 9.49 19.87
C5 UFP Q . -21.03 10.86 20.22
C6 UFP Q . -19.87 11.52 20.03
O2 UFP Q . -17.92 8.93 18.70
O4 UFP Q . -22.12 8.86 20.01
F5 UFP Q . -22.09 11.50 20.73
C1' UFP Q . -17.58 11.77 19.37
C2' UFP Q . -16.87 11.69 18.00
C3' UFP Q . -16.11 13.03 17.96
C4' UFP Q . -16.98 13.98 18.81
O3' UFP Q . -14.81 12.91 18.55
O4' UFP Q . -18.01 13.14 19.40
C5' UFP Q . -17.56 15.13 17.99
O5' UFP Q . -17.73 14.76 16.62
P UFP Q . -17.73 16.09 15.72
O1P UFP Q . -16.84 17.23 16.41
O2P UFP Q . -17.17 15.77 14.39
O3P UFP Q . -19.24 16.65 15.53
C10 OG7 R . -19.69 8.62 26.75
C11 OG7 R . -19.22 9.62 27.65
C12 OG7 R . -19.52 10.97 27.34
C13 OG7 R . -20.26 11.31 26.20
C14 OG7 R . -18.42 9.30 28.88
C15 OG7 R . -17.49 7.29 30.18
C16 OG7 R . -18.04 7.11 31.50
C17 OG7 R . -17.26 6.41 32.46
C18 OG7 R . -15.99 5.90 32.16
C01 OG7 R . -19.91 13.78 22.79
C02 OG7 R . -19.80 12.48 23.17
C03 OG7 R . -18.45 11.85 23.11
C04 OG7 R . -17.55 13.85 22.33
C05 OG7 R . -21.12 12.06 23.55
C06 OG7 R . -21.96 13.14 23.37
C07 OG7 R . -21.53 10.69 24.06
C08 OG7 R . -20.74 10.31 25.32
C09 OG7 R . -20.44 8.96 25.60
C19 OG7 R . -15.46 6.08 30.88
C20 OG7 R . -16.21 6.75 29.91
C21 OG7 R . -19.39 7.61 31.96
N01 OG7 R . -18.79 14.49 22.36
N02 OG7 R . -17.36 12.62 22.67
N03 OG7 R . -21.21 14.20 22.90
N04 OG7 R . -16.50 14.63 21.90
N05 OG7 R . -18.21 7.98 29.14
O01 OG7 R . -18.33 10.68 23.45
O02 OG7 R . -17.99 10.22 29.58
O03 OG7 R . -20.10 8.28 31.18
O04 OG7 R . -19.82 7.34 33.11
N1 MTX S . -12.35 -29.24 30.92
C2 MTX S . -11.18 -28.94 30.28
NA2 MTX S . -11.17 -27.92 29.38
N3 MTX S . -10.05 -29.66 30.54
C4 MTX S . -10.02 -30.68 31.42
NA4 MTX S . -8.88 -31.42 31.68
C4A MTX S . -11.22 -31.02 32.11
N5 MTX S . -11.20 -32.05 33.01
C6 MTX S . -12.34 -32.33 33.64
C7 MTX S . -13.52 -31.55 33.35
N8 MTX S . -13.56 -30.54 32.48
C8A MTX S . -12.38 -30.26 31.84
C9 MTX S . -12.23 -33.48 34.59
N10 MTX S . -11.88 -34.72 33.85
CM MTX S . -10.59 -35.40 33.95
C11 MTX S . -14.80 -36.31 31.20
C12 MTX S . -15.24 -35.58 32.32
C13 MTX S . -14.26 -35.07 33.17
C14 MTX S . -12.87 -35.24 32.99
C15 MTX S . -12.47 -35.98 31.85
C16 MTX S . -13.42 -36.50 31.00
C MTX S . -15.69 -36.91 30.19
O MTX S . -16.82 -37.34 30.45
N MTX S . -15.16 -36.92 28.94
CA MTX S . -15.92 -37.44 27.81
CT MTX S . -14.96 -37.88 26.73
O1 MTX S . -13.75 -37.63 26.89
O2 MTX S . -15.44 -38.47 25.73
CB MTX S . -16.84 -36.36 27.25
CG MTX S . -18.18 -36.94 26.81
CD MTX S . -18.97 -35.94 26.01
OE1 MTX S . -18.87 -35.94 24.75
OE2 MTX S . -19.70 -35.15 26.62
S SO4 T . -6.65 -1.48 7.28
O1 SO4 T . -7.83 -0.90 6.65
O2 SO4 T . -5.79 -0.40 7.79
O3 SO4 T . -7.06 -2.35 8.38
O4 SO4 T . -5.90 -2.25 6.29
PA NDP U . 19.30 -10.29 -26.76
O1A NDP U . 18.61 -11.56 -26.29
O2A NDP U . 19.32 -9.30 -25.65
O5B NDP U . 20.74 -10.60 -27.18
C5B NDP U . 21.02 -11.55 -28.18
C4B NDP U . 22.43 -11.89 -28.41
O4B NDP U . 22.88 -12.77 -27.40
C3B NDP U . 22.62 -12.63 -29.68
O3B NDP U . 22.78 -11.78 -30.76
C2B NDP U . 23.83 -13.37 -29.40
O2B NDP U . 24.96 -12.55 -29.42
C1B NDP U . 23.63 -13.80 -28.03
N9A NDP U . 22.95 -15.05 -27.98
C8A NDP U . 21.61 -15.23 -27.81
N7A NDP U . 21.33 -16.55 -27.81
C5A NDP U . 22.50 -17.24 -27.98
C6A NDP U . 22.84 -18.61 -28.07
N6A NDP U . 21.77 -19.63 -27.96
N1A NDP U . 24.14 -18.99 -28.25
C2A NDP U . 25.10 -18.02 -28.34
N3A NDP U . 24.83 -16.72 -28.27
C4A NDP U . 23.53 -16.28 -28.09
O3 NDP U . 18.53 -9.66 -28.01
PN NDP U . 16.99 -9.32 -27.95
O1N NDP U . 16.47 -8.81 -29.31
O2N NDP U . 16.21 -10.56 -27.58
O5D NDP U . 16.76 -8.16 -26.83
C5D NDP U . 16.89 -6.81 -27.19
C4D NDP U . 15.70 -5.98 -27.08
O4D NDP U . 14.95 -6.37 -25.93
C3D NDP U . 16.03 -4.56 -26.88
O3D NDP U . 15.02 -3.77 -27.40
C2D NDP U . 16.06 -4.43 -25.47
O2D NDP U . 15.85 -3.10 -25.08
C1D NDP U . 14.94 -5.30 -25.05
N1N NDP U . 15.09 -5.74 -23.69
C2N NDP U . 14.04 -5.58 -22.86
C3N NDP U . 14.11 -5.98 -21.52
C7N NDP U . 12.91 -5.77 -20.62
O7N NDP U . 12.89 -6.27 -19.48
N7N NDP U . 11.78 -5.01 -21.08
C4N NDP U . 15.30 -6.57 -21.03
C5N NDP U . 16.37 -6.72 -21.93
C6N NDP U . 16.25 -6.30 -23.25
P2B NDP U . 25.95 -12.54 -30.62
O1X NDP U . 25.29 -11.86 -31.83
O2X NDP U . 27.17 -11.81 -30.23
O3X NDP U . 26.33 -13.94 -30.98
N1 UFP V . -28.66 -1.22 -7.10
C2 UFP V . -27.37 -1.04 -6.72
N3 UFP V . -26.75 0.15 -6.93
C4 UFP V . -27.40 1.19 -7.49
C5 UFP V . -28.75 1.01 -7.90
C6 UFP V . -29.34 -0.18 -7.70
O2 UFP V . -26.68 -1.90 -6.20
O4 UFP V . -26.84 2.25 -7.67
F5 UFP V . -29.44 2.03 -8.48
C1' UFP V . -29.46 -2.47 -6.95
C2' UFP V . -29.34 -3.19 -5.59
C3' UFP V . -30.60 -4.08 -5.63
C4' UFP V . -31.63 -3.16 -6.29
O3' UFP V . -30.38 -5.24 -6.44
O4' UFP V . -30.88 -2.13 -6.99
C5' UFP V . -32.55 -2.53 -5.23
O5' UFP V . -32.79 -3.48 -4.18
P UFP V . -34.19 -3.10 -3.47
O1P UFP V . -35.13 -2.35 -4.52
O2P UFP V . -34.84 -4.33 -2.97
O3P UFP V . -33.92 -2.12 -2.22
C10 OG7 W . -26.20 -0.70 -14.44
C11 OG7 W . -27.09 -1.29 -15.37
C12 OG7 W . -28.48 -1.15 -15.15
C13 OG7 W . -28.97 -0.41 -14.06
C14 OG7 W . -26.59 -2.11 -16.54
C15 OG7 W . -24.40 -2.86 -17.62
C16 OG7 W . -24.15 -2.34 -18.93
C17 OG7 W . -23.28 -3.06 -19.80
C18 OG7 W . -22.67 -4.26 -19.41
C01 OG7 W . -31.49 -0.81 -10.51
C02 OG7 W . -30.20 -0.80 -10.92
C03 OG7 W . -29.42 -2.08 -10.80
C04 OG7 W . -31.31 -3.13 -9.92
C05 OG7 W . -29.90 0.52 -11.40
C06 OG7 W . -31.07 1.25 -11.24
C07 OG7 W . -28.58 1.01 -11.94
C08 OG7 W . -28.08 0.21 -13.14
C09 OG7 W . -26.69 0.05 -13.35
C19 OG7 W . -22.91 -4.77 -18.13
C20 OG7 W . -23.76 -4.07 -17.25
C21 OG7 W . -24.74 -1.05 -19.49
N01 OG7 W . -32.07 -1.96 -10.01
N02 OG7 W . -30.07 -3.21 -10.28
N03 OG7 W . -32.04 0.44 -10.69
N04 OG7 W . -31.97 -4.23 -9.41
N05 OG7 W . -25.25 -2.19 -16.68
O01 OG7 W . -28.24 -2.11 -11.16
O02 OG7 W . -27.40 -2.64 -17.30
O03 OG7 W . -25.55 -0.40 -18.82
O04 OG7 W . -24.42 -0.65 -20.64
N1 MTX X . 12.46 -3.84 -16.26
C2 MTX X . 12.28 -5.00 -15.60
NA2 MTX X . 11.21 -5.13 -14.76
N3 MTX X . 13.15 -6.05 -15.76
C4 MTX X . 14.22 -5.99 -16.58
NA4 MTX X . 15.11 -7.02 -16.76
C4A MTX X . 14.45 -4.77 -17.30
N5 MTX X . 15.53 -4.67 -18.14
C6 MTX X . 15.69 -3.51 -18.78
C7 MTX X . 14.76 -2.45 -18.59
N8 MTX X . 13.70 -2.51 -17.79
C8A MTX X . 13.54 -3.71 -17.11
C9 MTX X . 16.90 -3.53 -19.67
N10 MTX X . 18.12 -3.70 -18.85
CM MTX X . 18.93 -4.93 -18.84
C11 MTX X . 19.33 -0.57 -16.26
C12 MTX X . 18.65 -0.21 -17.44
C13 MTX X . 18.25 -1.26 -18.27
C14 MTX X . 18.52 -2.63 -18.01
C15 MTX X . 19.20 -2.93 -16.81
C16 MTX X . 19.59 -1.91 -15.97
C MTX X . 19.81 0.40 -15.24
O MTX X . 20.23 1.52 -15.51
N MTX X . 19.73 -0.11 -13.98
CA MTX X . 20.14 0.69 -12.83
CT MTX X . 20.69 -0.24 -11.77
O1 MTX X . 20.53 -1.46 -11.92
O2 MTX X . 21.28 0.28 -10.79
CB MTX X . 18.92 1.41 -12.24
CG MTX X . 19.27 2.85 -11.89
CD MTX X . 18.18 3.49 -11.05
OE1 MTX X . 18.25 3.44 -9.79
OE2 MTX X . 17.25 4.04 -11.66
S SO4 Y . -15.61 -11.76 6.08
O1 SO4 Y . -16.95 -11.30 5.69
O2 SO4 Y . -14.63 -10.76 5.66
O3 SO4 Y . -15.55 -11.92 7.52
O4 SO4 Y . -15.33 -13.03 5.42
PA NDP Z . -42.90 -28.84 -1.96
O1A NDP Z . -43.74 -30.09 -1.94
O2A NDP Z . -41.69 -29.02 -1.08
O5B NDP Z . -42.42 -28.56 -3.40
C5B NDP Z . -43.34 -28.40 -4.43
C4B NDP Z . -42.80 -28.30 -5.79
O4B NDP Z . -42.47 -29.58 -6.28
C3B NDP Z . -43.76 -27.76 -6.75
O3B NDP Z . -43.78 -26.38 -6.76
C2B NDP Z . -43.28 -28.30 -8.00
O2B NDP Z . -42.16 -27.57 -8.45
C1B NDP Z . -42.85 -29.63 -7.65
N9A NDP Z . -43.90 -30.57 -7.85
C8A NDP Z . -44.85 -30.94 -6.95
N7A NDP Z . -45.68 -31.84 -7.50
C5A NDP Z . -45.27 -32.07 -8.79
C6A NDP Z . -45.72 -32.90 -9.85
N6A NDP Z . -46.91 -33.76 -9.65
N1A NDP Z . -45.07 -32.90 -11.05
C2A NDP Z . -43.98 -32.10 -11.21
N3A NDP Z . -43.52 -31.30 -10.24
C4A NDP Z . -44.14 -31.27 -9.01
O3 NDP Z . -43.74 -27.58 -1.43
PN NDP Z . -44.45 -27.59 -0.02
O1N NDP Z . -45.27 -26.31 0.20
O2N NDP Z . -45.39 -28.78 0.06
O5D NDP Z . -43.32 -27.71 1.14
C5D NDP Z . -42.69 -26.55 1.61
C4D NDP Z . -42.90 -26.19 3.00
O4D NDP Z . -42.91 -27.37 3.80
C3D NDP Z . -41.82 -25.34 3.52
O3D NDP Z . -42.33 -24.44 4.45
C2D NDP Z . -40.95 -26.25 4.19
O2D NDP Z . -40.27 -25.59 5.22
C1D NDP Z . -41.87 -27.28 4.72
N1N NDP Z . -41.19 -28.53 4.88
C2N NDP Z . -41.25 -29.14 6.08
C3N NDP Z . -40.60 -30.38 6.30
C7N NDP Z . -40.69 -31.02 7.67
O7N NDP Z . -40.27 -32.18 7.82
N7N NDP Z . -41.26 -30.33 8.79
C4N NDP Z . -39.90 -30.99 5.25
C5N NDP Z . -39.87 -30.33 4.01
C6N NDP Z . -40.52 -29.11 3.83
P2B NDP Z . -42.24 -26.71 -9.74
O1X NDP Z . -43.10 -25.46 -9.46
O2X NDP Z . -40.88 -26.32 -10.14
O3X NDP Z . -42.85 -27.51 -10.86
N1 UFP AA . -55.97 -43.76 46.68
C2 UFP AA . -54.85 -43.70 45.90
N3 UFP AA . -53.98 -42.68 46.02
C4 UFP AA . -54.21 -41.67 46.89
C5 UFP AA . -55.37 -41.71 47.70
C6 UFP AA . -56.22 -42.75 47.56
O2 UFP AA . -54.55 -44.56 45.08
O4 UFP AA . -53.42 -40.75 46.99
F5 UFP AA . -55.64 -40.73 48.60
C1' UFP AA . -57.00 -44.84 46.65
C2' UFP AA . -56.45 -46.29 46.70
C3' UFP AA . -57.70 -47.05 47.20
C4' UFP AA . -58.26 -46.08 48.25
O3' UFP AA . -58.64 -47.25 46.14
O4' UFP AA . -57.79 -44.76 47.87
C5' UFP AA . -57.79 -46.44 49.65
O5' UFP AA . -57.41 -47.83 49.70
P UFP AA . -57.96 -48.45 51.08
O1P UFP AA . -59.27 -47.66 51.53
O2P UFP AA . -58.28 -49.89 50.87
O3P UFP AA . -56.84 -48.32 52.23
C10 OG7 BA . -58.41 -37.66 42.30
C11 OG7 BA . -59.83 -37.53 42.40
C12 OG7 BA . -60.44 -37.79 43.66
C13 OG7 BA . -59.66 -38.15 44.77
C14 OG7 BA . -60.67 -37.16 41.21
C15 OG7 BA . -60.36 -36.55 38.73
C16 OG7 BA . -60.75 -35.20 38.41
C17 OG7 BA . -61.11 -34.92 37.07
C18 OG7 BA . -61.10 -35.91 36.06
C01 OG7 BA . -59.25 -41.28 47.73
C02 OG7 BA . -58.73 -40.82 46.56
C03 OG7 BA . -58.91 -41.66 45.33
C04 OG7 BA . -60.07 -43.24 46.60
C05 OG7 BA . -58.12 -39.56 46.86
C06 OG7 BA . -58.30 -39.33 48.21
C07 OG7 BA . -57.39 -38.65 45.88
C08 OG7 BA . -58.25 -38.26 44.68
C09 OG7 BA . -57.64 -38.01 43.42
C19 OG7 BA . -60.72 -37.21 36.39
C20 OG7 BA . -60.35 -37.52 37.71
C21 OG7 BA . -60.81 -34.04 39.38
N01 OG7 BA . -59.94 -42.49 47.77
N02 OG7 BA . -59.60 -42.87 45.45
N03 OG7 BA . -59.01 -40.39 48.74
N04 OG7 BA . -60.75 -44.43 46.73
N05 OG7 BA . -59.97 -36.90 40.07
O01 OG7 BA . -58.44 -41.28 44.26
O02 OG7 BA . -61.90 -37.11 41.31
O03 OG7 BA . -60.57 -34.23 40.59
O04 OG7 BA . -61.10 -32.90 38.98
N1 MTX CA . -37.24 -32.74 10.34
C2 MTX CA . -37.54 -34.05 10.15
NA2 MTX CA . -37.71 -34.86 11.24
N3 MTX CA . -37.67 -34.55 8.88
C4 MTX CA . -37.52 -33.80 7.77
NA4 MTX CA . -37.64 -34.27 6.50
C4A MTX CA . -37.20 -32.40 7.94
N5 MTX CA . -37.04 -31.61 6.83
C6 MTX CA . -36.76 -30.33 7.05
C7 MTX CA . -36.62 -29.84 8.39
N8 MTX CA . -36.76 -30.58 9.48
C8A MTX CA . -37.07 -31.92 9.26
C9 MTX CA . -36.58 -29.55 5.79
N10 MTX CA . -35.42 -30.07 5.01
CM MTX CA . -35.53 -30.78 3.73
C11 MTX CA . -31.57 -29.60 6.72
C12 MTX CA . -32.55 -28.63 7.03
C13 MTX CA . -33.81 -28.81 6.45
C14 MTX CA . -34.14 -29.88 5.59
C15 MTX CA . -33.12 -30.83 5.32
C16 MTX CA . -31.88 -30.66 5.88
C MTX CA . -30.20 -29.57 7.25
O MTX CA . -29.56 -28.55 7.49
N MTX CA . -29.70 -30.83 7.46
CA MTX CA . -28.37 -31.04 8.00
CT MTX CA . -27.79 -32.32 7.44
O1 MTX CA . -28.57 -33.08 6.84
O2 MTX CA . -26.57 -32.55 7.61
CB MTX CA . -28.41 -31.12 9.53
CG MTX CA . -27.32 -30.25 10.13
CD MTX CA . -27.15 -30.50 11.61
OE1 MTX CA . -26.33 -31.37 12.00
OE2 MTX CA . -27.85 -29.84 12.39
#